data_7DMK
#
_entry.id   7DMK
#
_cell.length_a   83.688
_cell.length_b   97.693
_cell.length_c   103.561
_cell.angle_alpha   76.560
_cell.angle_beta   86.450
_cell.angle_gamma   88.690
#
_symmetry.space_group_name_H-M   'P 1'
#
loop_
_entity.id
_entity.type
_entity.pdbx_description
1 polymer BcAlyPL6
2 non-polymer 'CALCIUM ION'
3 non-polymer 'MALONATE ION'
4 water water
#
_entity_poly.entity_id   1
_entity_poly.type   'polypeptide(L)'
_entity_poly.pdbx_seq_one_letter_code
;GSEFELACSQGNRTIDLNSLQSTLEKAGPGDTIYIKSGTYTNIQLQLEGYGKVEEPIVVMAQQPGSVFIEGVSNLRLCGE
YVEINGLHFRNGYTPKGAVIEFRNGEKVANNCRITDCVIDYFNPIDRGVSGSWILLYGRNNRLDHNSILGKLYAGVTLAV
ILNGEGDRNNNHRIDHNYFGERPILGSNGGETIRVGTSHHAFFSSNTVIEDNMFHHCNGEVEVVSIKSSDNIIRNNVFLE
CRGILALRHGNRNLVEGNAFIGNGLPCTGGVRIVNEGHTIKGNLFYGLKGDRFFAALGLMNAVPNSLPNRYHHVKDVTLE
DNRFINCDNILFCVGKDNERTLPPSNISFIRNQFISKSDKALYQSFDDISGFTFIDNVVNYPYTVTQRGFQNNTTLSDSI
DLKPYMEKKNGASWYTLSENHELVLTGNEISVKAGQNTLLEALNQAQSGDILNLSEEGVYWLDNTLLIDKYIRIQADSHL
SKRPVLCFNGMSGKAFVTIVNGGNLEIQGLAFNGEGEAGKALSEGGITVKSGTITPYLLTVDNCEFYNFNESGLAAIRGE
KSTFSPMVIIRNSFFHDMSGEAINFAGEKDDKGKYNVEELHVDNCIFYRLLGSALNIYRGGNDESTSGPLLTVDHCTIEN
VDNKEQGSAMRLIGVQSATVTNCSFANSGKGGASIRFNEMSWDKLSVSYINLYNSGRIASFWGKLGSKNITNYRPEYVDA
NTGNFYQISTSPLSNKASDKKDLGITQ
;
_entity_poly.pdbx_strand_id   A,B,C,D
#
# COMPACT_ATOMS: atom_id res chain seq x y z
N GLY A 11 6.77 -4.42 28.17
CA GLY A 11 7.54 -3.30 27.68
C GLY A 11 7.57 -3.20 26.17
N ASN A 12 6.80 -4.07 25.51
CA ASN A 12 6.73 -4.07 24.05
C ASN A 12 5.87 -2.92 23.56
N ARG A 13 6.43 -2.11 22.66
CA ARG A 13 5.75 -0.96 22.11
C ARG A 13 5.87 -0.98 20.60
N THR A 14 4.83 -0.50 19.96
CA THR A 14 4.82 -0.35 18.52
C THR A 14 4.55 1.15 18.35
N ILE A 15 5.57 1.89 17.91
CA ILE A 15 5.54 3.35 17.78
C ILE A 15 6.08 3.71 16.39
N ASP A 16 5.82 4.95 15.98
CA ASP A 16 6.45 5.45 14.78
C ASP A 16 7.82 6.05 15.12
N LEU A 17 8.63 6.28 14.07
CA LEU A 17 10.04 6.57 14.28
C LEU A 17 10.25 7.88 15.02
N ASN A 18 9.31 8.83 14.92
CA ASN A 18 9.52 10.14 15.52
C ASN A 18 9.52 10.09 17.05
N SER A 19 8.83 9.11 17.64
CA SER A 19 8.77 8.95 19.08
C SER A 19 9.83 7.99 19.61
N LEU A 20 10.77 7.56 18.77
CA LEU A 20 11.73 6.54 19.18
C LEU A 20 12.68 7.05 20.26
N GLN A 21 13.15 8.29 20.12
CA GLN A 21 14.16 8.80 21.04
C GLN A 21 13.66 8.81 22.48
N SER A 22 12.48 9.40 22.71
CA SER A 22 11.94 9.44 24.07
C SER A 22 11.55 8.05 24.55
N THR A 23 11.06 7.20 23.65
CA THR A 23 10.67 5.84 24.04
C THR A 23 11.89 5.01 24.41
N LEU A 24 12.98 5.14 23.65
CA LEU A 24 14.18 4.36 23.94
C LEU A 24 14.78 4.75 25.29
N GLU A 25 14.67 6.03 25.68
CA GLU A 25 15.17 6.45 26.97
C GLU A 25 14.38 5.82 28.10
N LYS A 26 13.05 5.72 27.95
CA LYS A 26 12.22 5.08 28.95
C LYS A 26 12.30 3.56 28.92
N ALA A 27 12.91 2.99 27.88
CA ALA A 27 12.96 1.54 27.74
C ALA A 27 13.87 0.91 28.79
N GLY A 28 13.49 -0.29 29.21
CA GLY A 28 14.28 -1.05 30.15
C GLY A 28 14.90 -2.26 29.49
N PRO A 29 15.82 -2.92 30.19
CA PRO A 29 16.49 -4.09 29.62
C PRO A 29 15.50 -5.20 29.29
N GLY A 30 15.56 -5.67 28.05
CA GLY A 30 14.66 -6.69 27.56
C GLY A 30 13.50 -6.17 26.75
N ASP A 31 13.22 -4.88 26.79
CA ASP A 31 12.11 -4.31 26.03
C ASP A 31 12.38 -4.42 24.54
N THR A 32 11.30 -4.47 23.77
CA THR A 32 11.37 -4.48 22.31
C THR A 32 10.52 -3.33 21.79
N ILE A 33 11.13 -2.43 21.03
CA ILE A 33 10.47 -1.26 20.49
C ILE A 33 10.29 -1.47 19.00
N TYR A 34 9.05 -1.73 18.58
CA TYR A 34 8.73 -1.95 17.17
C TYR A 34 8.46 -0.62 16.48
N ILE A 35 8.99 -0.48 15.26
CA ILE A 35 8.83 0.74 14.48
C ILE A 35 7.74 0.51 13.44
N LYS A 36 6.74 1.40 13.41
CA LYS A 36 5.70 1.31 12.39
C LYS A 36 6.27 1.48 11.01
N SER A 37 5.70 0.77 10.06
CA SER A 37 6.11 0.91 8.68
C SER A 37 5.73 2.27 8.13
N GLY A 38 6.58 2.78 7.25
CA GLY A 38 6.30 4.05 6.61
C GLY A 38 7.57 4.68 6.09
N THR A 39 7.40 5.85 5.47
CA THR A 39 8.50 6.61 4.91
C THR A 39 8.69 7.88 5.75
N TYR A 40 9.82 7.96 6.43
CA TYR A 40 10.15 9.09 7.30
C TYR A 40 11.21 9.94 6.62
N THR A 41 10.92 11.23 6.48
CA THR A 41 11.77 12.15 5.72
C THR A 41 12.24 13.29 6.61
N ASN A 42 13.52 13.64 6.47
CA ASN A 42 14.15 14.72 7.24
C ASN A 42 14.05 14.48 8.74
N ILE A 43 14.66 13.38 9.18
CA ILE A 43 14.63 12.98 10.58
C ILE A 43 16.07 12.68 11.01
N GLN A 44 16.53 13.38 12.05
CA GLN A 44 17.86 13.19 12.60
C GLN A 44 17.71 12.52 13.96
N LEU A 45 17.92 11.21 14.00
CA LEU A 45 17.70 10.43 15.21
C LEU A 45 18.91 10.53 16.13
N GLN A 46 18.65 10.90 17.39
CA GLN A 46 19.68 10.99 18.43
C GLN A 46 19.26 10.06 19.56
N LEU A 47 19.87 8.89 19.63
CA LEU A 47 19.35 7.79 20.43
C LEU A 47 20.29 7.48 21.59
N GLU A 48 19.70 7.29 22.77
CA GLU A 48 20.41 6.86 23.97
C GLU A 48 19.56 5.83 24.69
N GLY A 49 20.13 4.67 24.97
CA GLY A 49 19.43 3.61 25.68
C GLY A 49 20.42 2.73 26.40
N TYR A 50 19.94 2.08 27.46
CA TYR A 50 20.81 1.26 28.31
C TYR A 50 20.12 -0.06 28.61
N GLY A 51 20.61 -1.13 28.00
CA GLY A 51 20.29 -2.48 28.38
C GLY A 51 21.40 -3.11 29.20
N LYS A 52 21.39 -4.44 29.25
CA LYS A 52 22.46 -5.18 29.90
C LYS A 52 22.71 -6.47 29.13
N VAL A 53 23.80 -7.15 29.50
CA VAL A 53 24.30 -8.26 28.69
C VAL A 53 23.28 -9.38 28.55
N GLU A 54 22.43 -9.56 29.56
CA GLU A 54 21.44 -10.63 29.48
C GLU A 54 20.19 -10.18 28.75
N GLU A 55 19.88 -8.89 28.77
CA GLU A 55 18.64 -8.38 28.19
C GLU A 55 18.92 -7.08 27.45
N PRO A 56 19.21 -7.16 26.15
CA PRO A 56 19.38 -5.95 25.35
C PRO A 56 18.03 -5.34 24.97
N ILE A 57 18.08 -4.06 24.61
CA ILE A 57 16.91 -3.36 24.09
C ILE A 57 16.96 -3.44 22.58
N VAL A 58 15.93 -4.05 21.98
CA VAL A 58 15.89 -4.32 20.55
C VAL A 58 14.90 -3.35 19.92
N VAL A 59 15.42 -2.45 19.09
CA VAL A 59 14.60 -1.57 18.26
C VAL A 59 14.53 -2.19 16.87
N MET A 60 13.34 -2.61 16.47
CA MET A 60 13.18 -3.34 15.22
C MET A 60 12.03 -2.76 14.41
N ALA A 61 12.19 -2.77 13.09
CA ALA A 61 11.06 -2.50 12.22
C ALA A 61 9.99 -3.56 12.44
N GLN A 62 8.74 -3.12 12.56
CA GLN A 62 7.65 -4.05 12.83
C GLN A 62 7.64 -5.19 11.82
N GLN A 63 7.84 -4.88 10.55
CA GLN A 63 8.24 -5.89 9.55
C GLN A 63 9.43 -5.30 8.82
N PRO A 64 10.57 -5.99 8.79
CA PRO A 64 11.78 -5.41 8.21
C PRO A 64 11.60 -5.10 6.72
N GLY A 65 12.33 -4.09 6.26
CA GLY A 65 12.31 -3.71 4.87
C GLY A 65 11.21 -2.74 4.47
N SER A 66 10.41 -2.27 5.43
CA SER A 66 9.33 -1.34 5.12
C SER A 66 9.40 -0.07 5.97
N VAL A 67 10.50 0.16 6.68
CA VAL A 67 10.73 1.41 7.39
C VAL A 67 11.78 2.17 6.60
N PHE A 68 11.34 3.20 5.87
CA PHE A 68 12.21 3.95 4.97
C PHE A 68 12.59 5.26 5.64
N ILE A 69 13.89 5.51 5.74
CA ILE A 69 14.43 6.77 6.24
C ILE A 69 14.99 7.51 5.04
N GLU A 70 14.32 8.59 4.64
CA GLU A 70 14.67 9.33 3.43
C GLU A 70 14.93 10.79 3.78
N GLY A 71 15.24 11.58 2.74
CA GLY A 71 15.49 12.99 2.92
C GLY A 71 16.77 13.27 3.69
N VAL A 72 16.80 14.46 4.29
CA VAL A 72 17.95 14.92 5.07
C VAL A 72 17.94 14.22 6.42
N SER A 73 18.60 13.06 6.51
CA SER A 73 18.46 12.21 7.68
C SER A 73 19.79 11.55 8.04
N ASN A 74 19.92 11.23 9.33
CA ASN A 74 21.06 10.46 9.84
C ASN A 74 20.68 9.88 11.20
N LEU A 75 21.59 9.11 11.77
CA LEU A 75 21.33 8.41 13.03
C LEU A 75 22.56 8.48 13.92
N ARG A 76 22.32 8.76 15.21
CA ARG A 76 23.36 8.75 16.23
C ARG A 76 22.92 7.82 17.36
N LEU A 77 23.82 6.95 17.79
CA LEU A 77 23.51 5.95 18.80
C LEU A 77 24.57 5.95 19.88
N CYS A 78 24.13 6.05 21.14
CA CYS A 78 25.02 5.92 22.29
C CYS A 78 24.30 5.10 23.34
N GLY A 79 25.06 4.68 24.35
CA GLY A 79 24.54 3.89 25.44
C GLY A 79 25.16 2.51 25.48
N GLU A 80 24.39 1.55 26.01
CA GLU A 80 24.88 0.18 26.20
C GLU A 80 23.81 -0.81 25.77
N TYR A 81 24.24 -1.86 25.08
CA TYR A 81 23.42 -3.04 24.80
C TYR A 81 22.10 -2.68 24.13
N VAL A 82 22.19 -1.91 23.05
CA VAL A 82 21.03 -1.51 22.26
C VAL A 82 21.20 -2.04 20.84
N GLU A 83 20.18 -2.73 20.35
CA GLU A 83 20.18 -3.29 19.00
C GLU A 83 19.16 -2.54 18.14
N ILE A 84 19.56 -2.26 16.90
CA ILE A 84 18.70 -1.60 15.92
C ILE A 84 18.64 -2.49 14.69
N ASN A 85 17.41 -2.77 14.23
CA ASN A 85 17.18 -3.80 13.22
C ASN A 85 16.14 -3.31 12.22
N GLY A 86 16.43 -3.47 10.93
CA GLY A 86 15.43 -3.35 9.90
C GLY A 86 15.19 -1.97 9.33
N LEU A 87 16.20 -1.11 9.29
CA LEU A 87 16.07 0.21 8.72
C LEU A 87 16.55 0.22 7.28
N HIS A 88 15.95 1.10 6.47
CA HIS A 88 16.25 1.20 5.03
C HIS A 88 16.52 2.66 4.70
N PHE A 89 17.80 3.01 4.56
CA PHE A 89 18.21 4.37 4.22
C PHE A 89 18.29 4.50 2.70
N ARG A 90 17.52 5.43 2.14
CA ARG A 90 17.52 5.66 0.70
C ARG A 90 16.91 7.02 0.41
N ASN A 91 17.16 7.50 -0.80
CA ASN A 91 16.52 8.72 -1.32
C ASN A 91 16.76 9.91 -0.39
N GLY A 92 18.02 10.11 -0.02
CA GLY A 92 18.37 11.19 0.87
C GLY A 92 19.87 11.29 1.05
N TYR A 93 20.27 12.05 2.06
CA TYR A 93 21.68 12.28 2.32
C TYR A 93 21.84 12.75 3.76
N THR A 94 23.02 12.48 4.33
CA THR A 94 23.32 12.99 5.66
C THR A 94 23.77 14.45 5.59
N PRO A 95 23.27 15.31 6.48
CA PRO A 95 23.63 16.73 6.41
C PRO A 95 24.95 17.07 7.09
N LYS A 96 25.34 16.30 8.11
CA LYS A 96 26.46 16.68 8.94
C LYS A 96 27.54 15.60 8.94
N GLY A 97 27.42 14.62 9.83
CA GLY A 97 28.43 13.59 9.93
C GLY A 97 28.16 12.42 9.01
N ALA A 98 28.26 11.20 9.52
CA ALA A 98 27.93 10.03 8.73
C ALA A 98 26.43 9.77 8.76
N VAL A 99 26.00 8.77 8.00
CA VAL A 99 24.59 8.38 8.04
C VAL A 99 24.29 7.67 9.36
N ILE A 100 25.22 6.83 9.82
CA ILE A 100 25.09 6.11 11.07
C ILE A 100 26.38 6.28 11.85
N GLU A 101 26.29 6.75 13.09
CA GLU A 101 27.44 6.86 13.97
C GLU A 101 27.16 6.13 15.27
N PHE A 102 28.14 5.38 15.75
CA PHE A 102 28.06 4.71 17.04
C PHE A 102 28.43 5.65 18.19
N ARG A 103 28.08 6.93 18.06
CA ARG A 103 28.26 7.91 19.11
C ARG A 103 27.13 8.92 19.01
N ASN A 104 27.02 9.76 20.04
CA ASN A 104 25.96 10.77 20.09
C ASN A 104 26.45 11.88 21.02
N GLY A 105 26.93 12.96 20.44
CA GLY A 105 27.52 14.01 21.25
C GLY A 105 28.87 13.56 21.78
N GLU A 106 29.05 13.62 23.09
CA GLU A 106 30.27 13.16 23.72
C GLU A 106 30.21 11.69 24.13
N LYS A 107 29.04 11.09 24.11
CA LYS A 107 28.87 9.70 24.53
C LYS A 107 29.02 8.77 23.34
N VAL A 108 29.53 7.57 23.60
CA VAL A 108 29.72 6.55 22.58
C VAL A 108 28.75 5.40 22.85
N ALA A 109 28.66 4.49 21.89
CA ALA A 109 27.88 3.27 22.04
C ALA A 109 28.82 2.11 22.37
N ASN A 110 28.49 1.37 23.42
CA ASN A 110 29.23 0.18 23.81
C ASN A 110 28.30 -1.02 23.79
N ASN A 111 28.81 -2.14 23.27
CA ASN A 111 28.07 -3.41 23.23
C ASN A 111 26.74 -3.27 22.49
N CYS A 112 26.67 -2.35 21.54
CA CYS A 112 25.49 -2.12 20.74
C CYS A 112 25.64 -2.82 19.38
N ARG A 113 24.51 -2.92 18.67
CA ARG A 113 24.48 -3.70 17.44
C ARG A 113 23.51 -3.04 16.45
N ILE A 114 23.96 -2.95 15.21
CA ILE A 114 23.12 -2.50 14.11
C ILE A 114 23.13 -3.59 13.05
N THR A 115 21.95 -4.13 12.75
CA THR A 115 21.85 -5.34 11.95
C THR A 115 20.60 -5.28 11.07
N ASP A 116 20.65 -6.03 9.97
CA ASP A 116 19.53 -6.14 9.03
C ASP A 116 19.08 -4.78 8.52
N CYS A 117 20.04 -3.89 8.30
CA CYS A 117 19.77 -2.56 7.78
C CYS A 117 20.37 -2.41 6.38
N VAL A 118 19.92 -1.36 5.68
CA VAL A 118 20.34 -1.12 4.30
C VAL A 118 20.56 0.37 4.11
N ILE A 119 21.72 0.73 3.57
CA ILE A 119 21.98 2.07 3.06
C ILE A 119 22.14 1.94 1.54
N ASP A 120 21.30 2.64 0.79
CA ASP A 120 21.09 2.39 -0.63
C ASP A 120 21.12 3.71 -1.39
N TYR A 121 22.29 4.04 -1.94
CA TYR A 121 22.50 5.26 -2.73
C TYR A 121 22.04 6.51 -1.96
N PHE A 122 22.49 6.60 -0.71
CA PHE A 122 22.15 7.73 0.16
C PHE A 122 23.10 8.90 -0.14
N ASN A 123 22.93 9.49 -1.32
CA ASN A 123 23.84 10.50 -1.81
C ASN A 123 23.14 11.84 -1.98
N PRO A 124 23.87 12.94 -1.80
CA PRO A 124 23.31 14.25 -2.14
C PRO A 124 23.36 14.48 -3.64
N ILE A 125 23.07 15.70 -4.10
CA ILE A 125 23.01 15.95 -5.54
C ILE A 125 24.32 16.47 -6.11
N ASP A 126 25.28 16.88 -5.28
CA ASP A 126 26.53 17.42 -5.75
C ASP A 126 27.70 16.54 -5.28
N ARG A 127 28.62 16.28 -6.21
CA ARG A 127 29.74 15.40 -5.94
C ARG A 127 30.80 16.02 -5.04
N GLY A 128 30.85 17.35 -4.97
CA GLY A 128 31.94 18.02 -4.28
C GLY A 128 31.83 18.08 -2.77
N VAL A 129 31.54 16.94 -2.13
CA VAL A 129 31.49 16.82 -0.69
C VAL A 129 32.26 15.58 -0.28
N SER A 130 32.51 15.45 1.02
CA SER A 130 33.25 14.30 1.54
C SER A 130 32.73 13.96 2.92
N GLY A 131 32.55 12.66 3.16
CA GLY A 131 32.06 12.20 4.45
C GLY A 131 31.87 10.69 4.43
N SER A 132 31.64 10.15 5.62
CA SER A 132 31.44 8.71 5.78
C SER A 132 29.96 8.37 5.82
N TRP A 133 29.68 7.08 5.74
CA TRP A 133 28.32 6.56 5.91
C TRP A 133 28.11 5.89 7.25
N ILE A 134 29.08 5.13 7.74
CA ILE A 134 29.00 4.47 9.05
C ILE A 134 30.30 4.71 9.80
N LEU A 135 30.20 5.19 11.03
CA LEU A 135 31.35 5.44 11.88
C LEU A 135 31.24 4.63 13.16
N LEU A 136 32.26 3.84 13.45
CA LEU A 136 32.29 3.01 14.65
C LEU A 136 33.10 3.72 15.74
N TYR A 137 32.49 3.84 16.92
CA TYR A 137 33.14 4.35 18.13
C TYR A 137 32.95 3.34 19.26
N GLY A 138 33.55 3.63 20.41
CA GLY A 138 33.29 2.82 21.58
C GLY A 138 33.95 1.46 21.52
N ARG A 139 33.33 0.48 22.20
CA ARG A 139 33.90 -0.84 22.38
C ARG A 139 32.83 -1.90 22.19
N ASN A 140 33.24 -3.04 21.63
CA ASN A 140 32.43 -4.26 21.57
C ASN A 140 31.12 -4.05 20.81
N ASN A 141 31.12 -3.16 19.83
CA ASN A 141 29.97 -2.98 18.96
C ASN A 141 30.03 -3.94 17.79
N ARG A 142 28.86 -4.21 17.21
CA ARG A 142 28.74 -5.16 16.11
C ARG A 142 27.95 -4.53 14.97
N LEU A 143 28.47 -4.67 13.76
CA LEU A 143 27.79 -4.23 12.53
C LEU A 143 27.69 -5.45 11.63
N ASP A 144 26.47 -5.98 11.49
CA ASP A 144 26.31 -7.29 10.87
C ASP A 144 25.06 -7.33 10.00
N HIS A 145 25.11 -8.17 8.97
CA HIS A 145 23.97 -8.47 8.11
C HIS A 145 23.33 -7.20 7.55
N ASN A 146 24.18 -6.30 7.06
CA ASN A 146 23.72 -5.06 6.44
C ASN A 146 24.12 -5.05 4.98
N SER A 147 23.37 -4.29 4.18
CA SER A 147 23.65 -4.11 2.77
C SER A 147 23.96 -2.63 2.53
N ILE A 148 25.21 -2.35 2.18
CA ILE A 148 25.70 -0.99 1.99
C ILE A 148 26.23 -0.89 0.56
N LEU A 149 25.68 0.04 -0.22
CA LEU A 149 26.02 0.11 -1.63
C LEU A 149 25.61 1.46 -2.20
N GLY A 150 26.35 1.89 -3.23
CA GLY A 150 25.97 3.07 -3.99
C GLY A 150 26.49 4.39 -3.48
N LYS A 151 27.60 4.41 -2.76
CA LYS A 151 28.18 5.68 -2.33
C LYS A 151 28.88 6.34 -3.52
N LEU A 152 28.50 7.58 -3.83
CA LEU A 152 28.95 8.25 -5.03
C LEU A 152 29.83 9.47 -4.77
N TYR A 153 30.16 9.75 -3.51
CA TYR A 153 31.02 10.89 -3.18
C TYR A 153 32.17 10.44 -2.29
N ALA A 154 33.15 11.33 -2.14
CA ALA A 154 34.39 11.01 -1.44
C ALA A 154 34.13 10.72 0.04
N GLY A 155 35.02 9.95 0.62
CA GLY A 155 34.94 9.59 2.02
C GLY A 155 34.76 8.08 2.15
N VAL A 156 35.44 7.50 3.15
CA VAL A 156 35.34 6.07 3.36
C VAL A 156 33.92 5.71 3.77
N THR A 157 33.42 4.60 3.23
CA THR A 157 32.06 4.16 3.54
C THR A 157 31.90 3.84 5.02
N LEU A 158 32.78 3.00 5.55
CA LEU A 158 32.74 2.60 6.96
C LEU A 158 34.13 2.74 7.56
N ALA A 159 34.22 3.45 8.68
CA ALA A 159 35.49 3.65 9.35
C ALA A 159 35.38 3.30 10.83
N VAL A 160 36.47 2.76 11.37
CA VAL A 160 36.62 2.54 12.80
C VAL A 160 37.52 3.63 13.34
N ILE A 161 36.96 4.49 14.20
CA ILE A 161 37.69 5.63 14.75
C ILE A 161 38.39 5.21 16.03
N LEU A 162 39.62 5.69 16.22
CA LEU A 162 40.44 5.36 17.39
C LEU A 162 40.95 6.63 18.08
N ASN A 163 40.12 7.68 18.11
CA ASN A 163 40.58 8.97 18.63
C ASN A 163 40.83 8.92 20.13
N GLY A 164 39.97 8.23 20.89
CA GLY A 164 40.08 8.16 22.32
C GLY A 164 40.31 6.73 22.80
N GLU A 165 40.72 6.62 24.08
CA GLU A 165 40.98 5.31 24.66
C GLU A 165 39.73 4.44 24.62
N GLY A 166 38.56 5.04 24.84
CA GLY A 166 37.31 4.28 24.79
C GLY A 166 37.01 3.69 23.43
N ASP A 167 37.70 4.15 22.38
CA ASP A 167 37.51 3.63 21.03
C ASP A 167 38.56 2.60 20.63
N ARG A 168 39.69 2.55 21.32
CA ARG A 168 40.75 1.61 21.01
C ARG A 168 40.52 0.28 21.74
N ASN A 169 41.18 -0.77 21.24
CA ASN A 169 40.97 -2.14 21.72
C ASN A 169 39.48 -2.47 21.71
N ASN A 170 38.83 -2.15 20.58
CA ASN A 170 37.38 -2.15 20.54
C ASN A 170 36.78 -3.55 20.47
N ASN A 171 37.45 -4.46 19.76
CA ASN A 171 36.88 -5.77 19.43
C ASN A 171 35.55 -5.61 18.70
N HIS A 172 35.47 -4.58 17.85
CA HIS A 172 34.31 -4.42 16.98
C HIS A 172 34.22 -5.60 16.04
N ARG A 173 32.99 -6.02 15.74
CA ARG A 173 32.74 -7.15 14.83
C ARG A 173 31.98 -6.63 13.62
N ILE A 174 32.63 -6.66 12.46
CA ILE A 174 32.02 -6.31 11.18
C ILE A 174 31.88 -7.61 10.40
N ASP A 175 30.69 -8.21 10.43
CA ASP A 175 30.53 -9.57 9.94
C ASP A 175 29.25 -9.70 9.12
N HIS A 176 29.33 -10.54 8.08
CA HIS A 176 28.16 -10.97 7.30
C HIS A 176 27.45 -9.80 6.62
N ASN A 177 28.18 -8.73 6.33
CA ASN A 177 27.62 -7.61 5.60
C ASN A 177 27.84 -7.80 4.11
N TYR A 178 26.99 -7.13 3.32
CA TYR A 178 27.15 -7.04 1.87
C TYR A 178 27.54 -5.62 1.53
N PHE A 179 28.83 -5.40 1.27
CA PHE A 179 29.31 -4.10 0.79
C PHE A 179 29.26 -4.15 -0.73
N GLY A 180 28.23 -3.55 -1.30
CA GLY A 180 27.96 -3.63 -2.72
C GLY A 180 28.72 -2.61 -3.53
N GLU A 181 28.19 -2.34 -4.72
CA GLU A 181 28.89 -1.54 -5.71
C GLU A 181 29.27 -0.16 -5.16
N ARG A 182 30.55 0.17 -5.29
CA ARG A 182 31.04 1.52 -5.07
C ARG A 182 31.86 1.90 -6.29
N PRO A 183 31.35 2.78 -7.15
CA PRO A 183 32.05 3.05 -8.42
C PRO A 183 33.36 3.80 -8.18
N ILE A 184 34.18 3.83 -9.23
CA ILE A 184 35.48 4.47 -9.15
C ILE A 184 35.31 5.94 -8.81
N LEU A 185 35.94 6.38 -7.72
CA LEU A 185 35.84 7.77 -7.31
C LEU A 185 36.70 8.69 -8.17
N GLY A 186 37.83 8.21 -8.66
CA GLY A 186 38.74 9.07 -9.40
C GLY A 186 39.66 9.88 -8.53
N SER A 187 39.91 9.44 -7.31
CA SER A 187 40.79 10.12 -6.37
C SER A 187 40.99 9.22 -5.16
N ASN A 188 41.87 9.64 -4.26
CA ASN A 188 41.97 8.98 -2.97
C ASN A 188 40.75 9.33 -2.13
N GLY A 189 40.40 8.42 -1.23
CA GLY A 189 39.26 8.60 -0.38
C GLY A 189 38.02 7.82 -0.77
N GLY A 190 38.18 6.68 -1.43
CA GLY A 190 37.04 5.86 -1.83
C GLY A 190 37.05 4.48 -1.22
N GLU A 191 37.72 4.34 -0.07
CA GLU A 191 37.76 3.06 0.62
C GLU A 191 36.36 2.62 1.05
N THR A 192 36.18 1.31 1.15
CA THR A 192 34.95 0.77 1.71
C THR A 192 35.05 0.62 3.23
N ILE A 193 36.21 0.20 3.73
CA ILE A 193 36.44 0.07 5.17
C ILE A 193 37.83 0.62 5.50
N ARG A 194 37.91 1.47 6.52
CA ARG A 194 39.17 1.94 7.06
C ARG A 194 39.18 1.72 8.56
N VAL A 195 40.23 1.09 9.07
CA VAL A 195 40.35 0.81 10.50
C VAL A 195 41.56 1.60 11.00
N GLY A 196 41.30 2.75 11.61
CA GLY A 196 42.35 3.59 12.14
C GLY A 196 42.87 4.59 11.13
N THR A 197 43.81 5.42 11.60
CA THR A 197 44.55 6.36 10.76
C THR A 197 46.03 6.28 11.13
N SER A 198 46.86 7.01 10.39
CA SER A 198 48.28 7.01 10.66
C SER A 198 48.60 7.52 12.07
N HIS A 199 47.74 8.37 12.62
CA HIS A 199 48.04 8.98 13.92
C HIS A 199 47.94 7.96 15.05
N HIS A 200 47.07 6.95 14.93
CA HIS A 200 46.88 5.95 15.97
C HIS A 200 47.26 4.56 15.48
N ALA A 201 48.15 4.48 14.49
CA ALA A 201 48.39 3.22 13.79
C ALA A 201 48.96 2.15 14.73
N PHE A 202 49.89 2.53 15.59
CA PHE A 202 50.53 1.52 16.42
C PHE A 202 49.75 1.20 17.68
N PHE A 203 48.55 1.78 17.84
CA PHE A 203 47.62 1.34 18.86
C PHE A 203 46.88 0.08 18.39
N SER A 204 46.49 -0.74 19.36
CA SER A 204 45.73 -1.95 19.08
C SER A 204 44.25 -1.61 18.91
N SER A 205 43.67 -2.01 17.79
CA SER A 205 42.25 -1.86 17.54
C SER A 205 41.47 -3.14 17.79
N ASN A 206 42.06 -4.30 17.47
CA ASN A 206 41.45 -5.61 17.70
C ASN A 206 40.11 -5.75 16.97
N THR A 207 39.96 -5.07 15.85
CA THR A 207 38.74 -5.15 15.07
C THR A 207 38.71 -6.45 14.28
N VAL A 208 37.54 -7.08 14.21
CA VAL A 208 37.32 -8.31 13.45
C VAL A 208 36.43 -7.98 12.25
N ILE A 209 36.96 -8.18 11.05
CA ILE A 209 36.19 -8.09 9.81
C ILE A 209 36.13 -9.49 9.23
N GLU A 210 34.96 -10.13 9.31
CA GLU A 210 34.85 -11.54 8.95
C GLU A 210 33.56 -11.81 8.20
N ASP A 211 33.62 -12.81 7.32
CA ASP A 211 32.44 -13.34 6.61
C ASP A 211 31.67 -12.25 5.88
N ASN A 212 32.35 -11.19 5.46
CA ASN A 212 31.70 -10.13 4.70
C ASN A 212 31.88 -10.37 3.21
N MET A 213 31.04 -9.69 2.43
CA MET A 213 31.01 -9.83 0.99
C MET A 213 31.25 -8.47 0.37
N PHE A 214 32.41 -8.29 -0.27
CA PHE A 214 32.77 -7.05 -0.94
C PHE A 214 32.59 -7.27 -2.44
N HIS A 215 31.57 -6.62 -3.02
CA HIS A 215 31.19 -6.86 -4.41
C HIS A 215 31.29 -5.55 -5.18
N HIS A 216 32.21 -5.50 -6.13
CA HIS A 216 32.40 -4.33 -7.00
C HIS A 216 32.71 -3.08 -6.19
N CYS A 217 33.48 -3.25 -5.11
CA CYS A 217 33.94 -2.11 -4.31
C CYS A 217 35.14 -1.52 -5.04
N ASN A 218 34.88 -0.52 -5.88
CA ASN A 218 35.86 -0.02 -6.84
C ASN A 218 36.27 1.42 -6.58
N GLY A 219 36.07 1.92 -5.36
CA GLY A 219 36.31 3.34 -5.10
C GLY A 219 37.74 3.77 -5.37
N GLU A 220 38.71 2.94 -4.98
CA GLU A 220 40.12 3.30 -5.12
C GLU A 220 40.95 2.03 -4.97
N VAL A 221 42.26 2.19 -4.77
CA VAL A 221 43.14 1.03 -4.65
C VAL A 221 42.80 0.23 -3.38
N GLU A 222 42.43 0.91 -2.30
CA GLU A 222 42.16 0.24 -1.03
C GLU A 222 40.67 -0.04 -0.92
N VAL A 223 40.30 -1.32 -1.03
CA VAL A 223 38.95 -1.72 -0.64
C VAL A 223 38.82 -1.66 0.87
N VAL A 224 39.75 -2.30 1.59
CA VAL A 224 39.85 -2.22 3.04
C VAL A 224 41.23 -1.66 3.37
N SER A 225 41.25 -0.60 4.18
CA SER A 225 42.49 0.06 4.57
C SER A 225 42.69 -0.17 6.06
N ILE A 226 43.62 -1.05 6.40
CA ILE A 226 43.94 -1.34 7.80
C ILE A 226 45.06 -0.39 8.22
N LYS A 227 44.75 0.52 9.13
CA LYS A 227 45.72 1.50 9.63
C LYS A 227 45.77 1.46 11.15
N SER A 228 45.80 0.25 11.72
CA SER A 228 45.93 0.06 13.15
C SER A 228 46.51 -1.33 13.38
N SER A 229 46.65 -1.72 14.64
CA SER A 229 47.38 -2.92 15.00
C SER A 229 46.47 -4.00 15.55
N ASP A 230 46.89 -5.25 15.35
CA ASP A 230 46.29 -6.43 15.98
C ASP A 230 44.83 -6.62 15.55
N ASN A 231 44.56 -6.42 14.26
CA ASN A 231 43.25 -6.66 13.69
C ASN A 231 43.19 -8.05 13.05
N ILE A 232 41.96 -8.52 12.83
CA ILE A 232 41.71 -9.82 12.23
C ILE A 232 40.78 -9.61 11.04
N ILE A 233 41.25 -9.99 9.85
CA ILE A 233 40.49 -9.90 8.62
C ILE A 233 40.43 -11.31 8.05
N ARG A 234 39.31 -12.00 8.25
CA ARG A 234 39.25 -13.42 7.96
C ARG A 234 37.94 -13.80 7.27
N ASN A 235 38.04 -14.80 6.39
CA ASN A 235 36.86 -15.44 5.79
C ASN A 235 35.98 -14.45 5.04
N ASN A 236 36.56 -13.39 4.49
CA ASN A 236 35.83 -12.47 3.63
C ASN A 236 35.96 -12.88 2.18
N VAL A 237 35.09 -12.33 1.34
CA VAL A 237 35.11 -12.57 -0.09
C VAL A 237 35.15 -11.22 -0.79
N PHE A 238 36.16 -11.02 -1.64
CA PHE A 238 36.28 -9.84 -2.48
C PHE A 238 36.06 -10.31 -3.92
N LEU A 239 34.87 -10.04 -4.46
CA LEU A 239 34.48 -10.53 -5.77
C LEU A 239 34.52 -9.36 -6.76
N GLU A 240 35.46 -9.44 -7.70
CA GLU A 240 35.57 -8.48 -8.81
C GLU A 240 35.70 -7.04 -8.30
N CYS A 241 36.47 -6.86 -7.24
CA CYS A 241 36.76 -5.53 -6.70
C CYS A 241 37.98 -4.94 -7.38
N ARG A 242 37.84 -3.72 -7.90
CA ARG A 242 38.98 -2.98 -8.45
C ARG A 242 39.77 -2.36 -7.28
N GLY A 243 40.40 -3.23 -6.51
CA GLY A 243 41.13 -2.79 -5.35
C GLY A 243 41.75 -3.97 -4.62
N ILE A 244 42.25 -3.68 -3.41
CA ILE A 244 43.02 -4.64 -2.62
C ILE A 244 42.64 -4.51 -1.16
N LEU A 245 43.08 -5.49 -0.36
CA LEU A 245 43.13 -5.35 1.08
C LEU A 245 44.52 -4.82 1.43
N ALA A 246 44.56 -3.66 2.10
CA ALA A 246 45.81 -2.95 2.35
C ALA A 246 46.15 -3.00 3.83
N LEU A 247 47.27 -3.65 4.16
CA LEU A 247 47.86 -3.54 5.49
C LEU A 247 48.77 -2.32 5.43
N ARG A 248 48.16 -1.14 5.55
CA ARG A 248 48.82 0.11 5.24
C ARG A 248 49.60 0.65 6.43
N HIS A 249 48.97 0.70 7.60
CA HIS A 249 49.62 1.13 8.84
C HIS A 249 49.27 0.14 9.94
N GLY A 250 50.14 0.06 10.94
CA GLY A 250 49.91 -0.82 12.08
C GLY A 250 50.55 -2.18 11.92
N ASN A 251 50.72 -2.86 13.05
CA ASN A 251 51.45 -4.12 13.10
C ASN A 251 50.54 -5.27 13.49
N ARG A 252 51.01 -6.49 13.15
CA ARG A 252 50.44 -7.74 13.67
C ARG A 252 48.98 -7.92 13.28
N ASN A 253 48.68 -7.72 12.00
CA ASN A 253 47.35 -7.96 11.45
C ASN A 253 47.28 -9.36 10.86
N LEU A 254 46.17 -10.04 11.10
CA LEU A 254 45.98 -11.41 10.64
C LEU A 254 45.03 -11.41 9.46
N VAL A 255 45.47 -11.98 8.34
CA VAL A 255 44.71 -12.10 7.11
C VAL A 255 44.58 -13.60 6.82
N GLU A 256 43.39 -14.16 7.05
CA GLU A 256 43.23 -15.61 7.01
C GLU A 256 41.94 -16.00 6.31
N GLY A 257 42.03 -16.98 5.41
CA GLY A 257 40.84 -17.57 4.83
C GLY A 257 40.02 -16.67 3.92
N ASN A 258 40.60 -15.58 3.44
CA ASN A 258 39.86 -14.71 2.54
C ASN A 258 39.96 -15.22 1.10
N ALA A 259 39.02 -14.78 0.27
CA ALA A 259 39.01 -15.13 -1.15
C ALA A 259 38.98 -13.85 -1.97
N PHE A 260 40.02 -13.66 -2.79
CA PHE A 260 40.11 -12.52 -3.70
C PHE A 260 39.85 -13.04 -5.11
N ILE A 261 38.62 -12.85 -5.59
CA ILE A 261 38.15 -13.46 -6.82
C ILE A 261 37.99 -12.35 -7.86
N GLY A 262 38.98 -12.21 -8.73
CA GLY A 262 38.96 -11.15 -9.73
C GLY A 262 38.31 -11.55 -11.03
N ASN A 263 38.27 -12.85 -11.32
CA ASN A 263 37.64 -13.39 -12.53
C ASN A 263 38.24 -12.79 -13.80
N GLY A 264 39.53 -12.45 -13.76
CA GLY A 264 40.19 -11.88 -14.91
C GLY A 264 39.78 -10.47 -15.25
N LEU A 265 39.10 -9.77 -14.34
CA LEU A 265 38.65 -8.40 -14.60
C LEU A 265 39.77 -7.40 -14.29
N PRO A 266 39.74 -6.24 -14.93
CA PRO A 266 40.85 -5.28 -14.76
C PRO A 266 40.95 -4.73 -13.34
N CYS A 267 42.19 -4.46 -12.93
CA CYS A 267 42.52 -3.78 -11.68
C CYS A 267 42.10 -4.58 -10.45
N THR A 268 41.95 -5.89 -10.57
CA THR A 268 41.58 -6.75 -9.45
C THR A 268 42.84 -7.20 -8.71
N GLY A 269 42.87 -6.98 -7.40
CA GLY A 269 44.05 -7.30 -6.63
C GLY A 269 43.80 -8.12 -5.38
N GLY A 270 44.82 -8.30 -4.57
CA GLY A 270 44.70 -9.07 -3.35
C GLY A 270 45.11 -8.31 -2.10
N VAL A 271 46.36 -8.47 -1.68
CA VAL A 271 46.86 -7.87 -0.45
C VAL A 271 48.17 -7.13 -0.75
N ARG A 272 48.24 -5.91 -0.29
CA ARG A 272 49.46 -5.09 -0.31
C ARG A 272 49.92 -4.98 1.14
N ILE A 273 51.18 -5.23 1.39
CA ILE A 273 51.67 -5.27 2.78
C ILE A 273 52.76 -4.25 3.08
N VAL A 274 52.52 -3.51 4.14
CA VAL A 274 53.46 -2.59 4.82
C VAL A 274 53.51 -3.00 6.30
N ASN A 275 54.49 -2.54 7.05
CA ASN A 275 54.62 -2.73 8.52
C ASN A 275 55.09 -4.12 8.90
N GLU A 276 55.04 -4.36 10.20
CA GLU A 276 55.65 -5.56 10.79
C GLU A 276 54.66 -6.53 11.42
N GLY A 277 55.00 -7.81 11.34
CA GLY A 277 54.42 -8.82 12.21
C GLY A 277 53.15 -9.48 11.73
N HIS A 278 52.77 -9.31 10.48
CA HIS A 278 51.50 -9.83 9.99
C HIS A 278 51.59 -11.33 9.68
N THR A 279 50.42 -11.97 9.67
CA THR A 279 50.28 -13.35 9.22
C THR A 279 49.24 -13.40 8.10
N ILE A 280 49.64 -13.91 6.94
CA ILE A 280 48.75 -14.09 5.79
C ILE A 280 48.68 -15.59 5.52
N LYS A 281 47.62 -16.25 5.97
CA LYS A 281 47.52 -17.70 5.91
C LYS A 281 46.18 -18.15 5.35
N GLY A 282 46.24 -19.08 4.40
CA GLY A 282 45.05 -19.77 3.96
C GLY A 282 44.11 -18.96 3.10
N ASN A 283 44.63 -17.98 2.36
CA ASN A 283 43.80 -17.13 1.52
C ASN A 283 43.81 -17.65 0.08
N LEU A 284 42.72 -17.40 -0.64
CA LEU A 284 42.61 -17.73 -2.05
C LEU A 284 42.78 -16.46 -2.88
N PHE A 285 43.77 -16.48 -3.78
CA PHE A 285 44.00 -15.40 -4.74
C PHE A 285 43.70 -15.96 -6.12
N TYR A 286 42.63 -15.46 -6.75
CA TYR A 286 42.07 -16.09 -7.94
C TYR A 286 41.80 -15.05 -9.02
N GLY A 287 42.47 -15.21 -10.16
CA GLY A 287 42.15 -14.43 -11.35
C GLY A 287 42.35 -12.93 -11.20
N LEU A 288 43.43 -12.52 -10.56
CA LEU A 288 43.68 -11.11 -10.25
C LEU A 288 44.57 -10.50 -11.32
N LYS A 289 44.08 -9.44 -11.97
CA LYS A 289 44.79 -8.79 -13.07
C LYS A 289 45.53 -7.52 -12.66
N GLY A 290 45.41 -7.09 -11.41
CA GLY A 290 46.00 -5.83 -11.00
C GLY A 290 47.52 -5.84 -10.99
N ASP A 291 48.08 -4.66 -11.16
CA ASP A 291 49.53 -4.46 -11.19
C ASP A 291 49.92 -3.36 -10.21
N ARG A 292 51.22 -3.30 -9.92
CA ARG A 292 51.80 -2.40 -8.93
C ARG A 292 51.01 -2.43 -7.62
N PHE A 293 50.43 -1.30 -7.23
CA PHE A 293 49.72 -1.24 -5.96
C PHE A 293 48.39 -1.98 -6.01
N PHE A 294 47.95 -2.40 -7.19
CA PHE A 294 46.75 -3.20 -7.38
C PHE A 294 47.07 -4.69 -7.52
N ALA A 295 48.32 -5.09 -7.32
CA ALA A 295 48.75 -6.44 -7.63
C ALA A 295 48.05 -7.47 -6.73
N ALA A 296 48.11 -8.73 -7.17
CA ALA A 296 47.57 -9.83 -6.38
C ALA A 296 48.24 -9.91 -5.02
N LEU A 297 49.56 -9.72 -4.99
CA LEU A 297 50.30 -9.70 -3.73
C LEU A 297 51.42 -8.67 -3.84
N GLY A 298 51.57 -7.88 -2.79
CA GLY A 298 52.64 -6.89 -2.77
C GLY A 298 53.24 -6.68 -1.40
N LEU A 299 54.55 -6.85 -1.29
CA LEU A 299 55.30 -6.54 -0.08
C LEU A 299 56.17 -5.33 -0.38
N MET A 300 55.84 -4.20 0.24
CA MET A 300 56.42 -2.92 -0.16
C MET A 300 57.84 -2.74 0.33
N ASN A 301 58.63 -1.99 -0.44
CA ASN A 301 59.81 -1.36 0.12
C ASN A 301 59.35 -0.24 1.06
N ALA A 302 60.26 0.18 1.94
CA ALA A 302 59.88 1.10 3.00
C ALA A 302 60.94 2.17 3.17
N VAL A 303 60.55 3.23 3.88
CA VAL A 303 61.45 4.33 4.23
C VAL A 303 62.16 3.97 5.53
N PRO A 304 63.49 4.08 5.59
CA PRO A 304 64.18 3.85 6.87
C PRO A 304 63.78 4.89 7.89
N ASN A 305 63.56 4.44 9.13
CA ASN A 305 63.16 5.30 10.25
C ASN A 305 61.97 6.18 9.84
N SER A 306 60.99 5.56 9.19
CA SER A 306 59.90 6.30 8.56
C SER A 306 59.07 7.04 9.59
N LEU A 307 58.60 8.22 9.20
CA LEU A 307 57.62 8.95 9.99
C LEU A 307 56.29 8.20 10.00
N PRO A 308 55.39 8.52 10.93
CA PRO A 308 54.15 7.74 11.05
C PRO A 308 53.31 7.65 9.79
N ASN A 309 53.35 8.66 8.91
CA ASN A 309 52.45 8.70 7.76
C ASN A 309 53.10 8.26 6.45
N ARG A 310 54.28 7.66 6.50
CA ARG A 310 54.99 7.21 5.31
C ARG A 310 54.87 5.69 5.22
N TYR A 311 55.95 4.94 5.00
CA TYR A 311 55.89 3.50 4.84
C TYR A 311 56.94 2.85 5.73
N HIS A 312 56.50 2.03 6.68
CA HIS A 312 57.37 1.43 7.67
C HIS A 312 57.85 0.04 7.21
N HIS A 313 59.02 -0.34 7.73
CA HIS A 313 59.70 -1.56 7.32
C HIS A 313 58.80 -2.79 7.38
N VAL A 314 58.74 -3.53 6.26
CA VAL A 314 58.03 -4.79 6.19
C VAL A 314 58.93 -5.87 6.76
N LYS A 315 58.53 -6.45 7.90
CA LYS A 315 59.38 -7.48 8.49
C LYS A 315 58.54 -8.38 9.39
N ASP A 316 59.07 -9.58 9.62
CA ASP A 316 58.45 -10.58 10.49
C ASP A 316 57.05 -10.95 9.98
N VAL A 317 56.96 -11.19 8.67
CA VAL A 317 55.71 -11.55 8.01
C VAL A 317 55.81 -13.00 7.55
N THR A 318 54.78 -13.78 7.87
CA THR A 318 54.69 -15.18 7.47
C THR A 318 53.50 -15.34 6.54
N LEU A 319 53.75 -15.88 5.35
CA LEU A 319 52.70 -16.17 4.38
C LEU A 319 52.68 -17.67 4.16
N GLU A 320 51.59 -18.33 4.56
CA GLU A 320 51.56 -19.78 4.56
C GLU A 320 50.23 -20.30 4.07
N ASP A 321 50.26 -21.41 3.32
CA ASP A 321 49.06 -22.11 2.87
C ASP A 321 48.12 -21.23 2.05
N ASN A 322 48.66 -20.23 1.37
CA ASN A 322 47.88 -19.44 0.42
C ASN A 322 47.88 -20.11 -0.95
N ARG A 323 46.85 -19.83 -1.73
CA ARG A 323 46.72 -20.33 -3.09
C ARG A 323 46.68 -19.14 -4.04
N PHE A 324 47.65 -19.09 -4.95
CA PHE A 324 47.74 -18.03 -5.96
C PHE A 324 47.42 -18.66 -7.31
N ILE A 325 46.15 -18.56 -7.71
CA ILE A 325 45.65 -19.21 -8.92
C ILE A 325 45.42 -18.15 -9.99
N ASN A 326 46.19 -18.23 -11.09
CA ASN A 326 46.06 -17.34 -12.23
C ASN A 326 46.16 -15.87 -11.82
N CYS A 327 47.23 -15.56 -11.09
CA CYS A 327 47.48 -14.20 -10.61
C CYS A 327 48.62 -13.60 -11.43
N ASP A 328 48.35 -12.44 -12.04
CA ASP A 328 49.29 -11.85 -12.98
C ASP A 328 50.56 -11.36 -12.28
N ASN A 329 50.40 -10.66 -11.16
CA ASN A 329 51.49 -9.90 -10.57
C ASN A 329 51.63 -10.22 -9.08
N ILE A 330 52.76 -10.81 -8.72
CA ILE A 330 53.13 -11.08 -7.34
C ILE A 330 54.44 -10.35 -7.11
N LEU A 331 54.41 -9.27 -6.34
CA LEU A 331 55.47 -8.27 -6.35
C LEU A 331 56.16 -8.20 -4.99
N PHE A 332 57.47 -8.41 -4.98
CA PHE A 332 58.30 -8.20 -3.81
C PHE A 332 59.05 -6.88 -3.96
N CYS A 333 59.14 -6.12 -2.87
CA CYS A 333 59.82 -4.81 -2.87
C CYS A 333 59.11 -3.80 -3.76
N VAL A 334 57.80 -3.92 -3.93
CA VAL A 334 57.07 -2.99 -4.80
C VAL A 334 57.08 -1.60 -4.18
N GLY A 335 57.26 -0.59 -5.02
CA GLY A 335 57.37 0.77 -4.56
C GLY A 335 58.78 1.25 -4.32
N LYS A 336 59.78 0.41 -4.60
CA LYS A 336 61.17 0.80 -4.42
C LYS A 336 61.50 2.04 -5.23
N ASP A 337 62.06 3.06 -4.57
CA ASP A 337 62.53 4.26 -5.22
C ASP A 337 63.60 4.89 -4.32
N ASN A 338 63.93 6.16 -4.58
CA ASN A 338 64.96 6.83 -3.79
C ASN A 338 64.53 7.14 -2.37
N GLU A 339 63.24 6.98 -2.05
CA GLU A 339 62.74 7.16 -0.70
C GLU A 339 62.47 5.84 0.01
N ARG A 340 61.72 4.93 -0.65
CA ARG A 340 61.46 3.60 -0.10
C ARG A 340 62.62 2.69 -0.49
N THR A 341 63.71 2.80 0.27
CA THR A 341 64.96 2.11 -0.02
C THR A 341 65.19 0.87 0.82
N LEU A 342 64.29 0.56 1.77
CA LEU A 342 64.52 -0.53 2.71
C LEU A 342 63.74 -1.76 2.31
N PRO A 343 64.39 -2.85 1.91
CA PRO A 343 63.66 -4.04 1.46
C PRO A 343 63.06 -4.80 2.63
N PRO A 344 62.09 -5.68 2.37
CA PRO A 344 61.52 -6.49 3.46
C PRO A 344 62.56 -7.42 4.08
N SER A 345 62.39 -7.68 5.37
CA SER A 345 63.29 -8.56 6.13
C SER A 345 62.47 -9.62 6.85
N ASN A 346 63.06 -10.79 7.03
CA ASN A 346 62.45 -11.87 7.81
C ASN A 346 61.05 -12.21 7.28
N ILE A 347 60.98 -12.46 5.97
CA ILE A 347 59.74 -12.87 5.31
C ILE A 347 59.79 -14.36 5.06
N SER A 348 58.68 -15.05 5.33
CA SER A 348 58.60 -16.50 5.18
C SER A 348 57.43 -16.85 4.28
N PHE A 349 57.71 -17.48 3.15
CA PHE A 349 56.72 -18.10 2.29
C PHE A 349 56.76 -19.60 2.54
N ILE A 350 55.71 -20.15 3.13
CA ILE A 350 55.71 -21.53 3.59
C ILE A 350 54.47 -22.23 3.03
N ARG A 351 54.70 -23.30 2.26
CA ARG A 351 53.61 -24.19 1.82
C ARG A 351 52.52 -23.44 1.06
N ASN A 352 52.93 -22.54 0.17
CA ASN A 352 51.99 -21.84 -0.69
C ASN A 352 51.88 -22.54 -2.04
N GLN A 353 50.78 -22.30 -2.73
CA GLN A 353 50.44 -22.96 -3.98
C GLN A 353 50.31 -21.90 -5.07
N PHE A 354 51.13 -22.02 -6.11
CA PHE A 354 51.16 -21.07 -7.22
C PHE A 354 50.83 -21.82 -8.51
N ILE A 355 49.69 -21.51 -9.10
CA ILE A 355 49.25 -22.13 -10.35
C ILE A 355 48.81 -21.03 -11.31
N SER A 356 49.31 -21.08 -12.54
CA SER A 356 48.95 -20.06 -13.53
C SER A 356 49.06 -20.64 -14.94
N LYS A 357 48.14 -20.22 -15.80
CA LYS A 357 48.14 -20.60 -17.21
C LYS A 357 48.92 -19.63 -18.08
N SER A 358 49.23 -18.44 -17.58
CA SER A 358 49.91 -17.43 -18.35
C SER A 358 51.43 -17.54 -18.18
N ASP A 359 52.16 -16.93 -19.10
CA ASP A 359 53.62 -16.93 -19.07
C ASP A 359 54.17 -15.68 -18.40
N LYS A 360 53.52 -15.19 -17.36
CA LYS A 360 54.08 -14.14 -16.54
C LYS A 360 55.03 -14.76 -15.50
N ALA A 361 55.91 -13.92 -14.97
CA ALA A 361 56.85 -14.38 -13.96
C ALA A 361 56.10 -14.86 -12.73
N LEU A 362 56.67 -15.88 -12.07
CA LEU A 362 56.12 -16.34 -10.80
C LEU A 362 56.00 -15.19 -9.81
N TYR A 363 57.12 -14.51 -9.55
CA TYR A 363 57.11 -13.28 -8.78
C TYR A 363 58.04 -12.29 -9.45
N GLN A 364 57.86 -11.02 -9.10
CA GLN A 364 58.72 -9.95 -9.58
C GLN A 364 59.30 -9.22 -8.38
N SER A 365 60.61 -9.00 -8.40
CA SER A 365 61.29 -8.31 -7.32
C SER A 365 61.88 -7.01 -7.85
N PHE A 366 61.85 -5.97 -7.02
CA PHE A 366 62.40 -4.67 -7.39
C PHE A 366 63.55 -4.25 -6.46
N ASP A 367 64.06 -5.18 -5.65
CA ASP A 367 65.19 -4.95 -4.77
C ASP A 367 65.71 -6.31 -4.33
N ASP A 368 66.75 -6.30 -3.50
CA ASP A 368 67.29 -7.55 -2.98
C ASP A 368 66.26 -8.24 -2.08
N ILE A 369 66.10 -9.55 -2.27
CA ILE A 369 65.11 -10.30 -1.50
C ILE A 369 65.82 -11.30 -0.58
N SER A 370 66.98 -10.91 -0.06
CA SER A 370 67.71 -11.79 0.86
C SER A 370 66.96 -11.98 2.18
N GLY A 371 66.03 -11.10 2.51
CA GLY A 371 65.19 -11.27 3.68
C GLY A 371 64.07 -12.27 3.54
N PHE A 372 63.94 -12.88 2.37
CA PHE A 372 62.87 -13.82 2.07
C PHE A 372 63.36 -15.25 2.25
N THR A 373 62.52 -16.08 2.87
CA THR A 373 62.78 -17.51 3.01
C THR A 373 61.60 -18.27 2.42
N PHE A 374 61.89 -19.21 1.53
CA PHE A 374 60.86 -20.00 0.86
C PHE A 374 61.03 -21.46 1.25
N ILE A 375 59.97 -22.07 1.76
CA ILE A 375 60.03 -23.44 2.26
C ILE A 375 58.79 -24.19 1.75
N ASP A 376 59.02 -25.25 0.97
CA ASP A 376 57.98 -26.21 0.59
C ASP A 376 56.82 -25.55 -0.15
N ASN A 377 57.13 -24.56 -0.99
CA ASN A 377 56.14 -24.03 -1.91
C ASN A 377 56.05 -24.91 -3.15
N VAL A 378 54.85 -24.99 -3.71
CA VAL A 378 54.61 -25.79 -4.91
C VAL A 378 54.10 -24.87 -6.01
N VAL A 379 54.56 -25.09 -7.24
CA VAL A 379 54.27 -24.20 -8.35
C VAL A 379 53.97 -25.03 -9.59
N ASN A 380 52.96 -24.61 -10.36
CA ASN A 380 52.66 -25.17 -11.68
C ASN A 380 52.47 -23.99 -12.63
N TYR A 381 53.54 -23.58 -13.29
CA TYR A 381 53.51 -22.55 -14.31
C TYR A 381 53.92 -23.18 -15.64
N PRO A 382 53.69 -22.51 -16.78
CA PRO A 382 54.09 -23.10 -18.07
C PRO A 382 55.60 -23.24 -18.27
N TYR A 383 56.41 -22.92 -17.26
CA TYR A 383 57.86 -23.10 -17.36
C TYR A 383 58.36 -23.68 -16.05
N THR A 384 59.60 -24.16 -16.08
CA THR A 384 60.22 -24.75 -14.90
C THR A 384 60.75 -23.66 -13.97
N VAL A 385 60.33 -23.69 -12.72
CA VAL A 385 60.85 -22.78 -11.71
C VAL A 385 62.07 -23.42 -11.08
N THR A 386 63.20 -22.72 -11.12
CA THR A 386 64.45 -23.18 -10.52
C THR A 386 64.82 -22.23 -9.38
N GLN A 387 64.00 -22.26 -8.32
CA GLN A 387 64.21 -21.43 -7.15
C GLN A 387 64.20 -22.31 -5.91
N ARG A 388 65.19 -22.13 -5.05
CA ARG A 388 65.24 -22.89 -3.80
C ARG A 388 64.01 -22.59 -2.96
N GLY A 389 63.33 -23.66 -2.53
CA GLY A 389 62.11 -23.52 -1.78
C GLY A 389 60.84 -23.60 -2.62
N PHE A 390 60.96 -23.87 -3.91
CA PHE A 390 59.82 -24.07 -4.79
C PHE A 390 59.94 -25.44 -5.44
N GLN A 391 58.81 -26.11 -5.60
CA GLN A 391 58.77 -27.43 -6.22
C GLN A 391 57.77 -27.42 -7.36
N ASN A 392 58.19 -27.86 -8.54
CA ASN A 392 57.30 -27.91 -9.69
C ASN A 392 56.43 -29.16 -9.63
N ASN A 393 55.17 -29.01 -10.02
CA ASN A 393 54.23 -30.12 -10.05
C ASN A 393 53.24 -29.86 -11.19
N THR A 394 53.44 -30.53 -12.32
CA THR A 394 52.62 -30.29 -13.50
C THR A 394 51.22 -30.89 -13.38
N THR A 395 50.92 -31.60 -12.30
CA THR A 395 49.59 -32.19 -12.13
C THR A 395 48.62 -31.25 -11.43
N LEU A 396 49.08 -30.15 -10.87
CA LEU A 396 48.20 -29.23 -10.16
C LEU A 396 47.25 -28.55 -11.13
N SER A 397 45.95 -28.63 -10.84
CA SER A 397 44.93 -28.02 -11.67
C SER A 397 44.60 -26.62 -11.19
N ASP A 398 44.36 -25.71 -12.13
CA ASP A 398 43.88 -24.38 -11.79
C ASP A 398 42.36 -24.32 -11.67
N SER A 399 41.70 -25.48 -11.67
CA SER A 399 40.27 -25.54 -11.42
C SER A 399 39.99 -25.39 -9.94
N ILE A 400 39.17 -24.40 -9.57
CA ILE A 400 38.86 -24.12 -8.18
C ILE A 400 37.34 -24.10 -8.03
N ASP A 401 36.85 -24.67 -6.94
CA ASP A 401 35.42 -24.64 -6.62
C ASP A 401 35.15 -23.37 -5.83
N LEU A 402 34.59 -22.36 -6.50
CA LEU A 402 34.41 -21.04 -5.91
C LEU A 402 33.09 -20.87 -5.18
N LYS A 403 32.14 -21.79 -5.36
CA LYS A 403 30.78 -21.59 -4.88
C LYS A 403 30.66 -21.61 -3.36
N PRO A 404 31.48 -22.37 -2.61
CA PRO A 404 31.51 -22.18 -1.15
C PRO A 404 31.71 -20.74 -0.72
N TYR A 405 32.44 -19.95 -1.52
CA TYR A 405 32.54 -18.52 -1.25
C TYR A 405 31.33 -17.75 -1.75
N MET A 406 30.59 -18.30 -2.72
CA MET A 406 29.43 -17.64 -3.29
C MET A 406 28.12 -18.02 -2.60
N GLU A 407 28.12 -19.06 -1.76
CA GLU A 407 26.92 -19.53 -1.09
C GLU A 407 26.75 -18.93 0.31
N LYS A 408 27.77 -18.27 0.85
CA LYS A 408 27.67 -17.73 2.20
C LYS A 408 26.59 -16.65 2.26
N LYS A 409 25.85 -16.64 3.36
CA LYS A 409 24.78 -15.67 3.54
C LYS A 409 25.36 -14.35 4.01
N ASN A 410 24.97 -13.27 3.33
CA ASN A 410 25.46 -11.94 3.66
C ASN A 410 24.36 -10.93 3.38
N GLY A 411 24.53 -9.74 3.95
CA GLY A 411 23.60 -8.65 3.73
C GLY A 411 22.33 -8.79 4.55
N ALA A 412 21.45 -7.81 4.39
CA ALA A 412 20.16 -7.83 5.07
C ALA A 412 19.30 -8.98 4.55
N SER A 413 18.62 -9.66 5.47
CA SER A 413 17.86 -10.85 5.11
C SER A 413 16.72 -10.54 4.15
N TRP A 414 16.12 -9.35 4.25
CA TRP A 414 14.95 -9.00 3.48
C TRP A 414 15.27 -8.26 2.19
N TYR A 415 16.53 -7.92 1.94
CA TYR A 415 16.94 -7.13 0.79
C TYR A 415 17.57 -8.05 -0.25
N THR A 416 17.18 -7.86 -1.51
CA THR A 416 17.51 -8.82 -2.57
C THR A 416 18.49 -8.24 -3.59
N LEU A 417 18.07 -7.25 -4.38
CA LEU A 417 18.87 -6.77 -5.51
C LEU A 417 20.25 -6.27 -5.07
N LEU A 423 20.11 0.68 -18.03
CA LEU A 423 20.68 1.34 -19.19
C LEU A 423 20.24 0.67 -20.49
N VAL A 424 18.96 0.31 -20.58
CA VAL A 424 18.43 -0.39 -21.75
C VAL A 424 17.39 0.48 -22.42
N LEU A 425 17.30 0.36 -23.76
CA LEU A 425 16.32 1.13 -24.50
C LEU A 425 14.91 0.72 -24.14
N THR A 426 13.96 1.61 -24.44
CA THR A 426 12.56 1.24 -24.43
C THR A 426 12.16 0.55 -25.73
N GLY A 427 12.83 0.90 -26.82
CA GLY A 427 12.36 0.55 -28.15
C GLY A 427 11.54 1.64 -28.81
N ASN A 428 11.21 2.70 -28.09
CA ASN A 428 10.47 3.82 -28.65
C ASN A 428 11.40 4.76 -29.40
N GLU A 429 10.93 5.24 -30.54
CA GLU A 429 11.70 6.15 -31.38
C GLU A 429 10.84 7.39 -31.66
N ILE A 430 11.45 8.56 -31.52
CA ILE A 430 10.75 9.84 -31.68
C ILE A 430 11.37 10.57 -32.87
N SER A 431 10.57 10.76 -33.92
CA SER A 431 11.04 11.50 -35.09
C SER A 431 11.07 13.00 -34.79
N VAL A 432 12.15 13.64 -35.23
CA VAL A 432 12.37 15.06 -34.98
C VAL A 432 12.62 15.75 -36.31
N LYS A 433 11.74 16.70 -36.66
CA LYS A 433 11.96 17.53 -37.83
C LYS A 433 12.90 18.68 -37.48
N ALA A 434 13.26 19.48 -38.48
CA ALA A 434 14.07 20.67 -38.24
C ALA A 434 13.17 21.85 -37.90
N GLY A 435 13.70 22.78 -37.11
CA GLY A 435 12.92 23.93 -36.70
C GLY A 435 13.64 24.72 -35.62
N GLN A 436 12.85 25.53 -34.89
CA GLN A 436 13.43 26.42 -33.88
C GLN A 436 13.92 25.64 -32.67
N ASN A 437 13.07 24.78 -32.10
CA ASN A 437 13.45 24.03 -30.91
C ASN A 437 12.94 22.60 -30.98
N THR A 438 12.93 22.03 -32.19
CA THR A 438 12.39 20.69 -32.38
C THR A 438 13.08 19.67 -31.50
N LEU A 439 14.41 19.76 -31.38
CA LEU A 439 15.15 18.80 -30.58
C LEU A 439 14.94 19.01 -29.08
N LEU A 440 14.75 20.24 -28.64
CA LEU A 440 14.56 20.52 -27.21
C LEU A 440 13.26 19.90 -26.71
N GLU A 441 12.17 20.08 -27.47
CA GLU A 441 10.89 19.54 -27.04
C GLU A 441 10.79 18.04 -27.23
N ALA A 442 11.47 17.49 -28.23
CA ALA A 442 11.49 16.04 -28.40
C ALA A 442 12.18 15.36 -27.21
N LEU A 443 13.25 15.98 -26.69
CA LEU A 443 13.94 15.43 -25.54
C LEU A 443 13.07 15.48 -24.28
N ASN A 444 12.35 16.60 -24.09
CA ASN A 444 11.53 16.75 -22.89
C ASN A 444 10.34 15.81 -22.90
N GLN A 445 9.87 15.41 -24.09
CA GLN A 445 8.80 14.43 -24.19
C GLN A 445 9.30 13.00 -24.09
N ALA A 446 10.61 12.79 -24.07
CA ALA A 446 11.18 11.46 -24.13
C ALA A 446 11.31 10.83 -22.76
N GLN A 447 11.17 9.51 -22.73
CA GLN A 447 11.44 8.72 -21.53
C GLN A 447 12.89 8.24 -21.55
N SER A 448 13.35 7.78 -20.39
CA SER A 448 14.67 7.17 -20.32
C SER A 448 14.70 5.92 -21.19
N GLY A 449 15.67 5.84 -22.09
CA GLY A 449 15.77 4.77 -23.05
C GLY A 449 15.17 5.05 -24.40
N ASP A 450 14.60 6.24 -24.60
CA ASP A 450 14.02 6.60 -25.88
C ASP A 450 15.12 6.96 -26.88
N ILE A 451 14.79 6.80 -28.16
CA ILE A 451 15.67 7.17 -29.27
C ILE A 451 15.09 8.41 -29.93
N LEU A 452 15.90 9.47 -30.01
CA LEU A 452 15.52 10.69 -30.71
C LEU A 452 16.11 10.63 -32.11
N ASN A 453 15.25 10.44 -33.10
CA ASN A 453 15.66 10.21 -34.48
C ASN A 453 15.44 11.48 -35.30
N LEU A 454 16.51 12.20 -35.57
CA LEU A 454 16.46 13.36 -36.46
C LEU A 454 16.21 12.88 -37.87
N SER A 455 15.02 13.18 -38.40
CA SER A 455 14.53 12.49 -39.60
C SER A 455 14.79 13.23 -40.90
N GLU A 456 15.29 14.46 -40.85
CA GLU A 456 15.52 15.20 -42.09
C GLU A 456 16.76 16.07 -41.93
N GLU A 457 17.37 16.39 -43.07
CA GLU A 457 18.51 17.29 -43.08
C GLU A 457 18.07 18.72 -42.83
N GLY A 458 19.03 19.58 -42.52
CA GLY A 458 18.76 20.98 -42.26
C GLY A 458 19.33 21.40 -40.93
N VAL A 459 18.92 22.59 -40.49
CA VAL A 459 19.42 23.20 -39.27
C VAL A 459 18.44 22.95 -38.14
N TYR A 460 18.94 22.36 -37.05
CA TYR A 460 18.15 22.13 -35.84
C TYR A 460 18.57 23.20 -34.84
N TRP A 461 17.81 24.29 -34.82
CA TRP A 461 18.14 25.42 -33.95
C TRP A 461 17.90 25.06 -32.49
N LEU A 462 18.61 25.76 -31.61
CA LEU A 462 18.50 25.54 -30.17
C LEU A 462 18.66 26.88 -29.47
N ASP A 463 17.64 27.29 -28.72
CA ASP A 463 17.74 28.47 -27.86
C ASP A 463 18.26 28.12 -26.47
N ASN A 464 18.33 26.84 -26.12
CA ASN A 464 18.77 26.41 -24.81
C ASN A 464 19.55 25.10 -24.97
N THR A 465 20.13 24.64 -23.87
CA THR A 465 20.90 23.41 -23.89
C THR A 465 19.97 22.20 -23.83
N LEU A 466 20.43 21.11 -24.43
CA LEU A 466 19.74 19.82 -24.30
C LEU A 466 20.22 19.18 -23.00
N LEU A 467 19.40 19.27 -21.95
CA LEU A 467 19.78 18.75 -20.65
C LEU A 467 19.51 17.25 -20.59
N ILE A 468 20.56 16.45 -20.45
CA ILE A 468 20.47 15.00 -20.41
C ILE A 468 20.46 14.58 -18.95
N ASP A 469 19.27 14.40 -18.39
CA ASP A 469 19.10 13.88 -17.05
C ASP A 469 18.58 12.44 -17.05
N LYS A 470 18.65 11.76 -18.19
CA LYS A 470 18.18 10.40 -18.33
C LYS A 470 19.04 9.71 -19.39
N TYR A 471 18.78 8.43 -19.61
CA TYR A 471 19.44 7.69 -20.67
C TYR A 471 18.73 7.99 -21.99
N ILE A 472 19.46 8.60 -22.93
CA ILE A 472 18.88 8.99 -24.20
C ILE A 472 19.88 8.69 -25.32
N ARG A 473 19.35 8.39 -26.50
CA ARG A 473 20.15 8.23 -27.70
C ARG A 473 19.64 9.21 -28.74
N ILE A 474 20.51 10.10 -29.20
CA ILE A 474 20.20 11.06 -30.25
C ILE A 474 20.96 10.65 -31.50
N GLN A 475 20.22 10.28 -32.55
CA GLN A 475 20.81 9.76 -33.78
C GLN A 475 20.22 10.45 -34.99
N ALA A 476 21.03 10.56 -36.03
CA ALA A 476 20.53 10.96 -37.33
C ALA A 476 19.90 9.76 -38.02
N ASP A 477 18.79 10.00 -38.72
CA ASP A 477 18.13 8.91 -39.42
C ASP A 477 19.06 8.34 -40.49
N SER A 478 19.06 7.01 -40.61
CA SER A 478 20.06 6.32 -41.42
C SER A 478 19.93 6.61 -42.90
N HIS A 479 18.79 7.15 -43.35
CA HIS A 479 18.60 7.41 -44.76
C HIS A 479 19.18 8.76 -45.20
N LEU A 480 19.56 9.61 -44.26
CA LEU A 480 20.09 10.92 -44.60
C LEU A 480 21.50 10.81 -45.16
N SER A 481 21.79 11.58 -46.18
CA SER A 481 23.12 11.59 -46.79
C SER A 481 24.06 12.61 -46.17
N LYS A 482 23.54 13.53 -45.36
CA LYS A 482 24.35 14.55 -44.70
C LYS A 482 23.96 14.63 -43.23
N ARG A 483 24.90 15.10 -42.41
CA ARG A 483 24.65 15.22 -40.98
C ARG A 483 23.69 16.38 -40.72
N PRO A 484 22.64 16.18 -39.92
CA PRO A 484 21.85 17.33 -39.46
C PRO A 484 22.72 18.29 -38.66
N VAL A 485 22.50 19.58 -38.86
CA VAL A 485 23.33 20.62 -38.29
C VAL A 485 22.61 21.25 -37.11
N LEU A 486 23.26 21.24 -35.95
CA LEU A 486 22.75 21.88 -34.75
C LEU A 486 23.34 23.29 -34.64
N CYS A 487 22.47 24.28 -34.49
CA CYS A 487 22.90 25.66 -34.35
C CYS A 487 22.27 26.27 -33.10
N PHE A 488 22.96 27.24 -32.52
CA PHE A 488 22.57 27.83 -31.24
C PHE A 488 22.20 29.29 -31.46
N ASN A 489 20.98 29.66 -31.07
CA ASN A 489 20.50 31.03 -31.16
C ASN A 489 19.84 31.45 -29.85
N GLY A 490 20.42 31.07 -28.72
CA GLY A 490 19.91 31.47 -27.44
C GLY A 490 20.42 32.82 -27.00
N MET A 491 19.81 33.34 -25.94
CA MET A 491 20.19 34.65 -25.40
C MET A 491 21.22 34.57 -24.28
N SER A 492 21.42 33.39 -23.70
CA SER A 492 22.43 33.18 -22.67
C SER A 492 23.28 31.97 -23.05
N GLY A 493 24.60 32.12 -22.91
CA GLY A 493 25.52 31.09 -23.34
C GLY A 493 25.35 29.76 -22.65
N LYS A 494 25.22 28.69 -23.44
CA LYS A 494 25.16 27.33 -22.92
C LYS A 494 25.84 26.41 -23.92
N ALA A 495 26.15 25.19 -23.47
CA ALA A 495 26.60 24.16 -24.39
C ALA A 495 25.41 23.58 -25.14
N PHE A 496 25.69 22.98 -26.30
CA PHE A 496 24.61 22.33 -27.06
C PHE A 496 23.96 21.23 -26.24
N VAL A 497 24.77 20.42 -25.57
CA VAL A 497 24.29 19.29 -24.77
C VAL A 497 24.96 19.36 -23.41
N THR A 498 24.17 19.25 -22.34
CA THR A 498 24.68 19.30 -20.97
C THR A 498 24.20 18.07 -20.21
N ILE A 499 25.14 17.21 -19.82
CA ILE A 499 24.82 16.00 -19.07
C ILE A 499 24.81 16.34 -17.58
N VAL A 500 23.71 16.01 -16.90
CA VAL A 500 23.56 16.27 -15.48
C VAL A 500 23.24 14.96 -14.75
N ASN A 501 22.76 15.06 -13.52
CA ASN A 501 22.49 13.87 -12.70
C ASN A 501 21.51 12.94 -13.41
N GLY A 502 21.90 11.67 -13.53
CA GLY A 502 21.06 10.66 -14.13
C GLY A 502 21.19 10.54 -15.64
N GLY A 503 21.98 11.38 -16.28
CA GLY A 503 22.08 11.39 -17.73
C GLY A 503 23.09 10.37 -18.25
N ASN A 504 22.71 9.70 -19.34
CA ASN A 504 23.60 8.83 -20.09
C ASN A 504 23.31 9.04 -21.57
N LEU A 505 24.36 9.28 -22.35
CA LEU A 505 24.19 9.79 -23.70
C LEU A 505 24.94 8.94 -24.71
N GLU A 506 24.25 8.53 -25.76
CA GLU A 506 24.87 8.09 -27.00
C GLU A 506 24.34 8.97 -28.12
N ILE A 507 25.25 9.59 -28.86
CA ILE A 507 24.89 10.53 -29.90
C ILE A 507 25.61 10.14 -31.18
N GLN A 508 24.89 10.18 -32.30
CA GLN A 508 25.39 9.64 -33.55
C GLN A 508 24.92 10.47 -34.73
N GLY A 509 25.86 10.83 -35.60
CA GLY A 509 25.53 11.45 -36.88
C GLY A 509 25.11 12.90 -36.82
N LEU A 510 25.50 13.63 -35.78
CA LEU A 510 25.06 15.00 -35.59
C LEU A 510 26.21 15.97 -35.79
N ALA A 511 25.92 17.09 -36.45
CA ALA A 511 26.89 18.16 -36.66
C ALA A 511 26.61 19.29 -35.68
N PHE A 512 27.67 19.81 -35.06
CA PHE A 512 27.56 20.87 -34.08
C PHE A 512 28.23 22.12 -34.64
N ASN A 513 27.43 23.14 -34.94
CA ASN A 513 27.92 24.40 -35.49
C ASN A 513 27.73 25.49 -34.44
N GLY A 514 28.83 25.90 -33.82
CA GLY A 514 28.78 26.96 -32.83
C GLY A 514 29.10 28.33 -33.41
N GLU A 515 28.68 28.55 -34.66
CA GLU A 515 29.05 29.76 -35.39
C GLU A 515 28.76 31.02 -34.60
N GLY A 516 27.57 31.13 -34.02
CA GLY A 516 27.18 32.35 -33.34
C GLY A 516 26.30 33.23 -34.21
N GLU A 517 25.11 33.54 -33.72
CA GLU A 517 24.13 34.30 -34.47
C GLU A 517 24.17 35.77 -34.07
N ALA A 518 23.70 36.61 -34.99
CA ALA A 518 23.71 38.06 -34.77
C ALA A 518 22.76 38.42 -33.62
N GLY A 519 23.30 39.16 -32.65
CA GLY A 519 22.49 39.61 -31.54
C GLY A 519 22.11 38.54 -30.53
N LYS A 520 22.83 37.42 -30.51
CA LYS A 520 22.53 36.33 -29.61
C LYS A 520 23.82 35.81 -29.00
N ALA A 521 23.68 35.09 -27.88
CA ALA A 521 24.84 34.66 -27.13
C ALA A 521 25.60 33.55 -27.85
N LEU A 522 26.87 33.40 -27.51
CA LEU A 522 27.71 32.37 -28.07
C LEU A 522 27.54 31.06 -27.31
N SER A 523 27.65 29.96 -28.04
CA SER A 523 27.57 28.64 -27.43
C SER A 523 28.87 28.31 -26.71
N GLU A 524 28.76 27.63 -25.57
CA GLU A 524 29.90 27.32 -24.73
C GLU A 524 30.43 25.91 -24.96
N GLY A 525 30.32 25.39 -26.18
CA GLY A 525 30.81 24.07 -26.52
C GLY A 525 29.71 23.18 -27.05
N GLY A 526 30.13 21.97 -27.45
CA GLY A 526 29.22 21.00 -28.01
C GLY A 526 28.56 20.11 -26.98
N ILE A 527 29.37 19.34 -26.25
CA ILE A 527 28.87 18.44 -25.22
C ILE A 527 29.70 18.65 -23.96
N THR A 528 29.04 18.86 -22.84
CA THR A 528 29.71 19.04 -21.56
C THR A 528 28.94 18.30 -20.47
N VAL A 529 29.64 17.99 -19.39
CA VAL A 529 29.06 17.35 -18.23
C VAL A 529 29.14 18.36 -17.08
N LYS A 530 27.98 18.73 -16.54
CA LYS A 530 27.91 19.80 -15.55
C LYS A 530 28.74 19.44 -14.31
N SER A 531 29.58 20.39 -13.89
CA SER A 531 30.43 20.17 -12.73
C SER A 531 29.60 19.85 -11.50
N GLY A 532 30.06 18.87 -10.72
CA GLY A 532 29.35 18.43 -9.55
C GLY A 532 28.37 17.30 -9.79
N THR A 533 28.16 16.91 -11.05
CA THR A 533 27.29 15.78 -11.36
C THR A 533 27.75 14.53 -10.62
N ILE A 534 26.91 14.05 -9.71
CA ILE A 534 27.30 12.97 -8.80
C ILE A 534 27.05 11.59 -9.38
N THR A 535 26.14 11.45 -10.33
CA THR A 535 25.91 10.15 -10.94
C THR A 535 26.99 9.89 -12.00
N PRO A 536 27.65 8.73 -11.96
CA PRO A 536 28.57 8.39 -13.04
C PRO A 536 27.80 8.27 -14.35
N TYR A 537 28.39 8.83 -15.41
CA TYR A 537 27.72 8.93 -16.69
C TYR A 537 28.49 8.14 -17.75
N LEU A 538 27.77 7.72 -18.78
CA LEU A 538 28.37 7.11 -19.96
C LEU A 538 28.16 8.03 -21.15
N LEU A 539 29.19 8.16 -21.99
CA LEU A 539 29.13 9.04 -23.15
C LEU A 539 29.70 8.29 -24.35
N THR A 540 28.89 8.17 -25.40
CA THR A 540 29.33 7.56 -26.65
C THR A 540 29.02 8.53 -27.79
N VAL A 541 30.05 8.94 -28.51
CA VAL A 541 29.93 9.86 -29.63
C VAL A 541 30.41 9.12 -30.88
N ASP A 542 29.57 9.08 -31.91
CA ASP A 542 29.86 8.29 -33.11
C ASP A 542 29.46 9.10 -34.34
N ASN A 543 30.42 9.31 -35.25
CA ASN A 543 30.16 9.95 -36.53
C ASN A 543 29.56 11.35 -36.36
N CYS A 544 30.03 12.08 -35.36
CA CYS A 544 29.57 13.43 -35.12
C CYS A 544 30.58 14.44 -35.65
N GLU A 545 30.13 15.70 -35.74
CA GLU A 545 30.95 16.77 -36.27
C GLU A 545 30.85 18.00 -35.37
N PHE A 546 31.99 18.65 -35.16
CA PHE A 546 32.07 19.81 -34.28
C PHE A 546 32.93 20.87 -34.96
N TYR A 547 32.40 22.08 -35.08
CA TYR A 547 33.14 23.13 -35.77
C TYR A 547 32.59 24.50 -35.41
N ASN A 548 33.43 25.52 -35.64
CA ASN A 548 33.07 26.93 -35.51
C ASN A 548 32.92 27.37 -34.05
N PHE A 549 33.70 26.79 -33.15
CA PHE A 549 33.80 27.26 -31.76
C PHE A 549 35.08 28.09 -31.66
N ASN A 550 34.94 29.41 -31.71
CA ASN A 550 36.06 30.30 -31.94
C ASN A 550 36.44 31.16 -30.74
N GLU A 551 36.46 30.56 -29.55
CA GLU A 551 37.15 31.12 -28.38
C GLU A 551 38.03 30.03 -27.81
N SER A 552 39.19 30.44 -27.28
CA SER A 552 40.21 29.49 -26.88
C SER A 552 39.80 28.66 -25.68
N GLY A 553 38.93 29.19 -24.83
CA GLY A 553 38.53 28.49 -23.63
C GLY A 553 37.51 27.40 -23.79
N LEU A 554 37.00 27.13 -25.00
CA LEU A 554 35.96 26.11 -25.13
C LEU A 554 36.52 24.80 -25.65
N ALA A 555 35.70 23.76 -25.52
CA ALA A 555 36.01 22.42 -25.98
C ALA A 555 34.76 21.83 -26.60
N ALA A 556 34.94 21.05 -27.67
CA ALA A 556 33.80 20.40 -28.29
C ALA A 556 33.17 19.38 -27.37
N ILE A 557 33.99 18.61 -26.66
CA ILE A 557 33.55 17.63 -25.68
C ILE A 557 34.37 17.81 -24.43
N ARG A 558 33.70 18.00 -23.29
CA ARG A 558 34.40 18.32 -22.05
C ARG A 558 33.79 17.57 -20.87
N GLY A 559 34.63 16.89 -20.11
CA GLY A 559 34.26 16.44 -18.79
C GLY A 559 34.72 17.45 -17.76
N GLU A 560 33.76 18.13 -17.12
CA GLU A 560 34.11 19.19 -16.18
C GLU A 560 34.68 18.61 -14.89
N LYS A 561 35.25 19.51 -14.09
CA LYS A 561 35.74 19.13 -12.77
C LYS A 561 34.61 18.57 -11.91
N SER A 562 34.97 17.63 -11.04
CA SER A 562 34.03 17.01 -10.09
C SER A 562 32.94 16.24 -10.81
N THR A 563 33.31 15.58 -11.91
CA THR A 563 32.45 14.62 -12.58
C THR A 563 33.28 13.36 -12.85
N PHE A 564 32.60 12.26 -13.16
CA PHE A 564 33.34 11.05 -13.48
C PHE A 564 32.54 10.16 -14.41
N SER A 565 33.23 9.63 -15.43
CA SER A 565 32.70 8.60 -16.29
C SER A 565 33.63 7.40 -16.25
N PRO A 566 33.10 6.17 -16.11
CA PRO A 566 33.95 4.99 -16.23
C PRO A 566 34.28 4.63 -17.68
N MET A 567 33.58 5.21 -18.65
CA MET A 567 33.74 4.81 -20.04
C MET A 567 33.24 5.92 -20.95
N VAL A 568 34.15 6.54 -21.70
CA VAL A 568 33.80 7.50 -22.74
C VAL A 568 34.35 6.98 -24.06
N ILE A 569 33.50 6.92 -25.08
CA ILE A 569 33.85 6.37 -26.38
C ILE A 569 33.55 7.41 -27.44
N ILE A 570 34.56 7.80 -28.20
CA ILE A 570 34.43 8.76 -29.28
C ILE A 570 35.01 8.14 -30.54
N ARG A 571 34.19 7.97 -31.57
CA ARG A 571 34.63 7.31 -32.79
C ARG A 571 34.05 7.97 -34.02
N ASN A 572 34.82 7.94 -35.11
CA ASN A 572 34.37 8.31 -36.46
C ASN A 572 33.96 9.78 -36.54
N SER A 573 34.53 10.63 -35.69
CA SER A 573 34.06 12.00 -35.57
C SER A 573 35.03 12.99 -36.23
N PHE A 574 34.50 14.17 -36.52
CA PHE A 574 35.19 15.21 -37.28
C PHE A 574 35.20 16.50 -36.45
N PHE A 575 36.35 16.86 -35.92
CA PHE A 575 36.54 18.09 -35.16
C PHE A 575 37.39 19.03 -36.01
N HIS A 576 36.83 20.19 -36.40
CA HIS A 576 37.57 21.07 -37.27
C HIS A 576 37.17 22.52 -37.06
N ASP A 577 38.08 23.41 -37.46
CA ASP A 577 37.86 24.85 -37.50
C ASP A 577 37.35 25.39 -36.16
N MET A 578 38.21 25.24 -35.15
CA MET A 578 37.89 25.68 -33.80
C MET A 578 39.09 26.40 -33.21
N SER A 579 38.82 27.44 -32.42
CA SER A 579 39.88 28.13 -31.70
C SER A 579 40.19 27.47 -30.36
N GLY A 580 39.36 26.52 -29.92
CA GLY A 580 39.59 25.82 -28.67
C GLY A 580 40.01 24.38 -28.89
N GLU A 581 39.72 23.51 -27.93
CA GLU A 581 40.11 22.12 -28.01
C GLU A 581 38.96 21.26 -28.51
N ALA A 582 39.29 20.01 -28.86
CA ALA A 582 38.27 19.06 -29.28
C ALA A 582 37.74 18.27 -28.09
N ILE A 583 38.61 17.52 -27.41
CA ILE A 583 38.22 16.69 -26.28
C ILE A 583 39.05 17.12 -25.08
N ASN A 584 38.38 17.50 -24.00
CA ASN A 584 39.05 17.96 -22.79
C ASN A 584 38.55 17.16 -21.60
N PHE A 585 39.47 16.45 -20.94
CA PHE A 585 39.21 15.81 -19.65
C PHE A 585 40.34 16.18 -18.69
N ALA A 586 40.55 17.50 -18.54
CA ALA A 586 41.70 18.04 -17.82
C ALA A 586 41.27 19.06 -16.79
N GLY A 587 40.07 18.90 -16.22
CA GLY A 587 39.54 19.88 -15.29
C GLY A 587 40.10 19.81 -13.88
N GLU A 588 40.68 18.69 -13.49
CA GLU A 588 41.19 18.51 -12.12
C GLU A 588 42.62 19.03 -12.08
N LYS A 589 42.76 20.33 -11.85
CA LYS A 589 44.04 21.01 -11.96
C LYS A 589 44.72 21.24 -10.61
N ASP A 590 44.17 20.70 -9.52
CA ASP A 590 44.71 20.97 -8.20
C ASP A 590 45.89 20.08 -7.84
N ASP A 591 46.27 19.14 -8.71
CA ASP A 591 47.41 18.25 -8.48
C ASP A 591 47.22 17.43 -7.20
N LYS A 592 45.99 16.98 -6.95
CA LYS A 592 45.68 16.11 -5.82
C LYS A 592 45.28 14.71 -6.28
N GLY A 593 45.70 14.29 -7.47
CA GLY A 593 45.45 12.95 -7.95
C GLY A 593 44.07 12.70 -8.51
N LYS A 594 43.25 13.73 -8.68
CA LYS A 594 41.88 13.57 -9.13
C LYS A 594 41.79 13.56 -10.65
N TYR A 595 40.85 12.79 -11.18
CA TYR A 595 40.59 12.74 -12.60
C TYR A 595 39.13 12.37 -12.81
N ASN A 596 38.67 12.47 -14.07
CA ASN A 596 37.24 12.46 -14.38
C ASN A 596 36.81 11.38 -15.36
N VAL A 597 37.72 10.54 -15.84
CA VAL A 597 37.35 9.47 -16.75
C VAL A 597 38.27 8.28 -16.50
N GLU A 598 37.68 7.10 -16.35
CA GLU A 598 38.50 5.91 -16.12
C GLU A 598 39.06 5.37 -17.42
N GLU A 599 38.23 5.24 -18.45
CA GLU A 599 38.65 4.73 -19.76
C GLU A 599 38.12 5.67 -20.83
N LEU A 600 39.03 6.20 -21.64
CA LEU A 600 38.69 7.04 -22.78
C LEU A 600 39.22 6.35 -24.03
N HIS A 601 38.34 6.12 -25.00
CA HIS A 601 38.70 5.44 -26.24
C HIS A 601 38.36 6.36 -27.41
N VAL A 602 39.37 6.75 -28.17
CA VAL A 602 39.22 7.59 -29.34
C VAL A 602 39.62 6.78 -30.56
N ASP A 603 38.74 6.71 -31.55
CA ASP A 603 38.89 5.81 -32.67
C ASP A 603 38.47 6.50 -33.96
N ASN A 604 39.37 6.50 -34.95
CA ASN A 604 39.02 6.86 -36.32
C ASN A 604 38.48 8.28 -36.42
N CYS A 605 39.15 9.22 -35.74
CA CYS A 605 38.67 10.60 -35.67
C CYS A 605 39.62 11.53 -36.41
N ILE A 606 39.05 12.60 -36.97
CA ILE A 606 39.79 13.63 -37.68
C ILE A 606 39.82 14.88 -36.82
N PHE A 607 41.00 15.49 -36.71
CA PHE A 607 41.17 16.76 -36.03
C PHE A 607 41.90 17.69 -36.99
N TYR A 608 41.26 18.80 -37.34
CA TYR A 608 41.73 19.64 -38.45
C TYR A 608 41.55 21.11 -38.08
N ARG A 609 42.61 21.89 -38.22
CA ARG A 609 42.57 23.34 -38.01
C ARG A 609 41.97 23.69 -36.64
N LEU A 610 42.65 23.25 -35.60
CA LEU A 610 42.32 23.59 -34.23
C LEU A 610 43.46 24.41 -33.63
N LEU A 611 43.10 25.49 -32.93
CA LEU A 611 44.12 26.25 -32.21
C LEU A 611 44.49 25.59 -30.89
N GLY A 612 43.56 24.85 -30.29
CA GLY A 612 43.83 24.09 -29.09
C GLY A 612 44.11 22.62 -29.39
N SER A 613 44.31 21.87 -28.30
CA SER A 613 44.67 20.46 -28.41
C SER A 613 43.53 19.65 -29.02
N ALA A 614 43.90 18.60 -29.76
CA ALA A 614 42.92 17.60 -30.15
C ALA A 614 42.39 16.86 -28.94
N LEU A 615 43.25 16.60 -27.95
CA LEU A 615 42.88 15.85 -26.76
C LEU A 615 43.72 16.34 -25.60
N ASN A 616 43.08 16.59 -24.47
CA ASN A 616 43.74 17.11 -23.27
C ASN A 616 43.18 16.37 -22.07
N ILE A 617 43.97 15.42 -21.55
CA ILE A 617 43.63 14.66 -20.35
C ILE A 617 44.68 14.95 -19.30
N TYR A 618 44.24 15.11 -18.05
CA TYR A 618 45.15 15.52 -16.98
C TYR A 618 44.79 14.83 -15.67
N ARG A 619 45.80 14.24 -15.03
CA ARG A 619 45.73 13.84 -13.63
C ARG A 619 47.03 14.28 -12.99
N GLY A 620 46.94 15.20 -12.02
CA GLY A 620 48.14 15.79 -11.45
C GLY A 620 48.48 15.32 -10.05
N GLY A 621 49.72 15.50 -9.65
CA GLY A 621 50.16 15.11 -8.32
C GLY A 621 50.89 13.78 -8.32
N ASN A 622 51.23 13.35 -7.11
CA ASN A 622 51.98 12.12 -6.92
C ASN A 622 51.18 11.05 -6.18
N ASP A 623 49.86 11.18 -6.15
CA ASP A 623 49.02 10.22 -5.44
C ASP A 623 49.13 8.84 -6.06
N GLU A 624 49.18 7.81 -5.21
CA GLU A 624 49.33 6.43 -5.63
C GLU A 624 48.09 5.60 -5.31
N SER A 625 46.91 6.24 -5.26
CA SER A 625 45.69 5.60 -4.77
C SER A 625 44.71 5.21 -5.87
N THR A 626 45.00 5.51 -7.13
CA THR A 626 44.04 5.28 -8.21
C THR A 626 44.65 4.43 -9.30
N SER A 627 43.81 4.06 -10.26
CA SER A 627 44.21 3.21 -11.37
C SER A 627 44.30 3.95 -12.70
N GLY A 628 43.46 4.96 -12.92
CA GLY A 628 43.37 5.61 -14.20
C GLY A 628 43.94 7.02 -14.20
N PRO A 629 43.65 7.78 -15.27
CA PRO A 629 42.86 7.34 -16.42
C PRO A 629 43.59 6.40 -17.39
N LEU A 630 42.81 5.57 -18.09
CA LEU A 630 43.28 4.74 -19.17
C LEU A 630 42.85 5.35 -20.50
N LEU A 631 43.74 5.32 -21.50
CA LEU A 631 43.47 5.95 -22.78
C LEU A 631 43.90 5.04 -23.93
N THR A 632 43.06 4.96 -24.96
CA THR A 632 43.44 4.35 -26.23
C THR A 632 43.09 5.32 -27.35
N VAL A 633 44.05 5.56 -28.23
CA VAL A 633 43.87 6.40 -29.42
C VAL A 633 44.32 5.57 -30.62
N ASP A 634 43.42 5.39 -31.56
CA ASP A 634 43.71 4.54 -32.74
C ASP A 634 43.12 5.13 -34.02
N HIS A 635 43.94 5.13 -35.07
CA HIS A 635 43.51 5.52 -36.41
C HIS A 635 42.96 6.95 -36.45
N CYS A 636 43.66 7.88 -35.79
CA CYS A 636 43.25 9.27 -35.78
C CYS A 636 44.17 10.09 -36.67
N THR A 637 43.59 11.09 -37.33
CA THR A 637 44.33 12.00 -38.21
C THR A 637 44.33 13.38 -37.58
N ILE A 638 45.52 13.93 -37.36
CA ILE A 638 45.70 15.23 -36.74
C ILE A 638 46.41 16.11 -37.76
N GLU A 639 45.71 17.12 -38.27
CA GLU A 639 46.21 17.99 -39.33
C GLU A 639 46.03 19.44 -38.94
N ASN A 640 47.14 20.17 -38.83
CA ASN A 640 47.13 21.60 -38.51
C ASN A 640 46.42 21.86 -37.18
N VAL A 641 47.00 21.35 -36.10
CA VAL A 641 46.40 21.40 -34.78
C VAL A 641 47.41 21.95 -33.79
N ASP A 642 47.07 23.05 -33.13
CA ASP A 642 47.77 23.55 -31.95
C ASP A 642 49.27 23.74 -32.22
N ASN A 643 49.56 24.78 -33.01
CA ASN A 643 50.93 25.10 -33.37
C ASN A 643 51.49 26.27 -32.60
N LYS A 644 50.75 26.77 -31.60
CA LYS A 644 51.26 27.85 -30.77
C LYS A 644 52.45 27.37 -29.94
N GLU A 645 53.21 28.34 -29.44
CA GLU A 645 54.37 28.01 -28.62
C GLU A 645 53.94 27.24 -27.37
N GLN A 646 54.65 26.15 -27.09
CA GLN A 646 54.39 25.27 -25.94
C GLN A 646 53.00 24.63 -25.99
N GLY A 647 52.41 24.54 -27.17
CA GLY A 647 51.16 23.81 -27.30
C GLY A 647 51.39 22.31 -27.35
N SER A 648 50.29 21.57 -27.32
CA SER A 648 50.33 20.12 -27.41
C SER A 648 49.14 19.66 -28.24
N ALA A 649 49.42 19.03 -29.39
CA ALA A 649 48.33 18.45 -30.17
C ALA A 649 47.56 17.42 -29.36
N MET A 650 48.27 16.64 -28.56
CA MET A 650 47.67 15.74 -27.57
C MET A 650 48.41 15.90 -26.26
N ARG A 651 47.70 16.30 -25.22
CA ARG A 651 48.28 16.52 -23.89
C ARG A 651 47.73 15.42 -22.98
N LEU A 652 48.60 14.49 -22.60
CA LEU A 652 48.18 13.31 -21.83
C LEU A 652 48.95 13.22 -20.51
N ILE A 653 48.76 14.18 -19.63
CA ILE A 653 49.54 14.25 -18.40
C ILE A 653 48.90 13.36 -17.33
N GLY A 654 49.70 12.48 -16.76
CA GLY A 654 49.22 11.62 -15.69
C GLY A 654 48.39 10.44 -16.13
N VAL A 655 48.29 10.18 -17.43
CA VAL A 655 47.59 9.00 -17.90
C VAL A 655 48.40 7.78 -17.50
N GLN A 656 47.82 6.94 -16.64
CA GLN A 656 48.55 5.78 -16.13
C GLN A 656 48.69 4.67 -17.15
N SER A 657 47.78 4.61 -18.14
CA SER A 657 47.86 3.63 -19.21
C SER A 657 47.39 4.29 -20.49
N ALA A 658 48.28 4.41 -21.47
CA ALA A 658 47.97 5.06 -22.73
C ALA A 658 48.48 4.19 -23.88
N THR A 659 47.67 4.10 -24.94
CA THR A 659 48.02 3.36 -26.14
C THR A 659 47.63 4.21 -27.33
N VAL A 660 48.62 4.76 -28.04
CA VAL A 660 48.41 5.58 -29.23
C VAL A 660 49.01 4.82 -30.40
N THR A 661 48.15 4.39 -31.33
CA THR A 661 48.57 3.52 -32.42
C THR A 661 47.91 3.94 -33.72
N ASN A 662 48.65 3.77 -34.82
CA ASN A 662 48.10 3.88 -36.18
C ASN A 662 47.55 5.27 -36.47
N CYS A 663 48.25 6.30 -36.00
CA CYS A 663 47.81 7.67 -36.14
C CYS A 663 48.73 8.45 -37.08
N SER A 664 48.26 9.63 -37.46
CA SER A 664 48.98 10.53 -38.36
C SER A 664 48.93 11.95 -37.81
N PHE A 665 50.10 12.52 -37.56
CA PHE A 665 50.24 13.91 -37.15
C PHE A 665 50.94 14.68 -38.27
N ALA A 666 50.34 15.79 -38.69
CA ALA A 666 50.90 16.58 -39.77
C ALA A 666 50.66 18.06 -39.50
N ASN A 667 51.72 18.85 -39.55
CA ASN A 667 51.65 20.31 -39.37
C ASN A 667 50.97 20.65 -38.04
N SER A 668 51.26 19.86 -37.00
CA SER A 668 50.62 20.01 -35.71
C SER A 668 51.67 20.00 -34.60
N GLY A 669 51.37 20.73 -33.53
CA GLY A 669 52.29 20.81 -32.40
C GLY A 669 53.64 21.39 -32.73
N LYS A 670 53.73 22.22 -33.78
CA LYS A 670 55.02 22.68 -34.27
C LYS A 670 55.73 23.56 -33.25
N GLY A 671 54.99 24.24 -32.39
CA GLY A 671 55.56 25.08 -31.36
C GLY A 671 55.78 24.40 -30.03
N GLY A 672 55.47 23.12 -29.95
CA GLY A 672 55.62 22.39 -28.70
C GLY A 672 55.79 20.91 -28.94
N ALA A 673 54.72 20.14 -28.73
CA ALA A 673 54.77 18.70 -28.90
C ALA A 673 53.51 18.23 -29.61
N SER A 674 53.66 17.21 -30.44
CA SER A 674 52.48 16.54 -30.98
C SER A 674 51.81 15.68 -29.92
N ILE A 675 52.60 14.96 -29.13
CA ILE A 675 52.11 14.21 -27.98
C ILE A 675 53.02 14.53 -26.79
N ARG A 676 52.42 14.90 -25.66
CA ARG A 676 53.18 15.27 -24.48
C ARG A 676 52.78 14.38 -23.30
N PHE A 677 53.78 13.78 -22.65
CA PHE A 677 53.61 13.07 -21.40
C PHE A 677 54.45 13.73 -20.32
N ASN A 678 53.97 13.65 -19.08
CA ASN A 678 54.79 13.87 -17.88
C ASN A 678 54.51 12.66 -16.99
N GLU A 679 55.23 11.57 -17.25
CA GLU A 679 54.85 10.24 -16.80
C GLU A 679 55.71 9.78 -15.62
N MET A 680 55.15 8.82 -14.88
CA MET A 680 55.94 8.02 -13.96
C MET A 680 56.59 6.88 -14.72
N SER A 681 57.72 6.40 -14.19
CA SER A 681 58.48 5.35 -14.88
C SER A 681 57.65 4.09 -15.09
N TRP A 682 56.68 3.84 -14.22
CA TRP A 682 55.88 2.63 -14.30
C TRP A 682 54.59 2.80 -15.10
N ASP A 683 54.29 4.01 -15.59
CA ASP A 683 53.13 4.20 -16.44
C ASP A 683 53.27 3.37 -17.70
N LYS A 684 52.20 2.66 -18.07
CA LYS A 684 52.21 1.77 -19.23
C LYS A 684 51.83 2.58 -20.46
N LEU A 685 52.85 3.13 -21.12
CA LEU A 685 52.65 3.98 -22.30
C LEU A 685 53.16 3.26 -23.53
N SER A 686 52.30 3.16 -24.55
CA SER A 686 52.63 2.47 -25.79
C SER A 686 52.29 3.39 -26.95
N VAL A 687 53.32 3.95 -27.58
CA VAL A 687 53.17 4.84 -28.72
C VAL A 687 53.90 4.20 -29.89
N SER A 688 53.13 3.67 -30.85
CA SER A 688 53.71 2.96 -31.98
C SER A 688 52.87 3.23 -33.22
N TYR A 689 53.49 2.98 -34.38
CA TYR A 689 52.83 3.14 -35.67
C TYR A 689 52.25 4.55 -35.82
N ILE A 690 53.12 5.54 -35.67
CA ILE A 690 52.76 6.94 -35.75
C ILE A 690 53.53 7.57 -36.91
N ASN A 691 52.81 8.29 -37.77
CA ASN A 691 53.42 9.10 -38.81
C ASN A 691 53.42 10.55 -38.35
N LEU A 692 54.61 11.15 -38.30
CA LEU A 692 54.78 12.54 -37.88
C LEU A 692 55.43 13.30 -39.02
N TYR A 693 54.69 14.21 -39.63
CA TYR A 693 55.18 15.03 -40.73
C TYR A 693 55.10 16.49 -40.34
N ASN A 694 56.25 17.17 -40.34
CA ASN A 694 56.34 18.59 -40.01
C ASN A 694 55.58 18.91 -38.73
N SER A 695 55.82 18.11 -37.70
CA SER A 695 55.09 18.21 -36.45
C SER A 695 56.06 18.25 -35.27
N GLY A 696 55.53 18.59 -34.11
CA GLY A 696 56.33 18.62 -32.90
C GLY A 696 56.72 17.24 -32.45
N ARG A 697 57.69 17.20 -31.54
CA ARG A 697 58.22 15.93 -31.07
C ARG A 697 57.22 15.24 -30.14
N ILE A 698 57.43 13.94 -29.94
CA ILE A 698 56.71 13.20 -28.91
C ILE A 698 57.49 13.39 -27.61
N ALA A 699 56.91 14.18 -26.69
CA ALA A 699 57.63 14.64 -25.52
C ALA A 699 57.28 13.79 -24.30
N SER A 700 58.30 13.36 -23.57
CA SER A 700 58.14 12.64 -22.31
C SER A 700 59.31 12.99 -21.41
N PHE A 701 59.14 12.71 -20.12
CA PHE A 701 60.19 13.09 -19.17
C PHE A 701 61.36 12.11 -19.18
N TRP A 702 61.09 10.82 -19.34
CA TRP A 702 62.16 9.81 -19.28
C TRP A 702 62.63 9.36 -20.65
N GLY A 703 61.93 9.72 -21.71
CA GLY A 703 62.34 9.38 -23.06
C GLY A 703 62.42 7.89 -23.34
N LYS A 704 61.48 7.11 -22.81
CA LYS A 704 61.50 5.65 -22.95
C LYS A 704 60.29 5.11 -23.68
N LEU A 705 59.61 5.95 -24.46
CA LEU A 705 58.47 5.47 -25.24
C LEU A 705 58.89 4.54 -26.37
N GLY A 706 60.18 4.47 -26.68
CA GLY A 706 60.61 3.65 -27.78
C GLY A 706 60.25 4.26 -29.12
N SER A 707 60.36 3.44 -30.16
CA SER A 707 60.13 3.94 -31.51
C SER A 707 59.73 2.82 -32.46
N LYS A 708 58.65 2.12 -32.14
CA LYS A 708 58.15 1.08 -33.03
C LYS A 708 57.36 1.74 -34.15
N ASN A 709 57.91 1.71 -35.36
CA ASN A 709 57.23 2.18 -36.56
C ASN A 709 56.83 3.65 -36.47
N ILE A 710 57.83 4.49 -36.25
CA ILE A 710 57.65 5.94 -36.28
C ILE A 710 58.16 6.42 -37.64
N THR A 711 57.24 6.83 -38.50
CA THR A 711 57.56 7.28 -39.85
C THR A 711 57.32 8.77 -39.99
N ASN A 712 57.78 9.32 -41.12
CA ASN A 712 57.70 10.75 -41.39
C ASN A 712 57.34 11.01 -42.84
N TYR A 713 56.39 10.25 -43.38
CA TYR A 713 55.96 10.45 -44.76
C TYR A 713 54.99 11.62 -44.86
N ARG A 714 54.96 12.25 -46.04
CA ARG A 714 54.02 13.32 -46.28
C ARG A 714 52.64 12.74 -46.58
N PRO A 715 51.62 13.01 -45.76
CA PRO A 715 50.30 12.45 -46.04
C PRO A 715 49.70 13.05 -47.30
N GLU A 716 48.80 12.29 -47.92
CA GLU A 716 48.15 12.70 -49.17
C GLU A 716 46.66 12.39 -49.02
N TYR A 717 45.88 13.43 -48.74
CA TYR A 717 44.45 13.27 -48.56
C TYR A 717 43.73 13.26 -49.90
N VAL A 718 42.56 12.61 -49.92
CA VAL A 718 41.74 12.63 -51.12
C VAL A 718 41.28 14.05 -51.43
N ASP A 719 40.64 14.70 -50.47
CA ASP A 719 40.12 16.06 -50.68
C ASP A 719 39.88 16.69 -49.30
N ALA A 720 40.93 17.30 -48.75
CA ALA A 720 40.82 17.96 -47.46
C ALA A 720 39.90 19.18 -47.50
N ASN A 721 39.65 19.73 -48.69
CA ASN A 721 38.76 20.89 -48.78
C ASN A 721 37.31 20.51 -48.57
N THR A 722 36.90 19.31 -49.01
CA THR A 722 35.55 18.82 -48.79
C THR A 722 35.45 17.89 -47.59
N GLY A 723 36.46 17.88 -46.73
CA GLY A 723 36.42 17.09 -45.51
C GLY A 723 36.81 15.65 -45.64
N ASN A 724 37.37 15.23 -46.77
CA ASN A 724 37.78 13.84 -46.99
C ASN A 724 39.26 13.72 -46.64
N PHE A 725 39.54 13.14 -45.48
CA PHE A 725 40.91 13.02 -44.99
C PHE A 725 41.44 11.59 -45.09
N TYR A 726 40.71 10.69 -45.76
CA TYR A 726 41.29 9.40 -46.10
C TYR A 726 42.51 9.59 -46.98
N GLN A 727 43.44 8.65 -46.88
CA GLN A 727 44.62 8.66 -47.74
C GLN A 727 44.27 8.13 -49.13
N ILE A 728 44.87 8.73 -50.15
CA ILE A 728 44.76 8.15 -51.48
C ILE A 728 45.48 6.81 -51.52
N SER A 729 45.07 5.95 -52.47
CA SER A 729 45.56 4.57 -52.48
C SER A 729 47.07 4.51 -52.68
N THR A 730 47.64 5.51 -53.34
CA THR A 730 49.08 5.54 -53.60
C THR A 730 49.87 6.24 -52.51
N SER A 731 49.23 6.67 -51.43
CA SER A 731 49.94 7.37 -50.38
C SER A 731 50.81 6.40 -49.57
N PRO A 732 52.00 6.82 -49.14
CA PRO A 732 52.83 5.93 -48.33
C PRO A 732 52.24 5.62 -46.97
N LEU A 733 51.24 6.38 -46.52
CA LEU A 733 50.52 6.05 -45.30
C LEU A 733 49.54 4.90 -45.47
N SER A 734 49.29 4.47 -46.72
CA SER A 734 48.32 3.40 -46.97
C SER A 734 48.88 2.06 -46.52
N ASN A 735 48.06 1.27 -45.82
CA ASN A 735 48.36 -0.11 -45.45
C ASN A 735 49.57 -0.24 -44.54
N LYS A 736 49.95 0.84 -43.85
CA LYS A 736 51.11 0.82 -42.98
C LYS A 736 50.74 0.73 -41.50
N ALA A 737 49.45 0.73 -41.17
CA ALA A 737 49.05 0.54 -39.78
C ALA A 737 49.34 -0.89 -39.34
N SER A 738 49.32 -1.09 -38.01
CA SER A 738 49.63 -2.42 -37.47
C SER A 738 48.58 -3.45 -37.87
N ASP A 739 47.35 -3.01 -38.14
CA ASP A 739 46.31 -3.89 -38.66
C ASP A 739 46.25 -3.90 -40.18
N LYS A 740 47.33 -3.48 -40.84
CA LYS A 740 47.46 -3.40 -42.29
C LYS A 740 46.49 -2.42 -42.92
N LYS A 741 45.76 -1.64 -42.13
CA LYS A 741 44.93 -0.56 -42.63
C LYS A 741 45.79 0.69 -42.77
N ASP A 742 45.17 1.85 -42.93
CA ASP A 742 45.91 3.08 -43.16
C ASP A 742 46.32 3.74 -41.85
N LEU A 743 47.50 4.37 -41.86
CA LEU A 743 47.86 5.28 -40.78
C LEU A 743 46.93 6.48 -40.79
N GLY A 744 46.40 6.82 -39.63
CA GLY A 744 45.34 7.81 -39.55
C GLY A 744 43.98 7.16 -39.71
N ILE A 745 42.98 7.99 -40.04
CA ILE A 745 41.65 7.47 -40.27
C ILE A 745 41.67 6.53 -41.47
N THR A 746 40.78 5.54 -41.46
CA THR A 746 40.87 4.46 -42.43
C THR A 746 39.51 3.79 -42.60
N GLN A 747 39.37 3.10 -43.74
CA GLN A 747 38.24 2.24 -44.05
C GLN A 747 36.89 2.89 -43.79
N ARG B 13 -18.59 2.82 -12.27
CA ARG B 13 -17.49 2.85 -13.23
C ARG B 13 -16.75 1.51 -13.25
N THR B 14 -16.92 0.73 -12.20
CA THR B 14 -16.15 -0.49 -12.00
C THR B 14 -17.08 -1.62 -11.57
N ILE B 15 -16.92 -2.79 -12.19
CA ILE B 15 -17.81 -3.92 -11.97
C ILE B 15 -17.00 -5.11 -11.46
N ASP B 16 -17.72 -6.13 -11.00
CA ASP B 16 -17.14 -7.39 -10.58
C ASP B 16 -16.98 -8.32 -11.77
N LEU B 17 -15.94 -9.17 -11.71
CA LEU B 17 -15.64 -10.05 -12.84
C LEU B 17 -16.77 -11.03 -13.12
N ASN B 18 -17.52 -11.41 -12.09
CA ASN B 18 -18.66 -12.31 -12.30
C ASN B 18 -19.80 -11.64 -13.03
N SER B 19 -19.81 -10.31 -13.12
CA SER B 19 -20.78 -9.58 -13.92
C SER B 19 -20.25 -9.27 -15.31
N LEU B 20 -19.12 -9.85 -15.71
CA LEU B 20 -18.50 -9.54 -16.99
C LEU B 20 -19.42 -9.90 -18.16
N GLN B 21 -19.95 -11.12 -18.15
CA GLN B 21 -20.74 -11.60 -19.28
C GLN B 21 -22.01 -10.77 -19.46
N SER B 22 -22.72 -10.49 -18.37
CA SER B 22 -23.95 -9.71 -18.48
C SER B 22 -23.67 -8.29 -18.93
N THR B 23 -22.62 -7.67 -18.39
CA THR B 23 -22.29 -6.31 -18.76
C THR B 23 -21.83 -6.21 -20.21
N LEU B 24 -21.07 -7.21 -20.69
CA LEU B 24 -20.57 -7.17 -22.06
C LEU B 24 -21.68 -7.35 -23.07
N GLU B 25 -22.63 -8.25 -22.80
CA GLU B 25 -23.75 -8.45 -23.71
C GLU B 25 -24.58 -7.19 -23.86
N LYS B 26 -24.76 -6.43 -22.77
CA LYS B 26 -25.51 -5.18 -22.82
C LYS B 26 -24.65 -4.00 -23.27
N ALA B 27 -23.35 -4.18 -23.42
CA ALA B 27 -22.48 -3.06 -23.76
C ALA B 27 -22.64 -2.67 -25.22
N GLY B 28 -22.22 -1.44 -25.53
CA GLY B 28 -22.29 -0.93 -26.88
C GLY B 28 -20.93 -0.54 -27.40
N PRO B 29 -20.86 -0.21 -28.69
CA PRO B 29 -19.56 0.14 -29.30
C PRO B 29 -18.98 1.41 -28.67
N GLY B 30 -17.72 1.32 -28.25
CA GLY B 30 -17.05 2.43 -27.61
C GLY B 30 -17.16 2.48 -26.11
N ASP B 31 -17.71 1.44 -25.48
CA ASP B 31 -17.83 1.37 -24.04
C ASP B 31 -16.60 0.73 -23.42
N THR B 32 -16.15 1.29 -22.30
CA THR B 32 -15.08 0.71 -21.52
C THR B 32 -15.64 0.11 -20.25
N ILE B 33 -15.34 -1.16 -20.01
CA ILE B 33 -15.80 -1.89 -18.83
C ILE B 33 -14.59 -2.13 -17.94
N TYR B 34 -14.60 -1.53 -16.76
CA TYR B 34 -13.50 -1.65 -15.82
C TYR B 34 -13.78 -2.77 -14.83
N ILE B 35 -12.78 -3.62 -14.59
CA ILE B 35 -12.89 -4.76 -13.69
C ILE B 35 -12.26 -4.39 -12.35
N LYS B 36 -12.98 -4.65 -11.27
CA LYS B 36 -12.49 -4.31 -9.94
C LYS B 36 -11.24 -5.11 -9.60
N SER B 37 -10.30 -4.46 -8.93
CA SER B 37 -9.11 -5.15 -8.46
C SER B 37 -9.49 -6.23 -7.45
N GLY B 38 -8.86 -7.39 -7.57
CA GLY B 38 -9.13 -8.48 -6.65
C GLY B 38 -8.73 -9.80 -7.26
N THR B 39 -8.89 -10.84 -6.45
CA THR B 39 -8.54 -12.20 -6.84
C THR B 39 -9.83 -12.99 -7.06
N TYR B 40 -10.02 -13.48 -8.27
CA TYR B 40 -11.19 -14.27 -8.64
C TYR B 40 -10.76 -15.71 -8.84
N THR B 41 -11.44 -16.63 -8.16
CA THR B 41 -11.06 -18.03 -8.12
C THR B 41 -12.19 -18.90 -8.67
N ASN B 42 -11.83 -19.88 -9.51
CA ASN B 42 -12.78 -20.83 -10.08
C ASN B 42 -13.86 -20.10 -10.89
N ILE B 43 -13.42 -19.39 -11.92
CA ILE B 43 -14.32 -18.60 -12.76
C ILE B 43 -14.03 -18.91 -14.21
N GLN B 44 -15.07 -19.30 -14.95
CA GLN B 44 -14.95 -19.65 -16.36
C GLN B 44 -15.73 -18.62 -17.17
N LEU B 45 -15.01 -17.65 -17.73
CA LEU B 45 -15.63 -16.56 -18.46
C LEU B 45 -16.08 -17.02 -19.84
N GLN B 46 -17.37 -16.85 -20.13
CA GLN B 46 -17.94 -17.11 -21.44
C GLN B 46 -18.48 -15.78 -21.95
N LEU B 47 -17.62 -15.05 -22.67
CA LEU B 47 -17.89 -13.67 -23.04
C LEU B 47 -18.36 -13.56 -24.48
N GLU B 48 -19.28 -12.62 -24.71
CA GLU B 48 -19.74 -12.29 -26.04
C GLU B 48 -20.11 -10.81 -26.06
N GLY B 49 -19.55 -10.08 -27.02
CA GLY B 49 -19.83 -8.66 -27.14
C GLY B 49 -19.66 -8.21 -28.58
N TYR B 50 -20.18 -7.01 -28.86
CA TYR B 50 -20.22 -6.52 -30.24
C TYR B 50 -19.94 -5.03 -30.27
N GLY B 51 -18.71 -4.67 -30.67
CA GLY B 51 -18.38 -3.32 -31.05
C GLY B 51 -18.37 -3.13 -32.55
N LYS B 52 -17.93 -1.96 -32.97
CA LYS B 52 -17.80 -1.64 -34.39
C LYS B 52 -16.36 -1.25 -34.69
N VAL B 53 -16.05 -1.15 -35.99
CA VAL B 53 -14.69 -0.81 -36.40
C VAL B 53 -14.32 0.57 -35.85
N GLU B 54 -13.15 0.67 -35.23
CA GLU B 54 -12.66 1.87 -34.55
C GLU B 54 -13.55 2.30 -33.40
N GLU B 55 -14.48 1.44 -32.96
CA GLU B 55 -15.30 1.69 -31.78
C GLU B 55 -15.43 0.41 -30.97
N PRO B 56 -14.31 -0.15 -30.52
CA PRO B 56 -14.36 -1.44 -29.83
C PRO B 56 -14.89 -1.30 -28.41
N ILE B 57 -15.31 -2.44 -27.87
CA ILE B 57 -15.65 -2.53 -26.45
C ILE B 57 -14.40 -3.00 -25.72
N VAL B 58 -13.97 -2.22 -24.72
CA VAL B 58 -12.71 -2.44 -24.03
C VAL B 58 -13.02 -2.92 -22.62
N VAL B 59 -12.70 -4.18 -22.34
CA VAL B 59 -12.74 -4.73 -20.99
C VAL B 59 -11.34 -4.56 -20.40
N MET B 60 -11.23 -3.69 -19.40
CA MET B 60 -9.93 -3.30 -18.87
C MET B 60 -9.94 -3.42 -17.35
N ALA B 61 -8.83 -3.92 -16.80
CA ALA B 61 -8.68 -3.94 -15.35
C ALA B 61 -8.61 -2.50 -14.84
N GLN B 62 -9.30 -2.26 -13.71
CA GLN B 62 -9.24 -0.94 -13.09
C GLN B 62 -7.81 -0.49 -12.86
N GLN B 63 -6.94 -1.41 -12.44
CA GLN B 63 -5.50 -1.19 -12.44
C GLN B 63 -4.86 -2.44 -13.04
N PRO B 64 -4.23 -2.34 -14.20
CA PRO B 64 -3.66 -3.53 -14.84
C PRO B 64 -2.66 -4.23 -13.92
N GLY B 65 -2.79 -5.55 -13.83
CA GLY B 65 -1.99 -6.34 -12.92
C GLY B 65 -2.60 -6.53 -11.55
N SER B 66 -3.75 -5.93 -11.27
CA SER B 66 -4.41 -6.06 -9.98
C SER B 66 -5.68 -6.92 -10.05
N VAL B 67 -5.95 -7.54 -11.20
CA VAL B 67 -7.05 -8.46 -11.36
C VAL B 67 -6.45 -9.84 -11.61
N PHE B 68 -6.51 -10.70 -10.59
CA PHE B 68 -5.94 -12.03 -10.66
C PHE B 68 -7.05 -13.05 -10.92
N ILE B 69 -6.80 -13.96 -11.85
CA ILE B 69 -7.69 -15.09 -12.13
C ILE B 69 -6.96 -16.36 -11.74
N GLU B 70 -7.48 -17.06 -10.74
CA GLU B 70 -6.81 -18.20 -10.14
C GLU B 70 -7.77 -19.38 -10.07
N GLY B 71 -7.25 -20.51 -9.59
CA GLY B 71 -8.07 -21.70 -9.44
C GLY B 71 -8.45 -22.32 -10.78
N VAL B 72 -9.54 -23.07 -10.76
CA VAL B 72 -10.04 -23.77 -11.94
C VAL B 72 -10.74 -22.76 -12.84
N SER B 73 -10.00 -22.17 -13.76
CA SER B 73 -10.49 -21.02 -14.52
C SER B 73 -10.03 -21.08 -15.96
N ASN B 74 -10.79 -20.40 -16.83
CA ASN B 74 -10.42 -20.21 -18.23
C ASN B 74 -11.29 -19.09 -18.79
N LEU B 75 -11.10 -18.80 -20.07
CA LEU B 75 -11.80 -17.70 -20.73
C LEU B 75 -12.19 -18.13 -22.14
N ARG B 76 -13.39 -17.74 -22.56
CA ARG B 76 -13.88 -17.95 -23.91
C ARG B 76 -14.48 -16.65 -24.43
N LEU B 77 -14.10 -16.26 -25.64
CA LEU B 77 -14.51 -14.97 -26.19
C LEU B 77 -15.01 -15.15 -27.61
N CYS B 78 -16.15 -14.53 -27.91
CA CYS B 78 -16.67 -14.49 -29.27
C CYS B 78 -17.36 -13.16 -29.49
N GLY B 79 -17.66 -12.87 -30.75
CA GLY B 79 -18.25 -11.60 -31.14
C GLY B 79 -17.35 -10.86 -32.11
N GLU B 80 -17.46 -9.52 -32.07
CA GLU B 80 -16.68 -8.67 -32.95
C GLU B 80 -16.18 -7.46 -32.17
N TYR B 81 -14.96 -7.03 -32.49
CA TYR B 81 -14.41 -5.75 -32.03
C TYR B 81 -14.52 -5.59 -30.52
N VAL B 82 -14.00 -6.57 -29.80
CA VAL B 82 -13.97 -6.56 -28.34
C VAL B 82 -12.53 -6.76 -27.88
N GLU B 83 -12.07 -5.90 -26.98
CA GLU B 83 -10.71 -5.95 -26.47
C GLU B 83 -10.72 -6.25 -24.97
N ILE B 84 -9.82 -7.13 -24.54
CA ILE B 84 -9.63 -7.47 -23.14
C ILE B 84 -8.22 -7.05 -22.73
N ASN B 85 -8.13 -6.34 -21.60
CA ASN B 85 -6.87 -5.70 -21.20
C ASN B 85 -6.68 -5.85 -19.69
N GLY B 86 -5.55 -6.44 -19.29
CA GLY B 86 -5.08 -6.33 -17.93
C GLY B 86 -5.29 -7.51 -17.00
N LEU B 87 -5.55 -8.70 -17.52
CA LEU B 87 -5.80 -9.86 -16.67
C LEU B 87 -4.51 -10.60 -16.37
N HIS B 88 -4.41 -11.14 -15.16
CA HIS B 88 -3.24 -11.89 -14.71
C HIS B 88 -3.69 -13.29 -14.27
N PHE B 89 -3.41 -14.29 -15.12
CA PHE B 89 -3.70 -15.67 -14.81
C PHE B 89 -2.53 -16.29 -14.07
N ARG B 90 -2.82 -16.95 -12.94
CA ARG B 90 -1.80 -17.58 -12.12
C ARG B 90 -2.50 -18.43 -11.07
N ASN B 91 -1.73 -19.34 -10.47
CA ASN B 91 -2.19 -20.15 -9.35
C ASN B 91 -3.49 -20.88 -9.69
N GLY B 92 -3.43 -21.65 -10.78
CA GLY B 92 -4.62 -22.38 -11.22
C GLY B 92 -4.33 -23.10 -12.51
N TYR B 93 -5.39 -23.66 -13.09
CA TYR B 93 -5.27 -24.41 -14.33
C TYR B 93 -6.62 -24.38 -15.05
N THR B 94 -6.59 -24.64 -16.36
CA THR B 94 -7.83 -24.69 -17.12
C THR B 94 -8.43 -26.09 -17.06
N PRO B 95 -9.72 -26.22 -16.76
CA PRO B 95 -10.31 -27.57 -16.62
C PRO B 95 -10.57 -28.28 -17.92
N LYS B 96 -10.77 -27.55 -19.03
CA LYS B 96 -11.20 -28.20 -20.27
C LYS B 96 -10.27 -27.86 -21.43
N GLY B 97 -10.63 -26.86 -22.22
CA GLY B 97 -9.82 -26.49 -23.35
C GLY B 97 -8.62 -25.66 -22.96
N ALA B 98 -8.31 -24.63 -23.74
CA ALA B 98 -7.21 -23.75 -23.42
C ALA B 98 -7.60 -22.78 -22.30
N VAL B 99 -6.62 -22.01 -21.84
CA VAL B 99 -6.90 -20.95 -20.87
C VAL B 99 -7.68 -19.84 -21.53
N ILE B 100 -7.28 -19.45 -22.74
CA ILE B 100 -7.93 -18.39 -23.49
C ILE B 100 -8.22 -18.90 -24.89
N GLU B 101 -9.48 -18.81 -25.31
CA GLU B 101 -9.87 -19.24 -26.64
C GLU B 101 -10.65 -18.13 -27.32
N PHE B 102 -10.26 -17.79 -28.54
CA PHE B 102 -11.00 -16.82 -29.36
C PHE B 102 -12.25 -17.43 -29.97
N ARG B 103 -12.94 -18.28 -29.21
CA ARG B 103 -14.20 -18.85 -29.63
C ARG B 103 -15.03 -19.14 -28.38
N ASN B 104 -16.33 -19.35 -28.59
CA ASN B 104 -17.24 -19.63 -27.49
C ASN B 104 -18.30 -20.60 -28.04
N GLY B 105 -18.17 -21.87 -27.70
CA GLY B 105 -19.02 -22.87 -28.33
C GLY B 105 -18.75 -22.91 -29.82
N GLU B 106 -19.81 -22.79 -30.61
CA GLU B 106 -19.68 -22.73 -32.05
C GLU B 106 -19.46 -21.32 -32.57
N LYS B 107 -19.62 -20.31 -31.72
CA LYS B 107 -19.36 -18.94 -32.12
C LYS B 107 -17.87 -18.65 -32.11
N VAL B 108 -17.50 -17.56 -32.79
CA VAL B 108 -16.10 -17.27 -33.09
C VAL B 108 -15.85 -15.78 -32.88
N ALA B 109 -14.66 -15.45 -32.38
CA ALA B 109 -14.24 -14.07 -32.21
C ALA B 109 -13.60 -13.54 -33.49
N ASN B 110 -14.07 -12.38 -33.95
CA ASN B 110 -13.49 -11.68 -35.09
C ASN B 110 -13.10 -10.27 -34.67
N ASN B 111 -11.97 -9.79 -35.18
CA ASN B 111 -11.50 -8.42 -34.92
C ASN B 111 -11.40 -8.13 -33.44
N CYS B 112 -11.15 -9.15 -32.63
CA CYS B 112 -11.01 -9.00 -31.20
C CYS B 112 -9.53 -8.99 -30.82
N ARG B 113 -9.25 -8.49 -29.62
CA ARG B 113 -7.86 -8.28 -29.21
C ARG B 113 -7.71 -8.57 -27.73
N ILE B 114 -6.63 -9.27 -27.37
CA ILE B 114 -6.30 -9.54 -25.97
C ILE B 114 -4.90 -9.02 -25.73
N THR B 115 -4.77 -8.02 -24.86
CA THR B 115 -3.53 -7.31 -24.69
C THR B 115 -3.27 -7.05 -23.21
N ASP B 116 -2.00 -6.82 -22.89
CA ASP B 116 -1.58 -6.48 -21.53
C ASP B 116 -2.05 -7.51 -20.51
N CYS B 117 -2.01 -8.78 -20.90
CA CYS B 117 -2.40 -9.88 -20.03
C CYS B 117 -1.20 -10.76 -19.72
N VAL B 118 -1.35 -11.60 -18.71
CA VAL B 118 -0.28 -12.48 -18.26
C VAL B 118 -0.87 -13.85 -17.93
N ILE B 119 -0.26 -14.91 -18.47
CA ILE B 119 -0.48 -16.27 -18.00
C ILE B 119 0.83 -16.74 -17.38
N ASP B 120 0.81 -17.01 -16.09
CA ASP B 120 2.02 -17.17 -15.28
C ASP B 120 1.95 -18.51 -14.54
N TYR B 121 2.61 -19.53 -15.09
CA TYR B 121 2.69 -20.85 -14.48
C TYR B 121 1.30 -21.39 -14.13
N PHE B 122 0.37 -21.24 -15.07
CA PHE B 122 -1.01 -21.68 -14.90
C PHE B 122 -1.09 -23.18 -15.16
N ASN B 123 -0.44 -23.95 -14.28
CA ASN B 123 -0.30 -25.39 -14.41
C ASN B 123 -1.06 -26.13 -13.32
N PRO B 124 -1.58 -27.33 -13.62
CA PRO B 124 -2.12 -28.19 -12.57
C PRO B 124 -1.01 -28.84 -11.75
N ILE B 125 -1.34 -29.90 -11.00
CA ILE B 125 -0.36 -30.53 -10.12
C ILE B 125 0.27 -31.78 -10.70
N ASP B 126 -0.28 -32.34 -11.78
CA ASP B 126 0.22 -33.57 -12.36
C ASP B 126 0.61 -33.35 -13.82
N ARG B 127 1.71 -34.00 -14.21
CA ARG B 127 2.27 -33.82 -15.55
C ARG B 127 1.44 -34.53 -16.62
N GLY B 128 0.71 -35.58 -16.25
CA GLY B 128 0.07 -36.43 -17.23
C GLY B 128 -1.18 -35.86 -17.88
N VAL B 129 -1.11 -34.62 -18.37
CA VAL B 129 -2.21 -33.99 -19.08
C VAL B 129 -1.63 -33.26 -20.29
N SER B 130 -2.51 -32.89 -21.21
CA SER B 130 -2.12 -32.20 -22.43
C SER B 130 -3.18 -31.18 -22.82
N GLY B 131 -2.74 -30.01 -23.23
CA GLY B 131 -3.65 -28.95 -23.63
C GLY B 131 -2.88 -27.70 -23.98
N SER B 132 -3.61 -26.74 -24.52
CA SER B 132 -3.05 -25.46 -24.93
C SER B 132 -3.37 -24.38 -23.89
N TRP B 133 -2.73 -23.23 -24.04
CA TRP B 133 -3.03 -22.06 -23.22
C TRP B 133 -3.83 -21.00 -23.97
N ILE B 134 -3.51 -20.74 -25.24
CA ILE B 134 -4.22 -19.76 -26.05
C ILE B 134 -4.51 -20.38 -27.41
N LEU B 135 -5.76 -20.29 -27.84
CA LEU B 135 -6.20 -20.84 -29.12
C LEU B 135 -6.83 -19.74 -29.95
N LEU B 136 -6.31 -19.53 -31.15
CA LEU B 136 -6.81 -18.50 -32.06
C LEU B 136 -7.78 -19.11 -33.06
N TYR B 137 -8.97 -18.52 -33.16
CA TYR B 137 -9.97 -18.86 -34.16
C TYR B 137 -10.37 -17.58 -34.89
N GLY B 138 -11.16 -17.74 -35.95
CA GLY B 138 -11.70 -16.59 -36.64
C GLY B 138 -10.68 -15.83 -37.46
N ARG B 139 -10.94 -14.54 -37.65
CA ARG B 139 -10.12 -13.71 -38.52
C ARG B 139 -9.83 -12.37 -37.85
N ASN B 140 -8.68 -11.81 -38.18
CA ASN B 140 -8.31 -10.43 -37.85
C ASN B 140 -8.31 -10.18 -36.35
N ASN B 141 -7.98 -11.21 -35.56
CA ASN B 141 -7.78 -11.04 -34.13
C ASN B 141 -6.34 -10.62 -33.85
N ARG B 142 -6.09 -10.19 -32.61
CA ARG B 142 -4.77 -9.71 -32.22
C ARG B 142 -4.45 -10.18 -30.81
N LEU B 143 -3.21 -10.65 -30.64
CA LEU B 143 -2.69 -11.07 -29.33
C LEU B 143 -1.35 -10.35 -29.15
N ASP B 144 -1.36 -9.26 -28.39
CA ASP B 144 -0.22 -8.37 -28.34
C ASP B 144 0.08 -7.96 -26.90
N HIS B 145 1.35 -7.69 -26.65
CA HIS B 145 1.82 -7.12 -25.38
C HIS B 145 1.36 -7.96 -24.19
N ASN B 146 1.51 -9.27 -24.31
CA ASN B 146 1.21 -10.21 -23.24
C ASN B 146 2.48 -10.90 -22.78
N SER B 147 2.46 -11.41 -21.55
CA SER B 147 3.56 -12.17 -20.99
C SER B 147 3.07 -13.57 -20.68
N ILE B 148 3.57 -14.56 -21.43
CA ILE B 148 3.17 -15.95 -21.29
C ILE B 148 4.40 -16.77 -20.94
N LEU B 149 4.34 -17.49 -19.82
CA LEU B 149 5.54 -18.16 -19.33
C LEU B 149 5.15 -19.27 -18.36
N GLY B 150 6.01 -20.28 -18.28
CA GLY B 150 5.90 -21.28 -17.24
C GLY B 150 4.96 -22.43 -17.50
N LYS B 151 4.71 -22.78 -18.76
CA LYS B 151 3.89 -23.95 -19.05
C LYS B 151 4.70 -25.21 -18.80
N LEU B 152 4.18 -26.10 -17.95
CA LEU B 152 4.93 -27.25 -17.47
C LEU B 152 4.34 -28.57 -17.93
N TYR B 153 3.32 -28.56 -18.78
CA TYR B 153 2.74 -29.80 -19.28
C TYR B 153 2.66 -29.74 -20.81
N ALA B 154 2.35 -30.89 -21.40
CA ALA B 154 2.38 -31.05 -22.85
C ALA B 154 1.28 -30.22 -23.52
N GLY B 155 1.51 -29.90 -24.78
CA GLY B 155 0.58 -29.10 -25.55
C GLY B 155 1.19 -27.79 -26.00
N VAL B 156 0.89 -27.36 -27.21
CA VAL B 156 1.41 -26.10 -27.72
C VAL B 156 0.83 -24.95 -26.92
N THR B 157 1.69 -23.99 -26.56
CA THR B 157 1.25 -22.87 -25.75
C THR B 157 0.20 -22.02 -26.47
N LEU B 158 0.50 -21.61 -27.69
CA LEU B 158 -0.41 -20.80 -28.49
C LEU B 158 -0.54 -21.45 -29.87
N ALA B 159 -1.78 -21.74 -30.27
CA ALA B 159 -2.02 -22.35 -31.57
C ALA B 159 -3.04 -21.54 -32.35
N VAL B 160 -2.79 -21.39 -33.65
CA VAL B 160 -3.76 -20.84 -34.59
C VAL B 160 -4.48 -22.00 -35.24
N ILE B 161 -5.78 -22.09 -35.02
CA ILE B 161 -6.59 -23.19 -35.54
C ILE B 161 -7.20 -22.77 -36.88
N LEU B 162 -7.20 -23.70 -37.84
CA LEU B 162 -7.66 -23.46 -39.20
C LEU B 162 -8.74 -24.45 -39.59
N ASN B 163 -9.65 -24.73 -38.68
CA ASN B 163 -10.68 -25.77 -38.91
C ASN B 163 -11.64 -25.41 -40.06
N GLY B 164 -12.16 -24.21 -40.05
CA GLY B 164 -13.09 -23.80 -41.11
C GLY B 164 -12.58 -22.62 -41.90
N GLU B 165 -13.30 -22.26 -42.94
CA GLU B 165 -12.98 -21.12 -43.82
C GLU B 165 -12.87 -19.84 -43.01
N GLY B 166 -13.76 -19.64 -42.03
CA GLY B 166 -13.79 -18.52 -41.08
C GLY B 166 -12.54 -18.42 -40.20
N ASP B 167 -11.77 -19.47 -40.04
CA ASP B 167 -10.49 -19.45 -39.30
C ASP B 167 -9.30 -19.19 -40.24
N ARG B 168 -9.45 -19.39 -41.53
CA ARG B 168 -8.31 -19.25 -42.44
C ARG B 168 -8.33 -17.89 -43.12
N ASN B 169 -7.20 -17.54 -43.75
CA ASN B 169 -6.96 -16.20 -44.25
C ASN B 169 -7.20 -15.18 -43.14
N ASN B 170 -6.68 -15.48 -41.95
CA ASN B 170 -7.12 -14.81 -40.74
C ASN B 170 -6.45 -13.45 -40.53
N ASN B 171 -5.21 -13.28 -41.00
CA ASN B 171 -4.42 -12.07 -40.74
C ASN B 171 -4.25 -11.83 -39.25
N HIS B 172 -4.24 -12.90 -38.44
CA HIS B 172 -4.01 -12.76 -37.01
C HIS B 172 -2.67 -12.09 -36.75
N ARG B 173 -2.66 -11.14 -35.82
CA ARG B 173 -1.43 -10.45 -35.43
C ARG B 173 -1.04 -10.87 -34.03
N ILE B 174 0.06 -11.62 -33.94
CA ILE B 174 0.68 -11.99 -32.68
C ILE B 174 1.96 -11.17 -32.59
N ASP B 175 1.90 -10.05 -31.87
CA ASP B 175 2.99 -9.10 -31.86
C ASP B 175 3.36 -8.70 -30.44
N HIS B 176 4.63 -8.30 -30.26
CA HIS B 176 5.12 -7.65 -29.04
C HIS B 176 4.82 -8.45 -27.79
N ASN B 177 4.72 -9.77 -27.91
CA ASN B 177 4.53 -10.63 -26.75
C ASN B 177 5.86 -11.10 -26.20
N TYR B 178 5.89 -11.36 -24.91
CA TYR B 178 7.05 -11.99 -24.26
C TYR B 178 6.68 -13.44 -23.99
N PHE B 179 7.21 -14.34 -24.80
CA PHE B 179 7.04 -15.77 -24.59
C PHE B 179 8.22 -16.24 -23.73
N GLY B 180 7.95 -16.43 -22.44
CA GLY B 180 8.99 -16.72 -21.48
C GLY B 180 9.29 -18.20 -21.34
N GLU B 181 9.83 -18.55 -20.18
CA GLU B 181 10.36 -19.88 -19.91
C GLU B 181 9.35 -20.97 -20.26
N ARG B 182 9.78 -21.90 -21.10
CA ARG B 182 9.11 -23.19 -21.27
C ARG B 182 10.17 -24.26 -21.12
N PRO B 183 10.23 -24.95 -19.99
CA PRO B 183 11.28 -25.94 -19.77
C PRO B 183 11.12 -27.14 -20.70
N ILE B 184 12.19 -27.92 -20.80
CA ILE B 184 12.22 -29.07 -21.70
C ILE B 184 11.12 -30.05 -21.30
N LEU B 185 10.24 -30.36 -22.26
CA LEU B 185 9.12 -31.24 -21.97
C LEU B 185 9.57 -32.70 -21.88
N GLY B 186 10.60 -33.08 -22.63
CA GLY B 186 10.97 -34.48 -22.70
C GLY B 186 10.08 -35.28 -23.62
N SER B 187 9.45 -34.63 -24.59
CA SER B 187 8.52 -35.27 -25.51
C SER B 187 8.17 -34.28 -26.62
N ASN B 188 7.59 -34.80 -27.69
CA ASN B 188 6.96 -33.95 -28.69
C ASN B 188 5.73 -33.28 -28.09
N GLY B 189 5.32 -32.16 -28.68
CA GLY B 189 4.18 -31.41 -28.17
C GLY B 189 4.53 -30.33 -27.19
N GLY B 190 5.68 -29.67 -27.35
CA GLY B 190 6.07 -28.61 -26.45
C GLY B 190 6.34 -27.30 -27.18
N GLU B 191 5.73 -27.13 -28.35
CA GLU B 191 5.90 -25.92 -29.13
C GLU B 191 5.35 -24.72 -28.37
N THR B 192 5.86 -23.54 -28.73
CA THR B 192 5.34 -22.30 -28.17
C THR B 192 4.28 -21.68 -29.06
N ILE B 193 4.49 -21.69 -30.38
CA ILE B 193 3.49 -21.25 -31.35
C ILE B 193 3.36 -22.32 -32.43
N ARG B 194 2.12 -22.65 -32.78
CA ARG B 194 1.82 -23.52 -33.91
C ARG B 194 0.73 -22.88 -34.76
N VAL B 195 0.99 -22.74 -36.06
CA VAL B 195 0.05 -22.14 -36.99
C VAL B 195 -0.41 -23.24 -37.94
N GLY B 196 -1.56 -23.85 -37.63
CA GLY B 196 -2.11 -24.90 -38.46
C GLY B 196 -1.55 -26.27 -38.14
N THR B 197 -2.07 -27.26 -38.86
CA THR B 197 -1.58 -28.64 -38.80
C THR B 197 -1.41 -29.15 -40.22
N SER B 198 -0.97 -30.41 -40.33
CA SER B 198 -0.75 -30.99 -41.66
C SER B 198 -2.03 -31.11 -42.47
N HIS B 199 -3.20 -31.10 -41.82
CA HIS B 199 -4.45 -31.32 -42.54
C HIS B 199 -4.82 -30.12 -43.41
N HIS B 200 -4.61 -28.89 -42.91
CA HIS B 200 -4.92 -27.69 -43.67
C HIS B 200 -3.65 -26.92 -44.05
N ALA B 201 -2.55 -27.63 -44.28
CA ALA B 201 -1.27 -26.96 -44.52
C ALA B 201 -1.26 -26.19 -45.83
N PHE B 202 -1.94 -26.68 -46.86
CA PHE B 202 -1.96 -26.00 -48.14
C PHE B 202 -2.85 -24.77 -48.14
N PHE B 203 -3.66 -24.58 -47.11
CA PHE B 203 -4.49 -23.39 -47.02
C PHE B 203 -3.67 -22.21 -46.52
N SER B 204 -4.12 -21.01 -46.87
CA SER B 204 -3.44 -19.79 -46.47
C SER B 204 -3.95 -19.34 -45.10
N SER B 205 -3.04 -19.19 -44.15
CA SER B 205 -3.38 -18.66 -42.85
C SER B 205 -3.16 -17.15 -42.76
N ASN B 206 -2.13 -16.64 -43.43
CA ASN B 206 -1.83 -15.20 -43.46
C ASN B 206 -1.56 -14.66 -42.06
N THR B 207 -1.08 -15.51 -41.16
CA THR B 207 -0.78 -15.08 -39.80
C THR B 207 0.51 -14.28 -39.78
N VAL B 208 0.55 -13.26 -38.93
CA VAL B 208 1.71 -12.40 -38.75
C VAL B 208 2.23 -12.57 -37.33
N ILE B 209 3.46 -13.06 -37.21
CA ILE B 209 4.15 -13.21 -35.93
C ILE B 209 5.33 -12.25 -35.96
N GLU B 210 5.25 -11.16 -35.21
CA GLU B 210 6.23 -10.09 -35.35
C GLU B 210 6.56 -9.45 -34.02
N ASP B 211 7.83 -9.07 -33.85
CA ASP B 211 8.28 -8.27 -32.72
C ASP B 211 8.05 -8.95 -31.38
N ASN B 212 8.07 -10.29 -31.37
CA ASN B 212 7.93 -11.05 -30.14
C ASN B 212 9.30 -11.43 -29.59
N MET B 213 9.36 -11.61 -28.27
CA MET B 213 10.55 -12.12 -27.60
C MET B 213 10.26 -13.55 -27.12
N PHE B 214 11.01 -14.51 -27.63
CA PHE B 214 10.96 -15.89 -27.19
C PHE B 214 12.19 -16.14 -26.33
N HIS B 215 11.98 -16.32 -25.02
CA HIS B 215 13.07 -16.40 -24.05
C HIS B 215 13.02 -17.76 -23.36
N HIS B 216 14.02 -18.60 -23.61
CA HIS B 216 14.13 -19.92 -22.98
C HIS B 216 12.91 -20.79 -23.28
N CYS B 217 12.39 -20.68 -24.50
CA CYS B 217 11.33 -21.55 -24.97
C CYS B 217 11.98 -22.86 -25.40
N ASN B 218 12.04 -23.82 -24.47
CA ASN B 218 12.83 -25.03 -24.64
C ASN B 218 11.98 -26.30 -24.65
N GLY B 219 10.67 -26.17 -24.87
CA GLY B 219 9.79 -27.33 -24.79
C GLY B 219 10.20 -28.47 -25.69
N GLU B 220 10.60 -28.17 -26.92
CA GLU B 220 11.01 -29.21 -27.86
C GLU B 220 11.83 -28.54 -28.98
N VAL B 221 12.00 -29.26 -30.09
CA VAL B 221 12.81 -28.73 -31.19
C VAL B 221 12.12 -27.53 -31.83
N GLU B 222 10.79 -27.49 -31.85
CA GLU B 222 10.04 -26.43 -32.52
C GLU B 222 9.62 -25.39 -31.49
N VAL B 223 10.28 -24.23 -31.51
CA VAL B 223 9.75 -23.07 -30.79
C VAL B 223 8.50 -22.57 -31.49
N VAL B 224 8.61 -22.30 -32.80
CA VAL B 224 7.49 -21.90 -33.64
C VAL B 224 7.38 -22.94 -34.76
N SER B 225 6.23 -23.59 -34.83
CA SER B 225 5.97 -24.64 -35.82
C SER B 225 4.96 -24.10 -36.83
N ILE B 226 5.44 -23.73 -38.01
CA ILE B 226 4.57 -23.23 -39.07
C ILE B 226 4.08 -24.42 -39.88
N LYS B 227 2.77 -24.64 -39.86
CA LYS B 227 2.14 -25.76 -40.57
C LYS B 227 0.99 -25.26 -41.43
N SER B 228 1.24 -24.17 -42.15
CA SER B 228 0.28 -23.58 -43.06
C SER B 228 1.04 -22.66 -44.02
N SER B 229 0.30 -21.98 -44.88
CA SER B 229 0.89 -21.25 -46.00
C SER B 229 0.70 -19.75 -45.85
N ASP B 230 1.63 -18.99 -46.44
CA ASP B 230 1.52 -17.55 -46.61
C ASP B 230 1.54 -16.79 -45.28
N ASN B 231 2.40 -17.22 -44.36
CA ASN B 231 2.56 -16.54 -43.08
C ASN B 231 3.80 -15.64 -43.10
N ILE B 232 3.83 -14.70 -42.16
CA ILE B 232 4.93 -13.77 -42.02
C ILE B 232 5.47 -13.86 -40.60
N ILE B 233 6.75 -14.22 -40.47
CA ILE B 233 7.44 -14.29 -39.19
C ILE B 233 8.61 -13.32 -39.27
N ARG B 234 8.47 -12.14 -38.68
CA ARG B 234 9.44 -11.08 -38.90
C ARG B 234 9.77 -10.35 -37.60
N ASN B 235 11.03 -9.93 -37.51
CA ASN B 235 11.50 -9.01 -36.46
C ASN B 235 11.29 -9.56 -35.05
N ASN B 236 11.30 -10.88 -34.92
CA ASN B 236 11.25 -11.51 -33.61
C ASN B 236 12.66 -11.78 -33.09
N VAL B 237 12.74 -12.04 -31.79
CA VAL B 237 14.00 -12.41 -31.13
C VAL B 237 13.80 -13.73 -30.42
N PHE B 238 14.69 -14.68 -30.70
CA PHE B 238 14.71 -15.98 -30.03
C PHE B 238 15.98 -15.99 -29.18
N LEU B 239 15.83 -15.77 -27.87
CA LEU B 239 16.95 -15.59 -26.96
C LEU B 239 17.18 -16.90 -26.19
N GLU B 240 18.26 -17.60 -26.54
CA GLU B 240 18.70 -18.80 -25.82
C GLU B 240 17.59 -19.86 -25.76
N CYS B 241 16.88 -20.01 -26.87
CA CYS B 241 15.85 -21.04 -26.98
C CYS B 241 16.48 -22.34 -27.45
N ARG B 242 16.15 -23.43 -26.75
CA ARG B 242 16.57 -24.78 -27.14
C ARG B 242 15.58 -25.31 -28.18
N GLY B 243 15.65 -24.71 -29.36
CA GLY B 243 14.71 -25.05 -30.42
C GLY B 243 14.93 -24.17 -31.62
N ILE B 244 13.98 -24.26 -32.56
CA ILE B 244 14.10 -23.61 -33.86
C ILE B 244 12.76 -22.98 -34.24
N LEU B 245 12.81 -22.14 -35.27
CA LEU B 245 11.62 -21.81 -36.04
C LEU B 245 11.54 -22.79 -37.20
N ALA B 246 10.45 -23.54 -37.27
CA ALA B 246 10.32 -24.63 -38.23
C ALA B 246 9.29 -24.26 -39.29
N LEU B 247 9.71 -24.27 -40.55
CA LEU B 247 8.78 -24.22 -41.68
C LEU B 247 8.42 -25.66 -42.02
N ARG B 248 7.53 -26.22 -41.19
CA ARG B 248 7.35 -27.67 -41.16
C ARG B 248 6.35 -28.14 -42.22
N HIS B 249 5.19 -27.48 -42.30
CA HIS B 249 4.22 -27.70 -43.37
C HIS B 249 3.81 -26.35 -43.94
N GLY B 250 3.39 -26.36 -45.21
CA GLY B 250 2.88 -25.16 -45.84
C GLY B 250 3.91 -24.46 -46.69
N ASN B 251 3.43 -23.59 -47.58
CA ASN B 251 4.27 -22.96 -48.58
C ASN B 251 4.26 -21.44 -48.44
N ARG B 252 5.28 -20.81 -49.04
CA ARG B 252 5.32 -19.36 -49.24
C ARG B 252 5.29 -18.60 -47.90
N ASN B 253 6.12 -19.05 -46.97
CA ASN B 253 6.24 -18.39 -45.68
C ASN B 253 7.44 -17.45 -45.68
N LEU B 254 7.26 -16.26 -45.12
CA LEU B 254 8.30 -15.24 -45.06
C LEU B 254 8.93 -15.23 -43.67
N VAL B 255 10.25 -15.30 -43.63
CA VAL B 255 11.02 -15.22 -42.39
C VAL B 255 12.06 -14.13 -42.60
N GLU B 256 11.86 -12.98 -41.96
CA GLU B 256 12.79 -11.87 -42.22
C GLU B 256 12.98 -11.00 -40.99
N GLY B 257 14.20 -10.50 -40.81
CA GLY B 257 14.49 -9.59 -39.72
C GLY B 257 14.52 -10.21 -38.33
N ASN B 258 14.42 -11.53 -38.23
CA ASN B 258 14.47 -12.17 -36.93
C ASN B 258 15.91 -12.26 -36.43
N ALA B 259 16.04 -12.52 -35.14
CA ALA B 259 17.35 -12.72 -34.50
C ALA B 259 17.29 -13.98 -33.67
N PHE B 260 18.14 -14.94 -33.99
CA PHE B 260 18.28 -16.17 -33.22
C PHE B 260 19.58 -16.05 -32.42
N ILE B 261 19.46 -15.76 -31.12
CA ILE B 261 20.59 -15.47 -30.26
C ILE B 261 20.76 -16.64 -29.31
N GLY B 262 21.77 -17.47 -29.56
CA GLY B 262 21.97 -18.67 -28.75
C GLY B 262 23.02 -18.49 -27.67
N ASN B 263 23.94 -17.55 -27.87
CA ASN B 263 25.00 -17.23 -26.91
C ASN B 263 25.84 -18.46 -26.56
N GLY B 264 25.95 -19.40 -27.50
CA GLY B 264 26.74 -20.59 -27.29
C GLY B 264 26.14 -21.59 -26.34
N LEU B 265 24.86 -21.48 -26.02
CA LEU B 265 24.23 -22.43 -25.12
C LEU B 265 23.79 -23.68 -25.88
N PRO B 266 23.74 -24.83 -25.22
CA PRO B 266 23.41 -26.08 -25.92
C PRO B 266 22.04 -26.05 -26.57
N CYS B 267 21.94 -26.73 -27.72
CA CYS B 267 20.70 -27.00 -28.43
C CYS B 267 20.02 -25.75 -28.99
N THR B 268 20.76 -24.64 -29.15
CA THR B 268 20.21 -23.42 -29.71
C THR B 268 20.31 -23.47 -31.23
N GLY B 269 19.20 -23.18 -31.90
CA GLY B 269 19.11 -23.31 -33.34
C GLY B 269 18.45 -22.11 -34.00
N GLY B 270 18.27 -22.24 -35.30
CA GLY B 270 17.68 -21.17 -36.10
C GLY B 270 16.43 -21.59 -36.83
N VAL B 271 16.57 -21.93 -38.11
CA VAL B 271 15.45 -22.28 -38.97
C VAL B 271 15.69 -23.65 -39.60
N ARG B 272 14.65 -24.42 -39.66
CA ARG B 272 14.63 -25.67 -40.37
C ARG B 272 13.55 -25.55 -41.45
N ILE B 273 13.96 -25.77 -42.68
CA ILE B 273 13.14 -25.65 -43.84
C ILE B 273 12.68 -26.90 -44.55
N VAL B 274 11.40 -26.93 -44.72
CA VAL B 274 10.64 -27.90 -45.46
C VAL B 274 9.65 -27.11 -46.36
N ASN B 275 9.21 -27.74 -47.43
CA ASN B 275 8.26 -27.26 -48.39
C ASN B 275 8.81 -26.23 -49.34
N GLU B 276 7.92 -25.52 -49.98
CA GLU B 276 8.31 -24.60 -50.98
C GLU B 276 7.89 -23.19 -50.92
N GLY B 277 8.69 -22.41 -51.60
CA GLY B 277 8.45 -21.02 -51.87
C GLY B 277 8.74 -20.01 -50.85
N HIS B 278 9.47 -20.36 -49.82
CA HIS B 278 9.82 -19.46 -48.76
C HIS B 278 10.89 -18.43 -49.03
N THR B 279 10.90 -17.43 -48.20
CA THR B 279 11.88 -16.40 -48.23
C THR B 279 12.52 -16.19 -46.85
N ILE B 280 13.82 -16.31 -46.76
CA ILE B 280 14.59 -16.10 -45.55
C ILE B 280 15.52 -14.92 -45.81
N LYS B 281 15.12 -13.76 -45.31
CA LYS B 281 15.77 -12.52 -45.70
C LYS B 281 16.18 -11.73 -44.46
N GLY B 282 17.46 -11.34 -44.40
CA GLY B 282 17.88 -10.38 -43.40
C GLY B 282 17.73 -10.82 -41.96
N ASN B 283 17.94 -12.11 -41.68
CA ASN B 283 17.90 -12.61 -40.32
C ASN B 283 19.29 -12.69 -39.73
N LEU B 284 19.36 -12.73 -38.41
CA LEU B 284 20.61 -12.86 -37.68
C LEU B 284 20.62 -14.21 -36.97
N PHE B 285 21.62 -15.03 -37.28
CA PHE B 285 21.86 -16.30 -36.61
C PHE B 285 23.17 -16.17 -35.83
N TYR B 286 23.09 -16.24 -34.50
CA TYR B 286 24.19 -15.84 -33.64
C TYR B 286 24.42 -16.87 -32.54
N GLY B 287 25.64 -17.42 -32.47
CA GLY B 287 26.05 -18.31 -31.41
C GLY B 287 25.13 -19.50 -31.22
N LEU B 288 24.84 -20.22 -32.30
CA LEU B 288 23.89 -21.32 -32.28
C LEU B 288 24.66 -22.65 -32.27
N LYS B 289 24.39 -23.48 -31.26
CA LYS B 289 25.12 -24.72 -31.05
C LYS B 289 24.34 -25.96 -31.46
N GLY B 290 23.08 -25.82 -31.88
CA GLY B 290 22.28 -26.98 -32.18
C GLY B 290 22.78 -27.73 -33.39
N ASP B 291 22.52 -29.04 -33.41
CA ASP B 291 22.91 -29.90 -34.52
C ASP B 291 21.69 -30.69 -35.00
N ARG B 292 21.84 -31.29 -36.17
CA ARG B 292 20.76 -31.96 -36.90
C ARG B 292 19.50 -31.10 -36.97
N PHE B 293 18.43 -31.54 -36.33
CA PHE B 293 17.16 -30.81 -36.42
C PHE B 293 17.14 -29.57 -35.55
N PHE B 294 18.13 -29.40 -34.67
CA PHE B 294 18.29 -28.19 -33.88
C PHE B 294 19.28 -27.22 -34.52
N ALA B 295 19.67 -27.45 -35.77
CA ALA B 295 20.78 -26.73 -36.37
C ALA B 295 20.46 -25.24 -36.54
N ALA B 296 21.52 -24.45 -36.67
CA ALA B 296 21.34 -23.02 -36.98
C ALA B 296 20.58 -22.85 -38.29
N LEU B 297 20.82 -23.72 -39.27
CA LEU B 297 20.06 -23.70 -40.51
C LEU B 297 20.00 -25.11 -41.06
N GLY B 298 18.82 -25.52 -41.47
CA GLY B 298 18.65 -26.82 -42.10
C GLY B 298 17.65 -26.79 -43.25
N LEU B 299 18.06 -27.29 -44.41
CA LEU B 299 17.18 -27.49 -45.54
C LEU B 299 17.02 -28.99 -45.75
N MET B 300 15.79 -29.48 -45.63
CA MET B 300 15.56 -30.91 -45.47
C MET B 300 15.50 -31.63 -46.80
N ASN B 301 15.99 -32.87 -46.80
CA ASN B 301 15.57 -33.83 -47.81
C ASN B 301 14.11 -34.17 -47.58
N ALA B 302 13.44 -34.64 -48.64
CA ALA B 302 12.00 -34.82 -48.58
C ALA B 302 11.58 -36.16 -49.14
N VAL B 303 10.36 -36.56 -48.81
CA VAL B 303 9.75 -37.76 -49.39
C VAL B 303 9.16 -37.41 -50.75
N PRO B 304 9.49 -38.15 -51.81
CA PRO B 304 8.87 -37.89 -53.10
C PRO B 304 7.37 -38.15 -53.05
N ASN B 305 6.59 -37.23 -53.62
CA ASN B 305 5.13 -37.31 -53.62
C ASN B 305 4.60 -37.52 -52.21
N SER B 306 5.11 -36.71 -51.28
CA SER B 306 4.87 -36.94 -49.86
C SER B 306 3.40 -36.81 -49.50
N LEU B 307 2.94 -37.70 -48.63
CA LEU B 307 1.64 -37.54 -48.01
C LEU B 307 1.66 -36.27 -47.14
N PRO B 308 0.49 -35.72 -46.81
CA PRO B 308 0.47 -34.42 -46.11
C PRO B 308 1.25 -34.39 -44.80
N ASN B 309 1.30 -35.49 -44.05
CA ASN B 309 1.92 -35.48 -42.73
C ASN B 309 3.36 -36.00 -42.74
N ARG B 310 4.03 -35.98 -43.89
CA ARG B 310 5.43 -36.39 -43.99
C ARG B 310 6.27 -35.16 -44.33
N TYR B 311 7.12 -35.19 -45.35
CA TYR B 311 8.05 -34.09 -45.64
C TYR B 311 8.04 -33.82 -47.14
N HIS B 312 7.65 -32.61 -47.52
CA HIS B 312 7.48 -32.24 -48.92
C HIS B 312 8.71 -31.54 -49.48
N HIS B 313 8.90 -31.70 -50.79
CA HIS B 313 10.07 -31.19 -51.51
C HIS B 313 10.37 -29.74 -51.18
N VAL B 314 11.62 -29.47 -50.83
CA VAL B 314 12.10 -28.12 -50.56
C VAL B 314 12.55 -27.52 -51.89
N LYS B 315 11.79 -26.54 -52.39
CA LYS B 315 12.15 -25.90 -53.65
C LYS B 315 11.72 -24.44 -53.64
N ASP B 316 12.37 -23.65 -54.49
CA ASP B 316 12.07 -22.23 -54.66
C ASP B 316 12.18 -21.48 -53.32
N VAL B 317 13.34 -21.60 -52.70
CA VAL B 317 13.64 -20.92 -51.45
C VAL B 317 14.78 -19.94 -51.70
N THR B 318 14.57 -18.68 -51.34
CA THR B 318 15.57 -17.64 -51.45
C THR B 318 16.04 -17.26 -50.05
N LEU B 319 17.34 -17.37 -49.82
CA LEU B 319 17.96 -16.95 -48.57
C LEU B 319 18.88 -15.78 -48.89
N GLU B 320 18.55 -14.60 -48.38
CA GLU B 320 19.20 -13.38 -48.80
C GLU B 320 19.52 -12.51 -47.59
N ASP B 321 20.72 -11.93 -47.59
CA ASP B 321 21.12 -10.89 -46.63
C ASP B 321 21.06 -11.39 -45.19
N ASN B 322 21.23 -12.69 -44.97
CA ASN B 322 21.29 -13.23 -43.63
C ASN B 322 22.73 -13.16 -43.10
N ARG B 323 22.85 -13.25 -41.78
CA ARG B 323 24.15 -13.21 -41.12
C ARG B 323 24.28 -14.42 -40.22
N PHE B 324 25.28 -15.26 -40.48
CA PHE B 324 25.54 -16.47 -39.70
C PHE B 324 26.86 -16.26 -38.96
N ILE B 325 26.77 -15.92 -37.68
CA ILE B 325 27.94 -15.62 -36.86
C ILE B 325 28.06 -16.67 -35.78
N ASN B 326 29.18 -17.38 -35.78
CA ASN B 326 29.48 -18.42 -34.79
C ASN B 326 28.36 -19.46 -34.72
N CYS B 327 27.96 -19.94 -35.89
CA CYS B 327 26.93 -20.95 -36.02
C CYS B 327 27.60 -22.29 -36.29
N ASP B 328 27.37 -23.27 -35.42
CA ASP B 328 28.10 -24.53 -35.50
C ASP B 328 27.71 -25.34 -36.73
N ASN B 329 26.40 -25.45 -37.00
CA ASN B 329 25.91 -26.42 -37.97
C ASN B 329 24.98 -25.75 -38.97
N ILE B 330 25.38 -25.77 -40.24
CA ILE B 330 24.55 -25.34 -41.36
C ILE B 330 24.41 -26.55 -42.28
N LEU B 331 23.19 -27.08 -42.39
CA LEU B 331 22.98 -28.42 -42.94
C LEU B 331 22.14 -28.35 -44.21
N PHE B 332 22.69 -28.86 -45.31
CA PHE B 332 21.96 -29.02 -46.55
C PHE B 332 21.58 -30.49 -46.70
N CYS B 333 20.31 -30.73 -47.06
CA CYS B 333 19.77 -32.08 -47.22
C CYS B 333 19.72 -32.85 -45.90
N VAL B 334 19.54 -32.14 -44.79
CA VAL B 334 19.44 -32.80 -43.50
C VAL B 334 18.22 -33.71 -43.46
N GLY B 335 18.36 -34.84 -42.77
CA GLY B 335 17.30 -35.83 -42.72
C GLY B 335 17.31 -36.83 -43.84
N LYS B 336 18.31 -36.79 -44.72
CA LYS B 336 18.40 -37.74 -45.81
C LYS B 336 18.48 -39.17 -45.28
N ASP B 337 17.60 -40.02 -45.79
CA ASP B 337 17.61 -41.44 -45.44
C ASP B 337 16.89 -42.20 -46.56
N ASN B 338 16.51 -43.45 -46.29
CA ASN B 338 15.85 -44.26 -47.30
C ASN B 338 14.44 -43.78 -47.62
N GLU B 339 13.86 -42.93 -46.77
CA GLU B 339 12.54 -42.35 -47.02
C GLU B 339 12.64 -40.94 -47.60
N ARG B 340 13.42 -40.06 -46.97
CA ARG B 340 13.60 -38.69 -47.46
C ARG B 340 14.77 -38.68 -48.44
N THR B 341 14.47 -39.04 -49.69
CA THR B 341 15.48 -39.21 -50.73
C THR B 341 15.54 -38.05 -51.71
N LEU B 342 14.67 -37.05 -51.58
CA LEU B 342 14.56 -36.00 -52.58
C LEU B 342 15.32 -34.75 -52.12
N PRO B 343 16.43 -34.40 -52.75
CA PRO B 343 17.19 -33.22 -52.31
C PRO B 343 16.49 -31.92 -52.67
N PRO B 344 16.83 -30.81 -52.03
CA PRO B 344 16.21 -29.53 -52.36
C PRO B 344 16.53 -29.10 -53.79
N SER B 345 15.66 -28.27 -54.34
CA SER B 345 15.76 -27.77 -55.71
C SER B 345 15.56 -26.27 -55.73
N ASN B 346 16.20 -25.61 -56.70
CA ASN B 346 16.15 -24.17 -56.90
C ASN B 346 16.24 -23.40 -55.57
N ILE B 347 17.36 -23.62 -54.88
CA ILE B 347 17.69 -22.89 -53.67
C ILE B 347 18.71 -21.81 -54.03
N SER B 348 18.51 -20.61 -53.52
CA SER B 348 19.38 -19.48 -53.82
C SER B 348 19.92 -18.88 -52.51
N PHE B 349 21.24 -18.86 -52.37
CA PHE B 349 21.92 -18.19 -51.27
C PHE B 349 22.56 -16.93 -51.84
N ILE B 350 21.97 -15.77 -51.55
CA ILE B 350 22.36 -14.51 -52.17
C ILE B 350 22.80 -13.53 -51.10
N ARG B 351 24.08 -13.15 -51.13
CA ARG B 351 24.61 -12.04 -50.34
C ARG B 351 24.43 -12.28 -48.84
N ASN B 352 24.77 -13.48 -48.39
CA ASN B 352 24.76 -13.80 -46.97
C ASN B 352 26.17 -13.66 -46.39
N GLN B 353 26.23 -13.59 -45.06
CA GLN B 353 27.49 -13.43 -44.33
C GLN B 353 27.72 -14.63 -43.43
N PHE B 354 28.94 -15.17 -43.45
CA PHE B 354 29.31 -16.31 -42.63
C PHE B 354 30.61 -15.98 -41.90
N ILE B 355 30.53 -15.80 -40.59
CA ILE B 355 31.70 -15.49 -39.75
C ILE B 355 31.72 -16.47 -38.59
N SER B 356 32.89 -17.04 -38.32
CA SER B 356 32.98 -18.01 -37.23
C SER B 356 34.42 -18.13 -36.74
N LYS B 357 34.56 -18.42 -35.45
CA LYS B 357 35.84 -18.64 -34.80
C LYS B 357 36.25 -20.12 -34.79
N SER B 358 35.33 -21.03 -35.13
CA SER B 358 35.57 -22.46 -35.03
C SER B 358 35.88 -23.06 -36.39
N ASP B 359 36.65 -24.16 -36.39
CA ASP B 359 37.00 -24.86 -37.59
C ASP B 359 35.94 -25.87 -38.03
N LYS B 360 34.71 -25.71 -37.58
CA LYS B 360 33.64 -26.51 -38.16
C LYS B 360 33.53 -26.18 -39.65
N ALA B 361 32.99 -27.13 -40.41
CA ALA B 361 32.76 -26.88 -41.82
C ALA B 361 31.75 -25.75 -41.97
N LEU B 362 31.93 -24.95 -43.03
CA LEU B 362 31.02 -23.84 -43.30
C LEU B 362 29.59 -24.34 -43.41
N TYR B 363 29.36 -25.34 -44.26
CA TYR B 363 28.09 -26.04 -44.31
C TYR B 363 28.38 -27.53 -44.45
N GLN B 364 27.35 -28.34 -44.19
CA GLN B 364 27.46 -29.79 -44.31
C GLN B 364 26.31 -30.29 -45.18
N SER B 365 26.65 -31.06 -46.21
CA SER B 365 25.66 -31.61 -47.12
C SER B 365 25.57 -33.12 -46.93
N PHE B 366 24.36 -33.65 -47.03
CA PHE B 366 24.13 -35.09 -46.91
C PHE B 366 23.60 -35.69 -48.20
N ASP B 367 23.54 -34.91 -49.26
CA ASP B 367 23.07 -35.34 -50.58
C ASP B 367 23.63 -34.38 -51.61
N ASP B 368 23.36 -34.67 -52.88
CA ASP B 368 23.79 -33.78 -53.95
C ASP B 368 23.11 -32.43 -53.82
N ILE B 369 23.89 -31.36 -53.99
CA ILE B 369 23.37 -30.01 -53.81
C ILE B 369 23.34 -29.28 -55.15
N SER B 370 22.97 -29.99 -56.22
CA SER B 370 22.87 -29.36 -57.54
C SER B 370 21.76 -28.31 -57.57
N GLY B 371 20.76 -28.44 -56.71
CA GLY B 371 19.70 -27.45 -56.62
C GLY B 371 20.07 -26.18 -55.90
N PHE B 372 21.34 -26.01 -55.53
CA PHE B 372 21.78 -24.87 -54.75
C PHE B 372 22.59 -23.92 -55.64
N THR B 373 22.24 -22.65 -55.60
CA THR B 373 22.97 -21.59 -56.30
C THR B 373 23.43 -20.57 -55.28
N PHE B 374 24.74 -20.29 -55.28
CA PHE B 374 25.35 -19.36 -54.34
C PHE B 374 25.86 -18.16 -55.11
N ILE B 375 25.58 -16.96 -54.61
CA ILE B 375 25.94 -15.72 -55.30
C ILE B 375 26.42 -14.71 -54.27
N ASP B 376 27.68 -14.31 -54.40
CA ASP B 376 28.27 -13.19 -53.65
C ASP B 376 28.04 -13.31 -52.14
N ASN B 377 28.35 -14.48 -51.60
CA ASN B 377 28.40 -14.66 -50.17
C ASN B 377 29.82 -14.42 -49.67
N VAL B 378 29.93 -13.92 -48.44
CA VAL B 378 31.21 -13.52 -47.85
C VAL B 378 31.45 -14.36 -46.59
N VAL B 379 32.67 -14.87 -46.45
CA VAL B 379 33.01 -15.81 -45.39
C VAL B 379 34.29 -15.37 -44.70
N ASN B 380 34.29 -15.46 -43.37
CA ASN B 380 35.51 -15.36 -42.55
C ASN B 380 35.46 -16.49 -41.53
N TYR B 381 36.09 -17.61 -41.87
CA TYR B 381 36.26 -18.74 -40.99
C TYR B 381 37.75 -18.90 -40.74
N PRO B 382 38.17 -19.68 -39.74
CA PRO B 382 39.62 -19.86 -39.50
C PRO B 382 40.36 -20.52 -40.66
N TYR B 383 39.67 -21.12 -41.61
CA TYR B 383 40.28 -21.71 -42.79
C TYR B 383 39.72 -21.05 -44.05
N THR B 384 40.37 -21.29 -45.18
CA THR B 384 39.98 -20.67 -46.45
C THR B 384 38.95 -21.53 -47.16
N VAL B 385 37.88 -20.89 -47.65
CA VAL B 385 36.82 -21.58 -48.38
C VAL B 385 37.03 -21.34 -49.87
N THR B 386 37.07 -22.42 -50.66
CA THR B 386 37.19 -22.34 -52.11
C THR B 386 35.93 -22.98 -52.70
N GLN B 387 34.87 -22.18 -52.83
CA GLN B 387 33.60 -22.65 -53.34
C GLN B 387 32.94 -21.49 -54.07
N ARG B 388 32.57 -21.72 -55.34
CA ARG B 388 32.01 -20.65 -56.16
C ARG B 388 30.77 -20.06 -55.50
N GLY B 389 30.64 -18.74 -55.57
CA GLY B 389 29.59 -18.04 -54.86
C GLY B 389 29.97 -17.59 -53.46
N PHE B 390 31.16 -17.95 -52.99
CA PHE B 390 31.70 -17.49 -51.71
C PHE B 390 33.04 -16.82 -51.96
N GLN B 391 33.29 -15.73 -51.25
CA GLN B 391 34.60 -15.10 -51.25
C GLN B 391 35.03 -14.84 -49.81
N ASN B 392 36.32 -15.02 -49.55
CA ASN B 392 36.88 -14.83 -48.23
C ASN B 392 37.14 -13.35 -47.94
N ASN B 393 36.95 -12.98 -46.68
CA ASN B 393 37.35 -11.65 -46.21
C ASN B 393 37.80 -11.78 -44.77
N THR B 394 39.11 -11.70 -44.54
CA THR B 394 39.68 -11.83 -43.21
C THR B 394 39.49 -10.59 -42.34
N THR B 395 38.86 -9.54 -42.86
CA THR B 395 38.64 -8.33 -42.09
C THR B 395 37.30 -8.31 -41.35
N LEU B 396 36.36 -9.16 -41.74
CA LEU B 396 35.06 -9.19 -41.07
C LEU B 396 35.20 -9.76 -39.67
N SER B 397 34.68 -9.02 -38.68
CA SER B 397 34.74 -9.44 -37.29
C SER B 397 33.42 -10.07 -36.87
N ASP B 398 33.50 -10.96 -35.87
CA ASP B 398 32.31 -11.59 -35.32
C ASP B 398 31.70 -10.79 -34.18
N SER B 399 32.00 -9.50 -34.10
CA SER B 399 31.39 -8.62 -33.11
C SER B 399 30.19 -7.93 -33.73
N ILE B 400 29.07 -7.93 -33.02
CA ILE B 400 27.83 -7.33 -33.51
C ILE B 400 27.06 -6.77 -32.33
N ASP B 401 26.50 -5.58 -32.51
CA ASP B 401 25.66 -4.97 -31.48
C ASP B 401 24.34 -5.71 -31.40
N LEU B 402 24.05 -6.29 -30.22
CA LEU B 402 22.84 -7.09 -30.05
C LEU B 402 21.76 -6.39 -29.25
N LYS B 403 22.06 -5.23 -28.66
CA LYS B 403 21.05 -4.55 -27.85
C LYS B 403 19.86 -4.04 -28.65
N PRO B 404 19.95 -3.69 -29.94
CA PRO B 404 18.71 -3.42 -30.67
C PRO B 404 17.74 -4.59 -30.66
N TYR B 405 18.25 -5.80 -30.47
CA TYR B 405 17.41 -6.98 -30.37
C TYR B 405 16.96 -7.27 -28.94
N MET B 406 17.77 -6.93 -27.95
CA MET B 406 17.41 -7.17 -26.56
C MET B 406 16.63 -6.03 -25.93
N GLU B 407 16.56 -4.87 -26.59
CA GLU B 407 15.95 -3.70 -25.98
C GLU B 407 14.69 -3.29 -26.73
N LYS B 408 13.81 -4.24 -27.01
CA LYS B 408 12.54 -3.97 -27.65
C LYS B 408 11.40 -4.04 -26.64
N LYS B 409 10.33 -3.30 -26.93
CA LYS B 409 9.15 -3.31 -26.07
C LYS B 409 8.36 -4.59 -26.34
N ASN B 410 8.13 -5.38 -25.29
CA ASN B 410 7.35 -6.60 -25.42
C ASN B 410 6.85 -7.00 -24.04
N GLY B 411 5.81 -7.83 -24.04
CA GLY B 411 5.18 -8.27 -22.81
C GLY B 411 4.18 -7.26 -22.29
N ALA B 412 3.48 -7.65 -21.23
CA ALA B 412 2.54 -6.76 -20.58
C ALA B 412 3.28 -5.57 -19.97
N SER B 413 2.76 -4.37 -20.20
CA SER B 413 3.46 -3.16 -19.78
C SER B 413 3.67 -3.11 -18.26
N TRP B 414 2.80 -3.76 -17.50
CA TRP B 414 2.83 -3.70 -16.04
C TRP B 414 3.58 -4.87 -15.41
N TYR B 415 4.08 -5.81 -16.21
CA TYR B 415 4.66 -7.03 -15.69
C TYR B 415 6.18 -6.95 -15.67
N THR B 416 6.77 -7.25 -14.52
CA THR B 416 8.22 -7.28 -14.35
C THR B 416 8.68 -8.71 -14.13
N LEU B 417 9.77 -9.08 -14.80
CA LEU B 417 10.28 -10.45 -14.79
C LEU B 417 11.11 -10.73 -13.55
N SER B 418 11.04 -11.97 -13.09
CA SER B 418 11.94 -12.52 -12.07
C SER B 418 12.08 -11.63 -10.84
N GLU B 422 17.65 -19.09 -9.86
CA GLU B 422 17.88 -20.48 -9.49
C GLU B 422 17.81 -20.64 -7.96
N LEU B 423 18.02 -21.86 -7.49
CA LEU B 423 18.00 -22.17 -6.08
C LEU B 423 18.92 -21.24 -5.29
N VAL B 424 18.49 -20.88 -4.09
CA VAL B 424 19.23 -19.98 -3.22
C VAL B 424 19.19 -20.54 -1.81
N LEU B 425 20.36 -20.72 -1.20
CA LEU B 425 20.43 -21.16 0.18
C LEU B 425 20.02 -20.03 1.11
N THR B 426 19.45 -20.41 2.25
CA THR B 426 19.09 -19.43 3.28
C THR B 426 20.27 -19.04 4.15
N GLY B 427 21.38 -19.77 4.10
CA GLY B 427 22.45 -19.61 5.05
C GLY B 427 22.20 -20.28 6.39
N ASN B 428 21.02 -20.85 6.60
CA ASN B 428 20.71 -21.53 7.84
C ASN B 428 21.01 -23.02 7.74
N GLU B 429 21.47 -23.60 8.84
CA GLU B 429 21.87 -24.99 8.90
C GLU B 429 21.21 -25.64 10.11
N ILE B 430 20.63 -26.82 9.92
CA ILE B 430 19.94 -27.55 10.98
C ILE B 430 20.73 -28.80 11.30
N SER B 431 21.15 -28.91 12.56
CA SER B 431 21.87 -30.09 13.02
C SER B 431 20.90 -31.23 13.32
N VAL B 432 21.25 -32.43 12.89
CA VAL B 432 20.43 -33.62 13.09
C VAL B 432 21.30 -34.70 13.72
N LYS B 433 20.90 -35.18 14.88
CA LYS B 433 21.56 -36.30 15.52
C LYS B 433 20.94 -37.61 15.06
N ALA B 434 21.66 -38.71 15.28
CA ALA B 434 21.15 -40.02 14.92
C ALA B 434 19.94 -40.38 15.80
N GLY B 435 19.14 -41.32 15.31
CA GLY B 435 18.01 -41.81 16.06
C GLY B 435 16.81 -42.02 15.16
N GLN B 436 15.65 -42.16 15.80
CA GLN B 436 14.40 -42.47 15.11
C GLN B 436 13.75 -41.19 14.63
N ASN B 437 13.56 -41.08 13.30
CA ASN B 437 12.80 -40.01 12.67
C ASN B 437 13.41 -38.62 12.89
N THR B 438 14.68 -38.55 13.32
CA THR B 438 15.31 -37.26 13.53
C THR B 438 15.48 -36.52 12.20
N LEU B 439 15.89 -37.23 11.15
CA LEU B 439 16.03 -36.59 9.84
C LEU B 439 14.69 -36.13 9.29
N LEU B 440 13.60 -36.87 9.60
CA LEU B 440 12.28 -36.48 9.11
C LEU B 440 11.79 -35.19 9.77
N GLU B 441 11.98 -35.07 11.09
CA GLU B 441 11.52 -33.88 11.79
C GLU B 441 12.34 -32.65 11.41
N ALA B 442 13.64 -32.83 11.16
CA ALA B 442 14.46 -31.69 10.75
C ALA B 442 14.07 -31.20 9.36
N LEU B 443 13.70 -32.12 8.47
CA LEU B 443 13.29 -31.73 7.13
C LEU B 443 11.94 -31.03 7.16
N ASN B 444 11.02 -31.50 8.01
CA ASN B 444 9.68 -30.93 8.05
C ASN B 444 9.68 -29.55 8.71
N GLN B 445 10.64 -29.28 9.59
CA GLN B 445 10.79 -27.95 10.16
C GLN B 445 11.64 -27.03 9.29
N ALA B 446 12.38 -27.58 8.33
CA ALA B 446 13.23 -26.77 7.47
C ALA B 446 12.41 -25.98 6.47
N GLN B 447 12.99 -24.87 6.01
CA GLN B 447 12.44 -24.08 4.93
C GLN B 447 13.29 -24.27 3.67
N SER B 448 12.78 -23.76 2.56
CA SER B 448 13.46 -23.93 1.28
C SER B 448 14.81 -23.21 1.30
N GLY B 449 15.87 -23.93 0.95
CA GLY B 449 17.22 -23.41 0.98
C GLY B 449 18.02 -23.76 2.21
N ASP B 450 17.41 -24.44 3.19
CA ASP B 450 18.13 -24.81 4.39
C ASP B 450 19.12 -25.94 4.12
N ILE B 451 19.96 -26.21 5.11
CA ILE B 451 20.94 -27.29 5.05
C ILE B 451 20.68 -28.22 6.23
N LEU B 452 20.41 -29.49 5.93
CA LEU B 452 20.29 -30.53 6.95
C LEU B 452 21.66 -31.16 7.14
N ASN B 453 22.28 -30.90 8.29
CA ASN B 453 23.65 -31.32 8.57
C ASN B 453 23.61 -32.47 9.56
N LEU B 454 23.90 -33.68 9.08
CA LEU B 454 23.99 -34.85 9.94
C LEU B 454 25.29 -34.77 10.73
N SER B 455 25.17 -34.56 12.05
CA SER B 455 26.30 -34.14 12.86
C SER B 455 27.05 -35.29 13.53
N GLU B 456 26.49 -36.50 13.53
CA GLU B 456 27.16 -37.62 14.16
C GLU B 456 26.97 -38.88 13.31
N GLU B 457 27.91 -39.80 13.45
CA GLU B 457 27.80 -41.10 12.83
C GLU B 457 26.78 -41.96 13.58
N GLY B 458 26.38 -43.05 12.95
CA GLY B 458 25.36 -43.92 13.49
C GLY B 458 24.23 -44.11 12.50
N VAL B 459 23.14 -44.70 12.99
CA VAL B 459 21.99 -45.03 12.15
C VAL B 459 20.92 -43.98 12.32
N TYR B 460 20.45 -43.44 11.20
CA TYR B 460 19.31 -42.52 11.17
C TYR B 460 18.11 -43.33 10.68
N TRP B 461 17.25 -43.72 11.61
CA TRP B 461 16.09 -44.54 11.27
C TRP B 461 14.96 -43.68 10.71
N LEU B 462 14.25 -44.21 9.71
CA LEU B 462 13.17 -43.51 9.03
C LEU B 462 11.94 -44.38 9.00
N ASP B 463 10.85 -43.90 9.58
CA ASP B 463 9.54 -44.55 9.51
C ASP B 463 8.76 -44.18 8.26
N ASN B 464 9.26 -43.24 7.46
CA ASN B 464 8.53 -42.68 6.35
C ASN B 464 9.54 -42.03 5.41
N THR B 465 9.09 -41.71 4.20
CA THR B 465 9.97 -41.11 3.21
C THR B 465 10.25 -39.65 3.56
N LEU B 466 11.42 -39.18 3.13
CA LEU B 466 11.77 -37.76 3.22
C LEU B 466 11.15 -37.07 2.01
N LEU B 467 10.06 -36.35 2.24
CA LEU B 467 9.30 -35.71 1.18
C LEU B 467 9.98 -34.41 0.77
N ILE B 468 10.63 -34.41 -0.39
CA ILE B 468 11.37 -33.25 -0.87
C ILE B 468 10.41 -32.45 -1.74
N ASP B 469 9.68 -31.52 -1.12
CA ASP B 469 8.78 -30.62 -1.82
C ASP B 469 9.34 -29.21 -1.90
N LYS B 470 10.64 -29.05 -1.63
CA LYS B 470 11.30 -27.75 -1.66
C LYS B 470 12.78 -27.99 -1.92
N TYR B 471 13.53 -26.89 -2.00
CA TYR B 471 14.97 -26.98 -2.16
C TYR B 471 15.61 -27.27 -0.80
N ILE B 472 16.31 -28.41 -0.72
CA ILE B 472 16.97 -28.82 0.52
C ILE B 472 18.33 -29.40 0.19
N ARG B 473 19.29 -29.17 1.07
CA ARG B 473 20.62 -29.76 0.97
C ARG B 473 20.86 -30.61 2.22
N ILE B 474 20.95 -31.93 2.03
CA ILE B 474 21.21 -32.86 3.12
C ILE B 474 22.65 -33.32 2.99
N GLN B 475 23.44 -33.09 4.03
CA GLN B 475 24.88 -33.35 3.97
C GLN B 475 25.35 -33.96 5.27
N ALA B 476 26.39 -34.77 5.17
CA ALA B 476 27.09 -35.26 6.35
C ALA B 476 28.08 -34.21 6.83
N ASP B 477 28.23 -34.11 8.15
CA ASP B 477 29.16 -33.14 8.70
C ASP B 477 30.57 -33.39 8.17
N SER B 478 31.27 -32.30 7.87
CA SER B 478 32.59 -32.40 7.26
C SER B 478 33.60 -33.11 8.17
N HIS B 479 33.39 -33.11 9.48
CA HIS B 479 34.34 -33.70 10.41
C HIS B 479 34.05 -35.17 10.67
N LEU B 480 33.02 -35.75 10.06
CA LEU B 480 32.73 -37.17 10.21
C LEU B 480 33.69 -37.99 9.37
N SER B 481 34.32 -38.98 9.97
CA SER B 481 35.22 -39.86 9.23
C SER B 481 34.50 -40.95 8.46
N LYS B 482 33.20 -41.15 8.70
CA LYS B 482 32.43 -42.10 7.91
C LYS B 482 31.03 -41.59 7.67
N ARG B 483 30.41 -42.12 6.62
CA ARG B 483 29.08 -41.71 6.21
C ARG B 483 28.06 -42.10 7.28
N PRO B 484 27.14 -41.21 7.63
CA PRO B 484 25.97 -41.62 8.42
C PRO B 484 25.11 -42.59 7.62
N VAL B 485 24.52 -43.54 8.31
CA VAL B 485 23.77 -44.62 7.69
C VAL B 485 22.28 -44.36 7.89
N LEU B 486 21.53 -44.35 6.78
CA LEU B 486 20.08 -44.24 6.82
C LEU B 486 19.48 -45.63 6.71
N CYS B 487 18.54 -45.94 7.60
CA CYS B 487 17.85 -47.21 7.59
C CYS B 487 16.35 -46.96 7.69
N PHE B 488 15.58 -47.89 7.13
CA PHE B 488 14.13 -47.74 7.00
C PHE B 488 13.43 -48.78 7.87
N ASN B 489 12.53 -48.31 8.75
CA ASN B 489 11.76 -49.21 9.60
C ASN B 489 10.30 -48.80 9.65
N GLY B 490 9.77 -48.25 8.56
CA GLY B 490 8.35 -47.97 8.49
C GLY B 490 7.53 -49.22 8.22
N MET B 491 6.24 -49.11 8.52
CA MET B 491 5.31 -50.23 8.34
C MET B 491 4.69 -50.27 6.96
N SER B 492 4.87 -49.22 6.15
CA SER B 492 4.45 -49.22 4.76
C SER B 492 5.65 -48.87 3.90
N GLY B 493 5.89 -49.66 2.86
CA GLY B 493 7.11 -49.53 2.08
C GLY B 493 7.13 -48.22 1.31
N LYS B 494 8.24 -47.49 1.44
CA LYS B 494 8.47 -46.26 0.70
C LYS B 494 9.96 -46.16 0.36
N ALA B 495 10.28 -45.24 -0.55
CA ALA B 495 11.68 -44.91 -0.79
C ALA B 495 12.21 -44.06 0.36
N PHE B 496 13.54 -44.04 0.50
CA PHE B 496 14.15 -43.18 1.50
C PHE B 496 13.84 -41.71 1.22
N VAL B 497 13.97 -41.30 -0.04
CA VAL B 497 13.78 -39.92 -0.46
C VAL B 497 12.83 -39.91 -1.65
N THR B 498 11.76 -39.11 -1.54
CA THR B 498 10.79 -38.96 -2.61
C THR B 498 10.71 -37.48 -3.00
N ILE B 499 11.06 -37.19 -4.25
CA ILE B 499 11.03 -35.82 -4.78
C ILE B 499 9.67 -35.59 -5.41
N VAL B 500 8.98 -34.54 -4.96
CA VAL B 500 7.66 -34.21 -5.46
C VAL B 500 7.67 -32.77 -5.99
N ASN B 501 6.48 -32.20 -6.21
CA ASN B 501 6.37 -30.85 -6.76
C ASN B 501 7.15 -29.85 -5.92
N GLY B 502 7.98 -29.06 -6.59
CA GLY B 502 8.80 -28.06 -5.91
C GLY B 502 10.10 -28.57 -5.35
N GLY B 503 10.39 -29.87 -5.49
CA GLY B 503 11.56 -30.44 -4.86
C GLY B 503 12.83 -30.23 -5.67
N ASN B 504 13.92 -29.96 -4.97
CA ASN B 504 15.26 -29.89 -5.55
C ASN B 504 16.24 -30.37 -4.51
N LEU B 505 17.01 -31.40 -4.84
CA LEU B 505 17.79 -32.12 -3.85
C LEU B 505 19.29 -32.05 -4.16
N GLU B 506 20.07 -31.62 -3.17
CA GLU B 506 21.51 -31.80 -3.15
C GLU B 506 21.83 -32.63 -1.91
N ILE B 507 22.41 -33.81 -2.11
CA ILE B 507 22.67 -34.74 -1.02
C ILE B 507 24.13 -35.19 -1.12
N GLN B 508 24.79 -35.27 0.04
CA GLN B 508 26.23 -35.50 0.06
C GLN B 508 26.63 -36.24 1.33
N GLY B 509 27.44 -37.29 1.15
CA GLY B 509 28.07 -37.98 2.26
C GLY B 509 27.20 -38.93 3.03
N LEU B 510 26.10 -39.40 2.45
CA LEU B 510 25.15 -40.23 3.17
C LEU B 510 25.16 -41.66 2.64
N ALA B 511 24.92 -42.60 3.55
CA ALA B 511 24.81 -44.02 3.22
C ALA B 511 23.37 -44.47 3.36
N PHE B 512 22.87 -45.17 2.33
CA PHE B 512 21.49 -45.66 2.29
C PHE B 512 21.54 -47.17 2.44
N ASN B 513 21.23 -47.67 3.64
CA ASN B 513 21.20 -49.10 3.91
C ASN B 513 19.74 -49.56 3.79
N GLY B 514 19.42 -50.19 2.67
CA GLY B 514 18.07 -50.65 2.41
C GLY B 514 17.71 -51.98 3.02
N GLU B 515 18.54 -52.51 3.92
CA GLU B 515 18.27 -53.80 4.54
C GLU B 515 16.93 -53.77 5.26
N GLY B 516 16.12 -54.80 5.02
CA GLY B 516 14.82 -54.87 5.65
C GLY B 516 14.92 -55.16 7.12
N GLU B 517 14.12 -54.45 7.92
CA GLU B 517 14.04 -54.68 9.35
C GLU B 517 12.90 -55.65 9.64
N ALA B 518 13.16 -56.56 10.57
CA ALA B 518 12.20 -57.62 10.88
C ALA B 518 10.88 -57.03 11.36
N GLY B 519 9.78 -57.47 10.75
CA GLY B 519 8.46 -56.96 11.08
C GLY B 519 8.08 -55.68 10.38
N LYS B 520 9.02 -54.99 9.75
CA LYS B 520 8.76 -53.74 9.06
C LYS B 520 8.70 -53.95 7.56
N ALA B 521 8.11 -52.98 6.87
CA ALA B 521 8.04 -53.03 5.42
C ALA B 521 9.41 -52.77 4.81
N LEU B 522 9.60 -53.28 3.58
CA LEU B 522 10.85 -53.11 2.86
C LEU B 522 10.86 -51.78 2.13
N SER B 523 12.01 -51.13 2.14
CA SER B 523 12.14 -49.84 1.45
C SER B 523 12.04 -50.03 -0.06
N GLU B 524 11.42 -49.06 -0.72
CA GLU B 524 11.19 -49.12 -2.16
C GLU B 524 12.32 -48.49 -2.98
N GLY B 525 13.48 -48.26 -2.37
CA GLY B 525 14.60 -47.65 -3.05
C GLY B 525 15.20 -46.52 -2.25
N GLY B 526 16.26 -45.94 -2.81
CA GLY B 526 16.96 -44.85 -2.16
C GLY B 526 16.37 -43.48 -2.44
N ILE B 527 16.58 -42.98 -3.66
CA ILE B 527 16.07 -41.69 -4.09
C ILE B 527 15.16 -41.91 -5.29
N THR B 528 13.96 -41.33 -5.24
CA THR B 528 13.02 -41.46 -6.35
C THR B 528 12.30 -40.14 -6.56
N VAL B 529 11.76 -39.98 -7.76
CA VAL B 529 10.92 -38.84 -8.11
C VAL B 529 9.52 -39.36 -8.36
N LYS B 530 8.54 -38.85 -7.61
CA LYS B 530 7.17 -39.34 -7.72
C LYS B 530 6.65 -39.12 -9.13
N SER B 531 6.09 -40.17 -9.72
CA SER B 531 5.53 -40.09 -11.06
C SER B 531 4.46 -39.01 -11.14
N GLY B 532 4.50 -38.24 -12.23
CA GLY B 532 3.57 -37.15 -12.43
C GLY B 532 4.02 -35.81 -11.87
N THR B 533 5.17 -35.74 -11.20
CA THR B 533 5.66 -34.48 -10.67
C THR B 533 5.86 -33.49 -11.82
N ILE B 534 5.15 -32.36 -11.75
CA ILE B 534 5.07 -31.44 -12.88
C ILE B 534 6.19 -30.40 -12.87
N THR B 535 6.80 -30.12 -11.73
CA THR B 535 7.89 -29.16 -11.69
C THR B 535 9.20 -29.84 -12.09
N PRO B 536 10.01 -29.23 -12.95
CA PRO B 536 11.35 -29.76 -13.20
C PRO B 536 12.19 -29.70 -11.93
N TYR B 537 12.91 -30.78 -11.65
CA TYR B 537 13.69 -30.88 -10.43
C TYR B 537 15.18 -30.98 -10.77
N LEU B 538 16.00 -30.59 -9.81
CA LEU B 538 17.45 -30.74 -9.89
C LEU B 538 17.88 -31.75 -8.84
N LEU B 539 18.74 -32.69 -9.24
CA LEU B 539 19.25 -33.73 -8.36
C LEU B 539 20.77 -33.77 -8.45
N THR B 540 21.44 -33.62 -7.31
CA THR B 540 22.89 -33.73 -7.24
C THR B 540 23.23 -34.69 -6.11
N VAL B 541 23.92 -35.78 -6.46
CA VAL B 541 24.34 -36.79 -5.50
C VAL B 541 25.86 -36.81 -5.49
N ASP B 542 26.44 -36.72 -4.30
CA ASP B 542 27.89 -36.61 -4.14
C ASP B 542 28.34 -37.43 -2.94
N ASN B 543 29.30 -38.32 -3.15
CA ASN B 543 29.92 -39.09 -2.07
C ASN B 543 28.89 -39.87 -1.26
N CYS B 544 27.87 -40.37 -1.94
CA CYS B 544 26.82 -41.14 -1.27
C CYS B 544 27.02 -42.63 -1.52
N GLU B 545 26.34 -43.44 -0.71
CA GLU B 545 26.51 -44.89 -0.73
C GLU B 545 25.14 -45.56 -0.63
N PHE B 546 24.93 -46.57 -1.47
CA PHE B 546 23.65 -47.28 -1.54
C PHE B 546 23.92 -48.79 -1.54
N TYR B 547 23.24 -49.51 -0.66
CA TYR B 547 23.46 -50.95 -0.56
C TYR B 547 22.30 -51.62 0.14
N ASN B 548 22.24 -52.94 -0.02
CA ASN B 548 21.26 -53.82 0.64
C ASN B 548 19.84 -53.56 0.16
N PHE B 549 19.68 -53.15 -1.10
CA PHE B 549 18.37 -53.11 -1.77
C PHE B 549 18.26 -54.39 -2.57
N ASN B 550 17.67 -55.43 -1.96
CA ASN B 550 17.81 -56.75 -2.56
C ASN B 550 16.50 -57.29 -3.11
N GLU B 551 15.86 -56.49 -3.96
CA GLU B 551 14.79 -56.95 -4.83
C GLU B 551 15.03 -56.34 -6.20
N SER B 552 14.78 -57.13 -7.25
CA SER B 552 15.24 -56.74 -8.59
C SER B 552 14.53 -55.50 -9.12
N GLY B 553 13.26 -55.30 -8.76
CA GLY B 553 12.56 -54.13 -9.24
C GLY B 553 12.99 -52.82 -8.64
N LEU B 554 13.91 -52.84 -7.67
CA LEU B 554 14.33 -51.65 -6.96
C LEU B 554 15.45 -50.93 -7.70
N ALA B 555 15.59 -49.65 -7.40
CA ALA B 555 16.69 -48.84 -7.92
C ALA B 555 17.16 -47.90 -6.83
N ALA B 556 18.47 -47.68 -6.76
CA ALA B 556 19.01 -46.75 -5.77
C ALA B 556 18.57 -45.32 -6.08
N ILE B 557 18.70 -44.91 -7.33
CA ILE B 557 18.29 -43.59 -7.80
C ILE B 557 17.38 -43.79 -9.00
N ARG B 558 16.20 -43.17 -8.98
CA ARG B 558 15.21 -43.42 -10.02
C ARG B 558 14.43 -42.16 -10.34
N GLY B 559 14.33 -41.85 -11.62
CA GLY B 559 13.35 -40.92 -12.13
C GLY B 559 12.21 -41.70 -12.73
N GLU B 560 11.02 -41.56 -12.14
CA GLU B 560 9.87 -42.33 -12.58
C GLU B 560 9.28 -41.75 -13.87
N LYS B 561 8.35 -42.50 -14.44
CA LYS B 561 7.58 -42.03 -15.58
C LYS B 561 6.92 -40.69 -15.27
N SER B 562 6.76 -39.86 -16.30
CA SER B 562 6.09 -38.56 -16.19
C SER B 562 6.78 -37.65 -15.18
N THR B 563 8.11 -37.69 -15.19
CA THR B 563 8.93 -36.73 -14.46
C THR B 563 10.01 -36.23 -15.40
N PHE B 564 10.62 -35.10 -15.04
CA PHE B 564 11.72 -34.59 -15.85
C PHE B 564 12.68 -33.76 -15.02
N SER B 565 13.97 -34.00 -15.23
CA SER B 565 15.04 -33.18 -14.70
C SER B 565 15.92 -32.72 -15.86
N PRO B 566 16.29 -31.44 -15.93
CA PRO B 566 17.23 -31.00 -16.96
C PRO B 566 18.68 -31.30 -16.62
N MET B 567 18.99 -31.73 -15.38
CA MET B 567 20.39 -31.87 -14.96
C MET B 567 20.45 -32.74 -13.71
N VAL B 568 20.88 -33.99 -13.88
CA VAL B 568 21.14 -34.90 -12.76
C VAL B 568 22.64 -35.14 -12.70
N ILE B 569 23.22 -34.94 -11.52
CA ILE B 569 24.66 -35.06 -11.31
C ILE B 569 24.90 -36.08 -10.21
N ILE B 570 25.64 -37.13 -10.52
CA ILE B 570 25.97 -38.20 -9.59
C ILE B 570 27.48 -38.39 -9.62
N ARG B 571 28.14 -38.17 -8.49
CA ARG B 571 29.59 -38.21 -8.46
C ARG B 571 30.10 -38.83 -7.16
N ASN B 572 31.26 -39.48 -7.26
CA ASN B 572 32.01 -40.00 -6.11
C ASN B 572 31.18 -40.95 -5.25
N SER B 573 30.25 -41.67 -5.86
CA SER B 573 29.30 -42.48 -5.11
C SER B 573 29.61 -43.97 -5.23
N PHE B 574 29.01 -44.74 -4.31
CA PHE B 574 29.35 -46.15 -4.10
C PHE B 574 28.05 -46.95 -4.06
N PHE B 575 27.75 -47.64 -5.16
CA PHE B 575 26.58 -48.50 -5.26
C PHE B 575 27.06 -49.96 -5.18
N HIS B 576 26.63 -50.68 -4.15
CA HIS B 576 27.12 -52.04 -4.01
C HIS B 576 26.07 -52.93 -3.34
N ASP B 577 26.21 -54.24 -3.57
CA ASP B 577 25.42 -55.27 -2.89
C ASP B 577 23.92 -55.01 -3.00
N MET B 578 23.43 -54.99 -4.25
CA MET B 578 22.02 -54.74 -4.53
C MET B 578 21.52 -55.71 -5.58
N SER B 579 20.28 -56.18 -5.40
CA SER B 579 19.66 -57.01 -6.42
C SER B 579 19.04 -56.19 -7.54
N GLY B 580 18.78 -54.91 -7.31
CA GLY B 580 18.23 -54.03 -8.32
C GLY B 580 19.29 -53.24 -9.03
N GLU B 581 18.86 -52.14 -9.66
CA GLU B 581 19.75 -51.28 -10.40
C GLU B 581 20.26 -50.14 -9.52
N ALA B 582 21.28 -49.45 -10.01
CA ALA B 582 21.78 -48.27 -9.32
C ALA B 582 21.05 -47.00 -9.75
N ILE B 583 21.10 -46.69 -11.04
CA ILE B 583 20.54 -45.45 -11.58
C ILE B 583 19.60 -45.79 -12.72
N ASN B 584 18.32 -45.46 -12.56
CA ASN B 584 17.29 -45.77 -13.54
C ASN B 584 16.61 -44.49 -14.00
N PHE B 585 16.73 -44.21 -15.31
CA PHE B 585 15.92 -43.20 -15.98
C PHE B 585 15.31 -43.84 -17.23
N ALA B 586 14.54 -44.91 -17.01
CA ALA B 586 14.02 -45.73 -18.10
C ALA B 586 12.53 -46.01 -17.93
N GLY B 587 11.79 -45.05 -17.34
CA GLY B 587 10.38 -45.29 -17.06
C GLY B 587 9.45 -45.13 -18.25
N GLU B 588 9.85 -44.35 -19.25
CA GLU B 588 8.99 -44.07 -20.41
C GLU B 588 9.11 -45.21 -21.41
N LYS B 589 8.34 -46.26 -21.17
CA LYS B 589 8.44 -47.50 -21.92
C LYS B 589 7.47 -47.58 -23.09
N ASP B 590 6.65 -46.56 -23.33
CA ASP B 590 5.62 -46.61 -24.36
C ASP B 590 6.16 -46.41 -25.77
N ASP B 591 7.46 -46.11 -25.93
CA ASP B 591 8.08 -45.92 -27.25
C ASP B 591 7.42 -44.78 -28.02
N LYS B 592 7.09 -43.70 -27.31
CA LYS B 592 6.50 -42.51 -27.92
C LYS B 592 7.47 -41.34 -27.92
N GLY B 593 8.76 -41.60 -27.73
CA GLY B 593 9.77 -40.56 -27.75
C GLY B 593 10.00 -39.85 -26.45
N LYS B 594 9.31 -40.24 -25.38
CA LYS B 594 9.42 -39.53 -24.11
C LYS B 594 10.66 -39.97 -23.34
N TYR B 595 11.20 -39.05 -22.55
CA TYR B 595 12.31 -39.37 -21.65
C TYR B 595 12.23 -38.45 -20.44
N ASN B 596 13.06 -38.76 -19.44
CA ASN B 596 12.90 -38.16 -18.12
C ASN B 596 14.10 -37.35 -17.64
N VAL B 597 15.19 -37.31 -18.39
CA VAL B 597 16.36 -36.52 -17.98
C VAL B 597 17.02 -35.98 -19.24
N GLU B 598 17.38 -34.70 -19.23
CA GLU B 598 18.02 -34.09 -20.40
C GLU B 598 19.52 -34.35 -20.37
N GLU B 599 20.17 -34.08 -19.25
CA GLU B 599 21.59 -34.27 -19.08
C GLU B 599 21.82 -35.08 -17.82
N LEU B 600 22.48 -36.23 -17.97
CA LEU B 600 22.89 -37.06 -16.84
C LEU B 600 24.41 -37.14 -16.84
N HIS B 601 25.02 -36.79 -15.72
CA HIS B 601 26.47 -36.80 -15.57
C HIS B 601 26.83 -37.71 -14.40
N VAL B 602 27.59 -38.76 -14.69
CA VAL B 602 28.06 -39.71 -13.69
C VAL B 602 29.59 -39.69 -13.72
N ASP B 603 30.20 -39.45 -12.57
CA ASP B 603 31.64 -39.24 -12.49
C ASP B 603 32.21 -39.91 -11.26
N ASN B 604 33.22 -40.76 -11.46
CA ASN B 604 34.03 -41.28 -10.37
C ASN B 604 33.23 -42.13 -9.39
N CYS B 605 32.36 -42.99 -9.93
CA CYS B 605 31.47 -43.81 -9.11
C CYS B 605 31.86 -45.29 -9.19
N ILE B 606 31.63 -45.99 -8.08
CA ILE B 606 31.86 -47.43 -8.00
C ILE B 606 30.51 -48.14 -8.11
N PHE B 607 30.47 -49.19 -8.93
CA PHE B 607 29.32 -50.07 -9.03
C PHE B 607 29.83 -51.48 -8.83
N TYR B 608 29.39 -52.14 -7.76
CA TYR B 608 29.99 -53.39 -7.30
C TYR B 608 28.92 -54.35 -6.80
N ARG B 609 28.92 -55.57 -7.32
CA ARG B 609 28.00 -56.62 -6.89
C ARG B 609 26.54 -56.17 -6.98
N LEU B 610 26.16 -55.76 -8.19
CA LEU B 610 24.79 -55.41 -8.52
C LEU B 610 24.22 -56.45 -9.46
N LEU B 611 23.02 -56.95 -9.14
CA LEU B 611 22.35 -57.86 -10.06
C LEU B 611 21.72 -57.12 -11.24
N GLY B 612 21.35 -55.85 -11.04
CA GLY B 612 20.81 -55.02 -12.10
C GLY B 612 21.85 -54.11 -12.71
N SER B 613 21.38 -53.28 -13.65
CA SER B 613 22.28 -52.38 -14.36
C SER B 613 22.87 -51.32 -13.44
N ALA B 614 24.13 -50.97 -13.69
CA ALA B 614 24.69 -49.78 -13.07
C ALA B 614 23.92 -48.54 -13.54
N LEU B 615 23.56 -48.50 -14.81
CA LEU B 615 22.88 -47.36 -15.42
C LEU B 615 21.88 -47.87 -16.44
N ASN B 616 20.63 -47.41 -16.33
CA ASN B 616 19.57 -47.79 -17.26
C ASN B 616 18.84 -46.52 -17.70
N ILE B 617 19.11 -46.08 -18.94
CA ILE B 617 18.48 -44.90 -19.53
C ILE B 617 17.78 -45.34 -20.81
N TYR B 618 16.56 -44.83 -21.02
CA TYR B 618 15.75 -45.28 -22.13
C TYR B 618 14.94 -44.14 -22.73
N ARG B 619 14.99 -44.03 -24.06
CA ARG B 619 14.06 -43.20 -24.83
C ARG B 619 13.72 -44.00 -26.09
N GLY B 620 12.47 -44.42 -26.21
CA GLY B 620 12.09 -45.31 -27.28
C GLY B 620 11.28 -44.67 -28.39
N GLY B 621 11.27 -45.30 -29.56
CA GLY B 621 10.51 -44.81 -30.70
C GLY B 621 11.37 -44.15 -31.74
N ASN B 622 10.70 -43.55 -32.73
CA ASN B 622 11.34 -42.88 -33.85
C ASN B 622 11.04 -41.39 -33.88
N ASP B 623 10.69 -40.79 -32.76
CA ASP B 623 10.37 -39.37 -32.73
C ASP B 623 11.61 -38.53 -32.96
N GLU B 624 11.48 -37.47 -33.76
CA GLU B 624 12.58 -36.58 -34.10
C GLU B 624 12.39 -35.18 -33.54
N SER B 625 11.65 -35.06 -32.43
CA SER B 625 11.25 -33.76 -31.90
C SER B 625 12.05 -33.32 -30.67
N THR B 626 13.01 -34.13 -30.21
CA THR B 626 13.67 -33.87 -28.95
C THR B 626 15.19 -33.86 -29.14
N SER B 627 15.89 -33.41 -28.10
CA SER B 627 17.34 -33.28 -28.13
C SER B 627 18.04 -34.37 -27.32
N GLY B 628 17.46 -34.78 -26.20
CA GLY B 628 18.12 -35.67 -25.29
C GLY B 628 17.58 -37.09 -25.33
N PRO B 629 17.97 -37.91 -24.35
CA PRO B 629 18.86 -37.54 -23.24
C PRO B 629 20.35 -37.45 -23.63
N LEU B 630 21.09 -36.64 -22.89
CA LEU B 630 22.54 -36.55 -23.00
C LEU B 630 23.18 -37.22 -21.79
N LEU B 631 24.27 -37.95 -22.03
CA LEU B 631 24.92 -38.70 -20.96
C LEU B 631 26.44 -38.54 -21.05
N THR B 632 27.06 -38.36 -19.89
CA THR B 632 28.51 -38.49 -19.76
C THR B 632 28.81 -39.41 -18.59
N VAL B 633 29.71 -40.37 -18.82
CA VAL B 633 30.21 -41.26 -17.78
C VAL B 633 31.72 -41.17 -17.81
N ASP B 634 32.33 -40.82 -16.67
CA ASP B 634 33.76 -40.59 -16.59
C ASP B 634 34.31 -41.24 -15.33
N HIS B 635 35.37 -42.02 -15.50
CA HIS B 635 36.15 -42.57 -14.39
C HIS B 635 35.28 -43.43 -13.46
N CYS B 636 34.46 -44.28 -14.04
CA CYS B 636 33.59 -45.15 -13.27
C CYS B 636 34.13 -46.57 -13.26
N THR B 637 34.05 -47.22 -12.11
CA THR B 637 34.48 -48.60 -11.93
C THR B 637 33.26 -49.49 -11.80
N ILE B 638 33.16 -50.49 -12.67
CA ILE B 638 32.05 -51.43 -12.70
C ILE B 638 32.64 -52.81 -12.48
N GLU B 639 32.30 -53.44 -11.36
CA GLU B 639 32.88 -54.73 -10.98
C GLU B 639 31.76 -55.66 -10.54
N ASN B 640 31.63 -56.79 -11.23
CA ASN B 640 30.64 -57.82 -10.92
C ASN B 640 29.21 -57.23 -10.93
N VAL B 641 28.79 -56.78 -12.10
CA VAL B 641 27.52 -56.09 -12.28
C VAL B 641 26.74 -56.75 -13.41
N ASP B 642 25.50 -57.16 -13.11
CA ASP B 642 24.49 -57.58 -14.10
C ASP B 642 25.05 -58.59 -15.10
N ASN B 643 25.27 -59.81 -14.59
CA ASN B 643 25.77 -60.90 -15.40
C ASN B 643 24.69 -61.86 -15.83
N LYS B 644 23.42 -61.50 -15.65
CA LYS B 644 22.32 -62.35 -16.07
C LYS B 644 22.23 -62.39 -17.59
N GLU B 645 21.52 -63.39 -18.09
CA GLU B 645 21.33 -63.53 -19.53
C GLU B 645 20.63 -62.31 -20.10
N GLN B 646 21.20 -61.74 -21.16
CA GLN B 646 20.70 -60.54 -21.82
C GLN B 646 20.72 -59.32 -20.91
N GLY B 647 21.53 -59.36 -19.85
CA GLY B 647 21.69 -58.19 -19.00
C GLY B 647 22.50 -57.11 -19.67
N SER B 648 22.51 -55.94 -19.04
CA SER B 648 23.30 -54.80 -19.53
C SER B 648 23.86 -54.08 -18.32
N ALA B 649 25.18 -54.09 -18.16
CA ALA B 649 25.79 -53.29 -17.11
C ALA B 649 25.43 -51.82 -17.26
N MET B 650 25.38 -51.33 -18.51
CA MET B 650 24.92 -49.98 -18.80
C MET B 650 24.01 -50.06 -20.01
N ARG B 651 22.72 -49.80 -19.80
CA ARG B 651 21.72 -49.86 -20.86
C ARG B 651 21.37 -48.42 -21.26
N LEU B 652 21.78 -48.02 -22.47
CA LEU B 652 21.68 -46.64 -22.94
C LEU B 652 20.93 -46.61 -24.27
N ILE B 653 19.64 -46.93 -24.22
CA ILE B 653 18.81 -47.03 -25.41
C ILE B 653 18.17 -45.67 -25.69
N GLY B 654 18.39 -45.14 -26.89
CA GLY B 654 17.79 -43.88 -27.29
C GLY B 654 18.56 -42.65 -26.87
N VAL B 655 19.70 -42.81 -26.21
CA VAL B 655 20.50 -41.66 -25.78
C VAL B 655 21.08 -40.99 -27.01
N GLN B 656 20.72 -39.72 -27.22
CA GLN B 656 21.13 -39.01 -28.43
C GLN B 656 22.58 -38.56 -28.38
N SER B 657 23.14 -38.38 -27.18
CA SER B 657 24.54 -37.99 -27.02
C SER B 657 25.08 -38.70 -25.79
N ALA B 658 26.11 -39.51 -25.99
CA ALA B 658 26.72 -40.26 -24.90
C ALA B 658 28.23 -40.22 -25.05
N THR B 659 28.92 -39.76 -24.01
CA THR B 659 30.37 -39.80 -23.93
C THR B 659 30.74 -40.64 -22.72
N VAL B 660 31.27 -41.84 -22.96
CA VAL B 660 31.73 -42.74 -21.91
C VAL B 660 33.24 -42.87 -22.05
N THR B 661 33.97 -42.49 -21.01
CA THR B 661 35.42 -42.38 -21.10
C THR B 661 36.05 -42.76 -19.78
N ASN B 662 37.23 -43.41 -19.86
CA ASN B 662 38.10 -43.64 -18.72
C ASN B 662 37.45 -44.52 -17.66
N CYS B 663 36.73 -45.55 -18.11
CA CYS B 663 36.03 -46.45 -17.21
C CYS B 663 36.65 -47.84 -17.23
N SER B 664 36.31 -48.63 -16.22
CA SER B 664 36.81 -49.99 -16.08
C SER B 664 35.63 -50.92 -15.83
N PHE B 665 35.41 -51.84 -16.75
CA PHE B 665 34.41 -52.90 -16.59
C PHE B 665 35.13 -54.21 -16.32
N ALA B 666 34.76 -54.88 -15.23
CA ALA B 666 35.37 -56.14 -14.87
C ALA B 666 34.30 -57.09 -14.37
N ASN B 667 34.27 -58.30 -14.95
CA ASN B 667 33.34 -59.34 -14.54
C ASN B 667 31.89 -58.87 -14.59
N SER B 668 31.54 -58.13 -15.64
CA SER B 668 30.25 -57.46 -15.73
C SER B 668 29.60 -57.70 -17.09
N GLY B 669 28.28 -57.75 -17.10
CA GLY B 669 27.54 -57.94 -18.34
C GLY B 669 27.87 -59.22 -19.08
N LYS B 670 28.38 -60.24 -18.38
CA LYS B 670 28.88 -61.45 -19.03
C LYS B 670 27.79 -62.22 -19.76
N GLY B 671 26.53 -62.07 -19.36
CA GLY B 671 25.45 -62.74 -20.04
C GLY B 671 24.78 -61.91 -21.11
N GLY B 672 25.29 -60.71 -21.36
CA GLY B 672 24.72 -59.82 -22.35
C GLY B 672 25.71 -58.79 -22.85
N ALA B 673 25.65 -57.58 -22.32
CA ALA B 673 26.51 -56.50 -22.79
C ALA B 673 27.04 -55.70 -21.61
N SER B 674 28.28 -55.23 -21.73
CA SER B 674 28.80 -54.25 -20.77
C SER B 674 28.12 -52.90 -20.97
N ILE B 675 28.08 -52.44 -22.22
CA ILE B 675 27.36 -51.24 -22.61
C ILE B 675 26.52 -51.59 -23.83
N ARG B 676 25.25 -51.24 -23.80
CA ARG B 676 24.32 -51.59 -24.87
C ARG B 676 23.69 -50.34 -25.45
N PHE B 677 23.81 -50.16 -26.76
CA PHE B 677 23.11 -49.13 -27.51
C PHE B 677 22.15 -49.78 -28.50
N ASN B 678 21.09 -49.05 -28.85
CA ASN B 678 20.28 -49.32 -30.05
C ASN B 678 20.09 -47.96 -30.71
N GLU B 679 21.09 -47.56 -31.50
CA GLU B 679 21.31 -46.16 -31.84
C GLU B 679 20.87 -45.82 -33.25
N MET B 680 20.48 -44.57 -33.43
CA MET B 680 20.40 -43.97 -34.76
C MET B 680 21.80 -43.65 -35.26
N SER B 681 21.96 -43.67 -36.59
CA SER B 681 23.28 -43.47 -37.16
C SER B 681 23.86 -42.11 -36.84
N TRP B 682 23.01 -41.13 -36.57
CA TRP B 682 23.46 -39.76 -36.31
C TRP B 682 23.65 -39.47 -34.83
N ASP B 683 23.32 -40.41 -33.94
CA ASP B 683 23.55 -40.20 -32.52
C ASP B 683 25.05 -40.06 -32.25
N LYS B 684 25.41 -39.09 -31.42
CA LYS B 684 26.81 -38.79 -31.14
C LYS B 684 27.25 -39.64 -29.94
N LEU B 685 27.78 -40.82 -30.24
CA LEU B 685 28.20 -41.77 -29.22
C LEU B 685 29.71 -41.85 -29.25
N SER B 686 30.35 -41.40 -28.17
CA SER B 686 31.80 -41.45 -28.02
C SER B 686 32.12 -42.38 -26.86
N VAL B 687 32.70 -43.53 -27.18
CA VAL B 687 33.09 -44.53 -26.18
C VAL B 687 34.57 -44.83 -26.40
N SER B 688 35.40 -44.40 -25.44
CA SER B 688 36.84 -44.55 -25.59
C SER B 688 37.48 -44.68 -24.21
N TYR B 689 38.71 -45.17 -24.21
CA TYR B 689 39.48 -45.37 -22.98
C TYR B 689 38.71 -46.22 -21.98
N ILE B 690 38.24 -47.37 -22.44
CA ILE B 690 37.50 -48.31 -21.59
C ILE B 690 38.32 -49.58 -21.47
N ASN B 691 38.47 -50.05 -20.23
CA ASN B 691 39.07 -51.36 -19.95
C ASN B 691 37.94 -52.35 -19.72
N LEU B 692 37.95 -53.45 -20.50
CA LEU B 692 36.94 -54.51 -20.40
C LEU B 692 37.68 -55.80 -20.05
N TYR B 693 37.45 -56.30 -18.84
CA TYR B 693 38.09 -57.53 -18.38
C TYR B 693 37.02 -58.55 -18.01
N ASN B 694 37.01 -59.68 -18.71
CA ASN B 694 36.07 -60.76 -18.45
C ASN B 694 34.64 -60.24 -18.38
N SER B 695 34.28 -59.43 -19.37
CA SER B 695 33.00 -58.73 -19.37
C SER B 695 32.34 -58.90 -20.73
N GLY B 696 31.07 -58.51 -20.79
CA GLY B 696 30.34 -58.59 -22.04
C GLY B 696 30.78 -57.53 -23.03
N ARG B 697 30.42 -57.75 -24.29
CA ARG B 697 30.81 -56.86 -25.35
C ARG B 697 30.09 -55.51 -25.24
N ILE B 698 30.64 -54.52 -25.93
CA ILE B 698 29.97 -53.24 -26.11
C ILE B 698 29.06 -53.39 -27.32
N ALA B 699 27.76 -53.47 -27.07
CA ALA B 699 26.78 -53.82 -28.09
C ALA B 699 26.16 -52.56 -28.69
N SER B 700 26.08 -52.54 -30.02
CA SER B 700 25.39 -51.49 -30.75
C SER B 700 24.80 -52.11 -32.00
N PHE B 701 23.96 -51.33 -32.70
CA PHE B 701 23.35 -51.86 -33.91
C PHE B 701 24.22 -51.69 -35.14
N TRP B 702 24.92 -50.57 -35.26
CA TRP B 702 25.71 -50.29 -36.45
C TRP B 702 27.19 -50.55 -36.26
N GLY B 703 27.63 -50.88 -35.05
CA GLY B 703 29.03 -51.19 -34.80
C GLY B 703 30.00 -50.10 -35.19
N LYS B 704 29.58 -48.86 -35.01
CA LYS B 704 30.41 -47.76 -35.52
C LYS B 704 30.87 -46.83 -34.41
N LEU B 705 31.26 -47.37 -33.29
CA LEU B 705 31.76 -46.61 -32.15
C LEU B 705 33.27 -46.55 -32.06
N GLY B 706 33.98 -47.25 -32.95
CA GLY B 706 35.43 -47.25 -32.93
C GLY B 706 35.99 -48.03 -31.75
N SER B 707 37.32 -48.03 -31.68
CA SER B 707 38.02 -48.75 -30.63
C SER B 707 39.22 -47.94 -30.16
N LYS B 708 39.00 -46.66 -29.86
CA LYS B 708 40.09 -45.83 -29.34
C LYS B 708 40.39 -46.25 -27.91
N ASN B 709 41.55 -46.87 -27.73
CA ASN B 709 42.06 -47.26 -26.41
C ASN B 709 41.06 -48.14 -25.66
N ILE B 710 40.69 -49.24 -26.29
CA ILE B 710 39.91 -50.28 -25.64
C ILE B 710 40.90 -51.37 -25.21
N THR B 711 41.03 -51.57 -23.90
CA THR B 711 42.02 -52.48 -23.35
C THR B 711 41.34 -53.59 -22.57
N ASN B 712 42.11 -54.62 -22.22
CA ASN B 712 41.59 -55.80 -21.55
C ASN B 712 42.47 -56.20 -20.37
N TYR B 713 43.02 -55.22 -19.67
CA TYR B 713 43.87 -55.50 -18.52
C TYR B 713 43.05 -55.94 -17.33
N ARG B 714 43.67 -56.76 -16.48
CA ARG B 714 43.03 -57.18 -15.24
C ARG B 714 43.18 -56.10 -14.19
N PRO B 715 42.10 -55.57 -13.63
CA PRO B 715 42.24 -54.52 -12.61
C PRO B 715 42.79 -55.10 -11.31
N GLU B 716 43.48 -54.22 -10.55
CA GLU B 716 44.14 -54.61 -9.31
C GLU B 716 43.83 -53.53 -8.27
N TYR B 717 42.78 -53.77 -7.49
CA TYR B 717 42.33 -52.78 -6.51
C TYR B 717 43.21 -52.82 -5.26
N VAL B 718 43.23 -51.68 -4.56
CA VAL B 718 43.95 -51.60 -3.29
C VAL B 718 43.38 -52.61 -2.30
N ASP B 719 42.07 -52.59 -2.10
CA ASP B 719 41.39 -53.58 -1.29
C ASP B 719 39.88 -53.51 -1.52
N ALA B 720 39.38 -54.35 -2.42
CA ALA B 720 37.96 -54.35 -2.72
C ALA B 720 37.12 -54.76 -1.52
N ASN B 721 37.70 -55.55 -0.61
CA ASN B 721 36.92 -56.08 0.51
C ASN B 721 36.48 -54.99 1.48
N THR B 722 37.30 -53.95 1.66
CA THR B 722 36.95 -52.84 2.52
C THR B 722 36.43 -51.64 1.74
N GLY B 723 36.14 -51.80 0.45
CA GLY B 723 35.57 -50.74 -0.34
C GLY B 723 36.56 -49.83 -1.04
N ASN B 724 37.83 -50.18 -1.06
CA ASN B 724 38.86 -49.38 -1.73
C ASN B 724 39.07 -49.94 -3.13
N PHE B 725 38.44 -49.32 -4.12
CA PHE B 725 38.52 -49.76 -5.50
C PHE B 725 39.46 -48.91 -6.35
N TYR B 726 40.28 -48.08 -5.71
CA TYR B 726 41.36 -47.42 -6.44
C TYR B 726 42.35 -48.46 -6.96
N GLN B 727 42.94 -48.17 -8.10
CA GLN B 727 43.99 -49.02 -8.64
C GLN B 727 45.28 -48.82 -7.86
N ILE B 728 46.00 -49.91 -7.61
CA ILE B 728 47.33 -49.77 -7.04
C ILE B 728 48.29 -49.21 -8.07
N SER B 729 49.44 -48.72 -7.60
CA SER B 729 50.32 -47.93 -8.45
C SER B 729 50.92 -48.76 -9.59
N THR B 730 51.16 -50.05 -9.38
CA THR B 730 51.72 -50.90 -10.42
C THR B 730 50.65 -51.58 -11.26
N SER B 731 49.40 -51.13 -11.19
CA SER B 731 48.34 -51.71 -12.01
C SER B 731 48.47 -51.22 -13.46
N PRO B 732 48.20 -52.08 -14.44
CA PRO B 732 48.24 -51.63 -15.84
C PRO B 732 47.15 -50.62 -16.18
N LEU B 733 46.15 -50.45 -15.31
CA LEU B 733 45.14 -49.42 -15.48
C LEU B 733 45.61 -48.06 -15.01
N SER B 734 46.71 -47.99 -14.25
CA SER B 734 47.17 -46.72 -13.71
C SER B 734 47.70 -45.81 -14.81
N ASN B 735 47.36 -44.53 -14.71
CA ASN B 735 47.88 -43.48 -15.58
C ASN B 735 47.62 -43.74 -17.06
N LYS B 736 46.58 -44.52 -17.36
CA LYS B 736 46.25 -44.86 -18.75
C LYS B 736 44.99 -44.16 -19.25
N ALA B 737 44.34 -43.36 -18.41
CA ALA B 737 43.16 -42.64 -18.85
C ALA B 737 43.55 -41.48 -19.76
N SER B 738 42.55 -40.93 -20.47
CA SER B 738 42.82 -39.86 -21.43
C SER B 738 43.37 -38.60 -20.76
N ASP B 739 43.10 -38.41 -19.46
CA ASP B 739 43.63 -37.29 -18.70
C ASP B 739 44.87 -37.66 -17.89
N LYS B 740 45.52 -38.76 -18.25
CA LYS B 740 46.72 -39.30 -17.60
C LYS B 740 46.45 -39.78 -16.18
N LYS B 741 45.20 -39.94 -15.78
CA LYS B 741 44.83 -40.53 -14.51
C LYS B 741 44.54 -42.02 -14.71
N ASP B 742 43.89 -42.65 -13.74
CA ASP B 742 43.63 -44.08 -13.81
C ASP B 742 42.35 -44.37 -14.59
N LEU B 743 42.34 -45.53 -15.25
CA LEU B 743 41.09 -46.05 -15.79
C LEU B 743 40.21 -46.53 -14.64
N GLY B 744 38.96 -46.06 -14.63
CA GLY B 744 38.10 -46.28 -13.48
C GLY B 744 38.16 -45.10 -12.52
N ILE B 745 37.68 -45.34 -11.29
CA ILE B 745 37.73 -44.28 -10.29
C ILE B 745 39.18 -43.90 -10.04
N THR B 746 39.39 -42.62 -9.71
CA THR B 746 40.74 -42.11 -9.58
C THR B 746 40.78 -41.06 -8.48
N GLN B 747 42.00 -40.81 -7.99
CA GLN B 747 42.30 -39.94 -6.84
C GLN B 747 41.86 -40.60 -5.53
N ARG C 13 2.79 10.40 -20.65
CA ARG C 13 1.36 10.70 -20.69
C ARG C 13 1.00 11.70 -19.59
N THR C 14 1.36 11.38 -18.36
CA THR C 14 1.24 12.31 -17.26
C THR C 14 2.51 13.15 -17.15
N ILE C 15 2.38 14.33 -16.53
CA ILE C 15 3.49 15.24 -16.37
C ILE C 15 3.61 15.66 -14.91
N ASP C 16 4.81 16.09 -14.53
CA ASP C 16 5.02 16.69 -13.23
C ASP C 16 4.38 18.08 -13.20
N LEU C 17 3.90 18.46 -12.02
CA LEU C 17 3.26 19.76 -11.87
C LEU C 17 4.21 20.91 -12.18
N ASN C 18 5.50 20.72 -11.93
CA ASN C 18 6.49 21.76 -12.23
C ASN C 18 6.68 21.97 -13.73
N SER C 19 6.14 21.10 -14.56
CA SER C 19 6.19 21.25 -16.00
C SER C 19 4.86 21.71 -16.59
N LEU C 20 3.90 22.08 -15.75
CA LEU C 20 2.57 22.44 -16.24
C LEU C 20 2.59 23.76 -17.00
N GLN C 21 3.30 24.77 -16.48
CA GLN C 21 3.35 26.06 -17.14
C GLN C 21 3.92 25.94 -18.55
N SER C 22 4.99 25.17 -18.72
CA SER C 22 5.60 24.99 -20.03
C SER C 22 4.68 24.19 -20.95
N THR C 23 4.11 23.09 -20.45
CA THR C 23 3.25 22.25 -21.27
C THR C 23 1.97 22.99 -21.66
N LEU C 24 1.41 23.77 -20.75
CA LEU C 24 0.19 24.50 -21.06
C LEU C 24 0.44 25.58 -22.10
N GLU C 25 1.62 26.21 -22.06
CA GLU C 25 1.97 27.23 -23.04
C GLU C 25 1.98 26.65 -24.45
N LYS C 26 2.61 25.48 -24.62
CA LYS C 26 2.70 24.84 -25.93
C LYS C 26 1.45 24.05 -26.30
N ALA C 27 0.44 24.02 -25.44
CA ALA C 27 -0.74 23.21 -25.72
C ALA C 27 -1.61 23.85 -26.80
N GLY C 28 -2.37 23.01 -27.48
CA GLY C 28 -3.31 23.47 -28.49
C GLY C 28 -4.74 23.23 -28.06
N PRO C 29 -5.69 23.86 -28.76
CA PRO C 29 -7.11 23.68 -28.41
C PRO C 29 -7.53 22.22 -28.53
N GLY C 30 -8.14 21.71 -27.46
CA GLY C 30 -8.54 20.31 -27.40
C GLY C 30 -7.55 19.40 -26.69
N ASP C 31 -6.41 19.91 -26.26
CA ASP C 31 -5.42 19.09 -25.58
C ASP C 31 -5.84 18.82 -24.13
N THR C 32 -5.45 17.65 -23.64
CA THR C 32 -5.67 17.27 -22.25
C THR C 32 -4.32 17.03 -21.59
N ILE C 33 -4.08 17.73 -20.48
CA ILE C 33 -2.82 17.62 -19.76
C ILE C 33 -3.10 16.94 -18.43
N TYR C 34 -2.42 15.81 -18.20
CA TYR C 34 -2.62 15.02 -17.00
C TYR C 34 -1.47 15.26 -16.03
N ILE C 35 -1.80 15.65 -14.80
CA ILE C 35 -0.82 15.89 -13.76
C ILE C 35 -0.57 14.59 -12.99
N LYS C 36 0.69 14.22 -12.83
CA LYS C 36 1.04 13.00 -12.14
C LYS C 36 0.74 13.12 -10.65
N SER C 37 0.27 12.02 -10.06
CA SER C 37 -0.07 12.03 -8.64
C SER C 37 1.16 12.31 -7.78
N GLY C 38 0.92 12.88 -6.61
CA GLY C 38 1.99 13.21 -5.69
C GLY C 38 1.65 14.46 -4.90
N THR C 39 2.57 14.81 -4.01
CA THR C 39 2.45 16.00 -3.18
C THR C 39 3.49 17.01 -3.62
N TYR C 40 3.03 18.17 -4.09
CA TYR C 40 3.89 19.23 -4.59
C TYR C 40 3.93 20.36 -3.57
N THR C 41 5.10 20.62 -3.01
CA THR C 41 5.27 21.57 -1.92
C THR C 41 6.00 22.81 -2.42
N ASN C 42 5.50 23.98 -2.02
CA ASN C 42 6.12 25.27 -2.32
C ASN C 42 6.21 25.50 -3.83
N ILE C 43 5.04 25.60 -4.47
CA ILE C 43 4.96 25.81 -5.91
C ILE C 43 4.00 26.96 -6.18
N GLN C 44 4.47 27.96 -6.92
CA GLN C 44 3.65 29.11 -7.29
C GLN C 44 3.38 29.02 -8.79
N LEU C 45 2.25 28.42 -9.15
CA LEU C 45 1.91 28.18 -10.54
C LEU C 45 1.46 29.49 -11.21
N GLN C 46 2.13 29.85 -12.29
CA GLN C 46 1.73 30.96 -13.16
C GLN C 46 1.36 30.35 -14.50
N LEU C 47 0.07 30.18 -14.75
CA LEU C 47 -0.43 29.44 -15.90
C LEU C 47 -0.99 30.37 -16.96
N GLU C 48 -0.85 29.97 -18.22
CA GLU C 48 -1.38 30.72 -19.35
C GLU C 48 -1.56 29.77 -20.52
N GLY C 49 -2.79 29.66 -21.02
CA GLY C 49 -3.07 28.81 -22.17
C GLY C 49 -4.20 29.40 -22.97
N TYR C 50 -4.38 28.87 -24.19
CA TYR C 50 -5.38 29.41 -25.12
C TYR C 50 -6.04 28.26 -25.87
N GLY C 51 -7.23 27.88 -25.43
CA GLY C 51 -8.12 27.02 -26.21
C GLY C 51 -9.11 27.86 -26.98
N LYS C 52 -10.19 27.20 -27.40
CA LYS C 52 -11.31 27.92 -28.02
C LYS C 52 -12.61 27.19 -27.70
N VAL C 53 -13.72 27.81 -28.10
CA VAL C 53 -15.01 27.56 -27.46
C VAL C 53 -15.39 26.09 -27.55
N GLU C 54 -15.16 25.45 -28.70
CA GLU C 54 -15.55 24.04 -28.82
C GLU C 54 -14.52 23.10 -28.21
N GLU C 55 -13.25 23.45 -28.28
CA GLU C 55 -12.17 22.57 -27.82
C GLU C 55 -11.30 23.31 -26.81
N PRO C 56 -11.68 23.29 -25.54
CA PRO C 56 -10.83 23.90 -24.50
C PRO C 56 -9.65 23.01 -24.18
N ILE C 57 -8.68 23.59 -23.48
CA ILE C 57 -7.55 22.85 -22.94
C ILE C 57 -7.88 22.45 -21.51
N VAL C 58 -7.71 21.17 -21.21
CA VAL C 58 -8.11 20.60 -19.92
C VAL C 58 -6.86 20.15 -19.18
N VAL C 59 -6.61 20.75 -18.02
CA VAL C 59 -5.58 20.31 -17.10
C VAL C 59 -6.26 19.50 -16.00
N MET C 60 -5.82 18.26 -15.82
CA MET C 60 -6.52 17.32 -14.97
C MET C 60 -5.53 16.49 -14.19
N ALA C 61 -5.87 16.17 -12.95
CA ALA C 61 -5.08 15.24 -12.17
C ALA C 61 -5.21 13.84 -12.76
N GLN C 62 -4.10 13.10 -12.77
CA GLN C 62 -4.13 11.70 -13.19
C GLN C 62 -5.27 10.95 -12.51
N GLN C 63 -5.34 11.06 -11.20
CA GLN C 63 -6.50 10.58 -10.43
C GLN C 63 -6.96 11.73 -9.56
N PRO C 64 -8.16 12.28 -9.79
CA PRO C 64 -8.61 13.44 -9.02
C PRO C 64 -8.54 13.17 -7.52
N GLY C 65 -8.00 14.15 -6.79
CA GLY C 65 -7.80 14.01 -5.36
C GLY C 65 -6.45 13.47 -4.96
N SER C 66 -5.62 13.07 -5.93
CA SER C 66 -4.29 12.55 -5.64
C SER C 66 -3.17 13.53 -5.97
N VAL C 67 -3.51 14.74 -6.40
CA VAL C 67 -2.54 15.79 -6.62
C VAL C 67 -2.69 16.79 -5.48
N PHE C 68 -1.73 16.79 -4.56
CA PHE C 68 -1.75 17.65 -3.39
C PHE C 68 -0.80 18.83 -3.61
N ILE C 69 -1.29 20.03 -3.33
CA ILE C 69 -0.48 21.25 -3.41
C ILE C 69 -0.37 21.78 -1.98
N GLU C 70 0.84 21.74 -1.43
CA GLU C 70 1.08 22.04 -0.03
C GLU C 70 2.20 23.07 0.08
N GLY C 71 2.50 23.47 1.32
CA GLY C 71 3.53 24.44 1.56
C GLY C 71 3.14 25.84 1.09
N VAL C 72 4.17 26.63 0.80
CA VAL C 72 4.00 28.01 0.35
C VAL C 72 3.62 28.00 -1.13
N SER C 73 2.33 28.02 -1.43
CA SER C 73 1.87 27.76 -2.79
C SER C 73 0.61 28.56 -3.09
N ASN C 74 0.46 28.91 -4.37
CA ASN C 74 -0.78 29.49 -4.90
C ASN C 74 -0.76 29.30 -6.41
N LEU C 75 -1.82 29.77 -7.08
CA LEU C 75 -1.96 29.60 -8.52
C LEU C 75 -2.47 30.88 -9.16
N ARG C 76 -1.93 31.18 -10.35
CA ARG C 76 -2.41 32.25 -11.21
C ARG C 76 -2.79 31.66 -12.56
N LEU C 77 -3.91 32.10 -13.11
CA LEU C 77 -4.40 31.58 -14.39
C LEU C 77 -4.84 32.73 -15.27
N CYS C 78 -4.40 32.72 -16.53
CA CYS C 78 -4.85 33.68 -17.52
C CYS C 78 -4.92 32.99 -18.88
N GLY C 79 -5.53 33.65 -19.85
CA GLY C 79 -5.72 33.06 -21.15
C GLY C 79 -7.17 32.82 -21.50
N GLU C 80 -7.45 31.83 -22.33
CA GLU C 80 -8.79 31.58 -22.83
C GLU C 80 -9.08 30.09 -22.87
N TYR C 81 -10.26 29.72 -22.38
CA TYR C 81 -10.80 28.36 -22.54
C TYR C 81 -9.82 27.31 -22.01
N VAL C 82 -9.39 27.52 -20.77
CA VAL C 82 -8.54 26.58 -20.06
C VAL C 82 -9.31 26.09 -18.83
N GLU C 83 -9.45 24.78 -18.70
CA GLU C 83 -10.09 24.15 -17.55
C GLU C 83 -9.04 23.47 -16.69
N ILE C 84 -9.10 23.72 -15.37
CA ILE C 84 -8.20 23.08 -14.41
C ILE C 84 -9.05 22.28 -13.43
N ASN C 85 -8.63 21.05 -13.17
CA ASN C 85 -9.49 20.02 -12.61
C ASN C 85 -8.72 19.15 -11.64
N GLY C 86 -9.26 18.96 -10.44
CA GLY C 86 -8.80 17.88 -9.58
C GLY C 86 -7.66 18.17 -8.63
N LEU C 87 -7.43 19.42 -8.27
CA LEU C 87 -6.34 19.76 -7.35
C LEU C 87 -6.85 19.77 -5.91
N HIS C 88 -5.94 19.47 -4.98
CA HIS C 88 -6.24 19.49 -3.55
C HIS C 88 -5.22 20.38 -2.84
N PHE C 89 -5.65 21.58 -2.45
CA PHE C 89 -4.81 22.50 -1.69
C PHE C 89 -4.97 22.21 -0.20
N ARG C 90 -3.86 21.95 0.47
CA ARG C 90 -3.90 21.66 1.91
C ARG C 90 -2.50 21.81 2.47
N ASN C 91 -2.43 21.95 3.80
CA ASN C 91 -1.17 21.96 4.54
C ASN C 91 -0.23 23.05 4.00
N GLY C 92 -0.75 24.26 3.91
CA GLY C 92 0.05 25.35 3.40
C GLY C 92 -0.73 26.65 3.44
N TYR C 93 -0.16 27.66 2.78
CA TYR C 93 -0.76 28.98 2.76
C TYR C 93 -0.23 29.72 1.52
N THR C 94 -0.98 30.74 1.10
CA THR C 94 -0.50 31.52 -0.03
C THR C 94 0.42 32.64 0.49
N PRO C 95 1.59 32.84 -0.12
CA PRO C 95 2.50 33.89 0.37
C PRO C 95 2.05 35.29 0.00
N LYS C 96 1.26 35.43 -1.07
CA LYS C 96 0.93 36.74 -1.60
C LYS C 96 -0.32 36.59 -2.44
N GLY C 97 -1.29 37.48 -2.23
CA GLY C 97 -2.52 37.37 -2.98
C GLY C 97 -3.32 36.15 -2.55
N ALA C 98 -4.21 35.74 -3.44
CA ALA C 98 -5.12 34.64 -3.16
C ALA C 98 -4.46 33.30 -3.47
N VAL C 99 -5.10 32.22 -3.00
CA VAL C 99 -4.64 30.89 -3.36
C VAL C 99 -4.85 30.65 -4.86
N ILE C 100 -5.99 31.06 -5.38
CA ILE C 100 -6.32 30.94 -6.80
C ILE C 100 -6.78 32.29 -7.31
N GLU C 101 -6.18 32.75 -8.40
CA GLU C 101 -6.58 34.00 -9.03
C GLU C 101 -6.82 33.75 -10.51
N PHE C 102 -7.96 34.23 -11.01
CA PHE C 102 -8.26 34.19 -12.44
C PHE C 102 -7.53 35.28 -13.22
N ARG C 103 -6.31 35.61 -12.81
CA ARG C 103 -5.48 36.58 -13.50
C ARG C 103 -4.02 36.19 -13.29
N ASN C 104 -3.14 36.82 -14.07
CA ASN C 104 -1.71 36.53 -14.00
C ASN C 104 -0.99 37.79 -14.48
N GLY C 105 -0.41 38.52 -13.54
CA GLY C 105 0.20 39.80 -13.89
C GLY C 105 -0.88 40.78 -14.29
N GLU C 106 -0.73 41.35 -15.49
CA GLU C 106 -1.74 42.24 -16.05
C GLU C 106 -2.76 41.51 -16.89
N LYS C 107 -2.54 40.24 -17.21
CA LYS C 107 -3.45 39.47 -18.02
C LYS C 107 -4.50 38.80 -17.16
N VAL C 108 -5.53 38.27 -17.82
CA VAL C 108 -6.75 37.85 -17.15
C VAL C 108 -7.30 36.60 -17.84
N ALA C 109 -7.92 35.72 -17.05
CA ALA C 109 -8.57 34.54 -17.60
C ALA C 109 -9.97 34.89 -18.10
N ASN C 110 -10.26 34.51 -19.34
CA ASN C 110 -11.58 34.63 -19.93
C ASN C 110 -12.06 33.26 -20.37
N ASN C 111 -13.35 32.98 -20.13
CA ASN C 111 -13.97 31.73 -20.56
C ASN C 111 -13.24 30.51 -20.01
N CYS C 112 -12.71 30.62 -18.80
CA CYS C 112 -11.97 29.54 -18.15
C CYS C 112 -12.81 28.88 -17.08
N ARG C 113 -12.32 27.74 -16.58
CA ARG C 113 -13.09 26.95 -15.63
C ARG C 113 -12.13 26.31 -14.63
N ILE C 114 -12.52 26.34 -13.35
CA ILE C 114 -11.81 25.66 -12.29
C ILE C 114 -12.80 24.79 -11.54
N THR C 115 -12.61 23.47 -11.60
CA THR C 115 -13.62 22.53 -11.16
C THR C 115 -12.96 21.36 -10.44
N ASP C 116 -13.76 20.68 -9.60
CA ASP C 116 -13.33 19.46 -8.91
C ASP C 116 -12.09 19.68 -8.06
N CYS C 117 -11.88 20.90 -7.58
CA CYS C 117 -10.74 21.23 -6.74
C CYS C 117 -11.20 21.40 -5.30
N VAL C 118 -10.22 21.37 -4.39
CA VAL C 118 -10.48 21.49 -2.96
C VAL C 118 -9.43 22.42 -2.36
N ILE C 119 -9.88 23.39 -1.56
CA ILE C 119 -9.00 24.19 -0.72
C ILE C 119 -9.38 23.87 0.72
N ASP C 120 -8.46 23.23 1.45
CA ASP C 120 -8.78 22.52 2.68
C ASP C 120 -7.89 23.05 3.80
N TYR C 121 -8.43 23.98 4.60
CA TYR C 121 -7.71 24.56 5.74
C TYR C 121 -6.34 25.08 5.31
N PHE C 122 -6.31 25.80 4.19
CA PHE C 122 -5.07 26.31 3.61
C PHE C 122 -4.67 27.61 4.34
N ASN C 123 -4.30 27.44 5.61
CA ASN C 123 -4.04 28.58 6.48
C ASN C 123 -2.58 28.66 6.89
N PRO C 124 -2.06 29.87 7.14
CA PRO C 124 -0.72 29.99 7.74
C PRO C 124 -0.78 29.74 9.25
N ILE C 125 0.31 30.00 9.96
CA ILE C 125 0.34 29.72 11.40
C ILE C 125 -0.08 30.90 12.26
N ASP C 126 -0.24 32.09 11.69
CA ASP C 126 -0.53 33.30 12.45
C ASP C 126 -1.81 33.95 11.95
N ARG C 127 -2.68 34.34 12.90
CA ARG C 127 -3.99 34.88 12.57
C ARG C 127 -3.95 36.30 12.03
N GLY C 128 -2.89 37.06 12.34
CA GLY C 128 -2.85 38.47 12.00
C GLY C 128 -2.51 38.79 10.55
N VAL C 129 -3.23 38.17 9.62
CA VAL C 129 -3.05 38.42 8.20
C VAL C 129 -4.44 38.46 7.55
N SER C 130 -4.52 39.07 6.37
CA SER C 130 -5.78 39.20 5.66
C SER C 130 -5.56 38.96 4.17
N GLY C 131 -6.44 38.18 3.57
CA GLY C 131 -6.35 37.88 2.15
C GLY C 131 -7.49 36.98 1.74
N SER C 132 -7.60 36.76 0.43
CA SER C 132 -8.64 35.92 -0.13
C SER C 132 -8.07 34.56 -0.53
N TRP C 133 -8.99 33.63 -0.79
CA TRP C 133 -8.61 32.32 -1.31
C TRP C 133 -8.83 32.18 -2.81
N ILE C 134 -9.88 32.78 -3.35
CA ILE C 134 -10.17 32.72 -4.78
C ILE C 134 -10.60 34.11 -5.25
N LEU C 135 -9.92 34.62 -6.26
CA LEU C 135 -10.23 35.93 -6.85
C LEU C 135 -10.61 35.75 -8.30
N LEU C 136 -11.79 36.26 -8.67
CA LEU C 136 -12.30 36.15 -10.03
C LEU C 136 -12.08 37.45 -10.79
N TYR C 137 -11.51 37.35 -11.98
CA TYR C 137 -11.32 38.47 -12.89
C TYR C 137 -11.89 38.11 -14.25
N GLY C 138 -12.00 39.12 -15.13
CA GLY C 138 -12.40 38.86 -16.50
C GLY C 138 -13.87 38.53 -16.64
N ARG C 139 -14.17 37.77 -17.71
CA ARG C 139 -15.55 37.46 -18.08
C ARG C 139 -15.71 35.97 -18.33
N ASN C 140 -16.94 35.49 -18.09
CA ASN C 140 -17.38 34.17 -18.54
C ASN C 140 -16.56 33.03 -17.94
N ASN C 141 -16.00 33.25 -16.75
CA ASN C 141 -15.30 32.19 -16.04
C ASN C 141 -16.27 31.40 -15.19
N ARG C 142 -15.90 30.16 -14.88
CA ARG C 142 -16.74 29.27 -14.12
C ARG C 142 -15.95 28.65 -12.98
N LEU C 143 -16.53 28.71 -11.77
CA LEU C 143 -15.97 28.08 -10.58
C LEU C 143 -17.05 27.14 -10.06
N ASP C 144 -16.87 25.84 -10.29
CA ASP C 144 -17.94 24.89 -10.04
C ASP C 144 -17.40 23.59 -9.44
N HIS C 145 -18.25 22.94 -8.64
CA HIS C 145 -17.97 21.61 -8.08
C HIS C 145 -16.65 21.61 -7.31
N ASN C 146 -16.46 22.62 -6.47
CA ASN C 146 -15.29 22.73 -5.62
C ASN C 146 -15.71 22.71 -4.16
N SER C 147 -14.84 22.14 -3.32
CA SER C 147 -15.06 22.10 -1.87
C SER C 147 -14.07 23.07 -1.22
N ILE C 148 -14.59 24.14 -0.63
CA ILE C 148 -13.78 25.19 -0.02
C ILE C 148 -14.22 25.32 1.43
N LEU C 149 -13.28 25.10 2.36
CA LEU C 149 -13.64 25.08 3.77
C LEU C 149 -12.40 25.33 4.63
N GLY C 150 -12.64 25.85 5.83
CA GLY C 150 -11.59 25.94 6.83
C GLY C 150 -10.74 27.18 6.79
N LYS C 151 -11.25 28.30 6.26
CA LYS C 151 -10.49 29.54 6.27
C LYS C 151 -10.52 30.14 7.67
N LEU C 152 -9.35 30.34 8.26
CA LEU C 152 -9.23 30.73 9.66
C LEU C 152 -8.74 32.16 9.86
N TYR C 153 -8.40 32.88 8.79
CA TYR C 153 -7.93 34.26 8.92
C TYR C 153 -8.85 35.18 8.15
N ALA C 154 -8.67 36.49 8.38
CA ALA C 154 -9.54 37.49 7.80
C ALA C 154 -9.42 37.52 6.28
N GLY C 155 -10.45 38.05 5.64
CA GLY C 155 -10.50 38.13 4.19
C GLY C 155 -11.62 37.29 3.61
N VAL C 156 -12.35 37.86 2.65
CA VAL C 156 -13.43 37.12 2.00
C VAL C 156 -12.85 35.90 1.30
N THR C 157 -13.55 34.78 1.38
CA THR C 157 -13.06 33.53 0.81
C THR C 157 -12.98 33.62 -0.71
N LEU C 158 -14.07 34.04 -1.36
CA LEU C 158 -14.13 34.14 -2.80
C LEU C 158 -14.73 35.49 -3.16
N ALA C 159 -14.00 36.26 -3.98
CA ALA C 159 -14.44 37.60 -4.34
C ALA C 159 -14.45 37.74 -5.86
N VAL C 160 -15.45 38.45 -6.37
CA VAL C 160 -15.51 38.88 -7.76
C VAL C 160 -14.98 40.31 -7.82
N ILE C 161 -13.84 40.49 -8.48
CA ILE C 161 -13.21 41.80 -8.61
C ILE C 161 -13.78 42.51 -9.84
N LEU C 162 -14.09 43.79 -9.69
CA LEU C 162 -14.64 44.62 -10.76
C LEU C 162 -13.79 45.86 -10.98
N ASN C 163 -12.46 45.70 -10.87
CA ASN C 163 -11.56 46.85 -10.98
C ASN C 163 -11.47 47.36 -12.42
N GLY C 164 -11.39 46.45 -13.39
CA GLY C 164 -11.26 46.87 -14.77
C GLY C 164 -12.54 46.69 -15.58
N GLU C 165 -12.62 47.40 -16.71
CA GLU C 165 -13.75 47.23 -17.61
C GLU C 165 -13.89 45.78 -18.06
N GLY C 166 -12.78 45.10 -18.25
CA GLY C 166 -12.80 43.69 -18.61
C GLY C 166 -13.26 42.75 -17.51
N ASP C 167 -13.35 43.23 -16.28
CA ASP C 167 -13.83 42.41 -15.16
C ASP C 167 -15.31 42.59 -14.87
N ARG C 168 -15.95 43.60 -15.45
CA ARG C 168 -17.36 43.87 -15.23
C ARG C 168 -18.19 43.21 -16.33
N ASN C 169 -19.51 43.13 -16.10
CA ASN C 169 -20.42 42.39 -16.98
C ASN C 169 -19.87 41.00 -17.26
N ASN C 170 -19.38 40.34 -16.20
CA ASN C 170 -18.56 39.15 -16.37
C ASN C 170 -19.37 37.91 -16.72
N ASN C 171 -20.61 37.82 -16.24
CA ASN C 171 -21.42 36.62 -16.37
C ASN C 171 -20.71 35.39 -15.76
N HIS C 172 -19.90 35.64 -14.73
CA HIS C 172 -19.25 34.54 -14.02
C HIS C 172 -20.29 33.59 -13.45
N ARG C 173 -19.98 32.30 -13.47
CA ARG C 173 -20.88 31.27 -12.96
C ARG C 173 -20.22 30.57 -11.79
N ILE C 174 -20.78 30.75 -10.60
CA ILE C 174 -20.33 30.09 -9.38
C ILE C 174 -21.41 29.10 -8.99
N ASP C 175 -21.21 27.83 -9.31
CA ASP C 175 -22.29 26.85 -9.17
C ASP C 175 -21.79 25.55 -8.58
N HIS C 176 -22.66 24.88 -7.83
CA HIS C 176 -22.46 23.50 -7.37
C HIS C 176 -21.21 23.36 -6.50
N ASN C 177 -20.83 24.42 -5.81
CA ASN C 177 -19.71 24.36 -4.90
C ASN C 177 -20.19 24.04 -3.49
N TYR C 178 -19.33 23.39 -2.73
CA TYR C 178 -19.54 23.19 -1.29
C TYR C 178 -18.65 24.19 -0.56
N PHE C 179 -19.24 25.28 -0.10
CA PHE C 179 -18.54 26.24 0.75
C PHE C 179 -18.72 25.76 2.19
N GLY C 180 -17.67 25.16 2.73
CA GLY C 180 -17.75 24.50 4.02
C GLY C 180 -17.56 25.44 5.20
N GLU C 181 -17.22 24.84 6.33
CA GLU C 181 -17.21 25.54 7.60
C GLU C 181 -16.19 26.67 7.61
N ARG C 182 -16.67 27.89 7.83
CA ARG C 182 -15.83 29.05 8.10
C ARG C 182 -16.18 29.53 9.50
N PRO C 183 -15.36 29.28 10.50
CA PRO C 183 -15.73 29.63 11.87
C PRO C 183 -15.78 31.14 12.08
N ILE C 184 -16.39 31.52 13.20
CA ILE C 184 -16.59 32.93 13.51
C ILE C 184 -15.25 33.64 13.58
N LEU C 185 -15.11 34.69 12.78
CA LEU C 185 -13.85 35.42 12.72
C LEU C 185 -13.67 36.35 13.90
N GLY C 186 -14.76 36.88 14.46
CA GLY C 186 -14.65 37.88 15.48
C GLY C 186 -14.40 39.28 14.98
N SER C 187 -14.71 39.56 13.71
CA SER C 187 -14.53 40.88 13.13
C SER C 187 -15.17 40.90 11.75
N ASN C 188 -15.30 42.10 11.20
CA ASN C 188 -15.72 42.26 9.81
C ASN C 188 -14.63 41.71 8.89
N GLY C 189 -15.05 41.24 7.73
CA GLY C 189 -14.15 40.65 6.77
C GLY C 189 -14.08 39.15 6.78
N GLY C 190 -15.18 38.47 7.11
CA GLY C 190 -15.21 37.02 7.12
C GLY C 190 -16.24 36.45 6.18
N GLU C 191 -16.56 37.19 5.11
CA GLU C 191 -17.52 36.74 4.14
C GLU C 191 -17.03 35.49 3.41
N THR C 192 -17.98 34.69 2.93
CA THR C 192 -17.63 33.59 2.06
C THR C 192 -17.56 34.03 0.60
N ILE C 193 -18.48 34.89 0.16
CA ILE C 193 -18.50 35.41 -1.21
C ILE C 193 -18.76 36.92 -1.15
N ARG C 194 -18.01 37.67 -1.96
CA ARG C 194 -18.26 39.10 -2.16
C ARG C 194 -18.24 39.39 -3.66
N VAL C 195 -19.27 40.07 -4.14
CA VAL C 195 -19.39 40.41 -5.56
C VAL C 195 -19.36 41.93 -5.65
N GLY C 196 -18.18 42.49 -5.83
CA GLY C 196 -18.02 43.93 -5.94
C GLY C 196 -17.64 44.58 -4.62
N THR C 197 -17.42 45.90 -4.70
CA THR C 197 -17.23 46.75 -3.55
C THR C 197 -18.11 47.98 -3.69
N SER C 198 -18.10 48.83 -2.66
CA SER C 198 -18.90 50.05 -2.72
C SER C 198 -18.44 50.98 -3.83
N HIS C 199 -17.18 50.88 -4.25
CA HIS C 199 -16.65 51.81 -5.25
C HIS C 199 -17.19 51.51 -6.64
N HIS C 200 -17.54 50.26 -6.92
CA HIS C 200 -18.08 49.87 -8.23
C HIS C 200 -19.48 49.30 -8.08
N ALA C 201 -20.25 49.77 -7.10
CA ALA C 201 -21.53 49.15 -6.78
C ALA C 201 -22.54 49.32 -7.90
N PHE C 202 -22.56 50.47 -8.55
CA PHE C 202 -23.56 50.73 -9.57
C PHE C 202 -23.22 50.12 -10.92
N PHE C 203 -22.07 49.46 -11.05
CA PHE C 203 -21.74 48.73 -12.26
C PHE C 203 -22.44 47.38 -12.28
N SER C 204 -22.75 46.92 -13.49
CA SER C 204 -23.38 45.61 -13.66
C SER C 204 -22.33 44.52 -13.62
N SER C 205 -22.45 43.60 -12.66
CA SER C 205 -21.56 42.46 -12.59
C SER C 205 -22.11 41.24 -13.31
N ASN C 206 -23.44 41.04 -13.25
CA ASN C 206 -24.11 39.94 -13.94
C ASN C 206 -23.59 38.58 -13.49
N THR C 207 -23.18 38.47 -12.25
CA THR C 207 -22.65 37.22 -11.72
C THR C 207 -23.78 36.29 -11.32
N VAL C 208 -23.57 34.99 -11.52
CA VAL C 208 -24.57 33.97 -11.21
C VAL C 208 -24.01 33.07 -10.12
N ILE C 209 -24.62 33.11 -8.94
CA ILE C 209 -24.31 32.23 -7.82
C ILE C 209 -25.48 31.27 -7.69
N GLU C 210 -25.32 30.03 -8.13
CA GLU C 210 -26.45 29.12 -8.18
C GLU C 210 -26.07 27.72 -7.74
N ASP C 211 -27.02 27.06 -7.08
CA ASP C 211 -26.92 25.64 -6.73
C ASP C 211 -25.69 25.33 -5.87
N ASN C 212 -25.27 26.29 -5.06
CA ASN C 212 -24.19 26.07 -4.12
C ASN C 212 -24.74 25.68 -2.75
N MET C 213 -23.91 25.00 -1.97
CA MET C 213 -24.21 24.65 -0.60
C MET C 213 -23.31 25.46 0.32
N PHE C 214 -23.91 26.27 1.18
CA PHE C 214 -23.19 27.04 2.19
C PHE C 214 -23.47 26.38 3.53
N HIS C 215 -22.44 25.74 4.10
CA HIS C 215 -22.59 24.91 5.29
C HIS C 215 -21.70 25.45 6.40
N HIS C 216 -22.33 26.00 7.44
CA HIS C 216 -21.61 26.53 8.60
C HIS C 216 -20.63 27.63 8.21
N CYS C 217 -21.02 28.45 7.23
CA CYS C 217 -20.26 29.65 6.89
C CYS C 217 -20.63 30.71 7.93
N ASN C 218 -19.81 30.79 8.98
CA ASN C 218 -20.12 31.59 10.16
C ASN C 218 -19.12 32.72 10.37
N GLY C 219 -18.40 33.12 9.31
CA GLY C 219 -17.34 34.10 9.47
C GLY C 219 -17.81 35.42 10.05
N GLU C 220 -18.94 35.93 9.55
CA GLU C 220 -19.48 37.21 10.03
C GLU C 220 -20.96 37.27 9.64
N VAL C 221 -21.51 38.49 9.59
CA VAL C 221 -22.95 38.63 9.37
C VAL C 221 -23.32 38.26 7.93
N GLU C 222 -22.51 38.65 6.95
CA GLU C 222 -22.81 38.32 5.56
C GLU C 222 -22.05 37.07 5.16
N VAL C 223 -22.79 36.00 4.85
CA VAL C 223 -22.23 34.87 4.14
C VAL C 223 -21.89 35.27 2.71
N VAL C 224 -22.85 35.88 2.00
CA VAL C 224 -22.68 36.37 0.64
C VAL C 224 -22.95 37.87 0.66
N SER C 225 -21.95 38.65 0.30
CA SER C 225 -22.06 40.11 0.26
C SER C 225 -22.17 40.55 -1.20
N ILE C 226 -23.33 41.06 -1.57
CA ILE C 226 -23.55 41.56 -2.92
C ILE C 226 -23.33 43.07 -2.91
N LYS C 227 -22.30 43.52 -3.61
CA LYS C 227 -21.95 44.94 -3.69
C LYS C 227 -21.78 45.36 -5.13
N SER C 228 -22.73 44.94 -5.97
CA SER C 228 -22.78 45.33 -7.39
C SER C 228 -24.20 45.11 -7.88
N SER C 229 -24.40 45.33 -9.17
CA SER C 229 -25.75 45.38 -9.74
C SER C 229 -25.99 44.21 -10.68
N ASP C 230 -27.28 43.82 -10.78
CA ASP C 230 -27.78 42.91 -11.81
C ASP C 230 -27.19 41.50 -11.66
N ASN C 231 -27.05 41.04 -10.43
CA ASN C 231 -26.57 39.68 -10.17
C ASN C 231 -27.77 38.75 -9.95
N ILE C 232 -27.51 37.46 -10.12
CA ILE C 232 -28.52 36.42 -9.92
C ILE C 232 -28.00 35.45 -8.85
N ILE C 233 -28.78 35.29 -7.78
CA ILE C 233 -28.45 34.38 -6.68
C ILE C 233 -29.64 33.44 -6.54
N ARG C 234 -29.52 32.22 -7.06
CA ARG C 234 -30.67 31.34 -7.15
C ARG C 234 -30.34 29.90 -6.79
N ASN C 235 -31.30 29.25 -6.12
CA ASN C 235 -31.27 27.80 -5.88
C ASN C 235 -30.06 27.37 -5.06
N ASN C 236 -29.53 28.28 -4.24
CA ASN C 236 -28.49 27.92 -3.29
C ASN C 236 -29.12 27.47 -1.98
N VAL C 237 -28.32 26.81 -1.15
CA VAL C 237 -28.75 26.35 0.16
C VAL C 237 -27.78 26.90 1.21
N PHE C 238 -28.34 27.56 2.23
CA PHE C 238 -27.57 28.09 3.35
C PHE C 238 -27.97 27.29 4.58
N LEU C 239 -27.15 26.31 4.95
CA LEU C 239 -27.47 25.36 5.99
C LEU C 239 -26.76 25.75 7.28
N GLU C 240 -27.53 26.22 8.26
CA GLU C 240 -27.02 26.52 9.62
C GLU C 240 -25.86 27.51 9.56
N CYS C 241 -26.01 28.55 8.76
CA CYS C 241 -25.01 29.60 8.63
C CYS C 241 -25.32 30.72 9.61
N ARG C 242 -24.34 31.09 10.44
CA ARG C 242 -24.47 32.24 11.32
C ARG C 242 -24.24 33.52 10.50
N GLY C 243 -25.16 33.74 9.58
CA GLY C 243 -25.03 34.86 8.67
C GLY C 243 -26.20 34.93 7.72
N ILE C 244 -26.08 35.85 6.75
CA ILE C 244 -27.18 36.20 5.86
C ILE C 244 -26.65 36.34 4.44
N LEU C 245 -27.58 36.40 3.48
CA LEU C 245 -27.30 36.91 2.15
C LEU C 245 -27.61 38.40 2.16
N ALA C 246 -26.61 39.22 1.89
CA ALA C 246 -26.74 40.67 2.01
C ALA C 246 -26.78 41.30 0.62
N LEU C 247 -27.87 42.03 0.34
CA LEU C 247 -27.90 42.94 -0.81
C LEU C 247 -27.43 44.30 -0.30
N ARG C 248 -26.11 44.42 -0.14
CA ARG C 248 -25.52 45.53 0.60
C ARG C 248 -25.34 46.76 -0.28
N HIS C 249 -24.75 46.57 -1.47
CA HIS C 249 -24.60 47.63 -2.46
C HIS C 249 -25.05 47.11 -3.82
N GLY C 250 -25.43 48.04 -4.69
CA GLY C 250 -25.83 47.71 -6.03
C GLY C 250 -27.33 47.47 -6.17
N ASN C 251 -27.81 47.56 -7.42
CA ASN C 251 -29.23 47.52 -7.72
C ASN C 251 -29.60 46.28 -8.52
N ARG C 252 -30.90 45.97 -8.52
CA ARG C 252 -31.50 45.02 -9.46
C ARG C 252 -30.92 43.62 -9.32
N ASN C 253 -30.75 43.16 -8.08
CA ASN C 253 -30.26 41.83 -7.83
C ASN C 253 -31.42 40.86 -7.63
N LEU C 254 -31.30 39.69 -8.22
CA LEU C 254 -32.35 38.67 -8.21
C LEU C 254 -32.00 37.59 -7.20
N VAL C 255 -32.89 37.37 -6.24
CA VAL C 255 -32.73 36.33 -5.22
C VAL C 255 -33.94 35.42 -5.30
N GLU C 256 -33.75 34.22 -5.85
CA GLU C 256 -34.90 33.35 -6.08
C GLU C 256 -34.55 31.89 -5.84
N GLY C 257 -35.51 31.16 -5.26
CA GLY C 257 -35.35 29.73 -5.10
C GLY C 257 -34.31 29.28 -4.09
N ASN C 258 -33.77 30.20 -3.29
CA ASN C 258 -32.80 29.81 -2.28
C ASN C 258 -33.51 29.27 -1.04
N ALA C 259 -32.74 28.55 -0.21
CA ALA C 259 -33.25 27.96 1.02
C ALA C 259 -32.33 28.32 2.16
N PHE C 260 -32.86 29.06 3.13
CA PHE C 260 -32.11 29.42 4.34
C PHE C 260 -32.61 28.53 5.46
N ILE C 261 -31.82 27.51 5.80
CA ILE C 261 -32.21 26.49 6.75
C ILE C 261 -31.37 26.61 8.02
N GLY C 262 -31.88 27.35 9.00
CA GLY C 262 -31.15 27.54 10.25
C GLY C 262 -31.33 26.44 11.26
N ASN C 263 -32.43 25.68 11.19
CA ASN C 263 -32.72 24.57 12.09
C ASN C 263 -32.79 25.01 13.55
N GLY C 264 -33.13 26.28 13.80
CA GLY C 264 -33.24 26.78 15.15
C GLY C 264 -31.93 27.10 15.83
N LEU C 265 -30.82 27.16 15.09
CA LEU C 265 -29.53 27.45 15.68
C LEU C 265 -29.32 28.95 15.80
N PRO C 266 -28.46 29.39 16.71
CA PRO C 266 -28.28 30.83 16.95
C PRO C 266 -27.70 31.57 15.75
N CYS C 267 -28.17 32.81 15.58
CA CYS C 267 -27.64 33.78 14.60
C CYS C 267 -27.86 33.33 13.16
N THR C 268 -28.74 32.37 12.92
CA THR C 268 -29.04 31.95 11.55
C THR C 268 -30.01 32.93 10.91
N GLY C 269 -29.67 33.43 9.73
CA GLY C 269 -30.46 34.46 9.10
C GLY C 269 -30.80 34.20 7.65
N GLY C 270 -31.41 35.21 7.01
CA GLY C 270 -31.83 35.08 5.63
C GLY C 270 -31.28 36.16 4.72
N VAL C 271 -32.11 37.17 4.44
CA VAL C 271 -31.76 38.22 3.48
C VAL C 271 -31.95 39.58 4.15
N ARG C 272 -30.91 40.41 4.09
CA ARG C 272 -31.00 41.83 4.44
C ARG C 272 -30.83 42.66 3.18
N ILE C 273 -31.75 43.60 2.95
CA ILE C 273 -31.86 44.29 1.68
C ILE C 273 -31.51 45.76 1.86
N VAL C 274 -30.61 46.26 1.00
CA VAL C 274 -30.39 47.68 0.77
C VAL C 274 -30.55 47.92 -0.73
N ASN C 275 -30.66 49.19 -1.11
CA ASN C 275 -30.69 49.63 -2.50
C ASN C 275 -32.00 49.33 -3.20
N GLU C 276 -31.99 49.37 -4.54
CA GLU C 276 -33.21 49.50 -5.32
C GLU C 276 -33.34 48.37 -6.34
N GLY C 277 -34.59 48.01 -6.63
CA GLY C 277 -34.92 47.23 -7.81
C GLY C 277 -34.77 45.73 -7.69
N HIS C 278 -34.61 45.19 -6.49
CA HIS C 278 -34.36 43.76 -6.34
C HIS C 278 -35.65 42.96 -6.47
N THR C 279 -35.49 41.66 -6.68
CA THR C 279 -36.61 40.72 -6.71
C THR C 279 -36.26 39.53 -5.82
N ILE C 280 -37.07 39.31 -4.79
CA ILE C 280 -36.90 38.19 -3.88
C ILE C 280 -38.11 37.28 -4.10
N LYS C 281 -37.89 36.14 -4.76
CA LYS C 281 -38.98 35.34 -5.29
C LYS C 281 -38.77 33.86 -4.97
N GLY C 282 -39.78 33.24 -4.38
CA GLY C 282 -39.79 31.79 -4.24
C GLY C 282 -38.69 31.22 -3.38
N ASN C 283 -38.28 31.93 -2.34
CA ASN C 283 -37.26 31.43 -1.42
C ASN C 283 -37.91 30.80 -0.20
N LEU C 284 -37.13 29.96 0.48
CA LEU C 284 -37.55 29.34 1.72
C LEU C 284 -36.71 29.89 2.86
N PHE C 285 -37.38 30.43 3.87
CA PHE C 285 -36.74 30.88 5.11
C PHE C 285 -37.27 30.00 6.23
N TYR C 286 -36.36 29.24 6.87
CA TYR C 286 -36.76 28.09 7.68
C TYR C 286 -35.90 28.02 8.94
N GLY C 287 -36.53 28.18 10.10
CA GLY C 287 -35.85 27.97 11.37
C GLY C 287 -34.73 28.94 11.66
N LEU C 288 -34.95 30.23 11.39
CA LEU C 288 -33.92 31.25 11.53
C LEU C 288 -34.11 32.00 12.84
N LYS C 289 -33.06 32.02 13.67
CA LYS C 289 -33.10 32.64 14.99
C LYS C 289 -32.45 34.02 15.03
N GLY C 290 -31.81 34.45 13.95
CA GLY C 290 -31.08 35.70 13.96
C GLY C 290 -31.97 36.90 14.19
N ASP C 291 -31.36 37.95 14.74
CA ASP C 291 -32.04 39.21 15.04
C ASP C 291 -31.24 40.37 14.46
N ARG C 292 -31.89 41.52 14.40
CA ARG C 292 -31.36 42.72 13.76
C ARG C 292 -30.75 42.42 12.40
N PHE C 293 -29.45 42.65 12.23
CA PHE C 293 -28.82 42.46 10.94
C PHE C 293 -28.66 40.98 10.58
N PHE C 294 -28.83 40.08 11.55
CA PHE C 294 -28.84 38.64 11.31
C PHE C 294 -30.25 38.11 11.06
N ALA C 295 -31.23 38.98 10.86
CA ALA C 295 -32.62 38.55 10.87
C ALA C 295 -32.94 37.65 9.68
N ALA C 296 -34.07 36.95 9.78
CA ALA C 296 -34.56 36.16 8.66
C ALA C 296 -34.80 37.04 7.44
N LEU C 297 -35.40 38.21 7.65
CA LEU C 297 -35.58 39.18 6.59
C LEU C 297 -35.39 40.58 7.15
N GLY C 298 -34.65 41.40 6.42
CA GLY C 298 -34.50 42.79 6.80
C GLY C 298 -34.53 43.73 5.62
N LEU C 299 -35.39 44.73 5.67
CA LEU C 299 -35.41 45.83 4.70
C LEU C 299 -35.00 47.08 5.45
N MET C 300 -33.85 47.64 5.11
CA MET C 300 -33.19 48.62 5.95
C MET C 300 -33.71 50.03 5.71
N ASN C 301 -33.69 50.83 6.77
CA ASN C 301 -33.72 52.27 6.62
C ASN C 301 -32.39 52.72 6.01
N ALA C 302 -32.42 53.88 5.35
CA ALA C 302 -31.28 54.34 4.58
C ALA C 302 -30.96 55.80 4.89
N VAL C 303 -29.79 56.23 4.44
CA VAL C 303 -29.36 57.61 4.53
C VAL C 303 -29.90 58.37 3.33
N PRO C 304 -30.61 59.48 3.52
CA PRO C 304 -31.04 60.29 2.37
C PRO C 304 -29.84 60.84 1.62
N ASN C 305 -29.88 60.68 0.29
CA ASN C 305 -28.79 61.11 -0.59
C ASN C 305 -27.47 60.50 -0.15
N SER C 306 -27.51 59.19 0.08
CA SER C 306 -26.39 58.48 0.69
C SER C 306 -25.13 58.57 -0.18
N LEU C 307 -23.99 58.61 0.49
CA LEU C 307 -22.71 58.44 -0.18
C LEU C 307 -22.51 56.95 -0.50
N PRO C 308 -21.61 56.64 -1.43
CA PRO C 308 -21.49 55.24 -1.89
C PRO C 308 -21.22 54.23 -0.79
N ASN C 309 -20.53 54.59 0.29
CA ASN C 309 -20.14 53.62 1.30
C ASN C 309 -21.16 53.48 2.43
N ARG C 310 -22.28 54.18 2.38
CA ARG C 310 -23.27 54.16 3.45
C ARG C 310 -24.44 53.27 3.02
N TYR C 311 -25.70 53.68 3.18
CA TYR C 311 -26.86 52.83 2.91
C TYR C 311 -27.84 53.60 2.04
N HIS C 312 -28.14 53.07 0.86
CA HIS C 312 -28.98 53.74 -0.11
C HIS C 312 -30.44 53.30 0.01
N HIS C 313 -31.34 54.20 -0.33
CA HIS C 313 -32.80 54.01 -0.24
C HIS C 313 -33.23 52.64 -0.75
N VAL C 314 -33.95 51.91 0.10
CA VAL C 314 -34.54 50.64 -0.30
C VAL C 314 -35.85 50.95 -1.03
N LYS C 315 -35.92 50.58 -2.30
CA LYS C 315 -36.97 51.07 -3.17
C LYS C 315 -37.22 50.09 -4.30
N ASP C 316 -38.50 49.98 -4.71
CA ASP C 316 -38.90 49.17 -5.86
C ASP C 316 -38.45 47.72 -5.70
N VAL C 317 -38.73 47.14 -4.53
CA VAL C 317 -38.38 45.77 -4.22
C VAL C 317 -39.65 44.94 -4.21
N THR C 318 -39.63 43.82 -4.92
CA THR C 318 -40.75 42.88 -4.97
C THR C 318 -40.36 41.61 -4.25
N LEU C 319 -41.13 41.23 -3.24
CA LEU C 319 -40.95 39.97 -2.53
C LEU C 319 -42.19 39.13 -2.75
N GLU C 320 -42.06 38.05 -3.53
CA GLU C 320 -43.23 37.25 -3.89
C GLU C 320 -42.93 35.77 -3.82
N ASP C 321 -43.96 35.00 -3.45
CA ASP C 321 -43.93 33.54 -3.43
C ASP C 321 -42.90 32.97 -2.47
N ASN C 322 -42.46 33.75 -1.48
CA ASN C 322 -41.54 33.23 -0.48
C ASN C 322 -42.31 32.51 0.63
N ARG C 323 -41.57 31.71 1.39
CA ARG C 323 -42.12 30.99 2.54
C ARG C 323 -41.29 31.32 3.77
N PHE C 324 -41.90 31.94 4.76
CA PHE C 324 -41.25 32.28 6.02
C PHE C 324 -41.81 31.34 7.09
N ILE C 325 -41.05 30.31 7.41
CA ILE C 325 -41.50 29.23 8.29
C ILE C 325 -40.64 29.26 9.55
N ASN C 326 -41.28 29.52 10.69
CA ASN C 326 -40.60 29.58 11.98
C ASN C 326 -39.43 30.54 11.95
N CYS C 327 -39.69 31.75 11.46
CA CYS C 327 -38.70 32.81 11.41
C CYS C 327 -38.97 33.78 12.55
N ASP C 328 -37.99 33.93 13.44
CA ASP C 328 -38.20 34.74 14.65
C ASP C 328 -38.33 36.22 14.31
N ASN C 329 -37.54 36.72 13.37
CA ASN C 329 -37.41 38.16 13.19
C ASN C 329 -37.53 38.53 11.71
N ILE C 330 -38.66 39.15 11.37
CA ILE C 330 -38.89 39.72 10.05
C ILE C 330 -39.02 41.22 10.26
N LEU C 331 -38.00 41.97 9.85
CA LEU C 331 -37.83 43.36 10.26
C LEU C 331 -37.97 44.30 9.06
N PHE C 332 -38.87 45.26 9.18
CA PHE C 332 -38.99 46.36 8.23
C PHE C 332 -38.40 47.62 8.84
N CYS C 333 -37.66 48.38 8.04
CA CYS C 333 -36.98 49.60 8.47
C CYS C 333 -35.89 49.34 9.51
N VAL C 334 -35.28 48.16 9.46
CA VAL C 334 -34.22 47.82 10.42
C VAL C 334 -33.02 48.73 10.19
N GLY C 335 -32.38 49.14 11.28
CA GLY C 335 -31.28 50.08 11.22
C GLY C 335 -31.66 51.53 11.39
N LYS C 336 -32.94 51.82 11.57
CA LYS C 336 -33.42 53.19 11.71
C LYS C 336 -32.71 53.90 12.87
N ASP C 337 -32.18 55.09 12.60
CA ASP C 337 -31.57 55.91 13.63
C ASP C 337 -31.55 57.36 13.12
N ASN C 338 -30.76 58.21 13.79
CA ASN C 338 -30.66 59.60 13.40
C ASN C 338 -29.95 59.81 12.07
N GLU C 339 -29.27 58.78 11.56
CA GLU C 339 -28.63 58.83 10.24
C GLU C 339 -29.46 58.14 9.17
N ARG C 340 -29.83 56.89 9.40
CA ARG C 340 -30.65 56.12 8.47
C ARG C 340 -32.12 56.44 8.75
N THR C 341 -32.60 57.53 8.15
CA THR C 341 -33.94 58.06 8.42
C THR C 341 -34.95 57.77 7.33
N LEU C 342 -34.53 57.18 6.21
CA LEU C 342 -35.41 57.04 5.06
C LEU C 342 -36.00 55.64 5.03
N PRO C 343 -37.30 55.47 5.26
CA PRO C 343 -37.90 54.13 5.23
C PRO C 343 -38.00 53.62 3.81
N PRO C 344 -38.17 52.31 3.62
CA PRO C 344 -38.31 51.77 2.26
C PRO C 344 -39.55 52.31 1.57
N SER C 345 -39.49 52.39 0.25
CA SER C 345 -40.57 52.89 -0.57
C SER C 345 -40.87 51.93 -1.71
N ASN C 346 -42.15 51.88 -2.10
CA ASN C 346 -42.59 51.06 -3.23
C ASN C 346 -42.16 49.60 -3.06
N ILE C 347 -42.50 49.06 -1.89
CA ILE C 347 -42.23 47.65 -1.57
C ILE C 347 -43.52 46.86 -1.74
N SER C 348 -43.41 45.68 -2.35
CA SER C 348 -44.56 44.84 -2.60
C SER C 348 -44.31 43.44 -2.03
N PHE C 349 -45.15 43.03 -1.09
CA PHE C 349 -45.20 41.65 -0.60
C PHE C 349 -46.39 40.97 -1.26
N ILE C 350 -46.12 40.01 -2.15
CA ILE C 350 -47.16 39.38 -2.97
C ILE C 350 -47.09 37.87 -2.74
N ARG C 351 -48.17 37.30 -2.22
CA ARG C 351 -48.38 35.85 -2.22
C ARG C 351 -47.28 35.10 -1.48
N ASN C 352 -46.92 35.60 -0.30
CA ASN C 352 -45.97 34.93 0.57
C ASN C 352 -46.70 34.12 1.63
N GLN C 353 -46.02 33.11 2.15
CA GLN C 353 -46.54 32.30 3.24
C GLN C 353 -45.76 32.60 4.52
N PHE C 354 -46.48 32.77 5.62
CA PHE C 354 -45.88 32.98 6.93
C PHE C 354 -46.46 31.93 7.87
N ILE C 355 -45.62 30.98 8.28
CA ILE C 355 -46.03 29.87 9.13
C ILE C 355 -45.12 29.81 10.34
N SER C 356 -45.70 29.75 11.53
CA SER C 356 -44.88 29.72 12.75
C SER C 356 -45.66 29.04 13.87
N LYS C 357 -44.95 28.20 14.62
CA LYS C 357 -45.53 27.53 15.77
C LYS C 357 -45.38 28.33 17.06
N SER C 358 -44.63 29.41 17.05
CA SER C 358 -44.36 30.20 18.25
C SER C 358 -45.09 31.53 18.18
N ASP C 359 -45.42 32.06 19.36
CA ASP C 359 -46.17 33.31 19.50
C ASP C 359 -45.21 34.49 19.40
N LYS C 360 -44.77 34.75 18.17
CA LYS C 360 -43.88 35.87 17.88
C LYS C 360 -44.53 36.78 16.84
N ALA C 361 -44.10 38.04 16.83
CA ALA C 361 -44.64 39.02 15.91
C ALA C 361 -44.45 38.57 14.47
N LEU C 362 -45.50 38.78 13.65
CA LEU C 362 -45.41 38.43 12.23
C LEU C 362 -44.32 39.22 11.55
N TYR C 363 -44.26 40.53 11.82
CA TYR C 363 -43.14 41.35 11.41
C TYR C 363 -42.95 42.44 12.45
N GLN C 364 -41.78 43.07 12.43
CA GLN C 364 -41.46 44.18 13.32
C GLN C 364 -41.05 45.37 12.47
N SER C 365 -41.68 46.51 12.71
CA SER C 365 -41.36 47.74 11.99
C SER C 365 -40.71 48.74 12.94
N PHE C 366 -39.71 49.45 12.44
CA PHE C 366 -39.01 50.47 13.22
C PHE C 366 -39.22 51.87 12.66
N ASP C 367 -40.11 52.01 11.67
CA ASP C 367 -40.45 53.30 11.10
C ASP C 367 -41.79 53.12 10.38
N ASP C 368 -42.27 54.20 9.78
CA ASP C 368 -43.50 54.13 9.01
C ASP C 368 -43.32 53.23 7.80
N ILE C 369 -44.32 52.38 7.53
CA ILE C 369 -44.22 51.43 6.43
C ILE C 369 -45.33 51.69 5.40
N SER C 370 -45.68 52.96 5.20
CA SER C 370 -46.67 53.30 4.19
C SER C 370 -46.16 53.09 2.76
N GLY C 371 -44.87 52.80 2.60
CA GLY C 371 -44.35 52.39 1.31
C GLY C 371 -44.49 50.91 1.02
N PHE C 372 -45.08 50.16 1.95
CA PHE C 372 -45.24 48.72 1.82
C PHE C 372 -46.64 48.40 1.31
N THR C 373 -46.74 47.51 0.34
CA THR C 373 -48.01 47.00 -0.15
C THR C 373 -48.05 45.49 0.05
N PHE C 374 -49.12 45.02 0.67
CA PHE C 374 -49.28 43.60 0.97
C PHE C 374 -50.49 43.08 0.20
N ILE C 375 -50.28 42.03 -0.60
CA ILE C 375 -51.33 41.49 -1.46
C ILE C 375 -51.28 39.96 -1.38
N ASP C 376 -52.39 39.36 -0.95
CA ASP C 376 -52.63 37.92 -1.08
C ASP C 376 -51.60 37.07 -0.32
N ASN C 377 -51.13 37.56 0.81
CA ASN C 377 -50.28 36.75 1.67
C ASN C 377 -51.13 35.89 2.60
N VAL C 378 -50.60 34.73 2.96
CA VAL C 378 -51.29 33.77 3.81
C VAL C 378 -50.44 33.49 5.04
N VAL C 379 -51.10 33.36 6.20
CA VAL C 379 -50.42 33.29 7.48
C VAL C 379 -51.06 32.21 8.33
N ASN C 380 -50.23 31.36 8.94
CA ASN C 380 -50.69 30.42 9.97
C ASN C 380 -49.78 30.58 11.19
N TYR C 381 -50.16 31.50 12.08
CA TYR C 381 -49.52 31.73 13.36
C TYR C 381 -50.47 31.30 14.48
N PRO C 382 -49.97 31.13 15.71
CA PRO C 382 -50.88 30.73 16.80
C PRO C 382 -51.91 31.78 17.17
N TYR C 383 -51.84 32.98 16.59
CA TYR C 383 -52.84 34.02 16.82
C TYR C 383 -53.41 34.48 15.49
N THR C 384 -54.56 35.16 15.57
CA THR C 384 -55.22 35.66 14.38
C THR C 384 -54.56 36.95 13.92
N VAL C 385 -54.22 37.01 12.64
CA VAL C 385 -53.63 38.21 12.04
C VAL C 385 -54.75 39.07 11.47
N THR C 386 -54.64 40.39 11.67
CA THR C 386 -55.66 41.33 11.25
C THR C 386 -55.22 42.21 10.08
N GLN C 387 -53.91 42.39 9.88
CA GLN C 387 -53.40 43.32 8.86
C GLN C 387 -54.00 43.03 7.49
N ARG C 388 -54.15 44.10 6.70
CA ARG C 388 -54.66 43.97 5.35
C ARG C 388 -53.61 43.34 4.43
N GLY C 389 -54.08 42.60 3.45
CA GLY C 389 -53.20 41.85 2.57
C GLY C 389 -52.73 40.54 3.13
N PHE C 390 -53.23 40.14 4.30
CA PHE C 390 -52.89 38.87 4.93
C PHE C 390 -54.17 38.09 5.19
N GLN C 391 -54.11 36.79 4.93
CA GLN C 391 -55.24 35.89 5.17
C GLN C 391 -54.77 34.75 6.07
N ASN C 392 -55.55 34.46 7.10
CA ASN C 392 -55.24 33.33 7.96
C ASN C 392 -55.68 32.04 7.28
N ASN C 393 -54.75 31.10 7.12
CA ASN C 393 -55.05 29.79 6.57
C ASN C 393 -54.54 28.74 7.56
N THR C 394 -55.46 27.96 8.12
CA THR C 394 -55.15 27.03 9.19
C THR C 394 -54.75 25.65 8.68
N THR C 395 -54.55 25.48 7.38
CA THR C 395 -54.08 24.22 6.84
C THR C 395 -52.59 24.19 6.56
N LEU C 396 -51.96 25.36 6.42
CA LEU C 396 -50.52 25.42 6.17
C LEU C 396 -49.76 24.87 7.36
N SER C 397 -48.85 23.94 7.11
CA SER C 397 -48.05 23.32 8.15
C SER C 397 -46.60 23.77 8.05
N ASP C 398 -45.92 23.79 9.19
CA ASP C 398 -44.50 24.13 9.22
C ASP C 398 -43.60 22.92 9.01
N SER C 399 -44.17 21.73 8.85
CA SER C 399 -43.42 20.53 8.51
C SER C 399 -43.42 20.40 6.99
N ILE C 400 -42.25 20.63 6.37
CA ILE C 400 -42.15 20.71 4.91
C ILE C 400 -41.04 19.77 4.43
N ASP C 401 -41.06 19.51 3.12
CA ASP C 401 -40.10 18.62 2.48
C ASP C 401 -38.78 19.35 2.31
N LEU C 402 -37.77 18.92 3.06
CA LEU C 402 -36.42 19.48 2.94
C LEU C 402 -35.54 18.68 1.99
N LYS C 403 -36.02 17.54 1.51
CA LYS C 403 -35.21 16.71 0.60
C LYS C 403 -34.72 17.44 -0.64
N PRO C 404 -35.53 18.23 -1.34
CA PRO C 404 -35.01 18.90 -2.56
C PRO C 404 -33.83 19.82 -2.30
N TYR C 405 -33.63 20.29 -1.07
CA TYR C 405 -32.50 21.16 -0.76
C TYR C 405 -31.30 20.41 -0.19
N MET C 406 -31.50 19.21 0.34
CA MET C 406 -30.44 18.48 1.03
C MET C 406 -29.87 17.33 0.22
N GLU C 407 -30.49 16.96 -0.90
CA GLU C 407 -30.06 15.81 -1.69
C GLU C 407 -29.49 16.23 -3.04
N LYS C 408 -28.97 17.45 -3.14
CA LYS C 408 -28.39 17.94 -4.38
C LYS C 408 -26.89 17.64 -4.42
N LYS C 409 -26.35 17.63 -5.63
CA LYS C 409 -24.93 17.39 -5.84
C LYS C 409 -24.16 18.69 -5.69
N ASN C 410 -23.07 18.65 -4.93
CA ASN C 410 -22.24 19.84 -4.72
C ASN C 410 -20.85 19.40 -4.29
N GLY C 411 -19.91 20.32 -4.44
CA GLY C 411 -18.54 20.07 -4.04
C GLY C 411 -17.79 19.20 -5.04
N ALA C 412 -16.52 18.97 -4.73
CA ALA C 412 -15.71 18.09 -5.58
C ALA C 412 -16.24 16.66 -5.52
N SER C 413 -16.34 16.03 -6.68
CA SER C 413 -16.96 14.71 -6.77
C SER C 413 -16.19 13.66 -5.97
N TRP C 414 -14.88 13.82 -5.83
CA TRP C 414 -14.04 12.83 -5.17
C TRP C 414 -13.84 13.12 -3.68
N TYR C 415 -14.28 14.27 -3.19
CA TYR C 415 -14.04 14.68 -1.81
C TYR C 415 -15.26 14.39 -0.95
N THR C 416 -15.04 13.75 0.19
CA THR C 416 -16.05 13.58 1.22
C THR C 416 -15.54 14.21 2.51
N LEU C 417 -16.43 14.88 3.24
CA LEU C 417 -16.02 15.64 4.41
C LEU C 417 -15.43 14.71 5.47
N SER C 418 -14.17 14.95 5.82
CA SER C 418 -13.47 14.17 6.81
C SER C 418 -13.81 14.63 8.23
N LEU C 423 -13.67 16.35 18.95
CA LEU C 423 -12.92 16.36 20.20
C LEU C 423 -13.33 15.19 21.08
N VAL C 424 -12.59 14.09 20.99
CA VAL C 424 -12.91 12.86 21.70
C VAL C 424 -11.75 12.52 22.64
N LEU C 425 -12.08 11.99 23.81
CA LEU C 425 -11.08 11.50 24.73
C LEU C 425 -10.62 10.11 24.30
N THR C 426 -9.33 9.84 24.47
CA THR C 426 -8.78 8.54 24.14
C THR C 426 -9.10 7.47 25.17
N GLY C 427 -9.61 7.85 26.34
CA GLY C 427 -9.79 6.90 27.42
C GLY C 427 -8.51 6.55 28.16
N ASN C 428 -7.42 7.26 27.89
CA ASN C 428 -6.14 7.04 28.54
C ASN C 428 -5.87 8.14 29.55
N GLU C 429 -5.16 7.77 30.62
CA GLU C 429 -4.88 8.67 31.73
C GLU C 429 -3.42 8.55 32.13
N ILE C 430 -2.73 9.68 32.23
CA ILE C 430 -1.34 9.74 32.64
C ILE C 430 -1.29 10.30 34.06
N SER C 431 -0.87 9.48 35.00
CA SER C 431 -0.80 9.91 36.39
C SER C 431 0.44 10.76 36.61
N VAL C 432 0.28 11.87 37.31
CA VAL C 432 1.36 12.82 37.56
C VAL C 432 1.56 12.94 39.06
N LYS C 433 2.80 12.80 39.50
CA LYS C 433 3.16 13.01 40.89
C LYS C 433 3.73 14.41 41.08
N ALA C 434 3.69 14.89 42.32
CA ALA C 434 4.27 16.19 42.62
C ALA C 434 5.78 16.16 42.45
N GLY C 435 6.34 17.30 42.10
CA GLY C 435 7.77 17.42 41.89
C GLY C 435 8.08 18.49 40.88
N GLN C 436 9.33 18.48 40.39
CA GLN C 436 9.82 19.47 39.45
C GLN C 436 9.53 19.01 38.03
N ASN C 437 8.75 19.81 37.30
CA ASN C 437 8.49 19.62 35.87
C ASN C 437 7.78 18.30 35.58
N THR C 438 7.20 17.65 36.59
CA THR C 438 6.47 16.41 36.35
C THR C 438 5.27 16.65 35.44
N LEU C 439 4.61 17.79 35.58
CA LEU C 439 3.48 18.11 34.71
C LEU C 439 3.93 18.29 33.27
N LEU C 440 5.10 18.92 33.07
CA LEU C 440 5.60 19.13 31.71
C LEU C 440 5.95 17.81 31.04
N GLU C 441 6.66 16.93 31.74
CA GLU C 441 7.02 15.63 31.18
C GLU C 441 5.77 14.81 30.86
N ALA C 442 4.70 14.97 31.65
CA ALA C 442 3.46 14.28 31.35
C ALA C 442 2.79 14.84 30.11
N LEU C 443 2.96 16.14 29.84
CA LEU C 443 2.35 16.75 28.67
C LEU C 443 3.05 16.33 27.40
N ASN C 444 4.38 16.14 27.44
CA ASN C 444 5.12 15.73 26.26
C ASN C 444 4.76 14.31 25.85
N GLN C 445 4.50 13.43 26.82
CA GLN C 445 4.09 12.07 26.50
C GLN C 445 2.67 12.01 25.99
N ALA C 446 1.86 13.03 26.25
CA ALA C 446 0.42 12.93 26.01
C ALA C 446 0.09 13.04 24.54
N GLN C 447 -0.88 12.22 24.11
CA GLN C 447 -1.49 12.34 22.79
C GLN C 447 -2.77 13.16 22.90
N SER C 448 -3.27 13.61 21.75
CA SER C 448 -4.49 14.40 21.73
C SER C 448 -5.66 13.60 22.28
N GLY C 449 -6.28 14.12 23.33
CA GLY C 449 -7.38 13.45 23.99
C GLY C 449 -7.02 12.76 25.29
N ASP C 450 -5.76 12.80 25.70
CA ASP C 450 -5.34 12.19 26.96
C ASP C 450 -5.75 13.07 28.14
N ILE C 451 -5.86 12.44 29.29
CA ILE C 451 -6.14 13.13 30.56
C ILE C 451 -4.87 13.12 31.39
N LEU C 452 -4.44 14.30 31.81
CA LEU C 452 -3.33 14.43 32.76
C LEU C 452 -3.93 14.47 34.16
N ASN C 453 -3.65 13.43 34.95
CA ASN C 453 -4.26 13.25 36.27
C ASN C 453 -3.23 13.52 37.34
N LEU C 454 -3.41 14.60 38.08
CA LEU C 454 -2.55 14.94 39.21
C LEU C 454 -2.97 14.06 40.38
N SER C 455 -2.17 13.04 40.67
CA SER C 455 -2.59 11.94 41.53
C SER C 455 -2.35 12.19 43.02
N GLU C 456 -1.60 13.23 43.38
CA GLU C 456 -1.27 13.46 44.78
C GLU C 456 -1.31 14.95 45.10
N GLU C 457 -1.64 15.25 46.34
CA GLU C 457 -1.51 16.60 46.85
C GLU C 457 -0.04 17.00 46.90
N GLY C 458 0.21 18.31 46.98
CA GLY C 458 1.55 18.83 47.04
C GLY C 458 1.73 19.92 46.01
N VAL C 459 3.00 20.27 45.77
CA VAL C 459 3.36 21.37 44.89
C VAL C 459 3.94 20.79 43.60
N TYR C 460 3.41 21.24 42.46
CA TYR C 460 3.90 20.86 41.15
C TYR C 460 4.68 22.05 40.59
N TRP C 461 6.01 21.94 40.59
CA TRP C 461 6.87 23.03 40.14
C TRP C 461 7.05 22.97 38.64
N LEU C 462 7.02 24.14 38.00
CA LEU C 462 7.19 24.28 36.56
C LEU C 462 8.18 25.41 36.29
N ASP C 463 9.24 25.11 35.55
CA ASP C 463 10.18 26.13 35.11
C ASP C 463 9.86 26.63 33.70
N ASN C 464 8.83 26.09 33.07
CA ASN C 464 8.39 26.54 31.75
C ASN C 464 6.87 26.45 31.71
N THR C 465 6.30 26.91 30.60
CA THR C 465 4.85 26.88 30.45
C THR C 465 4.39 25.55 29.86
N LEU C 466 3.13 25.22 30.14
CA LEU C 466 2.49 24.03 29.56
C LEU C 466 1.91 24.41 28.20
N LEU C 467 2.56 23.95 27.13
CA LEU C 467 2.16 24.30 25.77
C LEU C 467 1.02 23.37 25.33
N ILE C 468 -0.17 23.94 25.18
CA ILE C 468 -1.36 23.18 24.79
C ILE C 468 -1.52 23.33 23.29
N ASP C 469 -1.03 22.35 22.53
CA ASP C 469 -1.18 22.32 21.08
C ASP C 469 -2.04 21.15 20.62
N LYS C 470 -2.81 20.56 21.52
CA LYS C 470 -3.71 19.46 21.20
C LYS C 470 -4.84 19.46 22.22
N TYR C 471 -5.74 18.47 22.10
CA TYR C 471 -6.82 18.30 23.05
C TYR C 471 -6.26 17.68 24.32
N ILE C 472 -6.30 18.44 25.42
CA ILE C 472 -5.73 18.03 26.69
C ILE C 472 -6.74 18.30 27.79
N ARG C 473 -6.90 17.35 28.70
CA ARG C 473 -7.64 17.55 29.93
C ARG C 473 -6.69 17.33 31.10
N ILE C 474 -6.51 18.36 31.92
CA ILE C 474 -5.73 18.26 33.15
C ILE C 474 -6.70 18.33 34.32
N GLN C 475 -6.60 17.37 35.22
CA GLN C 475 -7.56 17.26 36.32
C GLN C 475 -6.85 16.79 37.58
N ALA C 476 -7.42 17.18 38.72
CA ALA C 476 -7.03 16.58 39.98
C ALA C 476 -7.73 15.25 40.16
N ASP C 477 -7.04 14.30 40.79
CA ASP C 477 -7.66 13.02 41.08
C ASP C 477 -8.86 13.23 42.00
N SER C 478 -9.91 12.45 41.76
CA SER C 478 -11.15 12.61 42.51
C SER C 478 -11.00 12.29 43.99
N HIS C 479 -9.92 11.59 44.37
CA HIS C 479 -9.71 11.20 45.76
C HIS C 479 -8.99 12.25 46.58
N LEU C 480 -8.54 13.34 45.97
CA LEU C 480 -7.83 14.38 46.70
C LEU C 480 -8.82 15.30 47.40
N SER C 481 -8.49 15.67 48.64
CA SER C 481 -9.29 16.63 49.39
C SER C 481 -8.80 18.07 49.22
N LYS C 482 -7.57 18.25 48.75
CA LYS C 482 -6.99 19.57 48.50
C LYS C 482 -6.71 19.72 47.02
N ARG C 483 -6.73 20.97 46.56
CA ARG C 483 -6.33 21.26 45.19
C ARG C 483 -4.83 21.11 45.05
N PRO C 484 -4.34 20.38 44.04
CA PRO C 484 -2.89 20.39 43.78
C PRO C 484 -2.44 21.78 43.39
N VAL C 485 -1.29 22.18 43.92
CA VAL C 485 -0.80 23.55 43.78
C VAL C 485 0.28 23.57 42.70
N LEU C 486 0.08 24.40 41.69
CA LEU C 486 1.09 24.66 40.69
C LEU C 486 1.89 25.89 41.08
N CYS C 487 3.22 25.80 41.01
CA CYS C 487 4.11 26.90 41.32
C CYS C 487 5.13 27.05 40.21
N PHE C 488 5.66 28.26 40.07
CA PHE C 488 6.55 28.61 38.98
C PHE C 488 7.93 28.96 39.52
N ASN C 489 8.95 28.31 38.99
CA ASN C 489 10.34 28.58 39.32
C ASN C 489 11.19 28.65 38.06
N GLY C 490 10.64 29.24 37.00
CA GLY C 490 11.37 29.39 35.75
C GLY C 490 12.23 30.65 35.72
N MET C 491 13.13 30.69 34.73
CA MET C 491 14.04 31.81 34.57
C MET C 491 13.48 32.91 33.67
N SER C 492 12.39 32.64 32.95
CA SER C 492 11.75 33.63 32.10
C SER C 492 10.26 33.65 32.41
N GLY C 493 9.71 34.83 32.65
CA GLY C 493 8.32 34.99 32.98
C GLY C 493 7.39 34.35 31.97
N LYS C 494 6.50 33.48 32.45
CA LYS C 494 5.59 32.75 31.59
C LYS C 494 4.30 32.46 32.34
N ALA C 495 3.23 32.29 31.57
CA ALA C 495 2.01 31.77 32.15
C ALA C 495 2.17 30.28 32.49
N PHE C 496 1.36 29.81 33.43
CA PHE C 496 1.39 28.38 33.76
C PHE C 496 1.00 27.54 32.54
N VAL C 497 -0.01 28.00 31.79
CA VAL C 497 -0.57 27.25 30.66
C VAL C 497 -0.69 28.21 29.48
N THR C 498 -0.18 27.79 28.33
CA THR C 498 -0.23 28.59 27.11
C THR C 498 -0.87 27.77 26.00
N ILE C 499 -2.05 28.19 25.56
CA ILE C 499 -2.73 27.54 24.45
C ILE C 499 -2.18 28.09 23.14
N VAL C 500 -1.86 27.20 22.20
CA VAL C 500 -1.34 27.60 20.90
C VAL C 500 -2.13 26.89 19.80
N ASN C 501 -1.61 26.92 18.58
CA ASN C 501 -2.28 26.29 17.44
C ASN C 501 -2.62 24.83 17.73
N GLY C 502 -3.89 24.48 17.50
CA GLY C 502 -4.36 23.13 17.72
C GLY C 502 -4.80 22.83 19.14
N GLY C 503 -4.60 23.75 20.08
CA GLY C 503 -4.86 23.45 21.48
C GLY C 503 -6.33 23.60 21.84
N ASN C 504 -6.81 22.65 22.64
CA ASN C 504 -8.13 22.72 23.27
C ASN C 504 -7.98 22.16 24.67
N LEU C 505 -8.50 22.87 25.66
CA LEU C 505 -8.11 22.64 27.05
C LEU C 505 -9.32 22.47 27.95
N GLU C 506 -9.26 21.45 28.81
CA GLU C 506 -10.16 21.29 29.95
C GLU C 506 -9.31 21.19 31.21
N ILE C 507 -9.62 22.00 32.22
CA ILE C 507 -8.88 22.01 33.46
C ILE C 507 -9.86 21.92 34.62
N GLN C 508 -9.58 21.03 35.57
CA GLN C 508 -10.47 20.79 36.69
C GLN C 508 -9.68 20.56 37.97
N GLY C 509 -10.03 21.30 39.02
CA GLY C 509 -9.54 21.04 40.35
C GLY C 509 -8.11 21.44 40.62
N LEU C 510 -7.56 22.39 39.87
CA LEU C 510 -6.16 22.76 40.01
C LEU C 510 -6.03 24.12 40.68
N ALA C 511 -4.97 24.27 41.49
CA ALA C 511 -4.65 25.54 42.13
C ALA C 511 -3.40 26.13 41.47
N PHE C 512 -3.48 27.40 41.10
CA PHE C 512 -2.39 28.10 40.42
C PHE C 512 -1.83 29.16 41.37
N ASN C 513 -0.61 28.93 41.84
CA ASN C 513 0.05 29.82 42.79
C ASN C 513 1.15 30.58 42.06
N GLY C 514 0.91 31.87 41.83
CA GLY C 514 1.87 32.71 41.14
C GLY C 514 2.86 33.38 42.07
N GLU C 515 3.01 32.84 43.28
CA GLU C 515 3.95 33.37 44.25
C GLU C 515 5.37 33.36 43.67
N GLY C 516 6.03 34.51 43.71
CA GLY C 516 7.37 34.61 43.17
C GLY C 516 8.36 33.84 44.01
N GLU C 517 9.20 33.05 43.37
CA GLU C 517 10.26 32.31 44.03
C GLU C 517 11.58 33.08 43.92
N ALA C 518 12.38 33.01 44.99
CA ALA C 518 13.60 33.79 45.06
C ALA C 518 14.56 33.40 43.94
N GLY C 519 15.11 34.41 43.25
CA GLY C 519 16.02 34.20 42.14
C GLY C 519 15.36 33.81 40.84
N LYS C 520 14.06 33.55 40.84
CA LYS C 520 13.34 33.11 39.66
C LYS C 520 12.41 34.22 39.17
N ALA C 521 12.00 34.10 37.92
CA ALA C 521 11.10 35.08 37.31
C ALA C 521 9.68 34.91 37.82
N LEU C 522 8.88 35.96 37.64
CA LEU C 522 7.51 35.97 38.10
C LEU C 522 6.59 35.26 37.10
N SER C 523 5.68 34.45 37.61
CA SER C 523 4.65 33.85 36.77
C SER C 523 3.80 34.95 36.14
N GLU C 524 3.48 34.77 34.86
CA GLU C 524 2.75 35.77 34.10
C GLU C 524 1.31 35.34 33.81
N GLY C 525 0.70 34.65 34.77
CA GLY C 525 -0.70 34.29 34.67
C GLY C 525 -0.91 32.78 34.75
N GLY C 526 -2.18 32.42 34.92
CA GLY C 526 -2.56 31.02 34.97
C GLY C 526 -2.70 30.40 33.60
N ILE C 527 -3.64 30.92 32.80
CA ILE C 527 -3.94 30.40 31.47
C ILE C 527 -3.96 31.56 30.49
N THR C 528 -3.24 31.39 29.38
CA THR C 528 -3.25 32.38 28.32
C THR C 528 -3.29 31.68 26.97
N VAL C 529 -3.78 32.39 25.97
CA VAL C 529 -3.75 31.93 24.59
C VAL C 529 -2.80 32.86 23.84
N LYS C 530 -1.72 32.28 23.30
CA LYS C 530 -0.70 33.08 22.63
C LYS C 530 -1.30 33.89 21.49
N SER C 531 -0.98 35.18 21.47
CA SER C 531 -1.51 36.08 20.45
C SER C 531 -1.14 35.58 19.05
N GLY C 532 -2.11 35.64 18.15
CA GLY C 532 -1.91 35.17 16.79
C GLY C 532 -2.29 33.73 16.55
N THR C 533 -2.68 32.99 17.60
CA THR C 533 -3.09 31.60 17.43
C THR C 533 -4.28 31.52 16.47
N ILE C 534 -4.07 30.83 15.34
CA ILE C 534 -5.04 30.88 14.25
C ILE C 534 -6.15 29.83 14.39
N THR C 535 -5.91 28.76 15.15
CA THR C 535 -6.96 27.77 15.34
C THR C 535 -7.89 28.19 16.47
N PRO C 536 -9.21 28.16 16.25
CA PRO C 536 -10.13 28.41 17.36
C PRO C 536 -9.95 27.36 18.45
N TYR C 537 -10.08 27.78 19.70
CA TYR C 537 -9.82 26.93 20.84
C TYR C 537 -11.02 26.89 21.76
N LEU C 538 -11.19 25.77 22.45
CA LEU C 538 -12.16 25.64 23.52
C LEU C 538 -11.44 25.72 24.87
N LEU C 539 -12.10 26.36 25.83
CA LEU C 539 -11.54 26.48 27.18
C LEU C 539 -12.64 26.18 28.19
N THR C 540 -12.34 25.29 29.12
CA THR C 540 -13.29 24.92 30.17
C THR C 540 -12.52 24.83 31.47
N VAL C 541 -12.81 25.74 32.39
CA VAL C 541 -12.14 25.81 33.69
C VAL C 541 -13.18 25.50 34.76
N ASP C 542 -12.87 24.51 35.62
CA ASP C 542 -13.85 23.99 36.57
C ASP C 542 -13.15 23.76 37.91
N ASN C 543 -13.67 24.39 38.96
CA ASN C 543 -13.21 24.16 40.33
C ASN C 543 -11.71 24.44 40.48
N CYS C 544 -11.26 25.53 39.88
CA CYS C 544 -9.85 25.90 39.91
C CYS C 544 -9.63 27.09 40.84
N GLU C 545 -8.36 27.34 41.16
CA GLU C 545 -7.99 28.41 42.07
C GLU C 545 -6.79 29.15 41.51
N PHE C 546 -6.88 30.48 41.47
CA PHE C 546 -5.80 31.34 40.97
C PHE C 546 -5.51 32.39 42.02
N TYR C 547 -4.24 32.52 42.41
CA TYR C 547 -3.91 33.48 43.46
C TYR C 547 -2.43 33.83 43.41
N ASN C 548 -2.12 34.96 44.05
CA ASN C 548 -0.76 35.45 44.27
C ASN C 548 -0.05 35.80 42.97
N PHE C 549 -0.81 36.27 41.98
CA PHE C 549 -0.22 36.80 40.75
C PHE C 549 0.05 38.29 40.95
N ASN C 550 1.31 38.68 40.79
CA ASN C 550 1.80 39.98 41.22
C ASN C 550 1.91 41.00 40.09
N GLU C 551 1.58 40.62 38.86
CA GLU C 551 1.62 41.56 37.76
C GLU C 551 0.32 42.35 37.71
N SER C 552 0.44 43.67 37.77
CA SER C 552 -0.74 44.53 37.83
C SER C 552 -1.48 44.57 36.50
N GLY C 553 -0.75 44.43 35.39
CA GLY C 553 -1.37 44.51 34.07
C GLY C 553 -1.60 43.16 33.44
N LEU C 554 -1.85 42.13 34.24
CA LEU C 554 -2.05 40.79 33.74
C LEU C 554 -3.42 40.25 34.17
N ALA C 555 -3.63 38.95 33.92
CA ALA C 555 -4.86 38.28 34.28
C ALA C 555 -4.56 36.80 34.47
N ALA C 556 -5.31 36.17 35.39
CA ALA C 556 -5.13 34.73 35.59
C ALA C 556 -5.56 33.94 34.36
N ILE C 557 -6.59 34.41 33.68
CA ILE C 557 -7.08 33.80 32.44
C ILE C 557 -7.26 34.91 31.42
N ARG C 558 -6.64 34.76 30.27
CA ARG C 558 -6.80 35.77 29.23
C ARG C 558 -6.67 35.15 27.85
N GLY C 559 -7.58 35.55 26.96
CA GLY C 559 -7.40 35.33 25.54
C GLY C 559 -6.72 36.55 24.97
N GLU C 560 -5.53 36.38 24.41
CA GLU C 560 -4.77 37.54 23.95
C GLU C 560 -5.35 38.07 22.64
N LYS C 561 -4.83 39.21 22.22
CA LYS C 561 -5.22 39.82 20.96
C LYS C 561 -4.98 38.85 19.80
N SER C 562 -5.84 38.95 18.79
CA SER C 562 -5.75 38.13 17.58
C SER C 562 -5.88 36.65 17.91
N THR C 563 -6.75 36.33 18.86
CA THR C 563 -7.16 34.97 19.14
C THR C 563 -8.68 34.93 19.19
N PHE C 564 -9.24 33.72 19.10
CA PHE C 564 -10.70 33.61 19.15
C PHE C 564 -11.13 32.24 19.66
N SER C 565 -12.13 32.26 20.54
CA SER C 565 -12.75 31.05 21.04
C SER C 565 -14.25 31.15 20.82
N PRO C 566 -14.90 30.12 20.27
CA PRO C 566 -16.37 30.12 20.20
C PRO C 566 -17.05 29.85 21.53
N MET C 567 -16.32 29.37 22.54
CA MET C 567 -16.96 28.90 23.77
C MET C 567 -15.91 28.84 24.87
N VAL C 568 -16.05 29.71 25.87
CA VAL C 568 -15.23 29.67 27.07
C VAL C 568 -16.15 29.50 28.26
N ILE C 569 -15.87 28.50 29.09
CA ILE C 569 -16.70 28.14 30.23
C ILE C 569 -15.83 28.13 31.48
N ILE C 570 -16.17 28.95 32.46
CA ILE C 570 -15.44 29.04 33.71
C ILE C 570 -16.44 28.89 34.85
N ARG C 571 -16.28 27.86 35.68
CA ARG C 571 -17.26 27.58 36.71
C ARG C 571 -16.58 27.10 38.00
N ASN C 572 -17.22 27.41 39.12
CA ASN C 572 -16.87 26.88 40.43
C ASN C 572 -15.43 27.23 40.84
N SER C 573 -14.92 28.36 40.39
CA SER C 573 -13.50 28.67 40.55
C SER C 573 -13.30 29.84 41.50
N PHE C 574 -12.05 30.01 41.91
CA PHE C 574 -11.66 30.87 43.02
C PHE C 574 -10.50 31.75 42.59
N PHE C 575 -10.76 33.05 42.39
CA PHE C 575 -9.74 34.04 42.04
C PHE C 575 -9.57 34.98 43.23
N HIS C 576 -8.41 34.91 43.89
CA HIS C 576 -8.21 35.74 45.07
C HIS C 576 -6.77 36.22 45.16
N ASP C 577 -6.59 37.37 45.83
CA ASP C 577 -5.29 37.94 46.17
C ASP C 577 -4.38 38.05 44.94
N MET C 578 -4.77 38.95 44.05
CA MET C 578 -4.05 39.19 42.82
C MET C 578 -3.89 40.70 42.59
N SER C 579 -2.78 41.07 41.97
CA SER C 579 -2.56 42.46 41.61
C SER C 579 -3.18 42.81 40.26
N GLY C 580 -3.49 41.82 39.44
CA GLY C 580 -4.09 42.02 38.14
C GLY C 580 -5.56 41.72 38.12
N GLU C 581 -6.05 41.29 36.98
CA GLU C 581 -7.45 40.91 36.80
C GLU C 581 -7.60 39.41 36.89
N ALA C 582 -8.85 38.96 37.00
CA ALA C 582 -9.15 37.53 37.01
C ALA C 582 -9.31 37.00 35.59
N ILE C 583 -10.26 37.54 34.83
CA ILE C 583 -10.56 37.08 33.49
C ILE C 583 -10.51 38.28 32.55
N ASN C 584 -9.76 38.15 31.45
CA ASN C 584 -9.57 39.26 30.51
C ASN C 584 -9.79 38.76 29.09
N PHE C 585 -10.76 39.35 28.40
CA PHE C 585 -10.95 39.17 26.96
C PHE C 585 -11.13 40.54 26.31
N ALA C 586 -10.16 41.42 26.56
CA ALA C 586 -10.24 42.82 26.19
C ALA C 586 -8.99 43.29 25.44
N GLY C 587 -8.37 42.39 24.66
CA GLY C 587 -7.14 42.74 23.97
C GLY C 587 -7.31 43.58 22.73
N GLU C 588 -8.49 43.57 22.12
CA GLU C 588 -8.70 44.26 20.84
C GLU C 588 -9.01 45.73 21.11
N LYS C 589 -7.95 46.50 21.32
CA LYS C 589 -8.07 47.90 21.74
C LYS C 589 -8.23 48.87 20.59
N ASP C 590 -8.19 48.40 19.34
CA ASP C 590 -8.16 49.29 18.19
C ASP C 590 -9.52 49.87 17.82
N ASP C 591 -10.60 49.46 18.50
CA ASP C 591 -11.94 49.98 18.24
C ASP C 591 -12.35 49.77 16.79
N LYS C 592 -12.05 48.59 16.25
CA LYS C 592 -12.47 48.21 14.91
C LYS C 592 -13.48 47.08 14.92
N GLY C 593 -14.12 46.84 16.07
CA GLY C 593 -15.15 45.83 16.19
C GLY C 593 -14.65 44.43 16.46
N LYS C 594 -13.34 44.24 16.61
CA LYS C 594 -12.80 42.90 16.84
C LYS C 594 -13.03 42.47 18.28
N TYR C 595 -13.20 41.16 18.47
CA TYR C 595 -13.33 40.57 19.80
C TYR C 595 -12.80 39.15 19.74
N ASN C 596 -12.65 38.54 20.93
CA ASN C 596 -11.88 37.32 21.04
C ASN C 596 -12.66 36.12 21.57
N VAL C 597 -13.95 36.27 21.86
CA VAL C 597 -14.74 35.13 22.34
C VAL C 597 -16.18 35.32 21.90
N GLU C 598 -16.80 34.24 21.43
CA GLU C 598 -18.18 34.30 20.99
C GLU C 598 -19.15 34.20 22.16
N GLU C 599 -18.99 33.15 22.98
CA GLU C 599 -19.81 32.96 24.16
C GLU C 599 -18.88 32.75 25.35
N LEU C 600 -19.10 33.54 26.40
CA LEU C 600 -18.38 33.39 27.67
C LEU C 600 -19.39 33.12 28.78
N HIS C 601 -19.17 32.07 29.55
CA HIS C 601 -20.08 31.64 30.61
C HIS C 601 -19.30 31.52 31.91
N VAL C 602 -19.61 32.38 32.87
CA VAL C 602 -19.00 32.35 34.21
C VAL C 602 -20.10 32.01 35.21
N ASP C 603 -19.84 31.01 36.05
CA ASP C 603 -20.87 30.47 36.92
C ASP C 603 -20.25 30.02 38.23
N ASN C 604 -20.82 30.50 39.34
CA ASN C 604 -20.47 30.02 40.69
C ASN C 604 -19.00 30.28 41.01
N CYS C 605 -18.52 31.48 40.68
CA CYS C 605 -17.12 31.82 40.89
C CYS C 605 -16.98 32.88 41.99
N ILE C 606 -15.85 32.80 42.70
CA ILE C 606 -15.51 33.75 43.75
C ILE C 606 -14.40 34.66 43.26
N PHE C 607 -14.54 35.96 43.50
CA PHE C 607 -13.51 36.94 43.23
C PHE C 607 -13.30 37.74 44.51
N TYR C 608 -12.08 37.71 45.03
CA TYR C 608 -11.78 38.29 46.33
C TYR C 608 -10.42 38.97 46.33
N ARG C 609 -10.37 40.21 46.80
CA ARG C 609 -9.12 40.97 46.95
C ARG C 609 -8.31 40.97 45.65
N LEU C 610 -8.93 41.51 44.60
CA LEU C 610 -8.27 41.74 43.33
C LEU C 610 -8.12 43.24 43.12
N LEU C 611 -6.96 43.65 42.61
CA LEU C 611 -6.78 45.06 42.27
C LEU C 611 -7.43 45.38 40.93
N GLY C 612 -7.37 44.46 39.99
CA GLY C 612 -8.02 44.63 38.71
C GLY C 612 -9.41 44.01 38.70
N SER C 613 -10.04 44.09 37.52
CA SER C 613 -11.41 43.63 37.37
C SER C 613 -11.53 42.13 37.62
N ALA C 614 -12.70 41.71 38.07
CA ALA C 614 -13.02 40.29 38.07
C ALA C 614 -13.24 39.79 36.65
N LEU C 615 -13.72 40.66 35.77
CA LEU C 615 -14.00 40.29 34.39
C LEU C 615 -13.89 41.53 33.52
N ASN C 616 -13.12 41.43 32.43
CA ASN C 616 -12.92 42.54 31.50
C ASN C 616 -13.08 42.00 30.08
N ILE C 617 -14.22 42.31 29.45
CA ILE C 617 -14.52 41.95 28.08
C ILE C 617 -14.72 43.23 27.28
N TYR C 618 -14.18 43.26 26.06
CA TYR C 618 -14.22 44.50 25.30
C TYR C 618 -14.40 44.21 23.82
N ARG C 619 -15.31 44.95 23.19
CA ARG C 619 -15.42 45.05 21.74
C ARG C 619 -15.76 46.51 21.44
N GLY C 620 -14.85 47.23 20.79
CA GLY C 620 -15.00 48.66 20.59
C GLY C 620 -15.28 49.02 19.14
N GLY C 621 -15.93 50.16 18.95
CA GLY C 621 -16.20 50.70 17.63
C GLY C 621 -17.68 50.69 17.29
N ASN C 622 -17.96 51.07 16.04
CA ASN C 622 -19.32 51.15 15.51
C ASN C 622 -19.64 50.04 14.52
N ASP C 623 -18.81 49.01 14.42
CA ASP C 623 -19.03 47.96 13.44
C ASP C 623 -20.32 47.20 13.76
N GLU C 624 -21.13 46.96 12.73
CA GLU C 624 -22.34 46.17 12.86
C GLU C 624 -22.26 44.92 11.98
N SER C 625 -21.08 44.29 11.95
CA SER C 625 -20.83 43.12 11.12
C SER C 625 -20.71 41.84 11.92
N THR C 626 -20.88 41.88 13.23
CA THR C 626 -20.64 40.72 14.07
C THR C 626 -21.84 40.47 14.99
N SER C 627 -21.82 39.32 15.66
CA SER C 627 -22.89 38.92 16.55
C SER C 627 -22.52 38.99 18.02
N GLY C 628 -21.24 38.83 18.36
CA GLY C 628 -20.82 38.73 19.74
C GLY C 628 -20.04 39.93 20.24
N PRO C 629 -19.48 39.82 21.46
CA PRO C 629 -19.59 38.61 22.28
C PRO C 629 -20.91 38.48 23.06
N LEU C 630 -21.20 37.25 23.46
CA LEU C 630 -22.31 36.93 24.34
C LEU C 630 -21.75 36.50 25.69
N LEU C 631 -22.41 36.92 26.77
CA LEU C 631 -21.91 36.68 28.11
C LEU C 631 -23.05 36.24 29.03
N THR C 632 -22.77 35.26 29.88
CA THR C 632 -23.63 34.94 31.02
C THR C 632 -22.77 34.90 32.27
N VAL C 633 -23.25 35.57 33.32
CA VAL C 633 -22.61 35.55 34.63
C VAL C 633 -23.69 35.22 35.66
N ASP C 634 -23.52 34.11 36.37
CA ASP C 634 -24.55 33.63 37.28
C ASP C 634 -23.89 33.14 38.57
N HIS C 635 -24.48 33.53 39.70
CA HIS C 635 -24.11 33.02 41.02
C HIS C 635 -22.64 33.29 41.34
N CYS C 636 -22.20 34.52 41.10
CA CYS C 636 -20.82 34.92 41.36
C CYS C 636 -20.76 35.86 42.55
N THR C 637 -19.76 35.67 43.39
CA THR C 637 -19.49 36.53 44.54
C THR C 637 -18.26 37.36 44.27
N ILE C 638 -18.39 38.68 44.42
CA ILE C 638 -17.32 39.63 44.14
C ILE C 638 -17.12 40.45 45.41
N GLU C 639 -15.96 40.30 46.04
CA GLU C 639 -15.67 40.92 47.33
C GLU C 639 -14.32 41.60 47.29
N ASN C 640 -14.30 42.89 47.63
CA ASN C 640 -13.05 43.68 47.70
C ASN C 640 -12.27 43.61 46.38
N VAL C 641 -12.94 43.96 45.29
CA VAL C 641 -12.37 43.86 43.94
C VAL C 641 -12.39 45.22 43.29
N ASP C 642 -11.21 45.72 42.92
CA ASP C 642 -11.03 46.88 42.05
C ASP C 642 -11.77 48.11 42.57
N ASN C 643 -11.22 48.66 43.65
CA ASN C 643 -11.78 49.84 44.28
C ASN C 643 -11.08 51.13 43.87
N LYS C 644 -10.10 51.04 42.98
CA LYS C 644 -9.42 52.19 42.41
C LYS C 644 -10.43 53.17 41.80
N GLU C 645 -10.03 54.43 41.71
CA GLU C 645 -10.81 55.44 41.01
C GLU C 645 -11.03 55.02 39.56
N GLN C 646 -12.28 55.10 39.11
CA GLN C 646 -12.70 54.70 37.77
C GLN C 646 -12.41 53.23 37.46
N GLY C 647 -12.27 52.41 38.50
CA GLY C 647 -12.16 50.98 38.28
C GLY C 647 -13.50 50.35 37.96
N SER C 648 -13.44 49.08 37.54
CA SER C 648 -14.65 48.32 37.22
C SER C 648 -14.48 46.91 37.73
N ALA C 649 -15.36 46.48 38.64
CA ALA C 649 -15.33 45.08 39.06
C ALA C 649 -15.64 44.15 37.90
N MET C 650 -16.56 44.55 37.02
CA MET C 650 -16.81 43.86 35.76
C MET C 650 -16.96 44.90 34.66
N ARG C 651 -16.06 44.86 33.68
CA ARG C 651 -16.05 45.79 32.56
C ARG C 651 -16.52 45.03 31.33
N LEU C 652 -17.72 45.36 30.84
CA LEU C 652 -18.39 44.61 29.77
C LEU C 652 -18.77 45.58 28.66
N ILE C 653 -17.76 46.08 27.94
CA ILE C 653 -17.96 47.08 26.90
C ILE C 653 -18.12 46.36 25.56
N GLY C 654 -19.17 46.72 24.81
CA GLY C 654 -19.40 46.16 23.51
C GLY C 654 -20.03 44.79 23.49
N VAL C 655 -20.36 44.22 24.65
CA VAL C 655 -21.02 42.92 24.68
C VAL C 655 -22.41 43.06 24.09
N GLN C 656 -22.71 42.27 23.06
CA GLN C 656 -23.99 42.40 22.37
C GLN C 656 -25.13 41.76 23.14
N SER C 657 -24.86 40.69 23.88
CA SER C 657 -25.86 40.01 24.68
C SER C 657 -25.23 39.61 25.99
N ALA C 658 -25.73 40.13 27.10
CA ALA C 658 -25.18 39.83 28.41
C ALA C 658 -26.31 39.58 29.39
N THR C 659 -26.13 38.56 30.23
CA THR C 659 -27.09 38.21 31.27
C THR C 659 -26.31 38.00 32.56
N VAL C 660 -26.46 38.92 33.49
CA VAL C 660 -25.82 38.86 34.81
C VAL C 660 -26.92 38.67 35.84
N THR C 661 -26.86 37.57 36.58
CA THR C 661 -27.95 37.15 37.45
C THR C 661 -27.41 36.54 38.73
N ASN C 662 -28.14 36.78 39.83
CA ASN C 662 -27.92 36.09 41.10
C ASN C 662 -26.49 36.26 41.63
N CYS C 663 -26.00 37.50 41.58
CA CYS C 663 -24.63 37.81 41.97
C CYS C 663 -24.62 38.72 43.19
N SER C 664 -23.45 38.79 43.84
CA SER C 664 -23.26 39.60 45.02
C SER C 664 -21.96 40.40 44.87
N PHE C 665 -22.08 41.72 44.92
CA PHE C 665 -20.93 42.62 44.90
C PHE C 665 -20.82 43.29 46.27
N ALA C 666 -19.65 43.19 46.88
CA ALA C 666 -19.43 43.75 48.21
C ALA C 666 -18.08 44.44 48.25
N ASN C 667 -18.06 45.70 48.67
CA ASN C 667 -16.85 46.50 48.79
C ASN C 667 -16.00 46.43 47.53
N SER C 668 -16.66 46.60 46.38
CA SER C 668 -16.00 46.44 45.09
C SER C 668 -16.45 47.56 44.16
N GLY C 669 -15.52 48.04 43.33
CA GLY C 669 -15.82 49.13 42.41
C GLY C 669 -16.21 50.43 43.08
N LYS C 670 -15.76 50.65 44.32
CA LYS C 670 -16.21 51.80 45.10
C LYS C 670 -15.79 53.12 44.46
N GLY C 671 -14.64 53.15 43.79
CA GLY C 671 -14.19 54.33 43.10
C GLY C 671 -14.65 54.43 41.66
N GLY C 672 -15.52 53.53 41.23
CA GLY C 672 -16.01 53.52 39.86
C GLY C 672 -17.33 52.80 39.72
N ALA C 673 -17.31 51.60 39.13
CA ALA C 673 -18.52 50.83 38.91
C ALA C 673 -18.30 49.38 39.31
N SER C 674 -19.36 48.76 39.82
CA SER C 674 -19.32 47.32 40.03
C SER C 674 -19.54 46.57 38.71
N ILE C 675 -20.45 47.05 37.88
CA ILE C 675 -20.64 46.56 36.51
C ILE C 675 -20.74 47.77 35.59
N ARG C 676 -19.95 47.78 34.51
CA ARG C 676 -19.89 48.91 33.61
C ARG C 676 -20.23 48.47 32.18
N PHE C 677 -21.19 49.15 31.58
CA PHE C 677 -21.52 49.00 30.16
C PHE C 677 -21.32 50.32 29.45
N ASN C 678 -21.01 50.24 28.16
CA ASN C 678 -21.16 51.36 27.22
C ASN C 678 -21.85 50.77 26.00
N GLU C 679 -23.17 50.78 26.02
CA GLU C 679 -23.98 49.88 25.20
C GLU C 679 -24.66 50.61 24.05
N MET C 680 -24.91 49.85 22.98
CA MET C 680 -25.88 50.27 21.98
C MET C 680 -27.28 50.02 22.51
N SER C 681 -28.24 50.82 22.04
CA SER C 681 -29.61 50.74 22.53
C SER C 681 -30.21 49.34 22.30
N TRP C 682 -29.76 48.64 21.27
CA TRP C 682 -30.33 47.34 20.91
C TRP C 682 -29.57 46.16 21.51
N ASP C 683 -28.48 46.40 22.23
CA ASP C 683 -27.81 45.31 22.92
C ASP C 683 -28.77 44.67 23.92
N LYS C 684 -28.78 43.34 23.96
CA LYS C 684 -29.68 42.59 24.84
C LYS C 684 -28.98 42.38 26.16
N LEU C 685 -29.20 43.30 27.09
CA LEU C 685 -28.53 43.31 28.38
C LEU C 685 -29.56 43.07 29.48
N SER C 686 -29.32 42.03 30.29
CA SER C 686 -30.23 41.65 31.36
C SER C 686 -29.42 41.56 32.65
N VAL C 687 -29.66 42.50 33.56
CA VAL C 687 -28.98 42.55 34.85
C VAL C 687 -30.07 42.54 35.93
N SER C 688 -30.19 41.43 36.63
CA SER C 688 -31.21 41.29 37.67
C SER C 688 -30.67 40.41 38.79
N TYR C 689 -31.32 40.51 39.95
CA TYR C 689 -30.97 39.73 41.13
C TYR C 689 -29.51 39.95 41.52
N ILE C 690 -29.18 41.21 41.76
CA ILE C 690 -27.83 41.63 42.14
C ILE C 690 -27.91 42.26 43.51
N ASN C 691 -27.03 41.83 44.41
CA ASN C 691 -26.86 42.49 45.70
C ASN C 691 -25.62 43.36 45.63
N LEU C 692 -25.76 44.63 46.01
CA LEU C 692 -24.67 45.60 45.98
C LEU C 692 -24.54 46.19 47.37
N TYR C 693 -23.48 45.82 48.09
CA TYR C 693 -23.21 46.31 49.42
C TYR C 693 -21.89 47.08 49.40
N ASN C 694 -21.94 48.36 49.73
CA ASN C 694 -20.76 49.23 49.79
C ASN C 694 -19.95 49.11 48.50
N SER C 695 -20.63 49.19 47.36
CA SER C 695 -20.01 48.96 46.06
C SER C 695 -20.38 50.08 45.11
N GLY C 696 -19.64 50.15 44.00
CA GLY C 696 -19.96 51.11 42.96
C GLY C 696 -21.24 50.74 42.23
N ARG C 697 -21.78 51.73 41.52
CA ARG C 697 -23.06 51.56 40.87
C ARG C 697 -22.94 50.67 39.64
N ILE C 698 -24.09 50.21 39.16
CA ILE C 698 -24.17 49.52 37.86
C ILE C 698 -24.29 50.61 36.80
N ALA C 699 -23.24 50.77 36.00
CA ALA C 699 -23.12 51.92 35.11
C ALA C 699 -23.44 51.50 33.68
N SER C 700 -24.31 52.27 33.02
CA SER C 700 -24.59 52.13 31.60
C SER C 700 -24.77 53.53 31.03
N PHE C 701 -24.78 53.61 29.70
CA PHE C 701 -24.95 54.92 29.08
C PHE C 701 -26.41 55.33 29.02
N TRP C 702 -27.31 54.39 28.74
CA TRP C 702 -28.72 54.72 28.57
C TRP C 702 -29.55 54.49 29.83
N GLY C 703 -29.00 53.83 30.84
CA GLY C 703 -29.70 53.66 32.10
C GLY C 703 -30.98 52.86 32.00
N LYS C 704 -31.05 51.91 31.07
CA LYS C 704 -32.25 51.13 30.82
C LYS C 704 -32.06 49.66 31.16
N LEU C 705 -31.24 49.38 32.18
CA LEU C 705 -31.00 48.01 32.62
C LEU C 705 -30.74 48.03 34.13
N GLY C 706 -30.55 46.83 34.69
CA GLY C 706 -30.12 46.68 36.06
C GLY C 706 -31.01 47.32 37.10
N SER C 707 -32.32 47.07 37.04
CA SER C 707 -33.25 47.57 38.05
C SER C 707 -33.98 46.46 38.79
N LYS C 708 -34.23 45.32 38.14
CA LYS C 708 -35.08 44.30 38.74
C LYS C 708 -34.33 43.55 39.85
N ASN C 709 -34.90 43.57 41.06
CA ASN C 709 -34.41 42.80 42.20
C ASN C 709 -32.96 43.15 42.55
N ILE C 710 -32.69 44.45 42.67
CA ILE C 710 -31.39 44.95 43.08
C ILE C 710 -31.47 45.24 44.57
N THR C 711 -30.71 44.49 45.37
CA THR C 711 -30.74 44.62 46.83
C THR C 711 -29.41 45.15 47.33
N ASN C 712 -29.40 45.52 48.62
CA ASN C 712 -28.23 46.14 49.24
C ASN C 712 -28.00 45.56 50.63
N TYR C 713 -28.25 44.27 50.81
CA TYR C 713 -28.03 43.62 52.09
C TYR C 713 -26.53 43.45 52.36
N ARG C 714 -26.18 43.40 53.64
CA ARG C 714 -24.81 43.12 54.04
C ARG C 714 -24.55 41.62 53.97
N PRO C 715 -23.60 41.15 53.17
CA PRO C 715 -23.34 39.71 53.10
C PRO C 715 -22.76 39.17 54.39
N GLU C 716 -23.01 37.89 54.63
CA GLU C 716 -22.55 37.19 55.84
C GLU C 716 -21.96 35.85 55.39
N TYR C 717 -20.64 35.78 55.30
CA TYR C 717 -19.98 34.56 54.83
C TYR C 717 -19.82 33.56 55.98
N VAL C 718 -19.66 32.30 55.60
CA VAL C 718 -19.44 31.25 56.60
C VAL C 718 -18.07 31.41 57.24
N ASP C 719 -17.02 31.53 56.43
CA ASP C 719 -15.66 31.72 56.95
C ASP C 719 -14.81 32.26 55.81
N ALA C 720 -14.72 33.59 55.74
CA ALA C 720 -13.96 34.22 54.66
C ALA C 720 -12.47 33.89 54.75
N ASN C 721 -11.95 33.68 55.95
CA ASN C 721 -10.52 33.39 56.10
C ASN C 721 -10.19 32.00 55.59
N THR C 722 -11.08 31.03 55.79
CA THR C 722 -10.88 29.69 55.26
C THR C 722 -11.09 29.62 53.75
N GLY C 723 -11.52 30.71 53.12
CA GLY C 723 -11.91 30.67 51.74
C GLY C 723 -13.32 30.18 51.51
N ASN C 724 -14.18 30.26 52.53
CA ASN C 724 -15.57 29.82 52.45
C ASN C 724 -16.43 31.06 52.32
N PHE C 725 -16.78 31.41 51.08
CA PHE C 725 -17.57 32.59 50.79
C PHE C 725 -19.04 32.26 50.53
N TYR C 726 -19.47 31.06 50.87
CA TYR C 726 -20.91 30.78 50.88
C TYR C 726 -21.60 31.61 51.95
N GLN C 727 -22.86 31.97 51.69
CA GLN C 727 -23.65 32.69 52.67
C GLN C 727 -24.10 31.74 53.78
N ILE C 728 -24.07 32.23 55.02
CA ILE C 728 -24.63 31.45 56.11
C ILE C 728 -26.13 31.30 55.92
N SER C 729 -26.70 30.26 56.54
CA SER C 729 -28.10 29.92 56.30
C SER C 729 -29.04 31.06 56.66
N THR C 730 -28.70 31.85 57.68
CA THR C 730 -29.57 32.94 58.14
C THR C 730 -29.30 34.25 57.43
N SER C 731 -28.41 34.28 56.44
CA SER C 731 -28.09 35.52 55.75
C SER C 731 -29.28 35.98 54.90
N PRO C 732 -29.46 37.30 54.75
CA PRO C 732 -30.53 37.78 53.87
C PRO C 732 -30.27 37.51 52.41
N LEU C 733 -29.02 37.29 52.01
CA LEU C 733 -28.71 36.88 50.64
C LEU C 733 -29.16 35.45 50.34
N SER C 734 -29.53 34.69 51.37
CA SER C 734 -29.85 33.27 51.20
C SER C 734 -31.24 33.08 50.62
N ASN C 735 -31.34 32.18 49.64
CA ASN C 735 -32.60 31.79 48.99
C ASN C 735 -33.25 32.95 48.24
N LYS C 736 -32.52 34.02 47.96
CA LYS C 736 -33.07 35.20 47.30
C LYS C 736 -32.81 35.23 45.80
N ALA C 737 -32.07 34.26 45.27
CA ALA C 737 -31.81 34.24 43.84
C ALA C 737 -33.05 33.82 43.06
N SER C 738 -33.02 34.07 41.74
CA SER C 738 -34.18 33.78 40.90
C SER C 738 -34.49 32.28 40.86
N ASP C 739 -33.48 31.43 41.07
CA ASP C 739 -33.70 30.01 41.23
C ASP C 739 -33.92 29.61 42.69
N LYS C 740 -34.22 30.59 43.55
CA LYS C 740 -34.44 30.39 44.98
C LYS C 740 -33.22 29.82 45.69
N LYS C 741 -32.05 29.89 45.07
CA LYS C 741 -30.79 29.61 45.73
C LYS C 741 -30.22 30.91 46.27
N ASP C 742 -28.95 30.92 46.65
CA ASP C 742 -28.37 32.09 47.29
C ASP C 742 -27.87 33.09 46.25
N LEU C 743 -27.98 34.38 46.60
CA LEU C 743 -27.29 35.41 45.83
C LEU C 743 -25.79 35.25 46.01
N GLY C 744 -25.04 35.30 44.90
CA GLY C 744 -23.64 34.94 44.93
C GLY C 744 -23.44 33.46 44.71
N ILE C 745 -22.25 32.98 45.10
CA ILE C 745 -21.98 31.55 44.97
C ILE C 745 -22.95 30.77 45.86
N THR C 746 -23.27 29.55 45.44
CA THR C 746 -24.31 28.78 46.11
C THR C 746 -24.10 27.28 45.93
N THR D 14 7.61 -17.05 12.33
CA THR D 14 8.71 -17.81 11.77
C THR D 14 8.21 -19.04 11.01
N ILE D 15 6.96 -19.42 11.27
CA ILE D 15 6.38 -20.60 10.64
C ILE D 15 5.04 -20.24 9.98
N ASP D 16 4.72 -20.98 8.93
CA ASP D 16 3.41 -20.88 8.30
C ASP D 16 2.35 -21.50 9.21
N LEU D 17 1.14 -20.94 9.15
CA LEU D 17 0.06 -21.41 10.02
C LEU D 17 -0.29 -22.87 9.75
N ASN D 18 -0.10 -23.33 8.51
CA ASN D 18 -0.38 -24.73 8.19
C ASN D 18 0.60 -25.68 8.85
N SER D 19 1.78 -25.19 9.25
CA SER D 19 2.75 -25.99 9.97
C SER D 19 2.55 -25.96 11.49
N LEU D 20 1.53 -25.24 11.98
CA LEU D 20 1.40 -25.03 13.41
C LEU D 20 1.10 -26.31 14.16
N GLN D 21 0.20 -27.15 13.62
CA GLN D 21 -0.20 -28.36 14.32
C GLN D 21 0.99 -29.28 14.58
N SER D 22 1.80 -29.52 13.54
CA SER D 22 2.97 -30.40 13.70
C SER D 22 4.05 -29.75 14.55
N THR D 23 4.21 -28.43 14.45
CA THR D 23 5.20 -27.73 15.27
C THR D 23 4.78 -27.74 16.75
N LEU D 24 3.50 -27.49 17.03
CA LEU D 24 3.03 -27.49 18.41
C LEU D 24 3.13 -28.88 19.04
N GLU D 25 2.96 -29.93 18.24
CA GLU D 25 3.07 -31.28 18.76
C GLU D 25 4.47 -31.55 19.32
N LYS D 26 5.51 -31.12 18.60
CA LYS D 26 6.88 -31.37 18.98
C LYS D 26 7.47 -30.25 19.84
N ALA D 27 6.62 -29.37 20.38
CA ALA D 27 7.09 -28.27 21.22
C ALA D 27 7.11 -28.70 22.67
N GLY D 28 8.10 -28.20 23.40
CA GLY D 28 8.22 -28.44 24.83
C GLY D 28 7.84 -27.23 25.64
N PRO D 29 7.78 -27.38 26.96
CA PRO D 29 7.40 -26.25 27.82
C PRO D 29 8.37 -25.09 27.66
N GLY D 30 7.80 -23.90 27.44
CA GLY D 30 8.57 -22.68 27.31
C GLY D 30 8.90 -22.25 25.90
N ASP D 31 8.48 -23.01 24.89
CA ASP D 31 8.75 -22.64 23.51
C ASP D 31 7.75 -21.60 23.03
N THR D 32 8.21 -20.74 22.12
CA THR D 32 7.37 -19.72 21.49
C THR D 32 7.35 -19.97 19.99
N ILE D 33 6.16 -20.29 19.47
CA ILE D 33 5.97 -20.54 18.04
C ILE D 33 5.40 -19.27 17.42
N TYR D 34 6.15 -18.69 16.49
CA TYR D 34 5.75 -17.44 15.84
C TYR D 34 5.11 -17.75 14.49
N ILE D 35 3.89 -17.24 14.29
CA ILE D 35 3.13 -17.47 13.07
C ILE D 35 3.46 -16.39 12.06
N LYS D 36 3.82 -16.81 10.85
CA LYS D 36 4.15 -15.85 9.79
C LYS D 36 2.92 -15.05 9.40
N SER D 37 3.11 -13.75 9.17
CA SER D 37 2.02 -12.89 8.76
C SER D 37 1.49 -13.31 7.39
N GLY D 38 0.18 -13.18 7.22
CA GLY D 38 -0.43 -13.52 5.95
C GLY D 38 -1.91 -13.78 6.13
N THR D 39 -2.56 -14.03 4.99
CA THR D 39 -3.97 -14.36 4.96
C THR D 39 -4.11 -15.85 4.69
N TYR D 40 -4.62 -16.58 5.69
CA TYR D 40 -4.77 -18.02 5.61
C TYR D 40 -6.24 -18.34 5.41
N THR D 41 -6.59 -18.84 4.22
CA THR D 41 -7.97 -19.10 3.85
C THR D 41 -8.27 -20.59 3.90
N ASN D 42 -9.44 -20.95 4.43
CA ASN D 42 -9.92 -22.33 4.47
C ASN D 42 -8.95 -23.22 5.24
N ILE D 43 -8.81 -22.94 6.52
CA ILE D 43 -7.88 -23.68 7.39
C ILE D 43 -8.62 -24.05 8.66
N GLN D 44 -8.64 -25.34 8.98
CA GLN D 44 -9.33 -25.86 10.16
C GLN D 44 -8.26 -26.36 11.13
N LEU D 45 -7.80 -25.47 12.00
CA LEU D 45 -6.72 -25.80 12.91
C LEU D 45 -7.19 -26.78 13.98
N GLN D 46 -6.43 -27.86 14.14
CA GLN D 46 -6.65 -28.87 15.18
C GLN D 46 -5.37 -28.94 15.99
N LEU D 47 -5.32 -28.20 17.09
CA LEU D 47 -4.08 -27.98 17.83
C LEU D 47 -4.03 -28.84 19.08
N GLU D 48 -2.83 -29.32 19.40
CA GLU D 48 -2.60 -30.07 20.64
C GLU D 48 -1.17 -29.83 21.07
N GLY D 49 -1.00 -29.39 22.32
CA GLY D 49 0.32 -29.14 22.86
C GLY D 49 0.29 -29.30 24.37
N TYR D 50 1.47 -29.50 24.94
CA TYR D 50 1.59 -29.77 26.37
C TYR D 50 2.75 -28.96 26.94
N GLY D 51 2.43 -27.84 27.58
CA GLY D 51 3.37 -27.12 28.40
C GLY D 51 3.27 -27.56 29.85
N LYS D 52 3.90 -26.78 30.72
CA LYS D 52 3.88 -27.02 32.15
C LYS D 52 3.50 -25.73 32.87
N VAL D 53 3.22 -25.85 34.17
CA VAL D 53 2.78 -24.69 34.94
C VAL D 53 3.90 -23.65 34.96
N GLU D 54 3.53 -22.39 34.73
CA GLU D 54 4.44 -21.26 34.62
C GLU D 54 5.47 -21.43 33.51
N GLU D 55 5.25 -22.37 32.60
CA GLU D 55 6.11 -22.57 31.42
C GLU D 55 5.23 -22.99 30.26
N PRO D 56 4.40 -22.09 29.75
CA PRO D 56 3.48 -22.45 28.66
C PRO D 56 4.15 -22.37 27.29
N ILE D 57 3.60 -23.13 26.36
CA ILE D 57 3.94 -22.98 24.95
C ILE D 57 3.09 -21.85 24.40
N VAL D 58 3.75 -20.81 23.88
CA VAL D 58 3.06 -19.63 23.38
C VAL D 58 3.08 -19.66 21.86
N VAL D 59 1.89 -19.71 21.26
CA VAL D 59 1.72 -19.56 19.82
C VAL D 59 1.29 -18.11 19.59
N MET D 60 2.14 -17.34 18.92
CA MET D 60 1.96 -15.91 18.80
C MET D 60 2.18 -15.49 17.35
N ALA D 61 1.30 -14.64 16.84
CA ALA D 61 1.52 -14.03 15.53
C ALA D 61 2.78 -13.19 15.58
N GLN D 62 3.58 -13.26 14.52
CA GLN D 62 4.83 -12.51 14.51
C GLN D 62 4.58 -11.02 14.66
N GLN D 63 3.50 -10.53 14.05
CA GLN D 63 3.01 -9.17 14.29
C GLN D 63 1.52 -9.30 14.59
N PRO D 64 1.11 -9.09 15.85
CA PRO D 64 -0.30 -9.31 16.20
C PRO D 64 -1.23 -8.46 15.34
N GLY D 65 -2.25 -9.11 14.79
CA GLY D 65 -3.16 -8.47 13.87
C GLY D 65 -2.82 -8.66 12.41
N SER D 66 -1.62 -9.15 12.10
CA SER D 66 -1.19 -9.36 10.72
C SER D 66 -1.34 -10.81 10.27
N VAL D 67 -1.90 -11.67 11.11
CA VAL D 67 -2.28 -13.03 10.72
C VAL D 67 -3.80 -13.03 10.57
N PHE D 68 -4.28 -13.23 9.35
CA PHE D 68 -5.70 -13.25 9.05
C PHE D 68 -6.14 -14.68 8.76
N ILE D 69 -7.22 -15.10 9.40
CA ILE D 69 -7.85 -16.39 9.15
C ILE D 69 -9.20 -16.12 8.50
N GLU D 70 -9.34 -16.50 7.24
CA GLU D 70 -10.52 -16.19 6.45
C GLU D 70 -11.07 -17.46 5.82
N GLY D 71 -12.19 -17.33 5.13
CA GLY D 71 -12.78 -18.47 4.47
C GLY D 71 -13.39 -19.46 5.46
N VAL D 72 -13.53 -20.69 4.99
CA VAL D 72 -14.13 -21.77 5.77
C VAL D 72 -13.11 -22.26 6.79
N SER D 73 -13.17 -21.72 8.02
CA SER D 73 -12.10 -21.92 8.98
C SER D 73 -12.64 -21.95 10.40
N ASN D 74 -11.90 -22.62 11.28
CA ASN D 74 -12.17 -22.63 12.71
C ASN D 74 -10.94 -23.18 13.42
N LEU D 75 -11.02 -23.28 14.74
CA LEU D 75 -9.86 -23.66 15.56
C LEU D 75 -10.30 -24.58 16.69
N ARG D 76 -9.55 -25.66 16.88
CA ARG D 76 -9.74 -26.59 18.00
C ARG D 76 -8.46 -26.65 18.81
N LEU D 77 -8.60 -26.69 20.13
CA LEU D 77 -7.44 -26.69 21.02
C LEU D 77 -7.66 -27.66 22.17
N CYS D 78 -6.69 -28.55 22.36
CA CYS D 78 -6.66 -29.43 23.53
C CYS D 78 -5.22 -29.49 24.04
N GLY D 79 -5.06 -30.11 25.19
CA GLY D 79 -3.78 -30.21 25.85
C GLY D 79 -3.74 -29.42 27.14
N GLU D 80 -2.53 -28.99 27.52
CA GLU D 80 -2.30 -28.30 28.77
C GLU D 80 -1.29 -27.18 28.56
N TYR D 81 -1.59 -26.02 29.13
CA TYR D 81 -0.66 -24.89 29.22
C TYR D 81 -0.19 -24.42 27.84
N VAL D 82 -1.16 -24.10 26.98
CA VAL D 82 -0.91 -23.61 25.63
C VAL D 82 -1.61 -22.26 25.47
N GLU D 83 -0.87 -21.28 24.94
CA GLU D 83 -1.40 -19.94 24.73
C GLU D 83 -1.45 -19.64 23.23
N ILE D 84 -2.58 -19.12 22.77
CA ILE D 84 -2.77 -18.66 21.41
C ILE D 84 -2.93 -17.15 21.43
N ASN D 85 -2.12 -16.45 20.64
CA ASN D 85 -1.98 -14.99 20.75
C ASN D 85 -1.97 -14.35 19.38
N GLY D 86 -2.90 -13.43 19.15
CA GLY D 86 -2.81 -12.52 18.02
C GLY D 86 -3.42 -12.96 16.72
N LEU D 87 -4.53 -13.72 16.76
CA LEU D 87 -5.21 -14.13 15.54
C LEU D 87 -6.34 -13.16 15.21
N HIS D 88 -6.66 -13.08 13.93
CA HIS D 88 -7.69 -12.15 13.43
C HIS D 88 -8.63 -12.92 12.51
N PHE D 89 -9.75 -13.40 13.06
CA PHE D 89 -10.76 -14.07 12.26
C PHE D 89 -11.68 -13.04 11.60
N ARG D 90 -11.82 -13.14 10.28
CA ARG D 90 -12.69 -12.23 9.53
C ARG D 90 -12.89 -12.84 8.14
N ASN D 91 -13.91 -12.31 7.44
CA ASN D 91 -14.18 -12.67 6.04
C ASN D 91 -14.28 -14.18 5.87
N GLY D 92 -15.03 -14.81 6.76
CA GLY D 92 -15.21 -16.25 6.70
C GLY D 92 -16.29 -16.69 7.65
N TYR D 93 -16.37 -18.01 7.82
CA TYR D 93 -17.37 -18.61 8.69
C TYR D 93 -16.88 -19.99 9.12
N THR D 94 -17.39 -20.45 10.27
CA THR D 94 -17.03 -21.79 10.69
C THR D 94 -17.96 -22.81 10.04
N PRO D 95 -17.43 -23.92 9.50
CA PRO D 95 -18.28 -24.89 8.80
C PRO D 95 -19.05 -25.80 9.74
N LYS D 96 -18.50 -26.03 10.93
CA LYS D 96 -19.07 -26.98 11.87
C LYS D 96 -18.56 -26.64 13.27
N GLY D 97 -19.46 -26.65 14.25
CA GLY D 97 -19.04 -26.25 15.57
C GLY D 97 -18.74 -24.76 15.62
N ALA D 98 -17.98 -24.38 16.63
CA ALA D 98 -17.66 -22.98 16.88
C ALA D 98 -16.42 -22.54 16.10
N VAL D 99 -16.18 -21.23 16.13
CA VAL D 99 -14.96 -20.69 15.54
C VAL D 99 -13.75 -21.09 16.37
N ILE D 100 -13.87 -21.09 17.69
CA ILE D 100 -12.82 -21.49 18.61
C ILE D 100 -13.44 -22.39 19.66
N GLU D 101 -12.85 -23.57 19.86
CA GLU D 101 -13.31 -24.50 20.88
C GLU D 101 -12.12 -24.88 21.76
N PHE D 102 -12.33 -24.86 23.08
CA PHE D 102 -11.33 -25.35 24.02
C PHE D 102 -11.38 -26.87 24.16
N ARG D 103 -11.67 -27.55 23.06
CA ARG D 103 -11.63 -29.01 23.00
C ARG D 103 -11.21 -29.40 21.59
N ASN D 104 -10.78 -30.65 21.45
CA ASN D 104 -10.36 -31.19 20.15
C ASN D 104 -10.76 -32.66 20.16
N GLY D 105 -11.87 -32.97 19.49
CA GLY D 105 -12.41 -34.31 19.57
C GLY D 105 -12.84 -34.61 21.00
N GLU D 106 -12.50 -35.80 21.48
CA GLU D 106 -12.79 -36.16 22.86
C GLU D 106 -11.78 -35.57 23.84
N LYS D 107 -10.71 -34.95 23.35
CA LYS D 107 -9.72 -34.31 24.19
C LYS D 107 -10.13 -32.88 24.51
N VAL D 108 -9.68 -32.40 25.67
CA VAL D 108 -10.11 -31.12 26.21
C VAL D 108 -8.88 -30.32 26.62
N ALA D 109 -8.94 -29.00 26.43
CA ALA D 109 -7.86 -28.13 26.87
C ALA D 109 -8.05 -27.75 28.34
N ASN D 110 -6.97 -27.80 29.11
CA ASN D 110 -6.94 -27.31 30.48
C ASN D 110 -5.76 -26.38 30.65
N ASN D 111 -5.93 -25.37 31.52
CA ASN D 111 -4.88 -24.39 31.82
C ASN D 111 -4.36 -23.73 30.54
N CYS D 112 -5.23 -23.55 29.56
CA CYS D 112 -4.89 -22.93 28.30
C CYS D 112 -5.44 -21.51 28.25
N ARG D 113 -4.92 -20.72 27.30
CA ARG D 113 -5.25 -19.31 27.22
C ARG D 113 -5.33 -18.87 25.76
N ILE D 114 -6.32 -18.04 25.45
CA ILE D 114 -6.46 -17.41 24.14
C ILE D 114 -6.57 -15.91 24.36
N THR D 115 -5.60 -15.16 23.86
CA THR D 115 -5.48 -13.75 24.20
C THR D 115 -5.12 -12.93 22.97
N ASP D 116 -5.55 -11.67 22.97
CA ASP D 116 -5.21 -10.71 21.92
C ASP D 116 -5.69 -11.17 20.55
N CYS D 117 -6.83 -11.83 20.50
CA CYS D 117 -7.42 -12.31 19.26
C CYS D 117 -8.67 -11.51 18.93
N VAL D 118 -9.11 -11.61 17.67
CA VAL D 118 -10.28 -10.89 17.19
C VAL D 118 -11.10 -11.81 16.30
N ILE D 119 -12.40 -11.89 16.59
CA ILE D 119 -13.37 -12.49 15.68
C ILE D 119 -14.27 -11.36 15.20
N ASP D 120 -14.15 -11.01 13.92
CA ASP D 120 -14.71 -9.77 13.37
C ASP D 120 -15.68 -10.11 12.24
N TYR D 121 -16.97 -10.09 12.55
CA TYR D 121 -18.05 -10.34 11.58
C TYR D 121 -17.79 -11.64 10.81
N PHE D 122 -17.43 -12.69 11.54
CA PHE D 122 -17.13 -13.99 10.96
C PHE D 122 -18.44 -14.72 10.66
N ASN D 123 -19.14 -14.22 9.63
CA ASN D 123 -20.48 -14.69 9.32
C ASN D 123 -20.54 -15.34 7.95
N PRO D 124 -21.39 -16.35 7.78
CA PRO D 124 -21.68 -16.88 6.45
C PRO D 124 -22.60 -15.92 5.70
N ILE D 125 -22.99 -16.31 4.49
CA ILE D 125 -23.86 -15.46 3.68
C ILE D 125 -25.34 -15.74 3.92
N ASP D 126 -25.69 -16.92 4.45
CA ASP D 126 -27.07 -17.28 4.73
C ASP D 126 -27.31 -17.25 6.23
N ARG D 127 -28.32 -16.47 6.66
CA ARG D 127 -28.64 -16.29 8.06
C ARG D 127 -29.33 -17.50 8.68
N GLY D 128 -29.81 -18.45 7.88
CA GLY D 128 -30.60 -19.55 8.40
C GLY D 128 -29.81 -20.67 9.05
N VAL D 129 -28.78 -20.32 9.84
CA VAL D 129 -27.98 -21.30 10.56
C VAL D 129 -27.88 -20.86 12.01
N SER D 130 -27.42 -21.79 12.85
CA SER D 130 -27.26 -21.55 14.27
C SER D 130 -25.95 -22.16 14.73
N GLY D 131 -25.28 -21.47 15.65
CA GLY D 131 -24.03 -21.98 16.20
C GLY D 131 -23.35 -20.91 17.01
N SER D 132 -22.35 -21.35 17.76
CA SER D 132 -21.61 -20.47 18.64
C SER D 132 -20.29 -20.06 18.01
N TRP D 133 -19.65 -19.06 18.61
CA TRP D 133 -18.34 -18.60 18.15
C TRP D 133 -17.20 -19.11 19.01
N ILE D 134 -17.35 -19.13 20.33
CA ILE D 134 -16.33 -19.64 21.24
C ILE D 134 -17.00 -20.58 22.24
N LEU D 135 -16.39 -21.74 22.47
CA LEU D 135 -16.92 -22.74 23.39
C LEU D 135 -15.85 -23.12 24.40
N LEU D 136 -16.16 -22.97 25.68
CA LEU D 136 -15.24 -23.28 26.76
C LEU D 136 -15.51 -24.69 27.28
N TYR D 137 -14.45 -25.48 27.35
CA TYR D 137 -14.48 -26.81 27.96
C TYR D 137 -13.32 -26.93 28.95
N GLY D 138 -13.41 -27.95 29.79
CA GLY D 138 -12.31 -28.25 30.69
C GLY D 138 -12.25 -27.33 31.90
N ARG D 139 -11.03 -27.10 32.38
CA ARG D 139 -10.81 -26.40 33.63
C ARG D 139 -9.65 -25.43 33.52
N ASN D 140 -9.77 -24.31 34.24
CA ASN D 140 -8.69 -23.35 34.44
C ASN D 140 -8.21 -22.74 33.13
N ASN D 141 -9.12 -22.55 32.18
CA ASN D 141 -8.80 -21.88 30.93
C ASN D 141 -9.06 -20.38 31.05
N ARG D 142 -8.50 -19.63 30.10
CA ARG D 142 -8.60 -18.17 30.14
C ARG D 142 -8.85 -17.63 28.74
N LEU D 143 -9.84 -16.76 28.63
CA LEU D 143 -10.12 -16.01 27.41
C LEU D 143 -10.06 -14.53 27.76
N ASP D 144 -9.00 -13.85 27.33
CA ASP D 144 -8.75 -12.49 27.78
C ASP D 144 -8.28 -11.61 26.64
N HIS D 145 -8.59 -10.32 26.76
CA HIS D 145 -8.08 -9.28 25.85
C HIS D 145 -8.40 -9.61 24.39
N ASN D 146 -9.63 -10.03 24.13
CA ASN D 146 -10.10 -10.31 22.79
C ASN D 146 -11.21 -9.36 22.40
N SER D 147 -11.32 -9.10 21.10
CA SER D 147 -12.41 -8.30 20.55
C SER D 147 -13.32 -9.22 19.74
N ILE D 148 -14.58 -9.32 20.16
CA ILE D 148 -15.54 -10.20 19.52
C ILE D 148 -16.78 -9.38 19.19
N LEU D 149 -17.13 -9.31 17.91
CA LEU D 149 -18.19 -8.41 17.48
C LEU D 149 -18.74 -8.86 16.14
N GLY D 150 -20.01 -8.51 15.89
CA GLY D 150 -20.59 -8.66 14.58
C GLY D 150 -21.16 -10.02 14.24
N LYS D 151 -21.63 -10.77 15.24
CA LYS D 151 -22.28 -12.05 14.98
C LYS D 151 -23.69 -11.80 14.46
N LEU D 152 -24.00 -12.35 13.28
CA LEU D 152 -25.24 -12.03 12.59
C LEU D 152 -26.18 -13.23 12.44
N TYR D 153 -25.95 -14.33 13.14
CA TYR D 153 -26.84 -15.48 13.08
C TYR D 153 -27.05 -16.00 14.49
N ALA D 154 -28.05 -16.89 14.63
CA ALA D 154 -28.44 -17.39 15.94
C ALA D 154 -27.32 -18.21 16.58
N GLY D 155 -27.37 -18.31 17.90
CA GLY D 155 -26.36 -19.05 18.66
C GLY D 155 -25.59 -18.10 19.57
N VAL D 156 -25.45 -18.52 20.84
CA VAL D 156 -24.75 -17.69 21.82
C VAL D 156 -23.31 -17.48 21.37
N THR D 157 -22.82 -16.25 21.53
CA THR D 157 -21.48 -15.92 21.07
C THR D 157 -20.42 -16.76 21.77
N LEU D 158 -20.45 -16.79 23.11
CA LEU D 158 -19.48 -17.52 23.91
C LEU D 158 -20.22 -18.29 25.00
N ALA D 159 -19.96 -19.58 25.10
CA ALA D 159 -20.65 -20.44 26.04
C ALA D 159 -19.66 -21.28 26.83
N VAL D 160 -19.88 -21.35 28.14
CA VAL D 160 -19.16 -22.30 28.99
C VAL D 160 -19.97 -23.59 29.03
N ILE D 161 -19.37 -24.68 28.54
CA ILE D 161 -20.05 -25.98 28.49
C ILE D 161 -19.74 -26.75 29.76
N LEU D 162 -20.74 -27.45 30.29
CA LEU D 162 -20.63 -28.15 31.56
C LEU D 162 -21.07 -29.60 31.43
N ASN D 163 -20.79 -30.21 30.28
CA ASN D 163 -21.28 -31.57 30.04
C ASN D 163 -20.59 -32.58 30.95
N GLY D 164 -19.27 -32.56 31.01
CA GLY D 164 -18.52 -33.50 31.81
C GLY D 164 -18.09 -32.93 33.15
N GLU D 165 -17.80 -33.82 34.09
CA GLU D 165 -17.25 -33.40 35.37
C GLU D 165 -15.94 -32.63 35.20
N GLY D 166 -15.14 -33.02 34.20
CA GLY D 166 -13.94 -32.29 33.86
C GLY D 166 -14.20 -30.92 33.26
N ASP D 167 -15.46 -30.56 33.01
CA ASP D 167 -15.82 -29.23 32.55
C ASP D 167 -16.36 -28.34 33.66
N ARG D 168 -16.75 -28.93 34.79
CA ARG D 168 -17.32 -28.20 35.92
C ARG D 168 -16.23 -27.85 36.93
N ASN D 169 -16.56 -26.94 37.85
CA ASN D 169 -15.58 -26.35 38.76
C ASN D 169 -14.37 -25.85 37.99
N ASN D 170 -14.65 -25.20 36.86
CA ASN D 170 -13.61 -24.92 35.88
C ASN D 170 -12.71 -23.77 36.29
N ASN D 171 -13.23 -22.79 37.02
CA ASN D 171 -12.51 -21.55 37.34
C ASN D 171 -12.09 -20.80 36.08
N HIS D 172 -12.83 -20.97 34.98
CA HIS D 172 -12.53 -20.25 33.75
C HIS D 172 -12.56 -18.75 34.00
N ARG D 173 -11.60 -18.04 33.43
CA ARG D 173 -11.49 -16.59 33.56
C ARG D 173 -11.76 -15.94 32.21
N ILE D 174 -12.86 -15.21 32.14
CA ILE D 174 -13.24 -14.44 30.95
C ILE D 174 -13.08 -12.97 31.33
N ASP D 175 -11.96 -12.36 30.95
CA ASP D 175 -11.61 -11.05 31.47
C ASP D 175 -11.09 -10.13 30.37
N HIS D 176 -11.34 -8.84 30.55
CA HIS D 176 -10.73 -7.77 29.75
C HIS D 176 -11.03 -7.92 28.25
N ASN D 177 -12.15 -8.54 27.93
CA ASN D 177 -12.56 -8.69 26.53
C ASN D 177 -13.46 -7.53 26.12
N TYR D 178 -13.46 -7.24 24.83
CA TYR D 178 -14.42 -6.31 24.23
C TYR D 178 -15.44 -7.13 23.46
N PHE D 179 -16.66 -7.20 23.99
CA PHE D 179 -17.77 -7.85 23.31
C PHE D 179 -18.55 -6.75 22.61
N GLY D 180 -18.39 -6.65 21.31
CA GLY D 180 -18.93 -5.56 20.52
C GLY D 180 -20.34 -5.82 20.03
N GLU D 181 -20.72 -5.05 19.02
CA GLU D 181 -22.11 -5.00 18.58
C GLU D 181 -22.62 -6.38 18.15
N ARG D 182 -23.78 -6.75 18.65
CA ARG D 182 -24.55 -7.87 18.14
C ARG D 182 -25.97 -7.37 17.98
N PRO D 183 -26.45 -7.18 16.75
CA PRO D 183 -27.78 -6.59 16.54
C PRO D 183 -28.88 -7.53 16.99
N ILE D 184 -30.11 -7.00 17.00
CA ILE D 184 -31.26 -7.76 17.47
C ILE D 184 -31.42 -9.00 16.60
N LEU D 185 -31.43 -10.17 17.24
CA LEU D 185 -31.56 -11.42 16.50
C LEU D 185 -33.01 -11.71 16.14
N GLY D 186 -33.96 -11.19 16.92
CA GLY D 186 -35.35 -11.54 16.69
C GLY D 186 -35.67 -12.96 17.06
N SER D 187 -35.04 -13.49 18.11
CA SER D 187 -35.20 -14.87 18.53
C SER D 187 -34.43 -15.08 19.82
N ASN D 188 -34.77 -16.16 20.52
CA ASN D 188 -33.91 -16.65 21.58
C ASN D 188 -32.62 -17.20 20.99
N GLY D 189 -31.60 -17.35 21.83
CA GLY D 189 -30.32 -17.83 21.38
C GLY D 189 -29.38 -16.76 20.87
N GLY D 190 -29.53 -15.52 21.35
CA GLY D 190 -28.67 -14.44 20.92
C GLY D 190 -27.87 -13.86 22.05
N GLU D 191 -27.65 -14.65 23.10
CA GLU D 191 -26.83 -14.20 24.22
C GLU D 191 -25.39 -13.99 23.78
N THR D 192 -24.69 -13.11 24.48
CA THR D 192 -23.26 -12.94 24.25
C THR D 192 -22.45 -13.95 25.07
N ILE D 193 -22.84 -14.21 26.32
CA ILE D 193 -22.19 -15.20 27.17
C ILE D 193 -23.27 -16.07 27.83
N ARG D 194 -23.05 -17.38 27.80
CA ARG D 194 -23.91 -18.31 28.54
C ARG D 194 -23.03 -19.25 29.35
N VAL D 195 -23.30 -19.35 30.65
CA VAL D 195 -22.56 -20.25 31.52
C VAL D 195 -23.48 -21.36 31.99
N GLY D 196 -23.46 -22.51 31.30
CA GLY D 196 -24.30 -23.62 31.66
C GLY D 196 -25.63 -23.63 30.94
N THR D 197 -26.39 -24.69 31.18
CA THR D 197 -27.76 -24.84 30.71
C THR D 197 -28.64 -25.23 31.89
N SER D 198 -29.94 -25.41 31.63
CA SER D 198 -30.85 -25.84 32.68
C SER D 198 -30.55 -27.24 33.19
N HIS D 199 -29.82 -28.05 32.41
CA HIS D 199 -29.56 -29.43 32.82
C HIS D 199 -28.52 -29.51 33.92
N HIS D 200 -27.53 -28.63 33.89
CA HIS D 200 -26.46 -28.60 34.89
C HIS D 200 -26.51 -27.36 35.74
N ALA D 201 -27.72 -26.86 36.04
CA ALA D 201 -27.85 -25.59 36.74
C ALA D 201 -27.27 -25.65 38.14
N PHE D 202 -27.56 -26.72 38.88
CA PHE D 202 -27.18 -26.77 40.28
C PHE D 202 -25.77 -27.28 40.51
N PHE D 203 -25.04 -27.60 39.43
CA PHE D 203 -23.63 -27.91 39.56
C PHE D 203 -22.81 -26.62 39.55
N SER D 204 -21.70 -26.65 40.27
CA SER D 204 -20.85 -25.47 40.42
C SER D 204 -19.95 -25.31 39.21
N SER D 205 -20.02 -24.14 38.56
CA SER D 205 -19.15 -23.82 37.44
C SER D 205 -17.92 -23.05 37.86
N ASN D 206 -18.06 -22.15 38.84
CA ASN D 206 -16.94 -21.35 39.37
C ASN D 206 -16.31 -20.47 38.30
N THR D 207 -17.09 -20.08 37.30
CA THR D 207 -16.58 -19.22 36.24
C THR D 207 -16.52 -17.77 36.71
N VAL D 208 -15.47 -17.07 36.33
CA VAL D 208 -15.27 -15.65 36.67
C VAL D 208 -15.36 -14.85 35.39
N ILE D 209 -16.29 -13.88 35.36
CA ILE D 209 -16.47 -12.97 34.23
C ILE D 209 -16.20 -11.58 34.77
N GLU D 210 -15.01 -11.04 34.50
CA GLU D 210 -14.61 -9.80 35.13
C GLU D 210 -13.97 -8.84 34.13
N ASP D 211 -14.21 -7.54 34.34
CA ASP D 211 -13.51 -6.47 33.64
C ASP D 211 -13.71 -6.54 32.13
N ASN D 212 -14.86 -7.00 31.68
CA ASN D 212 -15.19 -7.02 30.26
C ASN D 212 -16.04 -5.81 29.90
N MET D 213 -15.97 -5.43 28.63
CA MET D 213 -16.79 -4.36 28.07
C MET D 213 -17.81 -4.98 27.12
N PHE D 214 -19.09 -4.93 27.49
CA PHE D 214 -20.19 -5.36 26.64
C PHE D 214 -20.81 -4.10 26.02
N HIS D 215 -20.67 -3.95 24.71
CA HIS D 215 -21.01 -2.72 24.02
C HIS D 215 -21.97 -3.04 22.88
N HIS D 216 -23.22 -2.57 23.01
CA HIS D 216 -24.25 -2.78 22.00
C HIS D 216 -24.52 -4.26 21.76
N CYS D 217 -24.44 -5.05 22.83
CA CYS D 217 -24.80 -6.46 22.78
C CYS D 217 -26.31 -6.55 22.89
N ASN D 218 -26.98 -6.57 21.74
CA ASN D 218 -28.44 -6.44 21.68
C ASN D 218 -29.12 -7.69 21.12
N GLY D 219 -28.45 -8.84 21.18
CA GLY D 219 -28.99 -10.03 20.53
C GLY D 219 -30.35 -10.44 21.06
N GLU D 220 -30.55 -10.33 22.37
CA GLU D 220 -31.79 -10.72 23.01
C GLU D 220 -31.82 -10.13 24.42
N VAL D 221 -32.76 -10.59 25.24
CA VAL D 221 -32.91 -10.02 26.57
C VAL D 221 -31.70 -10.35 27.46
N GLU D 222 -31.08 -11.51 27.24
CA GLU D 222 -29.92 -11.92 28.03
C GLU D 222 -28.65 -11.57 27.29
N VAL D 223 -27.90 -10.58 27.79
CA VAL D 223 -26.53 -10.38 27.33
C VAL D 223 -25.64 -11.48 27.91
N VAL D 224 -25.65 -11.62 29.23
CA VAL D 224 -24.94 -12.69 29.93
C VAL D 224 -25.99 -13.54 30.63
N SER D 225 -26.03 -14.82 30.27
CA SER D 225 -27.00 -15.78 30.81
C SER D 225 -26.27 -16.75 31.73
N ILE D 226 -26.54 -16.64 33.04
CA ILE D 226 -25.93 -17.51 34.03
C ILE D 226 -26.88 -18.66 34.31
N LYS D 227 -26.46 -19.88 33.98
CA LYS D 227 -27.27 -21.07 34.19
C LYS D 227 -26.46 -22.14 34.91
N SER D 228 -25.70 -21.72 35.93
CA SER D 228 -24.96 -22.63 36.78
C SER D 228 -24.77 -21.97 38.13
N SER D 229 -24.08 -22.66 39.03
CA SER D 229 -23.95 -22.21 40.41
C SER D 229 -22.55 -21.71 40.70
N ASP D 230 -22.45 -20.86 41.72
CA ASP D 230 -21.17 -20.43 42.29
C ASP D 230 -20.30 -19.72 41.27
N ASN D 231 -20.90 -18.82 40.50
CA ASN D 231 -20.17 -18.02 39.52
C ASN D 231 -19.96 -16.61 40.07
N ILE D 232 -18.99 -15.90 39.47
CA ILE D 232 -18.63 -14.55 39.86
C ILE D 232 -18.65 -13.67 38.62
N ILE D 233 -19.50 -12.65 38.61
CA ILE D 233 -19.60 -11.68 37.52
C ILE D 233 -19.31 -10.32 38.14
N ARG D 234 -18.11 -9.80 37.92
CA ARG D 234 -17.68 -8.62 38.67
C ARG D 234 -16.97 -7.60 37.77
N ASN D 235 -17.24 -6.32 38.03
CA ASN D 235 -16.46 -5.21 37.47
C ASN D 235 -16.53 -5.16 35.95
N ASN D 236 -17.64 -5.61 35.36
CA ASN D 236 -17.86 -5.46 33.93
C ASN D 236 -18.65 -4.19 33.63
N VAL D 237 -18.58 -3.75 32.38
CA VAL D 237 -19.31 -2.59 31.91
C VAL D 237 -20.26 -3.03 30.80
N PHE D 238 -21.54 -2.71 30.97
CA PHE D 238 -22.56 -2.95 29.96
C PHE D 238 -22.97 -1.58 29.41
N LEU D 239 -22.48 -1.26 28.21
CA LEU D 239 -22.65 0.07 27.62
C LEU D 239 -23.70 -0.03 26.52
N GLU D 240 -24.90 0.48 26.83
CA GLU D 240 -25.99 0.60 25.85
C GLU D 240 -26.36 -0.75 25.24
N CYS D 241 -26.52 -1.75 26.10
CA CYS D 241 -26.91 -3.09 25.66
C CYS D 241 -28.41 -3.26 25.83
N ARG D 242 -29.08 -3.70 24.76
CA ARG D 242 -30.51 -4.00 24.82
C ARG D 242 -30.69 -5.39 25.42
N GLY D 243 -30.33 -5.48 26.70
CA GLY D 243 -30.37 -6.76 27.39
C GLY D 243 -29.97 -6.59 28.84
N ILE D 244 -29.88 -7.73 29.53
CA ILE D 244 -29.63 -7.77 30.97
C ILE D 244 -28.57 -8.82 31.26
N LEU D 245 -28.09 -8.79 32.50
CA LEU D 245 -27.41 -9.93 33.11
C LEU D 245 -28.46 -10.77 33.83
N ALA D 246 -28.62 -12.01 33.41
CA ALA D 246 -29.68 -12.87 33.91
C ALA D 246 -29.10 -13.94 34.83
N LEU D 247 -29.53 -13.93 36.09
CA LEU D 247 -29.30 -15.06 37.00
C LEU D 247 -30.48 -16.00 36.80
N ARG D 248 -30.41 -16.77 35.73
CA ARG D 248 -31.55 -17.53 35.22
C ARG D 248 -31.64 -18.92 35.84
N HIS D 249 -30.52 -19.64 35.92
CA HIS D 249 -30.47 -20.94 36.55
C HIS D 249 -29.24 -21.02 37.45
N GLY D 250 -29.31 -21.86 38.47
CA GLY D 250 -28.20 -22.02 39.39
C GLY D 250 -28.30 -21.09 40.59
N ASN D 251 -27.52 -21.43 41.62
CA ASN D 251 -27.58 -20.74 42.91
C ASN D 251 -26.23 -20.11 43.25
N ARG D 252 -26.28 -19.15 44.19
CA ARG D 252 -25.07 -18.61 44.83
C ARG D 252 -24.15 -17.93 43.82
N ASN D 253 -24.71 -17.03 43.02
CA ASN D 253 -23.94 -16.26 42.06
C ASN D 253 -23.71 -14.84 42.58
N LEU D 254 -22.51 -14.33 42.33
CA LEU D 254 -22.08 -13.04 42.85
C LEU D 254 -22.03 -12.02 41.72
N VAL D 255 -22.76 -10.93 41.87
CA VAL D 255 -22.79 -9.83 40.91
C VAL D 255 -22.29 -8.60 41.66
N GLU D 256 -21.07 -8.17 41.38
CA GLU D 256 -20.41 -7.18 42.21
C GLU D 256 -19.62 -6.19 41.36
N GLY D 257 -19.83 -4.89 41.62
CA GLY D 257 -19.02 -3.87 40.99
C GLY D 257 -19.24 -3.65 39.51
N ASN D 258 -20.31 -4.18 38.95
CA ASN D 258 -20.61 -3.98 37.53
C ASN D 258 -21.26 -2.61 37.32
N ALA D 259 -21.32 -2.20 36.05
CA ALA D 259 -21.93 -0.94 35.65
C ALA D 259 -22.82 -1.18 34.44
N PHE D 260 -24.11 -0.88 34.60
CA PHE D 260 -25.09 -1.00 33.52
C PHE D 260 -25.46 0.40 33.09
N ILE D 261 -24.84 0.86 32.00
CA ILE D 261 -24.97 2.25 31.55
C ILE D 261 -25.80 2.22 30.28
N GLY D 262 -27.07 2.57 30.40
CA GLY D 262 -27.98 2.51 29.27
C GLY D 262 -28.05 3.80 28.48
N ASN D 263 -27.71 4.91 29.12
CA ASN D 263 -27.75 6.24 28.51
C ASN D 263 -29.14 6.57 27.95
N GLY D 264 -30.18 6.03 28.58
CA GLY D 264 -31.55 6.31 28.16
C GLY D 264 -31.98 5.65 26.87
N LEU D 265 -31.22 4.68 26.37
CA LEU D 265 -31.60 4.01 25.13
C LEU D 265 -32.65 2.93 25.41
N PRO D 266 -33.47 2.60 24.41
CA PRO D 266 -34.55 1.63 24.63
C PRO D 266 -34.02 0.24 24.98
N CYS D 267 -34.78 -0.44 25.84
CA CYS D 267 -34.55 -1.83 26.22
C CYS D 267 -33.26 -2.05 26.99
N THR D 268 -32.66 -0.99 27.54
CA THR D 268 -31.46 -1.13 28.34
C THR D 268 -31.83 -1.57 29.75
N GLY D 269 -31.17 -2.65 30.22
CA GLY D 269 -31.54 -3.28 31.48
C GLY D 269 -30.34 -3.53 32.37
N GLY D 270 -30.63 -4.16 33.52
CA GLY D 270 -29.61 -4.47 34.50
C GLY D 270 -29.54 -5.95 34.84
N VAL D 271 -30.18 -6.36 35.93
CA VAL D 271 -30.12 -7.73 36.43
C VAL D 271 -31.53 -8.24 36.65
N ARG D 272 -31.77 -9.44 36.17
CA ARG D 272 -32.99 -10.19 36.43
C ARG D 272 -32.63 -11.42 37.27
N ILE D 273 -33.23 -11.50 38.43
CA ILE D 273 -32.97 -12.56 39.40
C ILE D 273 -34.01 -13.68 39.59
N VAL D 274 -33.51 -14.88 39.44
CA VAL D 274 -34.17 -16.13 39.66
C VAL D 274 -33.23 -16.96 40.59
N ASN D 275 -33.78 -17.96 41.23
CA ASN D 275 -33.04 -18.86 42.09
C ASN D 275 -32.58 -18.33 43.45
N GLU D 276 -31.70 -19.05 44.08
CA GLU D 276 -31.29 -18.83 45.42
C GLU D 276 -29.87 -18.47 45.74
N GLY D 277 -29.69 -17.84 46.91
CA GLY D 277 -28.37 -17.50 47.42
C GLY D 277 -27.46 -16.50 46.72
N HIS D 278 -28.01 -15.58 45.94
CA HIS D 278 -27.20 -14.60 45.29
C HIS D 278 -26.83 -13.36 46.07
N THR D 279 -25.79 -12.73 45.64
CA THR D 279 -25.34 -11.50 46.20
C THR D 279 -25.16 -10.49 45.07
N ILE D 280 -25.86 -9.39 45.15
CA ILE D 280 -25.80 -8.28 44.23
C ILE D 280 -25.22 -7.11 45.03
N LYS D 281 -23.96 -6.81 44.79
CA LYS D 281 -23.19 -5.94 45.68
C LYS D 281 -22.49 -4.85 44.90
N GLY D 282 -22.70 -3.60 45.31
CA GLY D 282 -21.90 -2.48 44.81
C GLY D 282 -21.95 -2.27 43.31
N ASN D 283 -23.09 -2.54 42.68
CA ASN D 283 -23.25 -2.32 41.25
C ASN D 283 -23.83 -0.92 40.98
N LEU D 284 -23.61 -0.46 39.76
CA LEU D 284 -24.16 0.80 39.28
C LEU D 284 -25.21 0.52 38.21
N PHE D 285 -26.38 1.12 38.37
CA PHE D 285 -27.45 1.06 37.38
C PHE D 285 -27.75 2.48 36.95
N TYR D 286 -27.55 2.77 35.66
CA TYR D 286 -27.52 4.14 35.17
C TYR D 286 -28.31 4.24 33.88
N GLY D 287 -29.35 5.06 33.87
CA GLY D 287 -30.13 5.37 32.68
C GLY D 287 -30.69 4.15 31.95
N LEU D 288 -31.29 3.23 32.70
CA LEU D 288 -31.83 2.00 32.13
C LEU D 288 -33.33 2.18 31.85
N LYS D 289 -33.72 1.91 30.60
CA LYS D 289 -35.09 2.13 30.16
C LYS D 289 -35.93 0.87 30.02
N GLY D 290 -35.31 -0.31 30.05
CA GLY D 290 -36.04 -1.54 29.79
C GLY D 290 -37.16 -1.79 30.79
N ASP D 291 -38.13 -2.57 30.34
CA ASP D 291 -39.28 -2.94 31.15
C ASP D 291 -39.42 -4.46 31.16
N ARG D 292 -40.29 -4.94 32.05
CA ARG D 292 -40.51 -6.36 32.30
C ARG D 292 -39.20 -7.12 32.43
N PHE D 293 -38.95 -8.09 31.54
CA PHE D 293 -37.73 -8.88 31.65
C PHE D 293 -36.49 -8.10 31.21
N PHE D 294 -36.66 -6.91 30.63
CA PHE D 294 -35.57 -6.01 30.31
C PHE D 294 -35.33 -4.97 31.41
N ALA D 295 -35.97 -5.13 32.57
CA ALA D 295 -35.96 -4.08 33.58
C ALA D 295 -34.55 -3.83 34.13
N ALA D 296 -34.41 -2.65 34.74
CA ALA D 296 -33.17 -2.35 35.46
C ALA D 296 -32.91 -3.38 36.56
N LEU D 297 -33.96 -3.75 37.29
CA LEU D 297 -33.84 -4.78 38.31
C LEU D 297 -35.14 -5.57 38.35
N GLY D 298 -35.02 -6.89 38.42
CA GLY D 298 -36.18 -7.75 38.51
C GLY D 298 -35.94 -8.97 39.37
N LEU D 299 -36.75 -9.13 40.42
CA LEU D 299 -36.75 -10.34 41.23
C LEU D 299 -38.03 -11.09 40.89
N MET D 300 -37.88 -12.23 40.23
CA MET D 300 -39.00 -12.89 39.58
C MET D 300 -39.88 -13.64 40.57
N ASN D 301 -41.16 -13.74 40.21
CA ASN D 301 -42.00 -14.77 40.80
C ASN D 301 -41.60 -16.13 40.23
N ALA D 302 -41.86 -17.18 41.01
CA ALA D 302 -41.39 -18.51 40.66
C ALA D 302 -42.55 -19.50 40.64
N VAL D 303 -42.27 -20.65 40.05
CA VAL D 303 -43.22 -21.76 40.02
C VAL D 303 -42.96 -22.63 41.24
N PRO D 304 -43.97 -22.93 42.06
CA PRO D 304 -43.76 -23.84 43.19
C PRO D 304 -43.39 -25.22 42.68
N ASN D 305 -42.35 -25.80 43.29
CA ASN D 305 -41.82 -27.10 42.88
C ASN D 305 -41.52 -27.12 41.39
N SER D 306 -40.80 -26.09 40.94
CA SER D 306 -40.55 -25.89 39.52
C SER D 306 -39.75 -27.05 38.94
N LEU D 307 -39.93 -27.27 37.64
CA LEU D 307 -39.11 -28.20 36.89
C LEU D 307 -37.82 -27.49 36.45
N PRO D 308 -36.78 -28.25 36.10
CA PRO D 308 -35.45 -27.63 35.88
C PRO D 308 -35.45 -26.44 34.93
N ASN D 309 -36.25 -26.46 33.86
CA ASN D 309 -36.18 -25.43 32.85
C ASN D 309 -37.13 -24.27 33.08
N ARG D 310 -37.92 -24.29 34.16
CA ARG D 310 -38.82 -23.19 34.46
C ARG D 310 -38.13 -22.19 35.38
N TYR D 311 -38.80 -21.75 36.45
CA TYR D 311 -38.32 -20.66 37.28
C TYR D 311 -38.39 -21.05 38.75
N HIS D 312 -37.25 -21.04 39.43
CA HIS D 312 -37.14 -21.52 40.80
C HIS D 312 -37.19 -20.37 41.81
N HIS D 313 -37.70 -20.70 43.00
CA HIS D 313 -37.94 -19.73 44.06
C HIS D 313 -36.74 -18.81 44.31
N VAL D 314 -36.98 -17.51 44.23
CA VAL D 314 -35.97 -16.51 44.58
C VAL D 314 -35.87 -16.45 46.10
N LYS D 315 -34.74 -16.94 46.64
CA LYS D 315 -34.56 -17.07 48.07
C LYS D 315 -33.18 -16.57 48.47
N ASP D 316 -33.11 -15.96 49.65
CA ASP D 316 -31.84 -15.61 50.30
C ASP D 316 -30.93 -14.80 49.37
N VAL D 317 -31.43 -13.65 48.95
CA VAL D 317 -30.72 -12.77 48.05
C VAL D 317 -30.46 -11.46 48.77
N THR D 318 -29.21 -11.01 48.75
CA THR D 318 -28.81 -9.77 49.41
C THR D 318 -28.35 -8.78 48.34
N LEU D 319 -29.00 -7.62 48.29
CA LEU D 319 -28.63 -6.54 47.39
C LEU D 319 -28.17 -5.37 48.25
N GLU D 320 -26.88 -5.02 48.15
CA GLU D 320 -26.29 -4.04 49.05
C GLU D 320 -25.35 -3.11 48.29
N ASP D 321 -25.40 -1.83 48.66
CA ASP D 321 -24.49 -0.79 48.17
C ASP D 321 -24.60 -0.60 46.66
N ASN D 322 -25.73 -0.95 46.07
CA ASN D 322 -25.97 -0.64 44.67
C ASN D 322 -26.47 0.80 44.53
N ARG D 323 -26.32 1.34 43.32
CA ARG D 323 -26.81 2.66 42.98
C ARG D 323 -27.72 2.54 41.77
N PHE D 324 -28.99 2.92 41.94
CA PHE D 324 -29.97 2.89 40.88
C PHE D 324 -30.26 4.35 40.51
N ILE D 325 -29.68 4.80 39.41
CA ILE D 325 -29.75 6.20 38.99
C ILE D 325 -30.50 6.27 37.67
N ASN D 326 -31.64 6.96 37.68
CA ASN D 326 -32.50 7.11 36.50
C ASN D 326 -32.85 5.76 35.89
N CYS D 327 -33.32 4.86 36.74
CA CYS D 327 -33.75 3.53 36.30
C CYS D 327 -35.27 3.49 36.28
N ASP D 328 -35.83 3.30 35.09
CA ASP D 328 -37.28 3.41 34.91
C ASP D 328 -38.02 2.34 35.70
N ASN D 329 -37.57 1.09 35.63
CA ASN D 329 -38.35 -0.04 36.12
C ASN D 329 -37.52 -0.88 37.09
N ILE D 330 -37.88 -0.82 38.37
CA ILE D 330 -37.33 -1.68 39.41
C ILE D 330 -38.49 -2.55 39.88
N LEU D 331 -38.47 -3.82 39.51
CA LEU D 331 -39.65 -4.68 39.59
C LEU D 331 -39.44 -5.78 40.62
N PHE D 332 -40.38 -5.90 41.55
CA PHE D 332 -40.42 -7.01 42.49
C PHE D 332 -41.55 -7.96 42.08
N CYS D 333 -41.24 -9.26 42.11
CA CYS D 333 -42.19 -10.31 41.74
C CYS D 333 -42.53 -10.27 40.25
N VAL D 334 -41.59 -9.80 39.42
CA VAL D 334 -41.82 -9.72 37.99
C VAL D 334 -42.06 -11.11 37.40
N GLY D 335 -42.92 -11.19 36.41
CA GLY D 335 -43.30 -12.46 35.81
C GLY D 335 -44.47 -13.15 36.47
N LYS D 336 -45.01 -12.57 37.54
CA LYS D 336 -46.13 -13.17 38.24
C LYS D 336 -47.31 -13.39 37.31
N ASP D 337 -47.83 -14.61 37.31
CA ASP D 337 -49.02 -14.96 36.54
C ASP D 337 -49.61 -16.24 37.15
N ASN D 338 -50.48 -16.91 36.41
CA ASN D 338 -51.14 -18.09 36.94
C ASN D 338 -50.19 -19.27 37.13
N GLU D 339 -49.01 -19.23 36.52
CA GLU D 339 -48.00 -20.27 36.70
C GLU D 339 -46.95 -19.89 37.74
N ARG D 340 -46.39 -18.69 37.63
CA ARG D 340 -45.37 -18.20 38.57
C ARG D 340 -46.08 -17.49 39.72
N THR D 341 -46.48 -18.27 40.72
CA THR D 341 -47.28 -17.79 41.83
C THR D 341 -46.50 -17.63 43.12
N LEU D 342 -45.22 -18.00 43.14
CA LEU D 342 -44.44 -18.04 44.37
C LEU D 342 -43.57 -16.79 44.48
N PRO D 343 -43.82 -15.90 45.43
CA PRO D 343 -43.04 -14.65 45.51
C PRO D 343 -41.67 -14.90 46.14
N PRO D 344 -40.74 -13.97 45.96
CA PRO D 344 -39.40 -14.13 46.56
C PRO D 344 -39.46 -14.16 48.09
N SER D 345 -38.42 -14.74 48.69
CA SER D 345 -38.34 -14.92 50.13
C SER D 345 -36.95 -14.55 50.62
N ASN D 346 -36.90 -13.97 51.81
CA ASN D 346 -35.66 -13.59 52.49
C ASN D 346 -34.77 -12.74 51.57
N ILE D 347 -35.35 -11.64 51.09
CA ILE D 347 -34.64 -10.68 50.26
C ILE D 347 -34.24 -9.50 51.13
N SER D 348 -32.99 -9.07 51.01
CA SER D 348 -32.45 -7.97 51.80
C SER D 348 -31.97 -6.86 50.87
N PHE D 349 -32.56 -5.68 51.01
CA PHE D 349 -32.08 -4.46 50.35
C PHE D 349 -31.43 -3.60 51.44
N ILE D 350 -30.10 -3.53 51.42
CA ILE D 350 -29.32 -2.87 52.47
C ILE D 350 -28.48 -1.77 51.86
N ARG D 351 -28.70 -0.54 52.31
CA ARG D 351 -27.81 0.59 52.03
C ARG D 351 -27.60 0.81 50.53
N ASN D 352 -28.71 0.84 49.79
CA ASN D 352 -28.69 1.19 48.38
C ASN D 352 -29.09 2.64 48.18
N GLN D 353 -28.73 3.18 47.01
CA GLN D 353 -29.11 4.53 46.62
C GLN D 353 -30.07 4.45 45.44
N PHE D 354 -31.14 5.24 45.51
CA PHE D 354 -32.08 5.38 44.40
C PHE D 354 -32.19 6.85 44.06
N ILE D 355 -31.91 7.20 42.81
CA ILE D 355 -31.91 8.59 42.36
C ILE D 355 -32.57 8.63 40.99
N SER D 356 -33.53 9.54 40.83
CA SER D 356 -34.23 9.68 39.56
C SER D 356 -34.78 11.09 39.43
N LYS D 357 -34.67 11.64 38.22
CA LYS D 357 -35.20 12.96 37.91
C LYS D 357 -36.62 12.90 37.35
N SER D 358 -37.18 11.71 37.15
CA SER D 358 -38.50 11.54 36.59
C SER D 358 -39.46 10.99 37.64
N ASP D 359 -40.75 11.27 37.44
CA ASP D 359 -41.79 10.88 38.41
C ASP D 359 -42.29 9.47 38.11
N LYS D 360 -41.37 8.52 38.12
CA LYS D 360 -41.69 7.10 38.02
C LYS D 360 -41.69 6.47 39.41
N ALA D 361 -42.38 5.33 39.51
CA ALA D 361 -42.43 4.62 40.79
C ALA D 361 -41.02 4.22 41.21
N LEU D 362 -40.75 4.33 42.52
CA LEU D 362 -39.48 3.85 43.05
C LEU D 362 -39.28 2.38 42.72
N TYR D 363 -40.25 1.54 43.08
CA TYR D 363 -40.30 0.17 42.64
C TYR D 363 -41.75 -0.17 42.30
N GLN D 364 -41.93 -1.30 41.62
CA GLN D 364 -43.25 -1.81 41.28
C GLN D 364 -43.31 -3.26 41.73
N SER D 365 -44.39 -3.65 42.38
CA SER D 365 -44.58 -5.00 42.87
C SER D 365 -45.79 -5.63 42.22
N PHE D 366 -45.70 -6.93 41.95
CA PHE D 366 -46.78 -7.67 41.33
C PHE D 366 -47.25 -8.84 42.19
N ASP D 367 -46.80 -8.90 43.44
CA ASP D 367 -47.24 -9.90 44.41
C ASP D 367 -46.85 -9.40 45.79
N ASP D 368 -47.07 -10.23 46.80
CA ASP D 368 -46.71 -9.88 48.16
C ASP D 368 -45.19 -9.75 48.31
N ILE D 369 -44.75 -8.72 49.02
CA ILE D 369 -43.33 -8.51 49.24
C ILE D 369 -43.00 -8.57 50.73
N SER D 370 -43.74 -9.38 51.48
CA SER D 370 -43.44 -9.55 52.90
C SER D 370 -42.13 -10.29 53.14
N GLY D 371 -41.60 -10.99 52.12
CA GLY D 371 -40.28 -11.56 52.20
C GLY D 371 -39.15 -10.60 51.94
N PHE D 372 -39.45 -9.32 51.75
CA PHE D 372 -38.45 -8.29 51.47
C PHE D 372 -38.13 -7.53 52.75
N THR D 373 -36.85 -7.36 53.04
CA THR D 373 -36.40 -6.56 54.17
C THR D 373 -35.57 -5.40 53.64
N PHE D 374 -35.94 -4.17 54.02
CA PHE D 374 -35.28 -2.97 53.56
C PHE D 374 -34.61 -2.28 54.74
N ILE D 375 -33.35 -1.89 54.57
CA ILE D 375 -32.57 -1.27 55.64
C ILE D 375 -31.67 -0.20 55.03
N ASP D 376 -31.82 1.03 55.52
CA ASP D 376 -30.86 2.13 55.28
C ASP D 376 -30.72 2.49 53.80
N ASN D 377 -31.79 2.36 53.02
CA ASN D 377 -31.77 2.83 51.65
C ASN D 377 -32.13 4.31 51.60
N VAL D 378 -31.40 5.06 50.77
CA VAL D 378 -31.62 6.49 50.61
C VAL D 378 -32.14 6.76 49.20
N VAL D 379 -33.06 7.71 49.10
CA VAL D 379 -33.83 7.94 47.87
C VAL D 379 -33.87 9.44 47.59
N ASN D 380 -33.61 9.81 46.34
CA ASN D 380 -33.80 11.18 45.85
C ASN D 380 -34.62 11.10 44.57
N TYR D 381 -35.92 11.03 44.72
CA TYR D 381 -36.90 11.13 43.65
C TYR D 381 -37.66 12.44 43.77
N PRO D 382 -38.40 12.85 42.73
CA PRO D 382 -39.14 14.12 42.84
C PRO D 382 -40.38 14.04 43.72
N TYR D 383 -40.49 12.98 44.52
CA TYR D 383 -41.62 12.83 45.43
C TYR D 383 -41.15 12.14 46.70
N THR D 384 -41.91 12.33 47.77
CA THR D 384 -41.55 11.78 49.07
C THR D 384 -41.91 10.30 49.13
N VAL D 385 -40.96 9.48 49.56
CA VAL D 385 -41.17 8.05 49.76
C VAL D 385 -41.49 7.81 51.22
N THR D 386 -42.58 7.09 51.49
CA THR D 386 -43.01 6.77 52.85
C THR D 386 -43.03 5.25 52.95
N GLN D 387 -41.85 4.67 53.22
CA GLN D 387 -41.71 3.23 53.36
C GLN D 387 -40.59 2.97 54.35
N ARG D 388 -40.82 2.01 55.24
CA ARG D 388 -39.78 1.62 56.19
C ARG D 388 -38.55 1.11 55.44
N GLY D 389 -37.38 1.54 55.87
CA GLY D 389 -36.14 1.18 55.21
C GLY D 389 -35.71 2.13 54.11
N PHE D 390 -36.47 3.19 53.85
CA PHE D 390 -36.12 4.19 52.86
C PHE D 390 -36.11 5.55 53.51
N GLN D 391 -35.03 6.30 53.33
CA GLN D 391 -34.92 7.67 53.81
C GLN D 391 -34.84 8.62 52.62
N ASN D 392 -35.56 9.73 52.71
CA ASN D 392 -35.57 10.70 51.63
C ASN D 392 -34.35 11.62 51.73
N ASN D 393 -33.71 11.85 50.59
CA ASN D 393 -32.49 12.62 50.51
C ASN D 393 -32.63 13.68 49.43
N THR D 394 -32.11 14.88 49.68
CA THR D 394 -32.12 15.96 48.71
C THR D 394 -30.74 16.40 48.28
N THR D 395 -29.69 15.72 48.74
CA THR D 395 -28.32 16.08 48.38
C THR D 395 -27.76 15.26 47.22
N LEU D 396 -28.22 14.02 47.05
CA LEU D 396 -27.65 13.14 46.03
C LEU D 396 -27.99 13.64 44.63
N SER D 397 -27.03 13.50 43.73
CA SER D 397 -27.17 13.93 42.34
C SER D 397 -27.19 12.72 41.42
N ASP D 398 -27.85 12.89 40.28
CA ASP D 398 -27.88 11.87 39.24
C ASP D 398 -26.76 12.06 38.21
N SER D 399 -25.84 12.98 38.46
CA SER D 399 -24.70 13.21 37.58
C SER D 399 -23.53 12.35 38.04
N ILE D 400 -23.13 11.40 37.19
CA ILE D 400 -22.10 10.42 37.52
C ILE D 400 -20.93 10.60 36.59
N ASP D 401 -19.72 10.54 37.14
CA ASP D 401 -18.51 10.51 36.33
C ASP D 401 -18.35 9.11 35.75
N LEU D 402 -18.64 8.96 34.47
CA LEU D 402 -18.56 7.66 33.80
C LEU D 402 -17.18 7.40 33.19
N LYS D 403 -16.23 8.32 33.35
CA LYS D 403 -14.90 8.11 32.78
C LYS D 403 -14.17 6.88 33.31
N PRO D 404 -14.22 6.55 34.61
CA PRO D 404 -13.51 5.33 35.06
C PRO D 404 -13.95 4.08 34.33
N TYR D 405 -15.22 3.96 33.98
CA TYR D 405 -15.69 2.78 33.27
C TYR D 405 -15.24 2.75 31.82
N MET D 406 -14.90 3.91 31.25
CA MET D 406 -14.45 4.00 29.86
C MET D 406 -12.94 3.91 29.71
N GLU D 407 -12.19 4.00 30.81
CA GLU D 407 -10.74 4.03 30.76
C GLU D 407 -10.10 2.68 31.09
N LYS D 408 -10.91 1.66 31.34
CA LYS D 408 -10.40 0.30 31.52
C LYS D 408 -10.04 -0.29 30.15
N LYS D 409 -8.90 -0.98 30.10
CA LYS D 409 -8.45 -1.60 28.85
C LYS D 409 -9.19 -2.91 28.62
N ASN D 410 -9.69 -3.08 27.40
CA ASN D 410 -10.43 -4.27 27.01
C ASN D 410 -10.16 -4.52 25.53
N GLY D 411 -10.40 -5.75 25.11
CA GLY D 411 -10.21 -6.11 23.71
C GLY D 411 -8.77 -6.37 23.36
N ALA D 412 -8.54 -6.66 22.08
CA ALA D 412 -7.21 -6.90 21.58
C ALA D 412 -6.40 -5.60 21.57
N SER D 413 -5.18 -5.65 22.10
CA SER D 413 -4.37 -4.45 22.26
C SER D 413 -4.04 -3.79 20.93
N TRP D 414 -4.08 -4.54 19.83
CA TRP D 414 -3.72 -4.03 18.51
C TRP D 414 -4.93 -3.67 17.66
N TYR D 415 -6.14 -3.90 18.16
CA TYR D 415 -7.35 -3.74 17.37
C TYR D 415 -8.00 -2.39 17.68
N THR D 416 -8.32 -1.64 16.64
CA THR D 416 -9.04 -0.38 16.77
C THR D 416 -10.40 -0.51 16.10
N LEU D 417 -11.43 0.00 16.78
CA LEU D 417 -12.78 -0.02 16.22
C LEU D 417 -12.87 0.93 15.04
N SER D 418 -13.50 0.47 13.96
CA SER D 418 -13.66 1.29 12.77
C SER D 418 -14.77 2.31 12.96
N GLU D 422 -23.30 4.26 8.98
CA GLU D 422 -24.44 5.13 8.70
C GLU D 422 -24.62 5.34 7.21
N LEU D 423 -25.87 5.30 6.75
CA LEU D 423 -26.16 5.41 5.33
C LEU D 423 -26.19 6.87 4.90
N VAL D 424 -25.56 7.16 3.76
CA VAL D 424 -25.45 8.52 3.24
C VAL D 424 -25.74 8.48 1.75
N LEU D 425 -26.42 9.52 1.25
CA LEU D 425 -26.71 9.63 -0.16
C LEU D 425 -25.53 10.19 -0.93
N THR D 426 -25.39 9.75 -2.18
CA THR D 426 -24.30 10.23 -3.02
C THR D 426 -24.46 11.70 -3.37
N GLY D 427 -25.69 12.17 -3.53
CA GLY D 427 -25.95 13.36 -4.28
C GLY D 427 -26.09 13.13 -5.77
N ASN D 428 -25.66 11.96 -6.26
CA ASN D 428 -25.88 11.57 -7.64
C ASN D 428 -27.32 11.13 -7.84
N GLU D 429 -27.84 11.41 -9.03
CA GLU D 429 -29.20 11.06 -9.39
C GLU D 429 -29.22 10.55 -10.81
N ILE D 430 -29.65 9.29 -10.99
CA ILE D 430 -29.77 8.68 -12.31
C ILE D 430 -31.22 8.81 -12.74
N SER D 431 -31.45 9.58 -13.81
CA SER D 431 -32.80 9.74 -14.34
C SER D 431 -33.14 8.55 -15.23
N VAL D 432 -34.32 7.99 -15.03
CA VAL D 432 -34.76 6.78 -15.73
C VAL D 432 -35.97 7.13 -16.60
N LYS D 433 -35.94 6.68 -17.85
CA LYS D 433 -37.07 6.81 -18.75
C LYS D 433 -37.89 5.52 -18.77
N ALA D 434 -39.13 5.64 -19.25
CA ALA D 434 -39.98 4.46 -19.37
C ALA D 434 -39.46 3.53 -20.47
N GLY D 435 -39.88 2.28 -20.41
CA GLY D 435 -39.50 1.31 -21.41
C GLY D 435 -39.12 0.00 -20.79
N GLN D 436 -38.42 -0.82 -21.57
CA GLN D 436 -38.05 -2.18 -21.18
C GLN D 436 -36.72 -2.16 -20.44
N ASN D 437 -36.74 -2.64 -19.19
CA ASN D 437 -35.56 -2.83 -18.36
C ASN D 437 -34.77 -1.55 -18.10
N THR D 438 -35.34 -0.39 -18.43
CA THR D 438 -34.64 0.87 -18.17
C THR D 438 -34.38 1.07 -16.70
N LEU D 439 -35.29 0.61 -15.83
CA LEU D 439 -35.05 0.67 -14.39
C LEU D 439 -33.99 -0.33 -13.96
N LEU D 440 -33.92 -1.48 -14.62
CA LEU D 440 -32.88 -2.46 -14.31
C LEU D 440 -31.50 -1.91 -14.61
N GLU D 441 -31.32 -1.33 -15.80
CA GLU D 441 -30.00 -0.86 -16.20
C GLU D 441 -29.56 0.35 -15.38
N ALA D 442 -30.50 1.18 -14.93
CA ALA D 442 -30.14 2.28 -14.05
C ALA D 442 -29.68 1.77 -12.69
N LEU D 443 -30.27 0.67 -12.21
CA LEU D 443 -29.86 0.09 -10.92
C LEU D 443 -28.49 -0.56 -11.03
N ASN D 444 -28.23 -1.29 -12.11
CA ASN D 444 -26.91 -1.88 -12.33
C ASN D 444 -25.83 -0.83 -12.52
N GLN D 445 -26.22 0.39 -12.89
CA GLN D 445 -25.29 1.49 -13.07
C GLN D 445 -25.01 2.24 -11.77
N ALA D 446 -25.87 2.11 -10.77
CA ALA D 446 -25.82 2.98 -9.61
C ALA D 446 -24.81 2.51 -8.58
N GLN D 447 -24.19 3.47 -7.90
CA GLN D 447 -23.37 3.24 -6.73
C GLN D 447 -24.23 3.29 -5.48
N SER D 448 -23.68 2.78 -4.38
CA SER D 448 -24.40 2.80 -3.11
C SER D 448 -24.68 4.23 -2.68
N GLY D 449 -25.95 4.52 -2.41
CA GLY D 449 -26.38 5.86 -2.06
C GLY D 449 -26.88 6.70 -3.21
N ASP D 450 -27.00 6.14 -4.41
CA ASP D 450 -27.51 6.86 -5.56
C ASP D 450 -29.03 6.96 -5.49
N ILE D 451 -29.57 7.88 -6.29
CA ILE D 451 -31.01 8.06 -6.43
C ILE D 451 -31.40 7.68 -7.85
N LEU D 452 -32.35 6.76 -7.97
CA LEU D 452 -32.95 6.41 -9.26
C LEU D 452 -34.24 7.23 -9.38
N ASN D 453 -34.25 8.21 -10.28
CA ASN D 453 -35.37 9.13 -10.44
C ASN D 453 -36.13 8.77 -11.71
N LEU D 454 -37.34 8.25 -11.55
CA LEU D 454 -38.20 7.95 -12.70
C LEU D 454 -38.81 9.25 -13.18
N SER D 455 -38.42 9.67 -14.38
CA SER D 455 -38.70 11.02 -14.86
C SER D 455 -39.91 11.11 -15.78
N GLU D 456 -40.58 10.00 -16.05
CA GLU D 456 -41.69 9.99 -16.99
C GLU D 456 -42.86 9.19 -16.43
N GLU D 457 -44.06 9.60 -16.80
CA GLU D 457 -45.22 8.76 -16.62
C GLU D 457 -45.27 7.72 -17.75
N GLY D 458 -45.77 6.54 -17.42
CA GLY D 458 -45.80 5.45 -18.35
C GLY D 458 -45.40 4.17 -17.67
N VAL D 459 -45.22 3.12 -18.46
CA VAL D 459 -44.96 1.77 -17.95
C VAL D 459 -43.47 1.50 -17.98
N TYR D 460 -42.93 1.11 -16.83
CA TYR D 460 -41.54 0.68 -16.72
C TYR D 460 -41.53 -0.84 -16.68
N TRP D 461 -41.18 -1.45 -17.81
CA TRP D 461 -41.20 -2.90 -17.93
C TRP D 461 -39.96 -3.52 -17.31
N LEU D 462 -40.12 -4.69 -16.70
CA LEU D 462 -39.03 -5.41 -16.05
C LEU D 462 -39.15 -6.89 -16.39
N ASP D 463 -38.10 -7.46 -16.99
CA ASP D 463 -38.03 -8.90 -17.19
C ASP D 463 -37.22 -9.59 -16.11
N ASN D 464 -36.74 -8.85 -15.12
CA ASN D 464 -36.01 -9.41 -14.00
C ASN D 464 -36.30 -8.57 -12.77
N THR D 465 -35.93 -9.10 -11.61
CA THR D 465 -36.15 -8.37 -10.38
C THR D 465 -35.04 -7.34 -10.17
N LEU D 466 -35.37 -6.30 -9.39
CA LEU D 466 -34.39 -5.28 -9.02
C LEU D 466 -33.64 -5.76 -7.78
N LEU D 467 -32.39 -6.15 -7.96
CA LEU D 467 -31.56 -6.67 -6.87
C LEU D 467 -31.02 -5.51 -6.04
N ILE D 468 -31.48 -5.39 -4.81
CA ILE D 468 -31.04 -4.34 -3.90
C ILE D 468 -29.97 -4.94 -2.99
N ASP D 469 -28.70 -4.74 -3.36
CA ASP D 469 -27.57 -5.18 -2.56
C ASP D 469 -26.74 -4.00 -2.07
N LYS D 470 -27.31 -2.80 -2.12
CA LYS D 470 -26.63 -1.58 -1.68
C LYS D 470 -27.70 -0.60 -1.21
N TYR D 471 -27.25 0.59 -0.78
CA TYR D 471 -28.17 1.64 -0.39
C TYR D 471 -28.71 2.32 -1.64
N ILE D 472 -30.02 2.23 -1.85
CA ILE D 472 -30.65 2.70 -3.08
C ILE D 472 -31.95 3.41 -2.74
N ARG D 473 -32.15 4.58 -3.33
CA ARG D 473 -33.41 5.31 -3.26
C ARG D 473 -34.02 5.33 -4.66
N ILE D 474 -35.23 4.77 -4.79
CA ILE D 474 -35.98 4.80 -6.04
C ILE D 474 -37.19 5.70 -5.81
N GLN D 475 -37.30 6.77 -6.59
CA GLN D 475 -38.34 7.74 -6.38
C GLN D 475 -38.92 8.18 -7.72
N ALA D 476 -40.21 8.48 -7.73
CA ALA D 476 -40.82 9.17 -8.85
C ALA D 476 -40.44 10.63 -8.81
N ASP D 477 -40.23 11.23 -9.97
CA ASP D 477 -39.88 12.64 -10.02
C ASP D 477 -41.00 13.48 -9.41
N SER D 478 -40.62 14.55 -8.71
CA SER D 478 -41.59 15.34 -7.97
C SER D 478 -42.59 16.04 -8.89
N HIS D 479 -42.25 16.22 -10.16
CA HIS D 479 -43.13 16.95 -11.08
C HIS D 479 -44.18 16.06 -11.73
N LEU D 480 -44.09 14.74 -11.58
CA LEU D 480 -45.07 13.85 -12.17
C LEU D 480 -46.39 13.94 -11.40
N SER D 481 -47.50 13.91 -12.14
CA SER D 481 -48.82 13.99 -11.52
C SER D 481 -49.39 12.63 -11.17
N LYS D 482 -48.95 11.56 -11.84
CA LYS D 482 -49.43 10.21 -11.56
C LYS D 482 -48.23 9.29 -11.34
N ARG D 483 -48.47 8.21 -10.59
CA ARG D 483 -47.39 7.29 -10.25
C ARG D 483 -46.88 6.58 -11.50
N PRO D 484 -45.57 6.48 -11.68
CA PRO D 484 -45.05 5.60 -12.75
C PRO D 484 -45.40 4.16 -12.44
N VAL D 485 -45.78 3.42 -13.49
CA VAL D 485 -46.27 2.05 -13.33
C VAL D 485 -45.17 1.08 -13.71
N LEU D 486 -44.90 0.13 -12.82
CA LEU D 486 -43.96 -0.95 -13.05
C LEU D 486 -44.73 -2.22 -13.40
N CYS D 487 -44.32 -2.88 -14.48
CA CYS D 487 -44.94 -4.11 -14.93
C CYS D 487 -43.88 -5.16 -15.20
N PHE D 488 -44.26 -6.43 -15.05
CA PHE D 488 -43.35 -7.55 -15.16
C PHE D 488 -43.67 -8.37 -16.39
N ASN D 489 -42.66 -8.60 -17.24
CA ASN D 489 -42.82 -9.41 -18.43
C ASN D 489 -41.62 -10.34 -18.62
N GLY D 490 -41.06 -10.83 -17.51
CA GLY D 490 -40.01 -11.81 -17.57
C GLY D 490 -40.53 -13.22 -17.75
N MET D 491 -39.62 -14.12 -18.15
CA MET D 491 -39.99 -15.51 -18.39
C MET D 491 -39.89 -16.38 -17.15
N SER D 492 -39.32 -15.89 -16.06
CA SER D 492 -39.28 -16.59 -14.79
C SER D 492 -39.86 -15.69 -13.70
N GLY D 493 -40.67 -16.28 -12.83
CA GLY D 493 -41.40 -15.49 -11.84
C GLY D 493 -40.45 -14.90 -10.81
N LYS D 494 -40.60 -13.59 -10.56
CA LYS D 494 -39.81 -12.88 -9.57
C LYS D 494 -40.63 -11.73 -9.01
N ALA D 495 -40.27 -11.30 -7.81
CA ALA D 495 -40.82 -10.04 -7.29
C ALA D 495 -40.21 -8.87 -8.05
N PHE D 496 -40.89 -7.72 -7.98
CA PHE D 496 -40.37 -6.53 -8.65
C PHE D 496 -39.05 -6.09 -8.01
N VAL D 497 -38.98 -6.11 -6.69
CA VAL D 497 -37.81 -5.67 -5.95
C VAL D 497 -37.41 -6.77 -4.97
N THR D 498 -36.13 -7.11 -4.93
CA THR D 498 -35.61 -8.16 -4.07
C THR D 498 -34.42 -7.63 -3.29
N ILE D 499 -34.55 -7.57 -1.97
CA ILE D 499 -33.48 -7.12 -1.09
C ILE D 499 -32.65 -8.32 -0.68
N VAL D 500 -31.34 -8.22 -0.89
CA VAL D 500 -30.40 -9.28 -0.49
C VAL D 500 -29.30 -8.67 0.35
N ASN D 501 -28.22 -9.42 0.58
CA ASN D 501 -27.12 -8.99 1.43
C ASN D 501 -26.60 -7.62 0.99
N GLY D 502 -26.55 -6.69 1.95
CA GLY D 502 -26.05 -5.36 1.69
C GLY D 502 -27.11 -4.34 1.33
N GLY D 503 -28.36 -4.77 1.14
CA GLY D 503 -29.38 -3.88 0.60
C GLY D 503 -30.06 -3.04 1.67
N ASN D 504 -30.34 -1.79 1.31
CA ASN D 504 -31.16 -0.88 2.09
C ASN D 504 -31.96 -0.03 1.12
N LEU D 505 -33.28 0.00 1.28
CA LEU D 505 -34.17 0.52 0.25
C LEU D 505 -35.08 1.61 0.81
N GLU D 506 -35.08 2.76 0.13
CA GLU D 506 -36.12 3.77 0.27
C GLU D 506 -36.77 3.90 -1.10
N ILE D 507 -38.09 3.71 -1.16
CA ILE D 507 -38.81 3.75 -2.42
C ILE D 507 -40.05 4.64 -2.23
N GLN D 508 -40.34 5.46 -3.25
CA GLN D 508 -41.37 6.48 -3.10
C GLN D 508 -42.04 6.75 -4.44
N GLY D 509 -43.37 6.81 -4.44
CA GLY D 509 -44.12 7.29 -5.58
C GLY D 509 -44.27 6.32 -6.73
N LEU D 510 -44.05 5.03 -6.50
CA LEU D 510 -44.07 4.04 -7.57
C LEU D 510 -45.31 3.17 -7.46
N ALA D 511 -45.88 2.81 -8.61
CA ALA D 511 -47.00 1.89 -8.69
C ALA D 511 -46.53 0.54 -9.20
N PHE D 512 -46.90 -0.53 -8.50
CA PHE D 512 -46.52 -1.89 -8.87
C PHE D 512 -47.76 -2.62 -9.37
N ASN D 513 -47.81 -2.88 -10.67
CA ASN D 513 -48.91 -3.59 -11.30
C ASN D 513 -48.47 -5.02 -11.57
N GLY D 514 -48.95 -5.97 -10.77
CA GLY D 514 -48.60 -7.37 -10.94
C GLY D 514 -49.41 -8.07 -12.01
N GLU D 515 -50.03 -7.28 -12.89
CA GLU D 515 -50.86 -7.83 -13.96
C GLU D 515 -50.05 -8.82 -14.79
N GLY D 516 -50.68 -9.94 -15.12
CA GLY D 516 -50.03 -10.96 -15.92
C GLY D 516 -49.99 -10.65 -17.40
N GLU D 517 -48.78 -10.59 -17.95
CA GLU D 517 -48.60 -10.43 -19.38
C GLU D 517 -48.65 -11.80 -20.05
N ALA D 518 -49.39 -11.89 -21.15
CA ALA D 518 -49.58 -13.16 -21.83
C ALA D 518 -48.25 -13.72 -22.34
N GLY D 519 -48.04 -15.01 -22.12
CA GLY D 519 -46.82 -15.67 -22.52
C GLY D 519 -45.65 -15.52 -21.57
N LYS D 520 -45.75 -14.65 -20.58
CA LYS D 520 -44.68 -14.41 -19.63
C LYS D 520 -45.03 -15.00 -18.27
N ALA D 521 -44.00 -15.15 -17.44
CA ALA D 521 -44.22 -15.64 -16.08
C ALA D 521 -44.93 -14.58 -15.24
N LEU D 522 -45.43 -15.01 -14.09
CA LEU D 522 -46.20 -14.14 -13.22
C LEU D 522 -45.32 -13.55 -12.12
N SER D 523 -45.56 -12.29 -11.80
CA SER D 523 -44.80 -11.61 -10.76
C SER D 523 -45.08 -12.26 -9.41
N GLU D 524 -44.04 -12.37 -8.59
CA GLU D 524 -44.13 -13.00 -7.27
C GLU D 524 -44.44 -11.99 -6.17
N GLY D 525 -44.72 -10.74 -6.51
CA GLY D 525 -44.99 -9.74 -5.50
C GLY D 525 -44.28 -8.44 -5.80
N GLY D 526 -44.50 -7.43 -4.97
CA GLY D 526 -43.89 -6.13 -5.19
C GLY D 526 -42.47 -6.04 -4.65
N ILE D 527 -42.33 -6.05 -3.33
CA ILE D 527 -41.04 -5.94 -2.67
C ILE D 527 -40.88 -7.11 -1.71
N THR D 528 -39.76 -7.81 -1.80
CA THR D 528 -39.48 -8.93 -0.91
C THR D 528 -38.02 -8.88 -0.51
N VAL D 529 -37.71 -9.46 0.63
CA VAL D 529 -36.33 -9.64 1.08
C VAL D 529 -36.05 -11.13 1.08
N LYS D 530 -35.01 -11.53 0.35
CA LYS D 530 -34.73 -12.94 0.12
C LYS D 530 -34.46 -13.66 1.42
N SER D 531 -35.06 -14.83 1.58
CA SER D 531 -34.87 -15.63 2.79
C SER D 531 -33.40 -15.96 2.99
N GLY D 532 -32.91 -15.73 4.22
CA GLY D 532 -31.53 -15.98 4.55
C GLY D 532 -30.63 -14.76 4.44
N THR D 533 -31.15 -13.61 4.03
CA THR D 533 -30.37 -12.38 3.99
C THR D 533 -29.81 -12.07 5.38
N ILE D 534 -28.49 -12.09 5.50
CA ILE D 534 -27.86 -12.01 6.82
C ILE D 534 -27.54 -10.58 7.25
N THR D 535 -27.51 -9.64 6.32
CA THR D 535 -27.31 -8.24 6.71
C THR D 535 -28.65 -7.63 7.11
N PRO D 536 -28.77 -7.04 8.29
CA PRO D 536 -30.01 -6.33 8.64
C PRO D 536 -30.25 -5.19 7.66
N TYR D 537 -31.51 -5.04 7.25
CA TYR D 537 -31.88 -4.10 6.20
C TYR D 537 -32.88 -3.08 6.73
N LEU D 538 -32.90 -1.91 6.08
CA LEU D 538 -33.90 -0.90 6.33
C LEU D 538 -34.81 -0.80 5.10
N LEU D 539 -36.11 -0.66 5.35
CA LEU D 539 -37.09 -0.52 4.28
C LEU D 539 -38.02 0.64 4.60
N THR D 540 -38.16 1.55 3.65
CA THR D 540 -39.07 2.69 3.76
C THR D 540 -39.89 2.76 2.49
N VAL D 541 -41.21 2.68 2.62
CA VAL D 541 -42.14 2.76 1.50
C VAL D 541 -43.04 3.97 1.72
N ASP D 542 -43.12 4.83 0.71
CA ASP D 542 -43.88 6.07 0.81
C ASP D 542 -44.59 6.35 -0.50
N ASN D 543 -45.89 6.62 -0.43
CA ASN D 543 -46.68 7.05 -1.59
C ASN D 543 -46.61 6.03 -2.74
N CYS D 544 -46.57 4.75 -2.39
CA CYS D 544 -46.51 3.70 -3.39
C CYS D 544 -47.86 3.00 -3.54
N GLU D 545 -48.01 2.29 -4.65
CA GLU D 545 -49.26 1.62 -4.98
C GLU D 545 -48.98 0.20 -5.45
N PHE D 546 -49.80 -0.74 -4.98
CA PHE D 546 -49.63 -2.16 -5.29
C PHE D 546 -50.97 -2.75 -5.67
N TYR D 547 -51.03 -3.38 -6.84
CA TYR D 547 -52.29 -3.95 -7.30
C TYR D 547 -52.06 -5.06 -8.30
N ASN D 548 -53.11 -5.86 -8.51
CA ASN D 548 -53.19 -6.90 -9.53
C ASN D 548 -52.23 -8.06 -9.26
N PHE D 549 -52.02 -8.39 -7.99
CA PHE D 549 -51.29 -9.60 -7.61
C PHE D 549 -52.34 -10.64 -7.26
N ASN D 550 -52.69 -11.47 -8.23
CA ASN D 550 -53.92 -12.26 -8.21
C ASN D 550 -53.69 -13.74 -7.93
N GLU D 551 -52.78 -14.04 -7.00
CA GLU D 551 -52.64 -15.37 -6.43
C GLU D 551 -52.56 -15.23 -4.91
N SER D 552 -53.22 -16.15 -4.20
CA SER D 552 -53.39 -15.99 -2.75
C SER D 552 -52.07 -16.11 -1.99
N GLY D 553 -51.05 -16.73 -2.57
CA GLY D 553 -49.78 -16.84 -1.88
C GLY D 553 -48.88 -15.63 -1.96
N LEU D 554 -49.30 -14.59 -2.67
CA LEU D 554 -48.44 -13.43 -2.89
C LEU D 554 -48.64 -12.39 -1.80
N ALA D 555 -47.65 -11.50 -1.68
CA ALA D 555 -47.74 -10.35 -0.80
C ALA D 555 -47.08 -9.17 -1.50
N ALA D 556 -47.69 -7.99 -1.36
CA ALA D 556 -47.11 -6.80 -1.98
C ALA D 556 -45.75 -6.48 -1.37
N ILE D 557 -45.66 -6.48 -0.05
CA ILE D 557 -44.42 -6.26 0.69
C ILE D 557 -44.23 -7.44 1.63
N ARG D 558 -43.07 -8.08 1.56
CA ARG D 558 -42.86 -9.34 2.28
C ARG D 558 -41.47 -9.39 2.89
N GLY D 559 -41.41 -9.64 4.19
CA GLY D 559 -40.17 -10.01 4.84
C GLY D 559 -40.12 -11.52 5.02
N GLU D 560 -39.23 -12.19 4.29
CA GLU D 560 -39.23 -13.64 4.28
C GLU D 560 -38.56 -14.20 5.54
N LYS D 561 -38.65 -15.51 5.69
CA LYS D 561 -38.05 -16.21 6.83
C LYS D 561 -36.54 -15.98 6.87
N SER D 562 -35.99 -15.96 8.09
CA SER D 562 -34.56 -15.85 8.30
C SER D 562 -34.00 -14.54 7.75
N THR D 563 -34.77 -13.47 7.89
CA THR D 563 -34.33 -12.11 7.64
C THR D 563 -34.68 -11.27 8.86
N PHE D 564 -34.10 -10.07 8.92
CA PHE D 564 -34.43 -9.17 10.01
C PHE D 564 -34.21 -7.72 9.60
N SER D 565 -35.18 -6.87 9.96
CA SER D 565 -35.09 -5.44 9.78
C SER D 565 -35.36 -4.77 11.12
N PRO D 566 -34.50 -3.87 11.59
CA PRO D 566 -34.81 -3.13 12.82
C PRO D 566 -35.89 -2.08 12.65
N MET D 567 -36.24 -1.70 11.42
CA MET D 567 -37.19 -0.61 11.21
C MET D 567 -37.76 -0.69 9.81
N VAL D 568 -39.06 -0.96 9.70
CA VAL D 568 -39.77 -0.92 8.42
C VAL D 568 -40.85 0.15 8.52
N ILE D 569 -40.86 1.05 7.55
CA ILE D 569 -41.78 2.20 7.54
C ILE D 569 -42.57 2.16 6.24
N ILE D 570 -43.90 2.13 6.36
CA ILE D 570 -44.79 2.09 5.21
C ILE D 570 -45.84 3.18 5.42
N ARG D 571 -45.85 4.18 4.53
CA ARG D 571 -46.73 5.32 4.73
C ARG D 571 -47.32 5.79 3.41
N ASN D 572 -48.54 6.33 3.49
CA ASN D 572 -49.20 7.01 2.37
C ASN D 572 -49.39 6.11 1.16
N SER D 573 -49.57 4.81 1.36
CA SER D 573 -49.58 3.85 0.27
C SER D 573 -50.96 3.27 0.05
N PHE D 574 -51.10 2.58 -1.08
CA PHE D 574 -52.40 2.16 -1.61
C PHE D 574 -52.26 0.72 -2.10
N PHE D 575 -52.80 -0.22 -1.33
CA PHE D 575 -52.79 -1.64 -1.67
C PHE D 575 -54.22 -2.04 -2.06
N HIS D 576 -54.42 -2.40 -3.32
CA HIS D 576 -55.78 -2.69 -3.76
C HIS D 576 -55.79 -3.80 -4.81
N ASP D 577 -56.92 -4.51 -4.88
CA ASP D 577 -57.22 -5.46 -5.96
C ASP D 577 -56.16 -6.55 -6.06
N MET D 578 -55.98 -7.27 -4.97
CA MET D 578 -55.03 -8.38 -4.91
C MET D 578 -55.70 -9.60 -4.27
N SER D 579 -55.27 -10.77 -4.72
CA SER D 579 -55.75 -12.02 -4.14
C SER D 579 -54.97 -12.44 -2.91
N GLY D 580 -53.82 -11.81 -2.65
CA GLY D 580 -53.02 -12.15 -1.50
C GLY D 580 -53.02 -11.06 -0.44
N GLU D 581 -51.94 -10.96 0.32
CA GLU D 581 -51.83 -9.99 1.39
C GLU D 581 -51.08 -8.76 0.91
N ALA D 582 -51.22 -7.68 1.68
CA ALA D 582 -50.48 -6.46 1.39
C ALA D 582 -49.09 -6.50 2.03
N ILE D 583 -49.04 -6.61 3.35
CA ILE D 583 -47.80 -6.56 4.10
C ILE D 583 -47.68 -7.84 4.91
N ASN D 584 -46.61 -8.59 4.67
CA ASN D 584 -46.41 -9.88 5.33
C ASN D 584 -45.06 -9.90 6.01
N PHE D 585 -45.06 -10.10 7.33
CA PHE D 585 -43.88 -10.43 8.10
C PHE D 585 -44.22 -11.61 9.02
N ALA D 586 -44.64 -12.70 8.38
CA ALA D 586 -45.14 -13.89 9.06
C ALA D 586 -44.44 -15.16 8.56
N GLY D 587 -43.17 -15.04 8.14
CA GLY D 587 -42.46 -16.18 7.59
C GLY D 587 -41.98 -17.20 8.59
N GLU D 588 -41.86 -16.82 9.87
CA GLU D 588 -41.37 -17.73 10.90
C GLU D 588 -42.55 -18.51 11.47
N LYS D 589 -42.81 -19.68 10.89
CA LYS D 589 -43.98 -20.47 11.26
C LYS D 589 -43.67 -21.62 12.22
N ASP D 590 -42.42 -21.75 12.68
CA ASP D 590 -42.05 -22.87 13.53
C ASP D 590 -42.40 -22.68 15.01
N ASP D 591 -43.00 -21.54 15.38
CA ASP D 591 -43.47 -21.28 16.74
C ASP D 591 -42.35 -21.36 17.78
N LYS D 592 -41.14 -20.94 17.40
CA LYS D 592 -40.00 -20.89 18.31
C LYS D 592 -39.70 -19.46 18.77
N GLY D 593 -40.65 -18.55 18.59
CA GLY D 593 -40.46 -17.18 19.03
C GLY D 593 -39.65 -16.31 18.09
N LYS D 594 -39.40 -16.76 16.86
CA LYS D 594 -38.65 -15.97 15.90
C LYS D 594 -39.54 -14.96 15.20
N TYR D 595 -38.96 -13.82 14.84
CA TYR D 595 -39.66 -12.79 14.10
C TYR D 595 -38.64 -12.00 13.28
N ASN D 596 -39.13 -11.26 12.28
CA ASN D 596 -38.27 -10.70 11.25
C ASN D 596 -38.30 -9.19 11.17
N VAL D 597 -38.99 -8.50 12.07
CA VAL D 597 -38.92 -7.04 12.12
C VAL D 597 -39.10 -6.62 13.56
N GLU D 598 -38.27 -5.67 14.02
CA GLU D 598 -38.37 -5.18 15.37
C GLU D 598 -39.39 -4.06 15.51
N GLU D 599 -39.46 -3.16 14.51
CA GLU D 599 -40.39 -2.04 14.53
C GLU D 599 -41.02 -1.91 13.16
N LEU D 600 -42.34 -2.03 13.10
CA LEU D 600 -43.10 -1.79 11.89
C LEU D 600 -44.03 -0.62 12.12
N HIS D 601 -43.98 0.37 11.22
CA HIS D 601 -44.82 1.55 11.29
C HIS D 601 -45.62 1.65 9.99
N VAL D 602 -46.94 1.64 10.11
CA VAL D 602 -47.84 1.77 8.97
C VAL D 602 -48.73 2.98 9.23
N ASP D 603 -48.74 3.92 8.31
CA ASP D 603 -49.40 5.20 8.52
C ASP D 603 -50.07 5.67 7.25
N ASN D 604 -51.33 6.10 7.37
CA ASN D 604 -52.07 6.74 6.28
C ASN D 604 -52.11 5.86 5.03
N CYS D 605 -52.35 4.57 5.21
CA CYS D 605 -52.37 3.62 4.11
C CYS D 605 -53.79 3.15 3.82
N ILE D 606 -54.04 2.85 2.55
CA ILE D 606 -55.33 2.35 2.10
C ILE D 606 -55.19 0.87 1.76
N PHE D 607 -56.15 0.07 2.21
CA PHE D 607 -56.24 -1.34 1.87
C PHE D 607 -57.64 -1.61 1.35
N TYR D 608 -57.74 -2.10 0.11
CA TYR D 608 -59.02 -2.13 -0.58
C TYR D 608 -59.11 -3.36 -1.49
N ARG D 609 -60.17 -4.14 -1.33
CA ARG D 609 -60.44 -5.30 -2.18
C ARG D 609 -59.25 -6.26 -2.21
N LEU D 610 -58.87 -6.72 -1.02
CA LEU D 610 -57.82 -7.72 -0.85
C LEU D 610 -58.44 -9.01 -0.32
N LEU D 611 -58.11 -10.13 -0.95
CA LEU D 611 -58.57 -11.42 -0.44
C LEU D 611 -57.78 -11.83 0.79
N GLY D 612 -56.54 -11.38 0.92
CA GLY D 612 -55.72 -11.68 2.07
C GLY D 612 -55.62 -10.50 3.03
N SER D 613 -54.84 -10.71 4.08
CA SER D 613 -54.71 -9.73 5.14
C SER D 613 -54.08 -8.44 4.64
N ALA D 614 -54.51 -7.32 5.21
CA ALA D 614 -53.79 -6.06 5.02
C ALA D 614 -52.43 -6.12 5.70
N LEU D 615 -52.36 -6.79 6.85
CA LEU D 615 -51.15 -6.84 7.65
C LEU D 615 -51.12 -8.18 8.36
N ASN D 616 -50.04 -8.93 8.17
CA ASN D 616 -49.87 -10.24 8.80
C ASN D 616 -48.48 -10.27 9.42
N ILE D 617 -48.40 -10.06 10.73
CA ILE D 617 -47.15 -10.02 11.48
C ILE D 617 -47.22 -11.12 12.54
N TYR D 618 -46.24 -12.03 12.51
CA TYR D 618 -46.35 -13.25 13.30
C TYR D 618 -45.08 -13.52 14.10
N ARG D 619 -45.26 -13.82 15.38
CA ARG D 619 -44.21 -14.37 16.23
C ARG D 619 -44.87 -15.47 17.05
N GLY D 620 -44.58 -16.73 16.70
CA GLY D 620 -45.29 -17.84 17.31
C GLY D 620 -44.63 -18.38 18.56
N GLY D 621 -45.44 -19.04 19.38
CA GLY D 621 -44.94 -19.62 20.62
C GLY D 621 -45.10 -18.69 21.81
N ASN D 622 -44.53 -19.14 22.93
CA ASN D 622 -44.64 -18.43 24.20
C ASN D 622 -43.29 -17.92 24.72
N ASP D 623 -42.31 -17.77 23.83
CA ASP D 623 -40.98 -17.38 24.25
C ASP D 623 -40.97 -15.98 24.86
N GLU D 624 -40.23 -15.81 25.96
CA GLU D 624 -40.15 -14.56 26.69
C GLU D 624 -38.76 -13.94 26.61
N SER D 625 -38.02 -14.20 25.52
CA SER D 625 -36.62 -13.82 25.42
C SER D 625 -36.36 -12.62 24.53
N THR D 626 -37.39 -12.04 23.92
CA THR D 626 -37.20 -10.98 22.94
C THR D 626 -38.04 -9.76 23.31
N SER D 627 -37.92 -8.72 22.50
CA SER D 627 -38.58 -7.45 22.74
C SER D 627 -39.64 -7.11 21.71
N GLY D 628 -39.56 -7.67 20.51
CA GLY D 628 -40.47 -7.32 19.45
C GLY D 628 -41.35 -8.46 19.00
N PRO D 629 -42.08 -8.27 17.89
CA PRO D 629 -42.11 -7.01 17.13
C PRO D 629 -42.91 -5.87 17.79
N LEU D 630 -42.53 -4.63 17.47
CA LEU D 630 -43.24 -3.44 17.89
C LEU D 630 -43.97 -2.87 16.69
N LEU D 631 -45.25 -2.55 16.86
CA LEU D 631 -46.10 -2.13 15.75
C LEU D 631 -46.85 -0.86 16.10
N THR D 632 -46.92 0.06 15.13
CA THR D 632 -47.81 1.20 15.20
C THR D 632 -48.58 1.28 13.88
N VAL D 633 -49.90 1.28 13.97
CA VAL D 633 -50.78 1.46 12.82
C VAL D 633 -51.65 2.68 13.11
N ASP D 634 -51.56 3.68 12.25
CA ASP D 634 -52.29 4.92 12.46
C ASP D 634 -52.93 5.39 11.17
N HIS D 635 -54.19 5.81 11.26
CA HIS D 635 -54.88 6.50 10.16
C HIS D 635 -54.95 5.64 8.90
N CYS D 636 -55.30 4.38 9.07
CA CYS D 636 -55.40 3.46 7.95
C CYS D 636 -56.85 3.16 7.62
N THR D 637 -57.15 3.05 6.33
CA THR D 637 -58.48 2.76 5.83
C THR D 637 -58.47 1.35 5.26
N ILE D 638 -59.33 0.49 5.80
CA ILE D 638 -59.45 -0.90 5.37
C ILE D 638 -60.87 -1.11 4.89
N GLU D 639 -61.02 -1.49 3.63
CA GLU D 639 -62.34 -1.60 3.00
C GLU D 639 -62.36 -2.85 2.14
N ASN D 640 -63.28 -3.76 2.44
CA ASN D 640 -63.47 -5.00 1.69
C ASN D 640 -62.18 -5.82 1.63
N VAL D 641 -61.68 -6.19 2.80
CA VAL D 641 -60.39 -6.87 2.93
C VAL D 641 -60.58 -8.16 3.71
N ASP D 642 -60.17 -9.28 3.11
CA ASP D 642 -60.07 -10.58 3.78
C ASP D 642 -61.37 -10.98 4.48
N ASN D 643 -62.37 -11.41 3.72
CA ASN D 643 -63.65 -11.80 4.28
C ASN D 643 -63.86 -13.31 4.28
N LYS D 644 -62.85 -14.08 3.89
CA LYS D 644 -62.97 -15.53 3.92
C LYS D 644 -63.11 -16.03 5.36
N GLU D 645 -63.55 -17.29 5.48
CA GLU D 645 -63.74 -17.90 6.79
C GLU D 645 -62.41 -17.95 7.54
N GLN D 646 -62.44 -17.52 8.80
CA GLN D 646 -61.29 -17.48 9.69
C GLN D 646 -60.17 -16.59 9.17
N GLY D 647 -60.49 -15.60 8.33
CA GLY D 647 -59.51 -14.64 7.91
C GLY D 647 -59.29 -13.54 8.94
N SER D 648 -58.26 -12.74 8.70
CA SER D 648 -57.94 -11.61 9.57
C SER D 648 -57.52 -10.45 8.68
N ALA D 649 -58.25 -9.34 8.74
CA ALA D 649 -57.82 -8.15 8.03
C ALA D 649 -56.45 -7.70 8.52
N MET D 650 -56.21 -7.80 9.82
CA MET D 650 -54.91 -7.56 10.42
C MET D 650 -54.63 -8.70 11.40
N ARG D 651 -53.62 -9.50 11.09
CA ARG D 651 -53.24 -10.64 11.91
C ARG D 651 -51.97 -10.28 12.68
N LEU D 652 -52.10 -10.12 13.99
CA LEU D 652 -51.02 -9.62 14.83
C LEU D 652 -50.71 -10.57 15.97
N ILE D 653 -50.63 -11.87 15.66
CA ILE D 653 -50.31 -12.85 16.68
C ILE D 653 -48.84 -12.77 17.03
N GLY D 654 -48.55 -12.53 18.30
CA GLY D 654 -47.18 -12.49 18.77
C GLY D 654 -46.57 -11.12 18.87
N VAL D 655 -47.26 -10.07 18.42
CA VAL D 655 -46.72 -8.71 18.54
C VAL D 655 -46.74 -8.34 20.02
N GLN D 656 -45.56 -8.00 20.55
CA GLN D 656 -45.45 -7.77 21.99
C GLN D 656 -45.82 -6.34 22.36
N SER D 657 -45.77 -5.41 21.42
CA SER D 657 -46.21 -4.04 21.62
C SER D 657 -46.88 -3.56 20.35
N ALA D 658 -48.11 -3.05 20.48
CA ALA D 658 -48.88 -2.61 19.33
C ALA D 658 -49.71 -1.40 19.69
N THR D 659 -49.78 -0.44 18.76
CA THR D 659 -50.66 0.71 18.87
C THR D 659 -51.40 0.83 17.55
N VAL D 660 -52.69 0.51 17.57
CA VAL D 660 -53.57 0.68 16.41
C VAL D 660 -54.58 1.76 16.77
N THR D 661 -54.55 2.87 16.02
CA THR D 661 -55.35 4.02 16.37
C THR D 661 -55.82 4.73 15.10
N ASN D 662 -57.01 5.31 15.18
CA ASN D 662 -57.54 6.22 14.18
C ASN D 662 -57.73 5.54 12.82
N CYS D 663 -58.16 4.28 12.86
CA CYS D 663 -58.33 3.49 11.65
C CYS D 663 -59.81 3.26 11.37
N SER D 664 -60.09 2.87 10.13
CA SER D 664 -61.44 2.59 9.67
C SER D 664 -61.47 1.22 9.03
N PHE D 665 -62.30 0.32 9.57
CA PHE D 665 -62.52 -1.01 9.02
C PHE D 665 -63.95 -1.09 8.51
N ALA D 666 -64.12 -1.46 7.24
CA ALA D 666 -65.44 -1.59 6.66
C ALA D 666 -65.48 -2.81 5.74
N ASN D 667 -66.51 -3.64 5.91
CA ASN D 667 -66.74 -4.82 5.06
C ASN D 667 -65.52 -5.73 5.04
N SER D 668 -64.81 -5.82 6.16
CA SER D 668 -63.54 -6.54 6.23
C SER D 668 -63.56 -7.54 7.38
N GLY D 669 -62.84 -8.64 7.20
CA GLY D 669 -62.75 -9.66 8.23
C GLY D 669 -64.07 -10.26 8.64
N LYS D 670 -65.07 -10.24 7.75
CA LYS D 670 -66.43 -10.65 8.13
C LYS D 670 -66.51 -12.13 8.49
N GLY D 671 -65.66 -12.95 7.89
CA GLY D 671 -65.62 -14.36 8.19
C GLY D 671 -64.69 -14.73 9.32
N GLY D 672 -64.06 -13.74 9.97
CA GLY D 672 -63.14 -14.00 11.05
C GLY D 672 -62.97 -12.80 11.97
N ALA D 673 -61.89 -12.06 11.79
CA ALA D 673 -61.61 -10.90 12.63
C ALA D 673 -61.06 -9.76 11.78
N SER D 674 -61.40 -8.54 12.18
CA SER D 674 -60.74 -7.40 11.56
C SER D 674 -59.34 -7.21 12.13
N ILE D 675 -59.18 -7.43 13.43
CA ILE D 675 -57.87 -7.44 14.10
C ILE D 675 -57.82 -8.65 15.01
N ARG D 676 -56.73 -9.42 14.93
CA ARG D 676 -56.59 -10.66 15.67
C ARG D 676 -55.31 -10.66 16.48
N PHE D 677 -55.45 -10.81 17.80
CA PHE D 677 -54.33 -11.03 18.70
C PHE D 677 -54.45 -12.39 19.36
N ASN D 678 -53.31 -12.96 19.75
CA ASN D 678 -53.25 -14.07 20.71
C ASN D 678 -52.17 -13.69 21.71
N GLU D 679 -52.52 -12.78 22.62
CA GLU D 679 -51.56 -12.02 23.39
C GLU D 679 -51.25 -12.66 24.74
N MET D 680 -50.05 -12.39 25.22
CA MET D 680 -49.75 -12.59 26.64
C MET D 680 -50.45 -11.50 27.45
N SER D 681 -50.70 -11.80 28.73
CA SER D 681 -51.39 -10.84 29.60
C SER D 681 -50.61 -9.54 29.74
N TRP D 682 -49.29 -9.59 29.59
CA TRP D 682 -48.44 -8.43 29.82
C TRP D 682 -48.14 -7.63 28.55
N ASP D 683 -48.53 -8.14 27.38
CA ASP D 683 -48.28 -7.41 26.14
C ASP D 683 -48.97 -6.06 26.16
N LYS D 684 -48.24 -5.02 25.74
CA LYS D 684 -48.74 -3.65 25.74
C LYS D 684 -49.49 -3.40 24.43
N LEU D 685 -50.77 -3.75 24.41
CA LEU D 685 -51.61 -3.60 23.23
C LEU D 685 -52.59 -2.45 23.46
N SER D 686 -52.57 -1.48 22.56
CA SER D 686 -53.43 -0.29 22.64
C SER D 686 -54.21 -0.19 21.34
N VAL D 687 -55.51 -0.49 21.41
CA VAL D 687 -56.40 -0.42 20.26
C VAL D 687 -57.52 0.56 20.62
N SER D 688 -57.51 1.72 19.99
CA SER D 688 -58.48 2.76 20.31
C SER D 688 -58.77 3.59 19.06
N TYR D 689 -59.88 4.31 19.11
CA TYR D 689 -60.32 5.18 18.01
C TYR D 689 -60.41 4.38 16.71
N ILE D 690 -61.11 3.25 16.77
CA ILE D 690 -61.34 2.38 15.62
C ILE D 690 -62.80 2.50 15.22
N ASN D 691 -63.04 2.61 13.92
CA ASN D 691 -64.39 2.52 13.37
C ASN D 691 -64.53 1.16 12.70
N LEU D 692 -65.51 0.37 13.16
CA LEU D 692 -65.78 -0.96 12.63
C LEU D 692 -67.19 -0.95 12.06
N TYR D 693 -67.30 -1.11 10.74
CA TYR D 693 -68.59 -1.11 10.07
C TYR D 693 -68.71 -2.38 9.23
N ASN D 694 -69.71 -3.20 9.55
CA ASN D 694 -69.95 -4.46 8.83
C ASN D 694 -68.67 -5.27 8.71
N SER D 695 -67.93 -5.35 9.81
CA SER D 695 -66.62 -5.97 9.83
C SER D 695 -66.56 -7.00 10.94
N GLY D 696 -65.53 -7.85 10.89
CA GLY D 696 -65.32 -8.81 11.95
C GLY D 696 -64.94 -8.13 13.26
N ARG D 697 -65.05 -8.90 14.34
CA ARG D 697 -64.74 -8.37 15.66
C ARG D 697 -63.24 -8.19 15.83
N ILE D 698 -62.88 -7.39 16.83
CA ILE D 698 -61.50 -7.30 17.28
C ILE D 698 -61.27 -8.45 18.25
N ALA D 699 -60.47 -9.43 17.84
CA ALA D 699 -60.34 -10.69 18.56
C ALA D 699 -59.07 -10.68 19.40
N SER D 700 -59.21 -11.08 20.66
CA SER D 700 -58.08 -11.27 21.56
C SER D 700 -58.43 -12.42 22.50
N PHE D 701 -57.40 -12.95 23.17
CA PHE D 701 -57.62 -14.07 24.07
C PHE D 701 -58.18 -13.62 25.42
N TRP D 702 -57.69 -12.50 25.96
CA TRP D 702 -58.10 -12.05 27.28
C TRP D 702 -59.16 -10.95 27.23
N GLY D 703 -59.47 -10.41 26.06
CA GLY D 703 -60.54 -9.44 25.94
C GLY D 703 -60.33 -8.17 26.74
N LYS D 704 -59.08 -7.74 26.90
CA LYS D 704 -58.76 -6.53 27.66
C LYS D 704 -58.18 -5.44 26.77
N LEU D 705 -58.71 -5.32 25.55
CA LEU D 705 -58.22 -4.32 24.60
C LEU D 705 -59.35 -3.97 23.63
N GLY D 706 -59.18 -2.82 22.98
CA GLY D 706 -60.13 -2.38 21.97
C GLY D 706 -61.48 -2.00 22.52
N SER D 707 -61.52 -1.04 23.44
CA SER D 707 -62.77 -0.58 24.03
C SER D 707 -62.91 0.93 24.10
N LYS D 708 -61.85 1.70 23.88
CA LYS D 708 -61.91 3.16 23.97
C LYS D 708 -62.19 3.74 22.58
N ASN D 709 -63.32 4.44 22.46
CA ASN D 709 -63.71 5.13 21.21
C ASN D 709 -63.79 4.15 20.05
N ILE D 710 -64.57 3.08 20.24
CA ILE D 710 -64.86 2.12 19.18
C ILE D 710 -66.23 2.47 18.63
N THR D 711 -66.28 2.92 17.38
CA THR D 711 -67.52 3.35 16.75
C THR D 711 -67.88 2.41 15.61
N ASN D 712 -69.12 2.56 15.11
CA ASN D 712 -69.64 1.71 14.05
C ASN D 712 -70.37 2.55 13.00
N TYR D 713 -69.77 3.68 12.63
CA TYR D 713 -70.37 4.55 11.63
C TYR D 713 -70.15 3.99 10.22
N ARG D 714 -71.07 4.30 9.32
CA ARG D 714 -70.92 3.94 7.92
C ARG D 714 -69.94 4.92 7.25
N PRO D 715 -68.82 4.45 6.71
CA PRO D 715 -67.90 5.37 6.05
C PRO D 715 -68.51 5.94 4.78
N GLU D 716 -68.03 7.12 4.40
CA GLU D 716 -68.50 7.83 3.21
C GLU D 716 -67.28 8.37 2.48
N TYR D 717 -66.86 7.66 1.44
CA TYR D 717 -65.67 8.04 0.69
C TYR D 717 -66.01 9.08 -0.37
N VAL D 718 -65.01 9.91 -0.71
CA VAL D 718 -65.20 10.91 -1.76
C VAL D 718 -65.48 10.21 -3.09
N ASP D 719 -64.62 9.28 -3.48
CA ASP D 719 -64.80 8.57 -4.76
C ASP D 719 -63.94 7.30 -4.73
N ALA D 720 -64.53 6.21 -4.22
CA ALA D 720 -63.80 4.95 -4.14
C ALA D 720 -63.45 4.40 -5.52
N ASN D 721 -64.20 4.77 -6.55
CA ASN D 721 -63.97 4.21 -7.88
C ASN D 721 -62.74 4.80 -8.56
N THR D 722 -62.32 6.00 -8.17
CA THR D 722 -61.10 6.61 -8.69
C THR D 722 -59.97 6.57 -7.68
N GLY D 723 -60.12 5.84 -6.58
CA GLY D 723 -59.07 5.72 -5.58
C GLY D 723 -59.05 6.80 -4.53
N ASN D 724 -60.09 7.62 -4.42
CA ASN D 724 -60.17 8.67 -3.40
C ASN D 724 -60.94 8.10 -2.21
N PHE D 725 -60.21 7.66 -1.19
CA PHE D 725 -60.81 7.08 0.00
C PHE D 725 -60.82 8.04 1.18
N TYR D 726 -60.58 9.33 0.94
CA TYR D 726 -60.82 10.32 1.98
C TYR D 726 -62.29 10.34 2.35
N GLN D 727 -62.57 10.65 3.61
CA GLN D 727 -63.95 10.85 4.05
C GLN D 727 -64.44 12.20 3.57
N ILE D 728 -65.69 12.23 3.09
CA ILE D 728 -66.29 13.52 2.75
C ILE D 728 -66.44 14.35 4.01
N SER D 729 -66.55 15.68 3.82
CA SER D 729 -66.53 16.60 4.95
C SER D 729 -67.65 16.34 5.94
N THR D 730 -68.79 15.84 5.46
CA THR D 730 -69.96 15.63 6.31
C THR D 730 -70.04 14.22 6.89
N SER D 731 -69.01 13.40 6.68
CA SER D 731 -69.03 12.04 7.21
C SER D 731 -68.88 12.06 8.73
N PRO D 732 -69.57 11.19 9.45
CA PRO D 732 -69.39 11.11 10.91
C PRO D 732 -68.02 10.59 11.31
N LEU D 733 -67.22 10.06 10.37
CA LEU D 733 -65.85 9.69 10.67
C LEU D 733 -64.91 10.88 10.66
N SER D 734 -65.35 12.02 10.10
CA SER D 734 -64.50 13.19 9.99
C SER D 734 -64.24 13.79 11.38
N ASN D 735 -62.99 14.17 11.61
CA ASN D 735 -62.56 14.89 12.80
C ASN D 735 -62.80 14.11 14.10
N LYS D 736 -63.01 12.80 14.01
CA LYS D 736 -63.25 11.99 15.20
C LYS D 736 -62.03 11.19 15.63
N ALA D 737 -60.89 11.34 14.96
CA ALA D 737 -59.68 10.67 15.40
C ALA D 737 -59.13 11.36 16.65
N SER D 738 -58.16 10.70 17.29
CA SER D 738 -57.60 11.22 18.54
C SER D 738 -56.88 12.54 18.32
N ASP D 739 -56.34 12.77 17.13
CA ASP D 739 -55.69 14.02 16.78
C ASP D 739 -56.65 15.02 16.12
N LYS D 740 -57.96 14.81 16.29
CA LYS D 740 -59.02 15.62 15.69
C LYS D 740 -59.01 15.57 14.16
N LYS D 741 -58.25 14.65 13.57
CA LYS D 741 -58.31 14.41 12.14
C LYS D 741 -59.34 13.31 11.87
N ASP D 742 -59.32 12.76 10.67
CA ASP D 742 -60.32 11.78 10.28
C ASP D 742 -59.95 10.38 10.73
N LEU D 743 -60.97 9.59 11.08
CA LEU D 743 -60.78 8.17 11.27
C LEU D 743 -60.43 7.52 9.93
N GLY D 744 -59.37 6.74 9.91
CA GLY D 744 -58.81 6.27 8.66
C GLY D 744 -57.81 7.26 8.09
N ILE D 745 -57.52 7.11 6.80
CA ILE D 745 -56.61 8.03 6.14
C ILE D 745 -57.16 9.45 6.25
N THR D 746 -56.25 10.43 6.27
CA THR D 746 -56.64 11.81 6.52
C THR D 746 -55.68 12.81 5.88
#